data_7YVI
#
_entry.id   7YVI
#
_cell.length_a   1.00
_cell.length_b   1.00
_cell.length_c   1.00
_cell.angle_alpha   90.00
_cell.angle_beta   90.00
_cell.angle_gamma   90.00
#
_symmetry.space_group_name_H-M   'P 1'
#
loop_
_entity.id
_entity.type
_entity.pdbx_description
1 polymer 'Spike glycoprotein'
2 polymer 'TH236 Fab light chain'
3 polymer 'TH236 Fab heavy chain'
4 non-polymer 2-acetamido-2-deoxy-beta-D-glucopyranose
#
loop_
_entity_poly.entity_id
_entity_poly.type
_entity_poly.pdbx_seq_one_letter_code
_entity_poly.pdbx_strand_id
1 'polypeptide(L)'
;MFVFLVLLPLVSSQCVNLITRTQLPPAYTNSFTRGVYYPDKVFRSSVLHSTQDLFLPFFSNVTWFHAIHVSGTNGTKRFD
NPVLPFNDGVYFASTEKSNIIRGWIFGTTLDSKTQSLLIVNNATNVVIKVCEFQFCNDPFLDVYYHKNNKSWMESEFRVY
SSANNCTFEYVSQPFLMDLEGKQGNFKNLREFVFKNIDGYFKIYSKHTPINLGRDLPQGFSALEPLVDLPIGINITRFQT
LLALHRSYLTPGDSSSGWTAGAAAYYVGYLQPRTFLLKYNENGTITDAVDCALDPLSETKCTLKSFTVEKGIYQTSNFRV
QPTESIVRFPNITNLCPFDEVFNATRFASVYAWNRKRISNCVADYSVLYNFAPFFAFKCYGVSPTKLNDLCFTNVYADSF
VIRGNEVSQIAPGQTGNIADYNYKLPDDFTGCVIAWNSNKLDSKVGGNYNYRYRLFRKSNLKPFERDISTEIYQAGNKPC
NGVAGVNCYFPLQSYGFRPTYGVGHQPYRVVVLSFELLHAPATVCGPKKSTNLVKNKCVNFNFNGLTGTGVLTESNKKFL
PFQQFGRDIADTTDAVRDPQTLEILDITPCSFGGVSVITPGTNTSNQVAVLYQGVNCTEVPVAIHADQLTPTWRVYSTGS
NVFQTRAGCLIGAEYVNSSYECDIPIGAGICASYQTQTKSHGSASSVASQSIIAYTMSLGAENSVAYSNNSIAIPTNFTI
SVTTEILPVSMTKTSVDCTMYICGDSTECSNLLLQYGSFCTQLKRALTGIAVEQDKNTQEVFAQVKQIYKTPPIKYFGGF
NFSQILPDPSKPSKRSPIEDLLFNKVTLADAGFIKQYGDCLGDIAARDLICAQKFNGLTVLPPLLTDEMIAQYTSALLAG
TITSGWTFGAGPALQIPFPMQMAYRFNGIGVTQNVLYENQKLIANQFNSAIGKIQDSLSSTPSALGKLQDVVNHNAQALN
TLVKQLSSKFGAISSVLNDILSRLDPPEAEVQIDRLITGRLQSLQTYVTQQLIRAAEIRASANLAATKMSECVLGQSKRV
DFCGKGYHLMSFPQSAPHGVVFLHVTYVPAQEKNFTTAPAICHDGKAHFPREGVFVSNGTHWFVTQRNFYEPQIITTDNT
FVSGNCDVVIGIVNNTVYDPLQPELDSFKEELDKYFKNHTSPDVDLGDISGINASVVNIQKEIDRLNEVAKNLNESLIDL
QELGKYEQGSGYIPEAPRDGQAYVRKDGEWVFLSTFLSGLEVLFQGPGGWSHPQFEKGGGSGGGSGGSAWSHPQFEKGGS
HHHHHHHH
;
C,B,A
2 'polypeptide(L)'
;QSALTQPASVSGSPGQSITISCTGTSSDVGGYNYVSWYQQHPGKAPKLMIYDVSNRPSGVSNRFSGSKSGNTASLTISGL
QAEDEADYYCSSYTSSSTLYVFGTGTKVTVL
;
H,N,I
3 'polypeptide(L)'
;QVQLVESGGGLVKPGGSLRLSCAASGFMISDSYMNWIRQPPGKGLEWVSYISSNGYAIYYGDSVKGRFTISRDNAKNFLY
LQMNSLRVEDTAVYYCAREQPGGYYDSSGYRLDPWGQGILVTVSS
;
J,O,K
#
# COMPACT_ATOMS: atom_id res chain seq x y z
N ALA A 27 -19.64 -50.33 14.49
CA ALA A 27 -19.27 -50.90 13.21
C ALA A 27 -18.73 -49.83 12.29
N TYR A 28 -18.57 -50.17 11.02
CA TYR A 28 -18.06 -49.20 10.08
C TYR A 28 -18.55 -49.48 8.66
N THR A 29 -18.63 -48.44 7.85
CA THR A 29 -18.98 -48.57 6.44
C THR A 29 -18.60 -47.26 5.76
N ASN A 30 -17.90 -47.37 4.63
CA ASN A 30 -17.47 -46.19 3.90
C ASN A 30 -18.66 -45.48 3.28
N SER A 31 -18.69 -44.17 3.41
CA SER A 31 -19.71 -43.37 2.80
C SER A 31 -19.23 -43.05 1.41
N PHE A 32 -20.02 -43.36 0.41
CA PHE A 32 -19.52 -43.07 -0.91
C PHE A 32 -19.67 -41.59 -1.20
N THR A 33 -19.73 -41.24 -2.47
CA THR A 33 -19.79 -39.85 -2.90
C THR A 33 -21.17 -39.28 -2.65
N ARG A 34 -21.36 -38.89 -1.39
CA ARG A 34 -22.62 -38.39 -0.87
C ARG A 34 -22.33 -37.17 -0.03
N GLY A 35 -23.38 -36.51 0.44
CA GLY A 35 -23.20 -35.39 1.31
C GLY A 35 -23.07 -34.02 0.70
N VAL A 36 -23.02 -33.89 -0.62
CA VAL A 36 -22.93 -32.57 -1.21
C VAL A 36 -24.24 -31.81 -1.08
N TYR A 37 -24.17 -30.51 -0.84
CA TYR A 37 -25.39 -29.74 -0.66
C TYR A 37 -25.19 -28.33 -1.26
N TYR A 38 -26.28 -27.66 -1.57
CA TYR A 38 -26.19 -26.31 -2.08
C TYR A 38 -25.75 -25.37 -0.97
N PRO A 39 -24.63 -24.78 -1.02
CA PRO A 39 -24.16 -24.06 0.16
C PRO A 39 -24.60 -22.62 0.31
N ASP A 40 -24.97 -21.89 -0.74
CA ASP A 40 -25.19 -20.45 -0.62
C ASP A 40 -26.52 -19.98 -1.19
N LYS A 41 -27.38 -20.89 -1.63
CA LYS A 41 -28.71 -20.62 -2.20
C LYS A 41 -28.74 -19.50 -3.24
N VAL A 42 -27.70 -19.36 -4.04
CA VAL A 42 -27.69 -18.38 -5.11
C VAL A 42 -27.59 -19.22 -6.36
N PHE A 43 -28.41 -18.92 -7.32
CA PHE A 43 -28.49 -19.76 -8.51
C PHE A 43 -27.32 -19.54 -9.44
N ARG A 44 -26.76 -20.63 -9.98
CA ARG A 44 -25.69 -20.58 -10.97
C ARG A 44 -25.88 -21.70 -11.97
N SER A 45 -25.57 -21.43 -13.23
CA SER A 45 -25.86 -22.37 -14.30
C SER A 45 -24.65 -22.70 -15.14
N SER A 46 -24.43 -23.99 -15.36
CA SER A 46 -23.40 -24.49 -16.26
C SER A 46 -22.04 -23.83 -16.02
N VAL A 47 -21.55 -23.96 -14.80
CA VAL A 47 -20.28 -23.38 -14.41
C VAL A 47 -19.67 -24.21 -13.30
N LEU A 48 -18.36 -24.12 -13.15
CA LEU A 48 -17.67 -24.83 -12.09
C LEU A 48 -17.31 -23.83 -11.01
N HIS A 49 -17.48 -24.21 -9.77
CA HIS A 49 -17.21 -23.29 -8.70
C HIS A 49 -16.50 -23.98 -7.57
N SER A 50 -15.51 -23.36 -6.97
CA SER A 50 -14.80 -23.94 -5.84
C SER A 50 -15.20 -23.18 -4.59
N THR A 51 -15.60 -23.92 -3.56
CA THR A 51 -16.10 -23.33 -2.33
C THR A 51 -15.45 -24.03 -1.15
N GLN A 52 -15.07 -23.29 -0.11
CA GLN A 52 -14.51 -23.90 1.08
C GLN A 52 -15.54 -23.95 2.22
N ASP A 53 -16.02 -25.15 2.54
CA ASP A 53 -17.03 -25.28 3.57
C ASP A 53 -16.98 -26.67 4.19
N LEU A 54 -17.85 -26.90 5.16
CA LEU A 54 -17.90 -28.18 5.88
C LEU A 54 -18.72 -29.18 5.08
N PHE A 55 -18.03 -30.11 4.44
CA PHE A 55 -18.58 -31.20 3.64
C PHE A 55 -18.20 -32.54 4.22
N LEU A 56 -18.78 -33.60 3.66
CA LEU A 56 -18.46 -34.97 4.05
C LEU A 56 -17.34 -35.53 3.20
N PRO A 57 -16.14 -35.76 3.74
CA PRO A 57 -15.06 -36.24 2.89
C PRO A 57 -15.48 -37.53 2.22
N PHE A 58 -15.16 -37.65 0.95
CA PHE A 58 -15.56 -38.86 0.25
C PHE A 58 -14.85 -40.09 0.73
N PHE A 59 -15.53 -41.20 0.55
CA PHE A 59 -15.01 -42.50 0.88
C PHE A 59 -14.65 -42.63 2.34
N SER A 60 -15.29 -41.87 3.22
CA SER A 60 -15.00 -42.05 4.62
C SER A 60 -16.01 -43.00 5.23
N ASN A 61 -15.54 -43.75 6.22
CA ASN A 61 -16.37 -44.72 6.92
C ASN A 61 -17.23 -43.99 7.94
N VAL A 62 -18.43 -44.51 8.18
CA VAL A 62 -19.34 -43.86 9.11
C VAL A 62 -19.92 -44.88 10.08
N THR A 63 -20.07 -44.48 11.33
CA THR A 63 -20.60 -45.38 12.35
C THR A 63 -22.06 -45.73 12.05
N TRP A 64 -22.40 -46.95 12.34
CA TRP A 64 -23.69 -47.55 12.04
C TRP A 64 -24.32 -48.09 13.31
N PHE A 65 -25.59 -47.79 13.53
CA PHE A 65 -26.32 -48.31 14.68
C PHE A 65 -27.67 -48.82 14.21
N HIS A 66 -28.27 -49.72 14.98
CA HIS A 66 -29.54 -50.28 14.58
C HIS A 66 -30.69 -49.94 15.53
N ALA A 67 -31.89 -49.92 14.96
CA ALA A 67 -33.10 -49.49 15.63
C ALA A 67 -34.03 -50.65 15.97
N ILE A 68 -33.57 -51.60 16.78
CA ILE A 68 -34.46 -52.65 17.24
C ILE A 68 -34.72 -52.33 18.70
N HIS A 69 -33.69 -52.48 19.52
CA HIS A 69 -33.73 -52.06 20.92
C HIS A 69 -32.30 -51.96 21.40
N VAL A 70 -32.07 -51.02 22.32
CA VAL A 70 -30.80 -50.81 23.02
C VAL A 70 -29.59 -51.46 22.37
N ASP A 80 -33.29 -47.18 23.93
CA ASP A 80 -33.20 -47.92 22.68
C ASP A 80 -31.94 -47.50 21.91
N ASN A 81 -31.63 -46.21 21.90
CA ASN A 81 -30.48 -45.88 21.10
C ASN A 81 -29.41 -45.24 21.95
N PRO A 82 -28.16 -45.65 21.79
CA PRO A 82 -27.08 -45.06 22.56
C PRO A 82 -26.76 -43.68 22.07
N VAL A 83 -26.12 -42.93 22.93
CA VAL A 83 -25.83 -41.55 22.65
C VAL A 83 -24.65 -41.48 21.70
N LEU A 84 -24.72 -40.55 20.75
CA LEU A 84 -23.73 -40.28 19.74
C LEU A 84 -23.30 -38.83 19.81
N PRO A 85 -22.04 -38.50 19.79
CA PRO A 85 -21.68 -37.09 19.92
C PRO A 85 -21.98 -36.30 18.65
N PHE A 86 -22.19 -35.00 18.82
CA PHE A 86 -22.38 -34.03 17.74
C PHE A 86 -21.07 -33.28 17.66
N ASN A 87 -20.07 -33.91 17.04
CA ASN A 87 -18.74 -33.34 17.08
C ASN A 87 -18.76 -31.98 16.41
N ASP A 88 -19.07 -31.96 15.13
CA ASP A 88 -19.09 -30.76 14.33
C ASP A 88 -20.21 -30.71 13.34
N GLY A 89 -20.95 -31.77 13.14
CA GLY A 89 -21.94 -31.77 12.11
C GLY A 89 -22.22 -33.20 11.77
N VAL A 90 -23.45 -33.52 11.49
CA VAL A 90 -23.86 -34.89 11.31
C VAL A 90 -24.46 -35.09 9.95
N TYR A 91 -24.10 -36.16 9.29
CA TYR A 91 -24.74 -36.47 8.04
C TYR A 91 -25.52 -37.69 8.44
N PHE A 92 -26.80 -37.54 8.59
CA PHE A 92 -27.67 -38.57 9.14
C PHE A 92 -28.53 -39.17 8.04
N ALA A 93 -28.29 -40.40 7.66
CA ALA A 93 -29.14 -41.07 6.70
C ALA A 93 -29.89 -42.22 7.34
N SER A 94 -31.12 -42.47 6.91
CA SER A 94 -31.92 -43.53 7.49
C SER A 94 -32.76 -44.13 6.38
N THR A 95 -32.74 -45.46 6.25
CA THR A 95 -33.58 -46.15 5.27
C THR A 95 -34.67 -46.99 5.94
N GLU A 96 -35.90 -46.53 5.85
CA GLU A 96 -36.99 -47.22 6.52
C GLU A 96 -38.25 -46.96 5.70
N LYS A 97 -39.27 -47.78 5.91
CA LYS A 97 -40.53 -47.61 5.18
C LYS A 97 -41.75 -47.81 6.08
N SER A 98 -41.60 -47.64 7.39
CA SER A 98 -42.71 -47.82 8.32
C SER A 98 -42.74 -46.74 9.40
N ASN A 99 -41.97 -45.67 9.24
CA ASN A 99 -41.86 -44.58 10.21
C ASN A 99 -41.40 -45.05 11.58
N ILE A 100 -40.36 -45.87 11.57
CA ILE A 100 -39.86 -46.37 12.84
C ILE A 100 -39.00 -45.32 13.49
N ILE A 101 -38.35 -44.50 12.67
CA ILE A 101 -37.55 -43.38 13.14
C ILE A 101 -38.37 -42.11 13.00
N ARG A 102 -38.56 -41.42 14.13
CA ARG A 102 -39.54 -40.35 14.19
C ARG A 102 -39.08 -39.04 14.76
N GLY A 103 -37.84 -38.92 15.23
CA GLY A 103 -37.48 -37.63 15.77
C GLY A 103 -36.07 -37.63 16.31
N TRP A 104 -35.73 -36.51 16.93
CA TRP A 104 -34.43 -36.26 17.51
C TRP A 104 -34.57 -35.46 18.78
N ILE A 105 -33.50 -35.43 19.55
CA ILE A 105 -33.36 -34.60 20.73
C ILE A 105 -31.90 -34.20 20.74
N PHE A 106 -31.62 -32.94 20.90
CA PHE A 106 -30.23 -32.54 20.89
C PHE A 106 -29.96 -31.71 22.12
N GLY A 107 -28.72 -31.41 22.37
CA GLY A 107 -28.39 -30.52 23.48
C GLY A 107 -27.05 -30.87 24.08
N THR A 108 -26.62 -30.00 24.99
CA THR A 108 -25.37 -30.22 25.68
C THR A 108 -25.46 -31.07 26.94
N THR A 109 -26.65 -31.32 27.49
CA THR A 109 -26.76 -32.15 28.69
C THR A 109 -28.23 -32.51 28.91
N LEU A 110 -28.44 -33.61 29.62
CA LEU A 110 -29.79 -34.07 29.91
C LEU A 110 -30.47 -33.35 31.06
N ASP A 111 -29.75 -32.55 31.84
CA ASP A 111 -30.38 -31.85 32.95
C ASP A 111 -31.10 -30.62 32.42
N SER A 112 -31.92 -30.02 33.26
CA SER A 112 -32.64 -28.84 32.79
C SER A 112 -31.79 -27.58 32.84
N LYS A 113 -30.51 -27.73 33.19
CA LYS A 113 -29.60 -26.60 33.29
C LYS A 113 -29.26 -25.94 31.97
N THR A 114 -29.64 -26.51 30.82
CA THR A 114 -29.31 -25.88 29.54
C THR A 114 -30.41 -26.20 28.54
N GLN A 115 -30.53 -25.32 27.55
CA GLN A 115 -31.61 -25.35 26.55
C GLN A 115 -31.45 -26.45 25.50
N SER A 116 -31.82 -27.67 25.87
CA SER A 116 -31.78 -28.70 24.86
C SER A 116 -32.76 -28.39 23.74
N LEU A 117 -32.76 -29.18 22.69
CA LEU A 117 -33.54 -28.91 21.49
C LEU A 117 -34.44 -30.10 21.25
N LEU A 118 -35.54 -29.88 20.57
CA LEU A 118 -36.44 -30.96 20.23
C LEU A 118 -36.85 -30.81 18.79
N ILE A 119 -36.83 -31.90 18.06
CA ILE A 119 -37.36 -31.94 16.71
C ILE A 119 -38.18 -33.20 16.68
N VAL A 120 -39.46 -33.07 16.44
CA VAL A 120 -40.34 -34.22 16.52
C VAL A 120 -41.19 -34.23 15.29
N ASN A 121 -41.10 -35.30 14.52
CA ASN A 121 -41.93 -35.37 13.35
C ASN A 121 -43.25 -36.01 13.74
N ASN A 122 -44.18 -36.00 12.82
CA ASN A 122 -45.51 -36.56 13.03
C ASN A 122 -46.14 -36.69 11.65
N ALA A 123 -47.31 -37.32 11.61
CA ALA A 123 -47.96 -37.43 10.32
C ALA A 123 -48.40 -36.07 9.83
N THR A 124 -48.55 -35.11 10.75
CA THR A 124 -49.04 -33.76 10.45
C THR A 124 -47.98 -32.67 10.44
N ASN A 125 -46.97 -32.66 11.31
CA ASN A 125 -46.08 -31.50 11.32
C ASN A 125 -44.83 -31.78 12.13
N VAL A 126 -43.88 -30.88 12.02
CA VAL A 126 -42.67 -30.88 12.82
C VAL A 126 -42.89 -29.92 13.99
N VAL A 127 -42.35 -30.26 15.15
CA VAL A 127 -42.40 -29.40 16.34
C VAL A 127 -41.01 -29.09 16.80
N ILE A 128 -40.60 -27.85 16.74
CA ILE A 128 -39.26 -27.46 17.16
C ILE A 128 -39.40 -26.64 18.42
N LYS A 129 -38.58 -26.94 19.40
CA LYS A 129 -38.71 -26.32 20.70
C LYS A 129 -37.31 -26.09 21.25
N VAL A 130 -37.11 -25.05 22.04
CA VAL A 130 -35.86 -24.85 22.75
C VAL A 130 -36.25 -24.53 24.19
N CYS A 131 -36.28 -25.53 25.05
CA CYS A 131 -36.90 -25.21 26.33
C CYS A 131 -36.19 -25.73 27.57
N GLU A 132 -34.96 -26.26 27.45
CA GLU A 132 -34.16 -26.71 28.59
C GLU A 132 -34.86 -27.76 29.44
N PHE A 133 -35.67 -28.61 28.82
CA PHE A 133 -36.39 -29.64 29.56
C PHE A 133 -35.49 -30.77 29.99
N GLN A 134 -35.50 -31.09 31.30
CA GLN A 134 -34.68 -32.18 31.80
C GLN A 134 -35.25 -33.51 31.30
N PHE A 135 -34.38 -34.38 30.83
CA PHE A 135 -34.80 -35.66 30.26
C PHE A 135 -34.60 -36.79 31.24
N CYS A 136 -35.21 -37.93 30.90
CA CYS A 136 -35.05 -39.13 31.70
C CYS A 136 -33.74 -39.82 31.31
N ASN A 137 -33.46 -40.95 31.97
CA ASN A 137 -32.26 -41.71 31.64
C ASN A 137 -32.25 -42.17 30.20
N ASP A 138 -33.41 -42.38 29.61
CA ASP A 138 -33.46 -42.79 28.22
C ASP A 138 -34.50 -41.98 27.45
N PRO A 139 -34.28 -41.75 26.17
CA PRO A 139 -35.28 -41.04 25.39
C PRO A 139 -36.57 -41.84 25.33
N PHE A 140 -37.66 -41.15 25.56
CA PHE A 140 -38.97 -41.78 25.55
C PHE A 140 -39.25 -42.34 24.15
N LEU A 141 -39.94 -43.47 24.10
CA LEU A 141 -40.28 -44.10 22.84
C LEU A 141 -41.76 -43.78 22.56
N ASP A 142 -41.99 -42.96 21.55
CA ASP A 142 -43.34 -42.56 21.18
C ASP A 142 -44.23 -43.74 20.79
N PHE A 157 -49.25 -42.55 25.73
CA PHE A 157 -47.84 -42.89 25.68
C PHE A 157 -47.12 -42.01 24.66
N ARG A 158 -47.44 -40.71 24.67
CA ARG A 158 -46.86 -39.77 23.72
C ARG A 158 -45.68 -38.97 24.25
N VAL A 159 -45.51 -38.82 25.57
CA VAL A 159 -44.40 -38.02 26.08
C VAL A 159 -43.92 -38.53 27.42
N TYR A 160 -42.62 -38.35 27.69
CA TYR A 160 -42.01 -38.70 28.96
C TYR A 160 -40.78 -37.80 29.11
N SER A 161 -40.91 -36.74 29.88
CA SER A 161 -39.82 -35.78 30.09
C SER A 161 -40.22 -34.85 31.22
N SER A 162 -39.23 -34.13 31.75
CA SER A 162 -39.51 -33.20 32.84
C SER A 162 -39.98 -31.85 32.30
N ALA A 163 -40.12 -30.88 33.21
CA ALA A 163 -40.56 -29.52 32.93
C ALA A 163 -39.63 -28.76 31.97
N ASN A 164 -40.16 -27.65 31.46
CA ASN A 164 -39.53 -26.78 30.48
C ASN A 164 -39.64 -25.31 30.88
N ASN A 165 -38.73 -24.49 30.36
CA ASN A 165 -38.68 -23.04 30.54
C ASN A 165 -38.48 -22.38 29.17
N CYS A 166 -39.32 -22.82 28.23
CA CYS A 166 -39.14 -22.58 26.80
C CYS A 166 -38.80 -21.13 26.44
N THR A 167 -37.90 -20.95 25.48
CA THR A 167 -37.59 -19.65 24.90
C THR A 167 -37.88 -19.46 23.43
N PHE A 168 -38.03 -20.53 22.64
CA PHE A 168 -38.29 -20.35 21.22
C PHE A 168 -39.14 -21.49 20.73
N GLU A 169 -40.05 -21.23 19.81
CA GLU A 169 -40.85 -22.32 19.31
C GLU A 169 -41.22 -22.05 17.87
N TYR A 170 -41.40 -23.11 17.13
CA TYR A 170 -41.57 -23.02 15.70
C TYR A 170 -42.32 -24.28 15.30
N VAL A 171 -43.08 -24.20 14.21
CA VAL A 171 -43.89 -25.31 13.72
C VAL A 171 -43.98 -25.17 12.21
N SER A 172 -44.04 -26.29 11.51
CA SER A 172 -44.15 -26.29 10.06
C SER A 172 -44.50 -27.69 9.60
N GLN A 173 -44.61 -27.86 8.28
CA GLN A 173 -45.01 -29.13 7.71
C GLN A 173 -44.06 -30.25 8.14
N PRO A 174 -44.50 -31.50 8.12
CA PRO A 174 -43.69 -32.60 8.62
C PRO A 174 -42.56 -33.00 7.67
N PHE A 175 -41.55 -33.67 8.24
CA PHE A 175 -40.44 -34.23 7.46
C PHE A 175 -40.75 -35.59 6.86
N LEU A 176 -41.87 -35.72 6.16
CA LEU A 176 -42.29 -36.99 5.58
C LEU A 176 -42.78 -36.80 4.15
N LYS A 187 -37.92 -48.40 0.64
CA LYS A 187 -37.64 -47.79 -0.66
C LYS A 187 -37.36 -46.30 -0.50
N ASN A 188 -37.74 -45.74 0.64
CA ASN A 188 -37.51 -44.32 0.87
C ASN A 188 -36.13 -44.12 1.47
N LEU A 189 -35.27 -43.39 0.76
CA LEU A 189 -33.93 -43.06 1.22
C LEU A 189 -33.94 -41.69 1.87
N ARG A 190 -33.93 -41.63 3.17
CA ARG A 190 -33.86 -40.32 3.79
C ARG A 190 -32.44 -39.94 4.08
N GLU A 191 -32.06 -38.75 3.66
CA GLU A 191 -30.74 -38.22 3.93
C GLU A 191 -30.95 -36.88 4.61
N PHE A 192 -30.11 -36.55 5.56
CA PHE A 192 -30.25 -35.28 6.26
C PHE A 192 -28.88 -34.77 6.56
N VAL A 193 -28.68 -33.47 6.53
CA VAL A 193 -27.39 -32.92 6.95
C VAL A 193 -27.66 -31.82 7.94
N PHE A 194 -27.11 -31.94 9.11
CA PHE A 194 -27.30 -30.98 10.17
C PHE A 194 -25.98 -30.30 10.48
N LYS A 195 -25.96 -28.99 10.52
CA LYS A 195 -24.70 -28.30 10.77
C LYS A 195 -25.03 -27.23 11.79
N ASN A 196 -24.12 -26.98 12.73
CA ASN A 196 -24.43 -25.92 13.70
C ASN A 196 -23.09 -25.29 14.07
N ILE A 197 -22.79 -24.19 13.39
CA ILE A 197 -21.51 -23.51 13.49
C ILE A 197 -21.64 -22.04 13.83
N ASP A 198 -22.44 -21.33 13.04
CA ASP A 198 -22.56 -19.88 12.99
C ASP A 198 -23.73 -19.33 13.79
N GLY A 199 -24.05 -19.92 14.93
CA GLY A 199 -25.19 -19.47 15.68
C GLY A 199 -26.46 -20.03 15.12
N TYR A 200 -26.35 -20.78 14.04
CA TYR A 200 -27.47 -21.44 13.40
C TYR A 200 -27.28 -22.93 13.29
N PHE A 201 -28.43 -23.58 13.29
CA PHE A 201 -28.65 -25.00 13.09
C PHE A 201 -29.35 -25.12 11.76
N LYS A 202 -28.78 -25.85 10.83
CA LYS A 202 -29.31 -25.84 9.48
C LYS A 202 -29.72 -27.23 9.06
N ILE A 203 -30.76 -27.35 8.27
CA ILE A 203 -31.26 -28.64 7.82
C ILE A 203 -31.26 -28.68 6.31
N TYR A 204 -30.75 -29.75 5.78
CA TYR A 204 -30.82 -30.07 4.36
C TYR A 204 -31.45 -31.43 4.22
N SER A 205 -32.10 -31.70 3.10
CA SER A 205 -32.74 -32.99 3.06
C SER A 205 -33.00 -33.42 1.65
N LYS A 206 -33.25 -34.71 1.49
CA LYS A 206 -33.61 -35.29 0.21
C LYS A 206 -34.17 -36.68 0.44
N HIS A 207 -35.21 -37.02 -0.30
CA HIS A 207 -35.89 -38.31 -0.16
C HIS A 207 -35.84 -39.04 -1.48
N THR A 208 -35.17 -40.18 -1.54
CA THR A 208 -35.09 -40.72 -2.88
C THR A 208 -35.47 -42.20 -2.92
N PRO A 209 -36.06 -42.63 -4.02
CA PRO A 209 -36.30 -44.07 -4.24
C PRO A 209 -34.99 -44.83 -4.28
N ILE A 210 -35.10 -46.14 -4.21
CA ILE A 210 -33.93 -47.01 -4.31
C ILE A 210 -34.29 -48.31 -5.02
N ASP A 215 -27.44 -50.56 1.70
CA ASP A 215 -26.18 -49.82 1.73
C ASP A 215 -26.36 -48.46 1.09
N LEU A 216 -25.42 -47.55 1.29
CA LEU A 216 -25.58 -46.25 0.68
C LEU A 216 -25.33 -46.44 -0.80
N PRO A 217 -26.18 -45.94 -1.68
CA PRO A 217 -25.99 -46.19 -3.10
C PRO A 217 -24.85 -45.37 -3.66
N GLN A 218 -24.31 -45.85 -4.78
CA GLN A 218 -23.23 -45.11 -5.42
C GLN A 218 -23.75 -43.96 -6.28
N GLY A 219 -25.06 -43.83 -6.45
CA GLY A 219 -25.57 -42.78 -7.30
C GLY A 219 -25.36 -41.44 -6.64
N PHE A 220 -25.05 -40.44 -7.45
CA PHE A 220 -24.81 -39.11 -6.94
C PHE A 220 -26.11 -38.31 -6.85
N SER A 221 -26.28 -37.56 -5.76
CA SER A 221 -27.47 -36.72 -5.58
C SER A 221 -27.24 -35.71 -4.47
N ALA A 222 -27.54 -34.44 -4.75
CA ALA A 222 -27.27 -33.37 -3.81
C ALA A 222 -28.45 -32.99 -2.92
N LEU A 223 -28.12 -32.56 -1.70
CA LEU A 223 -29.05 -32.07 -0.68
C LEU A 223 -29.37 -30.58 -0.77
N GLU A 224 -30.67 -30.18 -0.48
CA GLU A 224 -31.14 -28.78 -0.52
C GLU A 224 -31.36 -28.20 0.88
N PRO A 225 -31.03 -26.94 1.16
CA PRO A 225 -31.32 -26.35 2.48
C PRO A 225 -32.82 -26.21 2.73
N LEU A 226 -33.32 -26.89 3.75
CA LEU A 226 -34.75 -26.83 3.97
C LEU A 226 -35.13 -25.74 4.96
N VAL A 227 -34.47 -25.76 6.12
CA VAL A 227 -34.78 -24.75 7.19
C VAL A 227 -33.48 -24.37 7.90
N ASP A 228 -33.36 -23.11 8.30
CA ASP A 228 -32.15 -22.63 9.03
C ASP A 228 -32.58 -22.07 10.38
N LEU A 229 -32.31 -22.78 11.47
CA LEU A 229 -32.78 -22.35 12.82
C LEU A 229 -31.76 -21.39 13.44
N PRO A 230 -32.14 -20.14 13.75
CA PRO A 230 -31.24 -19.16 14.35
C PRO A 230 -31.00 -19.45 15.84
N ILE A 231 -31.81 -20.33 16.43
CA ILE A 231 -31.60 -20.71 17.84
C ILE A 231 -30.11 -20.91 18.10
N GLY A 232 -29.62 -20.35 19.21
CA GLY A 232 -28.22 -20.44 19.55
C GLY A 232 -27.69 -21.39 20.61
N ILE A 233 -28.34 -22.54 20.81
CA ILE A 233 -27.90 -23.50 21.83
C ILE A 233 -26.52 -24.07 21.55
N ASN A 234 -25.71 -24.23 22.60
CA ASN A 234 -24.39 -24.84 22.49
C ASN A 234 -24.63 -26.36 22.45
N ILE A 235 -24.67 -26.90 21.24
CA ILE A 235 -24.94 -28.31 20.98
C ILE A 235 -23.68 -29.18 21.05
N THR A 236 -23.69 -30.23 21.88
CA THR A 236 -22.56 -31.17 21.96
C THR A 236 -22.90 -32.65 21.82
N ARG A 237 -24.09 -33.07 22.15
CA ARG A 237 -24.48 -34.46 21.98
C ARG A 237 -25.82 -34.56 21.29
N PHE A 238 -26.11 -35.69 20.69
CA PHE A 238 -27.38 -35.73 20.00
C PHE A 238 -27.85 -37.16 20.07
N GLN A 239 -29.14 -37.36 19.99
CA GLN A 239 -29.66 -38.70 20.11
C GLN A 239 -30.80 -38.81 19.15
N THR A 240 -31.33 -39.99 18.98
CA THR A 240 -32.43 -40.10 18.06
C THR A 240 -33.65 -40.55 18.86
N LEU A 241 -34.81 -40.46 18.22
CA LEU A 241 -36.10 -40.82 18.81
C LEU A 241 -36.75 -41.93 18.01
N LEU A 242 -37.18 -42.96 18.71
CA LEU A 242 -37.78 -44.12 18.08
C LEU A 242 -39.25 -44.20 18.44
N ALA A 243 -39.94 -45.13 17.79
CA ALA A 243 -41.36 -45.34 17.99
C ALA A 243 -41.65 -46.82 17.78
N LEU A 244 -42.88 -47.21 18.11
CA LEU A 244 -43.28 -48.59 17.94
C LEU A 244 -44.79 -48.64 18.08
N HIS A 245 -45.37 -49.61 17.38
CA HIS A 245 -46.81 -49.80 17.32
C HIS A 245 -47.34 -50.52 18.54
N ARG A 246 -48.36 -49.92 19.17
CA ARG A 246 -49.06 -50.49 20.33
C ARG A 246 -48.04 -50.88 21.38
N SER A 247 -47.13 -49.95 21.65
CA SER A 247 -46.08 -50.15 22.62
C SER A 247 -46.32 -49.31 23.87
N TYR A 248 -46.00 -49.90 25.01
CA TYR A 248 -46.11 -49.18 26.26
C TYR A 248 -44.95 -48.20 26.36
N LEU A 249 -45.14 -47.18 27.20
CA LEU A 249 -44.12 -46.15 27.36
C LEU A 249 -43.95 -45.88 28.83
N THR A 250 -42.70 -45.93 29.27
CA THR A 250 -42.29 -45.67 30.63
C THR A 250 -40.94 -44.97 30.64
N PRO A 251 -40.66 -44.20 31.70
CA PRO A 251 -39.35 -43.55 31.79
C PRO A 251 -38.18 -44.52 31.70
N GLY A 252 -38.32 -45.75 32.19
CA GLY A 252 -37.22 -46.68 32.07
C GLY A 252 -37.58 -48.08 31.62
N ASP A 253 -36.78 -48.66 30.71
CA ASP A 253 -37.03 -49.99 30.18
C ASP A 253 -35.70 -50.71 29.93
N SER A 254 -35.79 -52.03 29.85
CA SER A 254 -34.64 -52.90 29.62
C SER A 254 -34.33 -52.91 28.12
N SER A 255 -33.47 -53.83 27.70
CA SER A 255 -33.07 -53.93 26.30
C SER A 255 -34.06 -54.72 25.48
N SER A 256 -35.22 -55.04 26.05
CA SER A 256 -36.23 -55.79 25.31
C SER A 256 -36.85 -54.97 24.20
N GLY A 257 -37.23 -53.71 24.49
CA GLY A 257 -37.80 -52.95 23.37
C GLY A 257 -39.12 -53.54 22.87
N TRP A 258 -39.48 -53.13 21.65
CA TRP A 258 -40.70 -53.61 21.01
C TRP A 258 -40.40 -53.93 19.55
N THR A 259 -41.21 -54.81 18.98
CA THR A 259 -41.00 -55.21 17.60
C THR A 259 -41.21 -54.01 16.68
N ALA A 260 -40.54 -54.03 15.53
CA ALA A 260 -40.66 -52.97 14.55
C ALA A 260 -40.23 -53.50 13.19
N GLY A 261 -40.53 -52.72 12.14
CA GLY A 261 -40.15 -53.11 10.82
C GLY A 261 -38.64 -53.09 10.64
N ALA A 262 -38.16 -53.82 9.63
CA ALA A 262 -36.72 -53.88 9.37
C ALA A 262 -36.20 -52.53 8.92
N ALA A 263 -35.22 -51.99 9.64
CA ALA A 263 -34.66 -50.69 9.32
C ALA A 263 -33.33 -50.53 10.02
N ALA A 264 -32.58 -49.53 9.57
CA ALA A 264 -31.25 -49.21 10.09
C ALA A 264 -30.96 -47.77 9.74
N TYR A 265 -30.03 -47.18 10.46
CA TYR A 265 -29.73 -45.79 10.15
C TYR A 265 -28.25 -45.54 10.31
N TYR A 266 -27.68 -44.78 9.38
CA TYR A 266 -26.27 -44.48 9.36
C TYR A 266 -26.00 -43.07 9.83
N VAL A 267 -24.81 -42.81 10.32
CA VAL A 267 -24.46 -41.48 10.80
C VAL A 267 -23.14 -41.07 10.20
N GLY A 268 -23.00 -39.84 9.70
CA GLY A 268 -21.72 -39.39 9.17
C GLY A 268 -21.35 -37.98 9.61
N TYR A 269 -20.04 -37.75 9.63
CA TYR A 269 -19.45 -36.53 10.15
C TYR A 269 -18.82 -35.59 9.12
N LEU A 270 -19.20 -34.31 9.14
CA LEU A 270 -18.62 -33.30 8.24
C LEU A 270 -17.28 -32.77 8.73
N GLN A 271 -16.49 -32.28 7.77
CA GLN A 271 -15.16 -31.71 7.98
C GLN A 271 -14.95 -30.54 7.04
N PRO A 272 -14.08 -29.59 7.39
CA PRO A 272 -13.78 -28.48 6.47
C PRO A 272 -13.01 -28.96 5.25
N ARG A 273 -13.62 -28.83 4.06
CA ARG A 273 -12.99 -29.28 2.82
C ARG A 273 -13.24 -28.27 1.73
N THR A 274 -12.46 -28.37 0.66
CA THR A 274 -12.64 -27.55 -0.52
C THR A 274 -13.22 -28.40 -1.63
N PHE A 275 -14.37 -28.05 -2.13
CA PHE A 275 -15.05 -28.85 -3.14
C PHE A 275 -15.16 -28.10 -4.44
N LEU A 276 -14.95 -28.79 -5.53
CA LEU A 276 -15.18 -28.23 -6.85
C LEU A 276 -16.52 -28.75 -7.33
N LEU A 277 -17.53 -27.90 -7.36
CA LEU A 277 -18.87 -28.33 -7.68
C LEU A 277 -19.19 -28.02 -9.11
N LYS A 278 -19.85 -28.93 -9.78
CA LYS A 278 -20.23 -28.76 -11.17
C LYS A 278 -21.73 -28.57 -11.22
N TYR A 279 -22.18 -27.43 -11.72
CA TYR A 279 -23.59 -27.18 -11.85
C TYR A 279 -23.96 -27.47 -13.29
N ASN A 280 -25.08 -28.10 -13.51
CA ASN A 280 -25.47 -28.36 -14.89
C ASN A 280 -26.29 -27.22 -15.43
N GLU A 281 -26.77 -27.35 -16.65
CA GLU A 281 -27.51 -26.26 -17.26
C GLU A 281 -28.82 -25.97 -16.56
N ASN A 282 -29.30 -26.84 -15.70
CA ASN A 282 -30.55 -26.59 -15.01
C ASN A 282 -30.30 -26.11 -13.60
N GLY A 283 -29.05 -25.85 -13.24
CA GLY A 283 -28.83 -25.31 -11.93
C GLY A 283 -28.74 -26.35 -10.85
N THR A 284 -28.48 -27.61 -11.21
CA THR A 284 -28.37 -28.69 -10.23
C THR A 284 -26.96 -29.22 -10.20
N ILE A 285 -26.48 -29.59 -9.01
CA ILE A 285 -25.15 -30.13 -8.86
C ILE A 285 -25.15 -31.56 -9.36
N THR A 286 -24.26 -31.88 -10.28
CA THR A 286 -24.28 -33.25 -10.74
C THR A 286 -23.06 -34.06 -10.33
N ASP A 287 -21.88 -33.45 -10.17
CA ASP A 287 -20.68 -34.14 -9.75
C ASP A 287 -19.84 -33.22 -8.90
N ALA A 288 -18.92 -33.82 -8.17
CA ALA A 288 -18.06 -33.02 -7.35
C ALA A 288 -16.78 -33.78 -7.14
N VAL A 289 -15.70 -33.07 -6.93
CA VAL A 289 -14.39 -33.66 -6.72
C VAL A 289 -13.83 -33.07 -5.46
N ASP A 290 -13.40 -33.92 -4.55
CA ASP A 290 -12.82 -33.45 -3.31
C ASP A 290 -11.41 -32.95 -3.50
N CYS A 291 -11.22 -31.66 -3.30
CA CYS A 291 -9.95 -31.04 -3.62
C CYS A 291 -8.81 -31.56 -2.78
N ALA A 292 -9.04 -32.21 -1.66
CA ALA A 292 -7.89 -32.62 -0.85
C ALA A 292 -7.85 -34.12 -0.58
N LEU A 293 -8.40 -34.95 -1.45
CA LEU A 293 -8.38 -36.36 -1.12
C LEU A 293 -7.08 -37.05 -1.49
N ASP A 294 -6.73 -37.07 -2.76
CA ASP A 294 -5.54 -37.76 -3.23
C ASP A 294 -4.91 -36.96 -4.36
N PRO A 295 -3.73 -37.30 -4.84
CA PRO A 295 -3.14 -36.44 -5.85
C PRO A 295 -3.94 -36.26 -7.11
N LEU A 296 -4.64 -37.25 -7.62
CA LEU A 296 -5.38 -36.97 -8.84
C LEU A 296 -6.49 -35.95 -8.63
N SER A 297 -7.23 -36.06 -7.53
CA SER A 297 -8.25 -35.05 -7.25
C SER A 297 -7.63 -33.71 -7.02
N GLU A 298 -6.49 -33.65 -6.36
CA GLU A 298 -5.90 -32.35 -6.17
C GLU A 298 -5.50 -31.72 -7.50
N THR A 299 -5.03 -32.52 -8.45
CA THR A 299 -4.72 -31.96 -9.76
C THR A 299 -5.96 -31.48 -10.51
N LYS A 300 -7.04 -32.25 -10.48
CA LYS A 300 -8.26 -31.74 -11.10
C LYS A 300 -8.65 -30.43 -10.48
N CYS A 301 -8.61 -30.37 -9.16
CA CYS A 301 -9.03 -29.14 -8.53
C CYS A 301 -8.09 -28.00 -8.85
N THR A 302 -6.81 -28.25 -9.08
CA THR A 302 -6.03 -27.06 -9.40
C THR A 302 -6.26 -26.59 -10.82
N LEU A 303 -6.30 -27.50 -11.80
CA LEU A 303 -6.67 -27.03 -13.13
C LEU A 303 -8.11 -26.60 -13.26
N LYS A 304 -8.93 -26.80 -12.25
CA LYS A 304 -10.33 -26.45 -12.32
C LYS A 304 -10.95 -27.10 -13.55
N SER A 305 -10.72 -28.39 -13.70
CA SER A 305 -11.24 -29.08 -14.87
C SER A 305 -11.33 -30.55 -14.56
N PHE A 306 -12.45 -31.17 -14.90
CA PHE A 306 -12.60 -32.57 -14.58
C PHE A 306 -11.73 -33.53 -15.36
N THR A 307 -11.23 -33.18 -16.52
CA THR A 307 -10.37 -34.04 -17.31
C THR A 307 -8.96 -33.50 -17.45
N VAL A 308 -7.96 -34.21 -16.93
CA VAL A 308 -6.58 -33.76 -17.11
C VAL A 308 -5.89 -34.63 -18.16
N GLU A 309 -5.22 -33.98 -19.10
CA GLU A 309 -4.52 -34.65 -20.17
C GLU A 309 -3.15 -35.09 -19.69
N LYS A 310 -2.49 -35.91 -20.48
CA LYS A 310 -1.17 -36.41 -20.11
C LYS A 310 -0.14 -35.33 -19.90
N GLY A 311 0.60 -35.41 -18.81
CA GLY A 311 1.63 -34.45 -18.55
C GLY A 311 2.03 -34.45 -17.09
N ILE A 312 2.85 -33.46 -16.75
CA ILE A 312 3.35 -33.26 -15.39
C ILE A 312 2.83 -31.92 -14.89
N TYR A 313 2.29 -31.88 -13.69
CA TYR A 313 1.70 -30.67 -13.15
C TYR A 313 2.20 -30.35 -11.75
N GLN A 314 2.53 -29.09 -11.50
CA GLN A 314 2.93 -28.64 -10.18
C GLN A 314 1.74 -28.22 -9.33
N THR A 315 1.25 -29.10 -8.46
CA THR A 315 -0.01 -28.79 -7.80
C THR A 315 0.13 -27.90 -6.57
N SER A 316 1.02 -28.19 -5.64
CA SER A 316 1.02 -27.43 -4.39
C SER A 316 2.38 -27.54 -3.73
N ASN A 317 2.46 -27.12 -2.47
CA ASN A 317 3.70 -27.21 -1.75
C ASN A 317 3.50 -27.89 -0.42
N PHE A 318 4.57 -28.49 0.11
CA PHE A 318 4.50 -29.16 1.39
C PHE A 318 5.54 -28.48 2.25
N ARG A 319 5.36 -28.49 3.57
CA ARG A 319 6.31 -27.84 4.46
C ARG A 319 6.18 -28.48 5.82
N VAL A 320 7.29 -29.04 6.32
CA VAL A 320 7.29 -29.73 7.60
C VAL A 320 6.91 -28.76 8.70
N GLN A 321 5.99 -29.17 9.55
CA GLN A 321 5.52 -28.26 10.57
C GLN A 321 6.44 -28.24 11.77
N PRO A 322 6.46 -27.15 12.52
CA PRO A 322 7.29 -27.11 13.72
C PRO A 322 6.72 -28.06 14.74
N THR A 323 7.58 -28.82 15.37
CA THR A 323 7.13 -29.78 16.35
C THR A 323 7.13 -29.26 17.78
N GLU A 324 7.78 -28.13 18.05
CA GLU A 324 7.87 -27.62 19.41
C GLU A 324 8.15 -26.13 19.42
N SER A 325 7.93 -25.50 20.57
CA SER A 325 8.22 -24.09 20.74
C SER A 325 9.12 -23.88 21.95
N ILE A 326 10.16 -23.08 21.78
CA ILE A 326 11.12 -22.84 22.85
C ILE A 326 11.36 -21.35 22.96
N VAL A 327 11.57 -20.88 24.18
CA VAL A 327 11.91 -19.51 24.47
C VAL A 327 13.19 -19.53 25.27
N ARG A 328 14.09 -18.61 24.98
CA ARG A 328 15.38 -18.61 25.63
C ARG A 328 15.63 -17.17 26.06
N PHE A 329 15.73 -16.95 27.34
CA PHE A 329 16.05 -15.64 27.86
C PHE A 329 17.18 -15.67 28.87
N PRO A 330 17.68 -14.53 29.36
CA PRO A 330 18.79 -14.56 30.30
C PRO A 330 18.36 -15.04 31.67
N ASN A 331 19.30 -15.67 32.37
CA ASN A 331 18.95 -16.23 33.68
C ASN A 331 18.68 -15.12 34.72
N ILE A 332 17.37 -14.91 34.96
CA ILE A 332 16.77 -13.92 35.86
C ILE A 332 17.58 -13.64 37.11
N THR A 333 18.10 -12.42 37.26
CA THR A 333 19.27 -12.29 38.10
C THR A 333 19.21 -11.17 39.15
N ASN A 334 19.34 -9.91 38.76
CA ASN A 334 19.38 -8.79 39.70
C ASN A 334 17.99 -8.39 40.19
N LEU A 335 17.52 -9.04 41.25
CA LEU A 335 16.18 -8.87 41.76
C LEU A 335 16.03 -7.49 42.42
N CYS A 336 14.79 -7.16 42.81
CA CYS A 336 14.48 -5.88 43.42
C CYS A 336 14.24 -6.12 44.91
N PRO A 337 14.49 -5.13 45.75
CA PRO A 337 14.26 -5.32 47.20
C PRO A 337 12.87 -5.18 47.78
N PHE A 338 12.11 -6.27 47.66
CA PHE A 338 10.78 -6.38 48.25
C PHE A 338 10.82 -7.01 49.63
N ASP A 339 11.54 -8.11 49.80
CA ASP A 339 11.52 -8.71 51.13
C ASP A 339 12.34 -7.90 52.13
N GLU A 340 12.65 -6.72 51.59
CA GLU A 340 13.30 -5.64 52.29
C GLU A 340 12.36 -4.53 52.69
N VAL A 341 11.18 -4.42 52.10
CA VAL A 341 10.21 -3.43 52.56
C VAL A 341 9.11 -4.03 53.43
N PHE A 342 8.63 -5.22 53.10
CA PHE A 342 7.65 -5.88 53.96
C PHE A 342 8.25 -6.44 55.23
N ASN A 343 9.48 -6.93 55.18
CA ASN A 343 10.11 -7.48 56.38
C ASN A 343 10.79 -6.43 57.24
N ALA A 344 10.50 -5.15 57.02
CA ALA A 344 11.16 -4.12 57.80
C ALA A 344 10.88 -4.34 59.29
N THR A 345 11.89 -4.11 60.12
CA THR A 345 11.71 -4.30 61.55
C THR A 345 11.08 -3.12 62.24
N ARG A 346 11.34 -1.89 61.80
CA ARG A 346 10.77 -0.73 62.46
C ARG A 346 10.29 0.24 61.40
N PHE A 347 9.01 0.60 61.48
CA PHE A 347 8.38 1.49 60.53
C PHE A 347 8.44 2.94 60.96
N ALA A 348 8.10 3.82 60.02
CA ALA A 348 8.00 5.25 60.26
C ALA A 348 6.55 5.60 60.63
N SER A 349 6.36 6.80 61.16
CA SER A 349 5.00 7.18 61.48
C SER A 349 4.22 7.70 60.28
N VAL A 350 2.89 7.68 60.42
CA VAL A 350 1.99 8.04 59.33
C VAL A 350 2.23 9.47 58.85
N TYR A 351 2.33 10.39 59.80
CA TYR A 351 2.48 11.78 59.40
C TYR A 351 3.85 12.07 58.83
N ALA A 352 4.76 11.10 58.84
CA ALA A 352 6.07 11.25 58.23
C ALA A 352 6.42 9.95 57.51
N TRP A 353 5.44 9.41 56.78
CA TRP A 353 5.60 8.16 56.07
C TRP A 353 6.84 8.17 55.18
N ASN A 354 7.40 7.00 54.91
CA ASN A 354 8.63 6.93 54.13
C ASN A 354 8.37 6.40 52.73
N ARG A 355 8.97 7.06 51.76
CA ARG A 355 8.86 6.69 50.35
C ARG A 355 10.23 6.30 49.83
N LYS A 356 10.28 5.25 49.03
CA LYS A 356 11.56 4.81 48.48
C LYS A 356 11.33 4.46 47.02
N ARG A 357 12.15 5.02 46.15
CA ARG A 357 12.03 4.77 44.72
C ARG A 357 12.79 3.50 44.38
N ILE A 358 12.14 2.61 43.66
CA ILE A 358 12.72 1.35 43.25
C ILE A 358 12.57 1.22 41.75
N SER A 359 13.70 1.09 41.06
CA SER A 359 13.72 1.09 39.61
C SER A 359 15.01 0.41 39.19
N ASN A 360 15.13 0.19 37.88
CA ASN A 360 16.32 -0.39 37.29
C ASN A 360 16.64 -1.74 37.95
N CYS A 361 15.68 -2.64 37.87
CA CYS A 361 15.83 -3.96 38.45
C CYS A 361 14.63 -4.79 38.01
N VAL A 362 14.72 -6.10 38.22
CA VAL A 362 13.66 -7.02 37.87
C VAL A 362 12.82 -7.30 39.11
N ALA A 363 11.58 -6.86 39.09
CA ALA A 363 10.66 -6.99 40.22
C ALA A 363 9.72 -8.16 39.97
N ASP A 364 9.53 -8.99 40.98
CA ASP A 364 8.57 -10.08 40.84
C ASP A 364 7.60 -10.11 42.00
N TYR A 365 6.31 -10.08 41.68
CA TYR A 365 5.25 -10.07 42.68
C TYR A 365 4.64 -11.44 42.87
N SER A 366 5.42 -12.49 42.71
CA SER A 366 4.92 -13.83 43.00
C SER A 366 5.36 -14.36 44.34
N VAL A 367 6.36 -13.72 44.94
CA VAL A 367 6.90 -14.13 46.24
C VAL A 367 6.12 -13.57 47.40
N LEU A 368 5.22 -12.63 47.16
CA LEU A 368 4.52 -11.92 48.23
C LEU A 368 3.52 -12.78 48.97
N TYR A 369 2.96 -13.82 48.34
CA TYR A 369 1.96 -14.61 49.06
C TYR A 369 2.51 -15.28 50.31
N ASN A 370 3.82 -15.52 50.39
CA ASN A 370 4.43 -16.15 51.55
C ASN A 370 4.12 -15.35 52.81
N PHE A 371 4.78 -14.20 52.86
CA PHE A 371 4.75 -13.25 53.95
C PHE A 371 3.36 -12.67 54.21
N ALA A 372 3.03 -12.48 55.49
CA ALA A 372 1.78 -11.85 55.88
C ALA A 372 0.42 -12.46 55.53
N PRO A 373 -0.28 -13.07 56.50
CA PRO A 373 -1.63 -13.63 56.24
C PRO A 373 -2.46 -12.77 55.28
N PHE A 374 -1.99 -11.55 55.05
CA PHE A 374 -2.53 -10.55 54.13
C PHE A 374 -4.01 -10.18 54.31
N PHE A 375 -4.29 -9.59 55.48
CA PHE A 375 -5.64 -9.13 55.78
C PHE A 375 -6.20 -8.26 54.66
N ALA A 376 -5.34 -7.52 53.96
CA ALA A 376 -5.79 -6.66 52.87
C ALA A 376 -4.70 -6.62 51.82
N PHE A 377 -5.07 -6.95 50.59
CA PHE A 377 -4.16 -6.83 49.46
C PHE A 377 -4.94 -6.46 48.21
N LYS A 378 -4.92 -5.18 47.81
CA LYS A 378 -5.75 -4.76 46.70
C LYS A 378 -5.02 -3.70 45.88
N CYS A 379 -5.41 -3.61 44.61
CA CYS A 379 -4.78 -2.75 43.62
C CYS A 379 -5.85 -1.93 42.92
N TYR A 380 -5.49 -0.71 42.52
CA TYR A 380 -6.36 0.18 41.77
C TYR A 380 -5.76 0.46 40.40
N GLY A 381 -6.51 0.16 39.33
CA GLY A 381 -6.01 0.39 38.00
C GLY A 381 -5.35 -0.80 37.34
N VAL A 382 -4.98 -1.81 38.12
CA VAL A 382 -4.39 -3.02 37.60
C VAL A 382 -5.02 -4.18 38.35
N SER A 383 -4.80 -5.37 37.81
CA SER A 383 -5.20 -6.60 38.44
C SER A 383 -3.95 -7.39 38.78
N PRO A 384 -3.88 -7.98 39.98
CA PRO A 384 -2.62 -8.56 40.43
C PRO A 384 -2.12 -9.69 39.55
N THR A 385 -3.02 -10.50 38.98
CA THR A 385 -2.60 -11.63 38.17
C THR A 385 -1.89 -11.19 36.91
N LYS A 386 -2.22 -10.00 36.42
CA LYS A 386 -1.55 -9.48 35.24
C LYS A 386 -0.38 -8.58 35.59
N LEU A 387 -0.05 -8.44 36.87
CA LEU A 387 0.89 -7.40 37.23
C LEU A 387 2.30 -7.85 36.96
N ASN A 388 2.50 -9.16 36.87
CA ASN A 388 3.83 -9.73 36.67
C ASN A 388 4.33 -9.52 35.26
N ASP A 389 3.54 -8.85 34.42
CA ASP A 389 3.82 -8.81 32.98
C ASP A 389 4.21 -7.44 32.49
N LEU A 390 3.57 -6.39 32.94
CA LEU A 390 3.75 -5.11 32.27
C LEU A 390 5.10 -4.52 32.69
N CYS A 391 5.59 -3.57 31.90
CA CYS A 391 6.79 -2.84 32.29
C CYS A 391 6.46 -1.40 32.62
N PHE A 392 7.12 -0.87 33.65
CA PHE A 392 6.79 0.42 34.19
C PHE A 392 7.99 1.35 34.17
N THR A 393 7.72 2.61 34.46
CA THR A 393 8.73 3.66 34.46
C THR A 393 9.52 3.64 35.76
N ASN A 394 8.83 3.88 36.87
CA ASN A 394 9.42 3.95 38.19
C ASN A 394 8.33 3.68 39.22
N VAL A 395 8.50 2.61 40.00
CA VAL A 395 7.47 2.13 40.91
C VAL A 395 7.86 2.65 42.28
N TYR A 396 6.89 3.18 43.02
CA TYR A 396 7.15 3.77 44.33
C TYR A 396 6.55 2.94 45.45
N ALA A 397 7.10 3.14 46.65
CA ALA A 397 6.68 2.43 47.85
C ALA A 397 6.63 3.36 49.05
N ASP A 398 5.47 3.50 49.67
CA ASP A 398 5.31 4.32 50.87
C ASP A 398 4.93 3.40 52.01
N SER A 399 5.54 3.61 53.18
CA SER A 399 5.31 2.76 54.33
C SER A 399 5.03 3.57 55.59
N PHE A 400 4.12 3.05 56.41
CA PHE A 400 3.72 3.66 57.68
C PHE A 400 2.83 2.64 58.40
N VAL A 401 2.39 3.01 59.61
CA VAL A 401 1.60 2.13 60.47
C VAL A 401 0.32 2.84 60.92
N ILE A 402 -0.80 2.12 60.84
CA ILE A 402 -2.11 2.68 61.18
C ILE A 402 -2.89 1.68 62.03
N ARG A 403 -3.99 2.19 62.59
CA ARG A 403 -4.94 1.49 63.43
C ARG A 403 -5.74 0.52 62.58
N GLY A 404 -6.59 -0.28 63.22
CA GLY A 404 -7.32 -1.29 62.51
C GLY A 404 -8.71 -0.86 62.10
N ASN A 405 -9.06 0.43 62.28
CA ASN A 405 -10.34 0.97 61.84
C ASN A 405 -10.19 2.03 60.75
N GLU A 406 -8.97 2.31 60.30
CA GLU A 406 -8.76 3.36 59.33
C GLU A 406 -8.28 2.79 58.02
N VAL A 407 -8.03 1.48 57.96
CA VAL A 407 -7.61 0.83 56.72
C VAL A 407 -8.48 1.27 55.55
N SER A 408 -9.77 1.46 55.79
CA SER A 408 -10.67 1.84 54.70
C SER A 408 -10.31 3.20 54.16
N GLN A 409 -9.78 4.08 55.01
CA GLN A 409 -9.42 5.45 54.62
C GLN A 409 -8.39 5.51 53.51
N ILE A 410 -7.61 4.46 53.29
CA ILE A 410 -6.56 4.46 52.26
C ILE A 410 -7.18 3.96 50.95
N ALA A 411 -7.69 4.91 50.17
CA ALA A 411 -8.39 4.60 48.92
C ALA A 411 -8.34 5.84 48.05
N PRO A 412 -8.58 5.71 46.74
CA PRO A 412 -8.56 6.87 45.85
C PRO A 412 -9.65 7.89 46.14
N GLY A 413 -9.25 9.08 46.60
CA GLY A 413 -10.20 10.18 46.73
C GLY A 413 -11.31 9.93 47.72
N GLN A 414 -10.99 9.26 48.82
CA GLN A 414 -11.93 9.04 49.91
C GLN A 414 -11.63 9.94 51.10
N THR A 415 -12.69 10.50 51.67
CA THR A 415 -12.63 11.48 52.74
C THR A 415 -12.78 10.81 54.11
N GLY A 416 -12.19 11.43 55.11
CA GLY A 416 -12.17 10.91 56.46
C GLY A 416 -11.31 11.81 57.33
N ASN A 417 -10.45 11.22 58.14
CA ASN A 417 -9.55 11.98 59.00
C ASN A 417 -8.15 11.41 58.85
N ILE A 418 -7.99 10.43 57.97
CA ILE A 418 -6.71 9.78 57.71
C ILE A 418 -6.13 10.26 56.40
N ALA A 419 -6.88 11.00 55.61
CA ALA A 419 -6.39 11.51 54.34
C ALA A 419 -6.68 12.99 54.22
N ASP A 420 -6.83 13.63 55.38
CA ASP A 420 -7.07 15.05 55.56
C ASP A 420 -5.81 15.72 56.07
N TYR A 421 -5.21 15.14 57.11
CA TYR A 421 -4.00 15.69 57.69
C TYR A 421 -2.87 14.66 57.78
N ASN A 422 -3.18 13.36 57.73
CA ASN A 422 -2.14 12.33 57.76
C ASN A 422 -1.40 12.23 56.43
N TYR A 423 -2.10 11.75 55.40
CA TYR A 423 -1.56 11.57 54.06
C TYR A 423 -2.71 11.41 53.07
N LYS A 424 -2.62 12.07 51.93
CA LYS A 424 -3.70 11.97 50.94
C LYS A 424 -3.10 11.75 49.56
N LEU A 425 -3.74 10.86 48.81
CA LEU A 425 -3.52 10.38 47.46
C LEU A 425 -4.45 11.04 46.45
N PRO A 426 -4.10 10.98 45.16
CA PRO A 426 -4.91 11.66 44.14
C PRO A 426 -6.20 10.88 43.94
N ASP A 427 -7.13 11.49 43.22
CA ASP A 427 -8.38 10.81 42.89
C ASP A 427 -8.27 9.86 41.70
N ASP A 428 -7.28 10.04 40.82
CA ASP A 428 -7.04 9.12 39.72
C ASP A 428 -5.89 8.15 40.01
N PHE A 429 -5.74 7.72 41.26
CA PHE A 429 -4.59 6.92 41.64
C PHE A 429 -4.59 5.58 40.91
N THR A 430 -3.39 5.06 40.68
CA THR A 430 -3.18 3.73 40.13
C THR A 430 -2.00 3.08 40.82
N GLY A 431 -2.17 1.81 41.15
CA GLY A 431 -1.15 1.04 41.84
C GLY A 431 -1.81 0.03 42.77
N CYS A 432 -1.15 -0.28 43.88
CA CYS A 432 -1.67 -1.29 44.79
C CYS A 432 -1.36 -0.91 46.24
N VAL A 433 -2.14 -1.48 47.17
CA VAL A 433 -1.93 -1.26 48.60
C VAL A 433 -1.93 -2.57 49.37
N ILE A 434 -1.13 -2.61 50.43
CA ILE A 434 -0.90 -3.79 51.25
C ILE A 434 -0.85 -3.41 52.73
N ALA A 435 -1.55 -4.16 53.56
CA ALA A 435 -1.60 -3.95 55.01
C ALA A 435 -1.74 -5.28 55.73
N TRP A 436 -1.16 -5.37 56.92
CA TRP A 436 -1.25 -6.61 57.69
C TRP A 436 -1.20 -6.28 59.18
N ASN A 437 -2.20 -6.74 59.91
CA ASN A 437 -2.32 -6.44 61.33
C ASN A 437 -1.16 -7.09 62.09
N SER A 438 -0.38 -6.28 62.78
CA SER A 438 0.75 -6.80 63.56
C SER A 438 0.57 -6.37 65.01
N ASN A 439 0.07 -7.29 65.82
CA ASN A 439 -0.21 -7.04 67.22
C ASN A 439 0.66 -7.86 68.15
N LYS A 440 1.61 -8.63 67.62
CA LYS A 440 2.48 -9.48 68.41
C LYS A 440 3.88 -8.91 68.58
N LEU A 441 4.16 -7.79 67.93
CA LEU A 441 5.47 -7.16 68.01
C LEU A 441 5.39 -5.66 68.20
N ASP A 442 4.21 -5.07 68.14
CA ASP A 442 4.06 -3.63 68.21
C ASP A 442 3.10 -3.16 69.28
N SER A 443 2.49 -4.07 70.02
CA SER A 443 1.52 -3.70 71.05
C SER A 443 2.01 -4.22 72.39
N LYS A 444 2.26 -3.31 73.31
CA LYS A 444 2.69 -3.62 74.66
C LYS A 444 1.54 -3.49 75.65
N VAL A 445 1.83 -3.85 76.89
CA VAL A 445 0.86 -3.77 77.96
C VAL A 445 0.91 -2.36 78.51
N GLY A 446 -0.19 -1.64 78.36
CA GLY A 446 -0.27 -0.27 78.83
C GLY A 446 -0.44 0.75 77.72
N GLY A 447 -0.40 0.32 76.47
CA GLY A 447 -0.51 1.23 75.35
C GLY A 447 0.84 1.44 74.72
N ASN A 448 0.99 1.10 73.45
CA ASN A 448 2.28 1.26 72.80
C ASN A 448 2.32 2.69 72.27
N TYR A 449 2.98 3.57 73.03
CA TYR A 449 3.02 5.00 72.69
C TYR A 449 4.24 5.31 71.83
N ASN A 450 4.19 4.93 70.55
CA ASN A 450 5.33 5.18 69.69
C ASN A 450 4.98 5.81 68.36
N TYR A 451 3.71 5.80 67.98
CA TYR A 451 3.25 6.33 66.70
C TYR A 451 2.10 7.31 66.91
N ARG A 452 2.22 8.52 66.38
CA ARG A 452 1.16 9.48 66.59
C ARG A 452 0.75 10.01 65.24
N TYR A 453 -0.34 10.76 65.20
CA TYR A 453 -0.85 11.19 63.91
C TYR A 453 -1.55 12.53 64.05
N ARG A 454 -1.43 13.34 63.01
CA ARG A 454 -2.03 14.66 63.03
C ARG A 454 -3.54 14.59 62.92
N LEU A 455 -4.21 14.99 64.00
CA LEU A 455 -5.66 15.06 64.09
C LEU A 455 -6.19 16.42 63.67
N PHE A 456 -5.45 17.48 63.99
CA PHE A 456 -5.85 18.84 63.66
C PHE A 456 -4.93 19.43 62.59
N ARG A 457 -5.56 19.84 61.49
CA ARG A 457 -4.94 20.55 60.38
C ARG A 457 -5.89 21.64 59.94
N LYS A 458 -5.32 22.76 59.51
CA LYS A 458 -6.13 23.89 59.06
C LYS A 458 -6.88 23.54 57.77
N SER A 459 -6.15 23.07 56.77
CA SER A 459 -6.67 22.78 55.43
C SER A 459 -6.14 21.43 54.99
N ASN A 460 -6.93 20.76 54.16
CA ASN A 460 -6.58 19.44 53.65
C ASN A 460 -5.32 19.52 52.80
N LEU A 461 -4.82 18.35 52.39
CA LEU A 461 -3.49 18.25 51.81
C LEU A 461 -3.56 17.72 50.38
N LYS A 462 -2.62 18.21 49.56
CA LYS A 462 -2.48 17.79 48.18
C LYS A 462 -1.99 16.35 48.04
N PRO A 463 -2.19 15.74 46.87
CA PRO A 463 -1.79 14.34 46.70
C PRO A 463 -0.29 14.17 46.88
N PHE A 464 0.08 13.09 47.57
CA PHE A 464 1.47 12.64 47.67
C PHE A 464 2.34 13.67 48.38
N GLU A 465 1.80 14.32 49.40
CA GLU A 465 2.56 15.18 50.29
C GLU A 465 2.42 14.70 51.71
N ARG A 466 3.48 14.83 52.48
CA ARG A 466 3.49 14.45 53.89
C ARG A 466 3.84 15.70 54.66
N ASP A 467 3.15 15.91 55.78
CA ASP A 467 3.31 17.10 56.59
C ASP A 467 3.86 16.75 57.96
N ILE A 468 4.96 17.39 58.32
CA ILE A 468 5.66 17.19 59.57
C ILE A 468 5.78 18.49 60.36
N SER A 469 5.11 19.55 59.91
CA SER A 469 5.16 20.83 60.59
C SER A 469 4.44 20.80 61.92
N THR A 470 5.14 21.22 62.98
CA THR A 470 4.58 21.25 64.33
C THR A 470 3.90 22.60 64.56
N GLU A 471 2.61 22.56 64.83
CA GLU A 471 1.84 23.77 65.06
C GLU A 471 0.68 23.49 66.00
N ILE A 472 0.39 24.44 66.87
CA ILE A 472 -0.72 24.29 67.82
C ILE A 472 -1.97 24.84 67.14
N TYR A 473 -3.02 24.03 67.13
CA TYR A 473 -4.30 24.44 66.54
C TYR A 473 -4.75 25.77 67.15
N GLN A 474 -5.50 26.55 66.39
CA GLN A 474 -5.97 27.84 66.88
C GLN A 474 -7.30 27.71 67.64
N ALA A 475 -7.70 28.78 68.31
CA ALA A 475 -8.96 28.79 69.06
C ALA A 475 -9.61 30.18 69.01
N GLY A 476 -9.89 30.68 67.81
CA GLY A 476 -10.49 31.99 67.68
C GLY A 476 -9.66 33.13 68.22
N ASN A 477 -8.37 32.92 68.40
CA ASN A 477 -7.44 33.92 68.93
C ASN A 477 -6.05 33.42 68.63
N LYS A 478 -5.07 34.35 68.66
CA LYS A 478 -3.67 34.01 68.47
C LYS A 478 -3.41 32.69 69.17
N PRO A 479 -3.07 31.63 68.42
CA PRO A 479 -2.94 30.30 69.03
C PRO A 479 -2.07 30.28 70.27
N CYS A 480 -2.55 29.55 71.27
CA CYS A 480 -1.89 29.34 72.56
C CYS A 480 -0.41 29.02 72.39
N ASN A 481 0.44 29.78 73.09
CA ASN A 481 1.89 29.64 72.92
C ASN A 481 2.49 28.67 73.96
N GLY A 482 2.17 27.40 73.79
CA GLY A 482 2.71 26.37 74.67
C GLY A 482 1.67 25.63 75.50
N VAL A 483 0.40 26.01 75.45
CA VAL A 483 -0.63 25.41 76.30
C VAL A 483 -1.77 24.88 75.44
N ALA A 484 -2.84 24.46 76.10
CA ALA A 484 -4.00 23.89 75.41
C ALA A 484 -5.26 24.26 76.20
N GLY A 485 -6.17 24.95 75.53
CA GLY A 485 -7.44 25.31 76.13
C GLY A 485 -8.56 24.50 75.53
N VAL A 486 -9.76 25.08 75.43
CA VAL A 486 -10.88 24.41 74.75
C VAL A 486 -10.44 23.79 73.44
N ASN A 487 -9.75 24.57 72.63
CA ASN A 487 -9.18 24.14 71.36
C ASN A 487 -7.65 24.07 71.54
N CYS A 488 -6.85 24.61 70.64
CA CYS A 488 -5.40 24.58 70.76
C CYS A 488 -4.88 23.19 71.14
N TYR A 489 -5.28 22.19 70.37
CA TYR A 489 -4.81 20.86 70.70
C TYR A 489 -3.49 20.60 70.00
N PHE A 490 -2.78 19.59 70.47
CA PHE A 490 -1.51 19.24 69.85
C PHE A 490 -1.78 18.47 68.56
N PRO A 491 -0.99 18.70 67.51
CA PRO A 491 -1.32 18.08 66.23
C PRO A 491 -1.26 16.57 66.32
N LEU A 492 -0.35 16.03 67.13
CA LEU A 492 -0.10 14.59 67.14
C LEU A 492 -0.81 13.97 68.33
N GLN A 493 -1.45 12.83 68.09
CA GLN A 493 -2.16 12.11 69.13
C GLN A 493 -1.63 10.68 69.17
N SER A 494 -1.28 10.20 70.36
CA SER A 494 -0.71 8.86 70.41
C SER A 494 -1.78 7.83 70.15
N TYR A 495 -1.36 6.71 69.58
CA TYR A 495 -2.30 5.64 69.33
C TYR A 495 -2.52 4.84 70.61
N GLY A 496 -1.43 4.52 71.29
CA GLY A 496 -1.52 3.75 72.51
C GLY A 496 -2.05 2.38 72.21
N PHE A 497 -1.31 1.56 71.45
CA PHE A 497 -1.82 0.23 71.13
C PHE A 497 -1.67 -0.66 72.36
N ARG A 498 -2.75 -1.40 72.65
CA ARG A 498 -2.89 -2.33 73.75
C ARG A 498 -3.35 -3.68 73.25
N PRO A 499 -3.03 -4.75 73.95
CA PRO A 499 -3.35 -6.10 73.44
C PRO A 499 -4.79 -6.49 73.68
N THR A 500 -5.65 -5.54 74.04
CA THR A 500 -7.04 -5.81 74.31
C THR A 500 -8.03 -5.04 73.44
N TYR A 501 -7.56 -4.23 72.50
CA TYR A 501 -8.51 -3.39 71.78
C TYR A 501 -9.45 -4.22 70.92
N GLY A 502 -10.50 -3.56 70.48
CA GLY A 502 -11.32 -4.11 69.43
C GLY A 502 -10.51 -4.18 68.15
N VAL A 503 -10.84 -5.15 67.30
CA VAL A 503 -10.02 -5.44 66.13
C VAL A 503 -9.69 -4.15 65.39
N GLY A 504 -10.63 -3.22 65.36
CA GLY A 504 -10.37 -1.99 64.67
C GLY A 504 -9.35 -1.08 65.31
N HIS A 505 -8.82 -1.42 66.48
CA HIS A 505 -7.81 -0.57 67.10
C HIS A 505 -6.42 -1.19 67.26
N GLN A 506 -6.22 -2.47 66.98
CA GLN A 506 -4.86 -2.97 66.96
C GLN A 506 -4.14 -2.41 65.73
N PRO A 507 -2.81 -2.27 65.80
CA PRO A 507 -2.09 -1.65 64.69
C PRO A 507 -2.03 -2.48 63.41
N TYR A 508 -1.68 -1.78 62.34
CA TYR A 508 -1.52 -2.34 61.00
C TYR A 508 -0.37 -1.65 60.30
N ARG A 509 0.71 -2.38 60.03
CA ARG A 509 1.75 -1.85 59.16
C ARG A 509 1.18 -1.78 57.76
N VAL A 510 1.49 -0.72 57.01
CA VAL A 510 0.88 -0.55 55.70
C VAL A 510 1.89 0.01 54.70
N VAL A 511 1.70 -0.39 53.45
CA VAL A 511 2.54 -0.01 52.32
C VAL A 511 1.67 0.11 51.07
N VAL A 512 1.97 1.11 50.25
CA VAL A 512 1.18 1.46 49.08
C VAL A 512 2.11 1.42 47.88
N LEU A 513 1.66 0.79 46.80
CA LEU A 513 2.44 0.72 45.57
C LEU A 513 1.80 1.63 44.53
N SER A 514 2.64 2.43 43.89
CA SER A 514 2.24 3.40 42.88
C SER A 514 3.29 3.49 41.79
N PHE A 515 2.89 3.43 40.53
CA PHE A 515 3.89 3.42 39.49
C PHE A 515 3.31 4.03 38.23
N GLU A 516 4.18 4.70 37.47
CA GLU A 516 3.82 5.32 36.22
C GLU A 516 3.90 4.34 35.07
N LEU A 517 3.13 4.66 34.02
CA LEU A 517 3.08 3.91 32.78
C LEU A 517 3.28 4.83 31.58
N LEU A 518 3.95 5.98 31.78
CA LEU A 518 4.21 6.90 30.69
C LEU A 518 5.13 6.31 29.63
N HIS A 519 5.41 5.01 29.72
CA HIS A 519 6.25 4.29 28.78
C HIS A 519 7.67 4.87 28.70
N ALA A 520 8.16 5.46 29.80
CA ALA A 520 9.53 5.94 29.83
C ALA A 520 10.49 4.77 29.62
N PRO A 521 11.76 5.04 29.21
CA PRO A 521 12.74 3.96 29.07
C PRO A 521 12.49 2.89 30.12
N ALA A 522 12.03 1.71 29.72
CA ALA A 522 11.67 0.68 30.69
C ALA A 522 12.83 0.33 31.61
N THR A 523 12.58 0.43 32.90
CA THR A 523 13.54 0.09 33.93
C THR A 523 13.16 -1.12 34.75
N VAL A 524 11.90 -1.55 34.74
CA VAL A 524 11.51 -2.66 35.60
C VAL A 524 10.30 -3.40 35.04
N CYS A 525 10.43 -4.72 34.98
CA CYS A 525 9.40 -5.73 34.72
C CYS A 525 10.14 -7.06 34.79
N GLY A 526 9.53 -8.15 35.24
CA GLY A 526 10.36 -9.32 35.47
C GLY A 526 9.82 -10.73 35.36
N PRO A 527 9.32 -11.08 34.24
CA PRO A 527 9.13 -12.50 33.96
C PRO A 527 10.40 -13.12 33.48
N LYS A 528 10.55 -13.13 32.16
CA LYS A 528 11.67 -13.70 31.44
C LYS A 528 11.80 -15.21 31.69
N LYS A 529 10.66 -15.88 31.80
CA LYS A 529 10.68 -17.32 32.01
C LYS A 529 11.37 -17.95 30.82
N SER A 530 12.36 -18.79 31.08
CA SER A 530 13.14 -19.38 29.99
C SER A 530 12.93 -20.88 29.92
N THR A 531 12.55 -21.37 28.76
CA THR A 531 12.37 -22.80 28.57
C THR A 531 13.65 -23.51 28.12
N ASN A 532 13.77 -24.76 28.55
CA ASN A 532 14.86 -25.64 28.19
C ASN A 532 15.01 -25.82 26.68
N LEU A 533 16.25 -25.92 26.23
CA LEU A 533 16.56 -26.00 24.80
C LEU A 533 16.31 -27.37 24.20
N VAL A 534 15.86 -27.36 22.95
CA VAL A 534 15.61 -28.54 22.12
C VAL A 534 16.50 -28.43 20.89
N LYS A 535 17.13 -29.53 20.49
CA LYS A 535 18.02 -29.48 19.34
C LYS A 535 17.63 -30.49 18.28
N ASN A 536 18.03 -30.21 17.04
CA ASN A 536 17.86 -31.07 15.88
C ASN A 536 16.43 -31.29 15.41
N LYS A 537 15.48 -30.44 15.74
CA LYS A 537 14.14 -30.63 15.21
C LYS A 537 13.66 -29.27 14.77
N CYS A 538 12.97 -29.18 13.64
CA CYS A 538 12.48 -27.87 13.28
C CYS A 538 11.45 -27.43 14.31
N VAL A 539 11.78 -26.39 15.06
CA VAL A 539 11.06 -25.95 16.24
C VAL A 539 10.92 -24.44 16.19
N ASN A 540 9.81 -23.95 16.71
CA ASN A 540 9.63 -22.51 16.81
C ASN A 540 10.37 -21.95 18.02
N PHE A 541 11.23 -20.95 17.77
CA PHE A 541 12.12 -20.39 18.79
C PHE A 541 11.88 -18.91 19.02
N ASN A 542 12.21 -18.45 20.23
CA ASN A 542 12.20 -17.02 20.56
C ASN A 542 13.45 -16.63 21.35
N PHE A 543 14.51 -16.26 20.66
CA PHE A 543 15.78 -15.91 21.29
C PHE A 543 15.83 -14.40 21.46
N ASN A 544 15.54 -13.90 22.65
CA ASN A 544 15.68 -12.46 22.92
C ASN A 544 14.93 -11.60 21.92
N GLY A 545 13.82 -12.05 21.36
CA GLY A 545 13.10 -11.25 20.41
C GLY A 545 13.12 -11.83 18.99
N LEU A 546 14.10 -12.65 18.67
CA LEU A 546 14.18 -13.23 17.34
C LEU A 546 13.18 -14.35 17.21
N THR A 547 12.21 -14.18 16.35
CA THR A 547 11.22 -15.21 16.17
C THR A 547 11.51 -15.86 14.84
N GLY A 548 11.49 -17.18 14.81
CA GLY A 548 11.74 -17.85 13.56
C GLY A 548 11.47 -19.33 13.69
N THR A 549 11.80 -20.06 12.63
CA THR A 549 11.63 -21.49 12.57
C THR A 549 12.88 -22.10 11.98
N GLY A 550 13.21 -23.31 12.39
CA GLY A 550 14.37 -23.93 11.80
C GLY A 550 14.93 -25.00 12.70
N VAL A 551 15.93 -25.65 12.20
CA VAL A 551 16.60 -26.70 12.94
C VAL A 551 17.84 -26.12 13.59
N LEU A 552 18.06 -26.45 14.84
CA LEU A 552 19.21 -25.94 15.57
C LEU A 552 20.31 -26.98 15.62
N THR A 553 21.52 -26.59 15.30
CA THR A 553 22.64 -27.52 15.24
C THR A 553 23.86 -26.90 15.90
N GLU A 554 24.71 -27.74 16.49
CA GLU A 554 25.93 -27.18 17.08
C GLU A 554 26.79 -26.51 16.01
N SER A 555 27.16 -25.28 16.28
CA SER A 555 27.91 -24.37 15.42
C SER A 555 29.40 -24.67 15.46
N ASN A 556 30.09 -24.25 14.41
CA ASN A 556 31.54 -24.37 14.36
C ASN A 556 32.23 -23.05 14.04
N LYS A 557 31.51 -21.93 14.07
CA LYS A 557 32.03 -20.60 13.77
C LYS A 557 32.27 -19.76 15.02
N LYS A 558 33.32 -18.95 14.97
CA LYS A 558 33.82 -18.17 16.10
C LYS A 558 33.16 -16.80 16.25
N PHE A 559 32.17 -16.70 17.11
CA PHE A 559 31.59 -15.41 17.48
C PHE A 559 32.49 -14.57 18.36
N LEU A 560 32.58 -13.28 18.07
CA LEU A 560 33.32 -12.39 18.95
C LEU A 560 32.50 -12.14 20.21
N PRO A 561 33.14 -11.86 21.34
CA PRO A 561 32.41 -11.82 22.60
C PRO A 561 31.30 -10.80 22.74
N PHE A 562 31.23 -9.74 21.95
CA PHE A 562 30.12 -8.82 22.13
C PHE A 562 29.00 -9.02 21.12
N GLN A 563 29.11 -10.00 20.24
CA GLN A 563 28.14 -10.25 19.18
C GLN A 563 27.15 -11.33 19.53
N GLN A 564 25.95 -11.16 19.02
CA GLN A 564 24.81 -12.04 19.25
C GLN A 564 24.17 -12.65 18.02
N PHE A 565 24.44 -12.19 16.81
CA PHE A 565 23.74 -12.70 15.65
C PHE A 565 24.74 -12.97 14.56
N GLY A 566 24.37 -13.79 13.62
CA GLY A 566 25.22 -14.05 12.49
C GLY A 566 24.39 -13.94 11.22
N ARG A 567 24.99 -13.44 10.18
CA ARG A 567 24.23 -13.21 8.97
C ARG A 567 25.02 -13.67 7.78
N ASP A 568 24.33 -14.27 6.83
CA ASP A 568 24.96 -14.52 5.55
C ASP A 568 24.64 -13.35 4.65
N ILE A 569 24.93 -13.50 3.37
CA ILE A 569 24.60 -12.45 2.43
C ILE A 569 23.09 -12.30 2.41
N ALA A 570 22.63 -11.08 2.19
CA ALA A 570 21.21 -10.79 2.06
C ALA A 570 20.43 -10.89 3.37
N ASP A 571 21.03 -10.47 4.45
CA ASP A 571 20.35 -10.34 5.74
C ASP A 571 19.63 -11.59 6.26
N THR A 572 19.99 -12.80 5.86
CA THR A 572 19.34 -13.99 6.39
C THR A 572 19.89 -14.31 7.77
N THR A 573 19.06 -14.34 8.82
CA THR A 573 19.61 -14.63 10.14
C THR A 573 20.17 -16.05 10.14
N ASP A 574 21.47 -16.20 10.14
CA ASP A 574 22.07 -17.51 10.06
C ASP A 574 22.48 -18.19 11.35
N ALA A 575 22.79 -17.49 12.44
CA ALA A 575 23.25 -18.20 13.62
C ALA A 575 22.93 -17.41 14.87
N VAL A 576 22.97 -18.05 16.03
CA VAL A 576 22.65 -17.35 17.27
C VAL A 576 23.34 -18.01 18.45
N ARG A 577 23.71 -17.20 19.44
CA ARG A 577 24.30 -17.69 20.70
C ARG A 577 23.23 -17.66 21.78
N ASP A 578 23.19 -18.70 22.62
CA ASP A 578 22.17 -18.78 23.65
C ASP A 578 22.40 -17.70 24.70
N PRO A 579 21.37 -16.96 25.09
CA PRO A 579 21.56 -15.97 26.13
C PRO A 579 21.76 -16.57 27.50
N GLN A 580 21.68 -17.88 27.64
CA GLN A 580 21.85 -18.52 28.94
C GLN A 580 23.20 -19.20 29.07
N THR A 581 23.53 -20.06 28.12
CA THR A 581 24.76 -20.84 28.14
C THR A 581 25.84 -20.34 27.20
N LEU A 582 25.61 -19.29 26.44
CA LEU A 582 26.63 -18.70 25.57
C LEU A 582 27.12 -19.63 24.47
N GLU A 583 26.40 -20.69 24.19
CA GLU A 583 26.74 -21.56 23.09
C GLU A 583 26.27 -20.98 21.76
N ILE A 584 27.09 -21.13 20.71
CA ILE A 584 26.74 -20.66 19.36
C ILE A 584 25.88 -21.72 18.69
N LEU A 585 24.79 -21.32 18.04
CA LEU A 585 23.92 -22.29 17.39
C LEU A 585 23.64 -21.90 15.95
N ASP A 586 23.63 -22.88 15.07
CA ASP A 586 23.28 -22.68 13.68
C ASP A 586 21.81 -22.95 13.37
N ILE A 587 21.23 -22.12 12.52
CA ILE A 587 19.83 -22.22 12.09
C ILE A 587 19.69 -22.52 10.61
N THR A 588 18.95 -23.58 10.29
CA THR A 588 18.63 -23.93 8.91
C THR A 588 17.11 -24.13 8.84
N PRO A 589 16.42 -23.55 7.86
CA PRO A 589 14.96 -23.73 7.79
C PRO A 589 14.62 -25.17 7.50
N CYS A 590 13.66 -25.72 8.23
CA CYS A 590 13.31 -27.11 7.97
C CYS A 590 12.85 -27.31 6.54
N SER A 591 13.03 -28.54 6.08
CA SER A 591 12.83 -28.92 4.68
C SER A 591 11.45 -28.58 4.15
N PHE A 592 11.44 -28.08 2.92
CA PHE A 592 10.22 -27.74 2.22
C PHE A 592 10.54 -27.83 0.74
N GLY A 593 9.50 -27.86 -0.09
CA GLY A 593 9.73 -27.93 -1.51
C GLY A 593 8.42 -28.11 -2.24
N GLY A 594 8.52 -28.09 -3.54
CA GLY A 594 7.36 -28.26 -4.38
C GLY A 594 7.08 -29.71 -4.70
N VAL A 595 5.82 -30.00 -4.98
CA VAL A 595 5.38 -31.35 -5.28
C VAL A 595 4.69 -31.34 -6.62
N SER A 596 5.00 -32.32 -7.45
CA SER A 596 4.41 -32.41 -8.77
C SER A 596 3.72 -33.74 -8.96
N VAL A 597 2.70 -33.77 -9.78
CA VAL A 597 1.93 -34.98 -10.02
C VAL A 597 2.21 -35.41 -11.43
N ILE A 598 2.56 -36.66 -11.64
CA ILE A 598 2.77 -37.21 -12.97
C ILE A 598 1.55 -38.00 -13.36
N THR A 599 0.91 -37.68 -14.46
CA THR A 599 -0.29 -38.43 -14.79
C THR A 599 -0.31 -38.81 -16.25
N PRO A 600 -0.64 -40.06 -16.58
CA PRO A 600 -0.73 -40.48 -17.97
C PRO A 600 -2.01 -40.14 -18.69
N GLY A 601 -2.87 -39.34 -18.12
CA GLY A 601 -4.11 -38.97 -18.76
C GLY A 601 -5.35 -39.55 -18.11
N THR A 602 -6.33 -38.69 -17.92
CA THR A 602 -7.57 -39.13 -17.33
C THR A 602 -8.24 -40.17 -18.18
N ASN A 603 -8.14 -40.02 -19.49
CA ASN A 603 -8.89 -40.95 -20.30
C ASN A 603 -8.13 -42.25 -20.50
N THR A 604 -6.85 -42.31 -20.18
CA THR A 604 -6.23 -43.61 -20.20
C THR A 604 -6.35 -44.37 -18.89
N SER A 605 -6.01 -43.76 -17.77
CA SER A 605 -6.12 -44.47 -16.51
C SER A 605 -5.86 -43.51 -15.36
N ASN A 606 -6.32 -43.89 -14.19
CA ASN A 606 -6.18 -43.11 -12.97
C ASN A 606 -4.89 -43.29 -12.20
N GLN A 607 -4.02 -44.20 -12.57
CA GLN A 607 -2.78 -44.37 -11.84
C GLN A 607 -1.98 -43.08 -11.85
N VAL A 608 -1.17 -42.85 -10.82
CA VAL A 608 -0.45 -41.58 -10.71
C VAL A 608 0.85 -41.78 -9.96
N ALA A 609 1.89 -41.07 -10.33
CA ALA A 609 3.14 -41.03 -9.60
C ALA A 609 3.48 -39.62 -9.19
N VAL A 610 4.11 -39.45 -8.04
CA VAL A 610 4.34 -38.16 -7.42
C VAL A 610 5.80 -37.83 -7.30
N LEU A 611 6.18 -36.60 -7.62
CA LEU A 611 7.57 -36.13 -7.54
C LEU A 611 7.72 -35.00 -6.54
N TYR A 612 8.40 -35.25 -5.43
CA TYR A 612 8.76 -34.22 -4.44
C TYR A 612 10.07 -33.59 -4.85
N GLN A 613 10.09 -32.32 -5.22
CA GLN A 613 11.30 -31.83 -5.89
C GLN A 613 12.50 -31.66 -4.99
N GLY A 614 12.45 -30.73 -4.06
CA GLY A 614 13.66 -30.51 -3.30
C GLY A 614 13.81 -31.24 -1.99
N VAL A 615 13.75 -32.56 -1.95
CA VAL A 615 13.87 -33.28 -0.70
C VAL A 615 14.30 -34.66 -1.04
N ASN A 616 14.91 -35.35 -0.10
CA ASN A 616 15.09 -36.76 -0.30
C ASN A 616 14.17 -37.51 0.65
N CYS A 617 13.54 -38.55 0.13
CA CYS A 617 12.54 -39.31 0.90
C CYS A 617 13.06 -39.87 2.21
N THR A 618 14.37 -39.84 2.45
CA THR A 618 14.75 -40.35 3.76
C THR A 618 14.17 -39.44 4.82
N GLU A 619 13.72 -38.25 4.41
CA GLU A 619 13.11 -37.27 5.28
C GLU A 619 11.87 -36.69 4.61
N VAL A 620 11.14 -37.51 3.86
CA VAL A 620 9.95 -37.05 3.18
C VAL A 620 8.87 -36.58 4.11
N ASN A 641 6.63 -47.79 -4.83
CA ASN A 641 8.07 -47.85 -4.80
C ASN A 641 8.70 -46.51 -4.66
N VAL A 642 9.96 -46.47 -4.32
CA VAL A 642 10.66 -45.23 -4.10
C VAL A 642 11.90 -45.23 -4.96
N PHE A 643 12.22 -44.08 -5.51
CA PHE A 643 13.37 -43.96 -6.36
C PHE A 643 13.99 -42.61 -6.13
N GLN A 644 15.29 -42.53 -6.20
CA GLN A 644 15.99 -41.29 -6.01
C GLN A 644 16.52 -40.75 -7.34
N THR A 645 16.40 -39.46 -7.58
CA THR A 645 16.92 -38.87 -8.81
C THR A 645 17.60 -37.58 -8.42
N ARG A 646 18.39 -37.04 -9.32
CA ARG A 646 18.99 -35.76 -9.01
C ARG A 646 17.96 -34.66 -8.88
N ALA A 647 16.75 -34.83 -9.39
CA ALA A 647 15.76 -33.77 -9.25
C ALA A 647 14.93 -33.85 -7.98
N GLY A 648 14.97 -34.92 -7.24
CA GLY A 648 14.27 -35.13 -6.00
C GLY A 648 13.81 -36.56 -5.94
N CYS A 649 13.04 -36.94 -4.96
CA CYS A 649 12.62 -38.33 -4.93
C CYS A 649 11.26 -38.54 -5.52
N LEU A 650 11.17 -39.51 -6.40
CA LEU A 650 10.00 -39.85 -7.18
C LEU A 650 9.37 -41.08 -6.60
N ILE A 651 8.08 -41.02 -6.31
CA ILE A 651 7.37 -42.13 -5.68
C ILE A 651 6.24 -42.64 -6.54
N GLY A 652 6.08 -43.93 -6.59
CA GLY A 652 5.02 -44.48 -7.39
C GLY A 652 5.40 -45.02 -8.73
N ALA A 653 6.68 -45.02 -9.08
CA ALA A 653 7.12 -45.54 -10.37
C ALA A 653 8.37 -46.37 -10.19
N GLU A 654 8.49 -47.46 -10.91
CA GLU A 654 9.64 -48.35 -10.76
C GLU A 654 10.67 -48.08 -11.84
N TYR A 655 11.93 -48.08 -11.46
CA TYR A 655 13.00 -47.78 -12.39
C TYR A 655 13.37 -49.01 -13.21
N VAL A 656 13.37 -48.88 -14.52
CA VAL A 656 13.73 -49.97 -15.41
C VAL A 656 14.98 -49.58 -16.15
N ASN A 657 15.80 -50.57 -16.47
CA ASN A 657 17.06 -50.37 -17.14
C ASN A 657 16.93 -50.07 -18.61
N SER A 658 15.77 -50.30 -19.20
CA SER A 658 15.60 -50.07 -20.62
C SER A 658 15.56 -48.59 -20.91
N SER A 659 16.11 -48.22 -22.04
CA SER A 659 16.11 -46.84 -22.46
C SER A 659 15.14 -46.67 -23.62
N TYR A 660 14.33 -45.63 -23.59
CA TYR A 660 13.36 -45.41 -24.64
C TYR A 660 13.40 -43.93 -25.00
N GLU A 661 12.79 -43.55 -26.10
CA GLU A 661 12.63 -42.12 -26.37
C GLU A 661 11.62 -41.58 -25.39
N CYS A 662 12.02 -40.66 -24.51
CA CYS A 662 11.13 -40.34 -23.40
C CYS A 662 10.15 -39.24 -23.72
N ASP A 663 8.98 -39.33 -23.09
CA ASP A 663 7.87 -38.43 -23.33
C ASP A 663 7.38 -37.61 -22.14
N ILE A 664 7.50 -38.05 -20.91
CA ILE A 664 7.10 -37.14 -19.83
C ILE A 664 8.41 -36.75 -19.17
N PRO A 665 8.95 -35.56 -19.41
CA PRO A 665 10.25 -35.18 -18.89
C PRO A 665 10.21 -34.84 -17.41
N ILE A 666 11.02 -35.53 -16.61
CA ILE A 666 11.15 -35.23 -15.22
C ILE A 666 12.33 -34.34 -14.92
N GLY A 667 13.49 -34.63 -15.42
CA GLY A 667 14.65 -33.79 -15.21
C GLY A 667 15.88 -34.62 -14.94
N ALA A 668 17.02 -34.05 -15.24
CA ALA A 668 18.27 -34.72 -15.00
C ALA A 668 18.32 -36.05 -15.73
N GLY A 669 17.84 -36.06 -16.95
CA GLY A 669 17.88 -37.25 -17.76
C GLY A 669 16.88 -38.35 -17.49
N ILE A 670 15.96 -38.19 -16.57
CA ILE A 670 15.00 -39.24 -16.27
C ILE A 670 13.67 -38.91 -16.90
N CYS A 671 12.93 -39.88 -17.37
CA CYS A 671 11.60 -39.59 -17.92
C CYS A 671 10.63 -40.62 -17.40
N ALA A 672 9.37 -40.55 -17.79
CA ALA A 672 8.44 -41.57 -17.34
C ALA A 672 7.37 -41.81 -18.37
N SER A 673 6.78 -43.01 -18.37
CA SER A 673 5.74 -43.27 -19.35
C SER A 673 4.93 -44.46 -18.91
N TYR A 674 3.79 -44.67 -19.55
CA TYR A 674 2.94 -45.80 -19.22
C TYR A 674 3.49 -47.05 -19.89
N GLN A 675 3.88 -48.05 -19.12
CA GLN A 675 4.48 -49.26 -19.69
C GLN A 675 3.54 -50.02 -20.59
N THR A 676 2.44 -50.52 -20.04
CA THR A 676 1.44 -51.33 -20.75
C THR A 676 2.07 -52.59 -21.30
N GLN A 690 0.41 -51.21 -17.75
CA GLN A 690 -0.26 -51.46 -16.50
C GLN A 690 0.48 -50.80 -15.33
N SER A 691 1.52 -50.04 -15.62
CA SER A 691 2.29 -49.39 -14.56
C SER A 691 3.02 -48.19 -15.13
N ILE A 692 3.45 -47.30 -14.26
CA ILE A 692 4.25 -46.17 -14.67
C ILE A 692 5.72 -46.42 -14.38
N ILE A 693 6.55 -46.39 -15.41
CA ILE A 693 7.97 -46.69 -15.32
C ILE A 693 8.81 -45.46 -15.62
N ALA A 694 9.85 -45.22 -14.82
CA ALA A 694 10.84 -44.19 -15.07
C ALA A 694 12.10 -44.83 -15.61
N TYR A 695 12.78 -44.19 -16.56
CA TYR A 695 13.94 -44.77 -17.23
C TYR A 695 14.80 -43.64 -17.75
N THR A 696 16.04 -43.93 -18.09
CA THR A 696 16.89 -42.91 -18.67
C THR A 696 16.70 -42.73 -20.17
N MET A 697 16.80 -41.50 -20.67
CA MET A 697 16.53 -41.25 -22.08
C MET A 697 17.53 -41.97 -22.96
N SER A 698 17.08 -42.34 -24.15
CA SER A 698 17.93 -42.90 -25.20
C SER A 698 18.10 -41.90 -26.33
N LEU A 699 19.34 -41.58 -26.67
CA LEU A 699 19.61 -40.62 -27.73
C LEU A 699 19.70 -41.25 -29.13
N GLY A 700 19.12 -42.40 -29.36
CA GLY A 700 19.17 -43.04 -30.66
C GLY A 700 20.15 -44.20 -30.70
N ALA A 701 20.12 -44.90 -31.82
CA ALA A 701 20.96 -46.06 -32.06
C ALA A 701 22.39 -45.70 -32.41
N GLU A 702 23.30 -46.63 -32.16
CA GLU A 702 24.70 -46.39 -32.48
C GLU A 702 25.00 -46.94 -33.86
N ASN A 703 25.53 -46.10 -34.71
CA ASN A 703 25.86 -46.40 -36.09
C ASN A 703 27.32 -46.13 -36.31
N SER A 704 28.14 -47.17 -36.39
CA SER A 704 29.59 -47.03 -36.60
C SER A 704 29.97 -47.05 -38.07
N VAL A 705 29.89 -45.89 -38.73
CA VAL A 705 30.23 -45.84 -40.15
C VAL A 705 31.65 -46.32 -40.35
N ALA A 706 31.85 -47.21 -41.32
CA ALA A 706 33.14 -47.82 -41.62
C ALA A 706 34.06 -46.89 -42.37
N TYR A 707 34.92 -46.18 -41.70
CA TYR A 707 35.85 -45.31 -42.39
C TYR A 707 37.02 -46.09 -42.91
N SER A 708 37.62 -45.63 -43.99
CA SER A 708 38.80 -46.31 -44.49
C SER A 708 39.47 -45.34 -45.41
N ASN A 709 40.79 -45.42 -45.53
CA ASN A 709 41.38 -44.38 -46.37
C ASN A 709 41.19 -44.55 -47.85
N ASN A 710 40.59 -45.61 -48.35
CA ASN A 710 40.49 -45.64 -49.81
C ASN A 710 39.13 -46.12 -50.27
N SER A 711 38.11 -46.14 -49.44
CA SER A 711 36.79 -46.62 -49.79
C SER A 711 35.76 -45.51 -49.86
N ILE A 712 34.81 -45.61 -50.80
CA ILE A 712 33.72 -44.67 -51.05
C ILE A 712 32.42 -45.40 -51.26
N ALA A 713 31.36 -44.87 -50.69
CA ALA A 713 30.00 -45.35 -50.88
C ALA A 713 29.18 -44.36 -51.68
N ILE A 714 28.60 -44.80 -52.79
CA ILE A 714 27.82 -43.93 -53.66
C ILE A 714 26.41 -44.47 -53.78
N PRO A 715 25.38 -43.64 -53.75
CA PRO A 715 24.02 -44.13 -53.81
C PRO A 715 23.61 -44.52 -55.19
N THR A 716 22.84 -45.59 -55.31
CA THR A 716 22.32 -45.99 -56.60
C THR A 716 20.86 -45.69 -56.83
N ASN A 717 20.12 -45.19 -55.88
CA ASN A 717 18.72 -44.90 -56.11
C ASN A 717 18.31 -43.71 -55.29
N PHE A 718 17.09 -43.26 -55.44
CA PHE A 718 16.66 -42.08 -54.72
C PHE A 718 15.25 -42.23 -54.26
N THR A 719 14.80 -41.29 -53.45
CA THR A 719 13.42 -41.30 -53.04
C THR A 719 13.10 -39.90 -52.63
N ILE A 720 12.03 -39.33 -53.16
CA ILE A 720 11.67 -37.95 -52.83
C ILE A 720 10.50 -37.96 -51.87
N SER A 721 10.65 -37.24 -50.77
CA SER A 721 9.64 -37.24 -49.73
C SER A 721 9.12 -35.84 -49.55
N VAL A 722 8.04 -35.71 -48.78
CA VAL A 722 7.39 -34.43 -48.49
C VAL A 722 7.25 -34.19 -47.00
N THR A 723 7.72 -33.05 -46.53
CA THR A 723 7.65 -32.69 -45.12
C THR A 723 6.85 -31.43 -44.86
N THR A 724 6.01 -31.43 -43.83
CA THR A 724 5.15 -30.30 -43.50
C THR A 724 5.71 -29.48 -42.38
N GLU A 725 5.87 -28.20 -42.58
CA GLU A 725 6.33 -27.28 -41.55
C GLU A 725 5.29 -26.22 -41.29
N ILE A 726 4.93 -25.97 -40.03
CA ILE A 726 3.88 -25.03 -39.63
C ILE A 726 4.46 -23.82 -38.94
N LEU A 727 3.89 -22.65 -39.17
CA LEU A 727 4.38 -21.45 -38.57
C LEU A 727 3.24 -20.49 -38.24
N PRO A 728 3.12 -19.97 -37.03
CA PRO A 728 2.08 -18.99 -36.77
C PRO A 728 2.45 -17.66 -37.35
N VAL A 729 1.45 -16.94 -37.84
CA VAL A 729 1.67 -15.66 -38.51
C VAL A 729 1.04 -14.48 -37.80
N SER A 730 -0.06 -14.67 -37.09
CA SER A 730 -0.67 -13.50 -36.49
C SER A 730 -1.52 -13.93 -35.31
N MET A 731 -2.00 -12.97 -34.55
CA MET A 731 -2.84 -13.29 -33.40
C MET A 731 -4.08 -12.42 -33.39
N THR A 732 -4.99 -12.69 -32.46
CA THR A 732 -6.26 -11.97 -32.43
C THR A 732 -6.03 -10.51 -32.09
N LYS A 733 -6.61 -9.61 -32.84
CA LYS A 733 -6.48 -8.22 -32.50
C LYS A 733 -7.45 -7.89 -31.39
N THR A 734 -6.98 -7.27 -30.33
CA THR A 734 -7.84 -7.00 -29.19
C THR A 734 -7.89 -5.52 -28.89
N SER A 735 -9.05 -5.03 -28.52
CA SER A 735 -9.16 -3.65 -28.05
C SER A 735 -9.84 -3.61 -26.70
N VAL A 736 -9.43 -2.68 -25.86
CA VAL A 736 -9.92 -2.59 -24.49
C VAL A 736 -10.42 -1.19 -24.26
N ASP A 737 -11.53 -1.09 -23.57
CA ASP A 737 -12.10 0.19 -23.17
C ASP A 737 -11.71 0.52 -21.75
N CYS A 738 -10.90 1.55 -21.56
CA CYS A 738 -10.37 1.81 -20.22
C CYS A 738 -11.45 2.11 -19.20
N THR A 739 -12.20 3.20 -19.37
CA THR A 739 -13.15 3.56 -18.31
C THR A 739 -14.20 2.50 -18.06
N MET A 740 -14.74 1.86 -19.07
CA MET A 740 -15.72 0.84 -18.72
C MET A 740 -15.09 -0.25 -17.90
N TYR A 741 -13.99 -0.82 -18.35
CA TYR A 741 -13.41 -1.86 -17.53
C TYR A 741 -13.10 -1.39 -16.15
N ILE A 742 -12.68 -0.14 -15.98
CA ILE A 742 -12.29 0.29 -14.64
C ILE A 742 -13.50 0.40 -13.76
N CYS A 743 -14.46 1.24 -14.13
CA CYS A 743 -15.58 1.42 -13.24
C CYS A 743 -16.93 1.59 -13.91
N GLY A 744 -17.23 0.76 -14.87
CA GLY A 744 -18.60 0.56 -15.33
C GLY A 744 -19.59 1.70 -15.34
N ASP A 745 -19.24 2.83 -15.95
CA ASP A 745 -20.18 3.94 -16.15
C ASP A 745 -20.80 4.40 -14.83
N SER A 746 -19.94 4.88 -13.96
CA SER A 746 -20.30 5.49 -12.70
C SER A 746 -19.71 6.89 -12.78
N THR A 747 -20.51 7.91 -12.57
CA THR A 747 -19.96 9.25 -12.72
C THR A 747 -18.90 9.55 -11.67
N GLU A 748 -19.17 9.21 -10.42
CA GLU A 748 -18.19 9.49 -9.39
C GLU A 748 -16.88 8.77 -9.66
N CYS A 749 -16.94 7.61 -10.27
CA CYS A 749 -15.66 7.00 -10.51
C CYS A 749 -14.92 7.64 -11.65
N SER A 750 -15.58 8.13 -12.69
CA SER A 750 -14.78 8.78 -13.72
C SER A 750 -14.17 10.06 -13.18
N ASN A 751 -14.94 10.82 -12.41
CA ASN A 751 -14.38 12.02 -11.80
C ASN A 751 -13.18 11.69 -10.94
N LEU A 752 -13.16 10.50 -10.36
CA LEU A 752 -12.00 10.18 -9.55
C LEU A 752 -10.86 9.60 -10.34
N LEU A 753 -11.14 8.97 -11.45
CA LEU A 753 -10.08 8.41 -12.26
C LEU A 753 -9.33 9.50 -13.02
N LEU A 754 -10.01 10.60 -13.31
CA LEU A 754 -9.34 11.71 -13.98
C LEU A 754 -8.11 12.22 -13.25
N GLN A 755 -7.93 11.90 -11.99
CA GLN A 755 -6.76 12.39 -11.30
C GLN A 755 -5.60 11.50 -11.53
N TYR A 756 -5.78 10.41 -12.22
CA TYR A 756 -4.70 9.48 -12.25
C TYR A 756 -3.71 9.73 -13.35
N GLY A 757 -4.08 10.49 -14.37
CA GLY A 757 -3.15 10.86 -15.41
C GLY A 757 -3.60 10.33 -16.75
N SER A 758 -2.64 9.93 -17.55
CA SER A 758 -2.93 9.52 -18.90
C SER A 758 -2.76 8.02 -19.09
N PHE A 759 -3.00 7.25 -18.04
CA PHE A 759 -2.93 5.81 -18.20
C PHE A 759 -3.90 5.29 -19.23
N CYS A 760 -5.15 5.74 -19.24
CA CYS A 760 -6.04 5.20 -20.26
C CYS A 760 -5.64 5.57 -21.68
N THR A 761 -5.20 6.79 -21.89
CA THR A 761 -4.75 7.13 -23.22
C THR A 761 -3.60 6.23 -23.64
N GLN A 762 -2.63 6.06 -22.78
CA GLN A 762 -1.51 5.23 -23.14
C GLN A 762 -1.92 3.81 -23.46
N LEU A 763 -2.82 3.21 -22.70
CA LEU A 763 -3.20 1.85 -23.03
C LEU A 763 -3.89 1.78 -24.36
N LYS A 764 -4.78 2.71 -24.62
CA LYS A 764 -5.43 2.63 -25.91
C LYS A 764 -4.42 2.74 -27.02
N ARG A 765 -3.44 3.60 -26.87
CA ARG A 765 -2.42 3.68 -27.91
C ARG A 765 -1.65 2.38 -28.08
N ALA A 766 -1.24 1.74 -26.99
CA ALA A 766 -0.45 0.53 -27.17
C ALA A 766 -1.23 -0.55 -27.89
N LEU A 767 -2.48 -0.74 -27.52
CA LEU A 767 -3.23 -1.79 -28.19
C LEU A 767 -3.50 -1.46 -29.64
N THR A 768 -3.79 -0.21 -29.97
CA THR A 768 -3.95 0.08 -31.38
C THR A 768 -2.67 -0.21 -32.16
N GLY A 769 -1.52 0.06 -31.58
CA GLY A 769 -0.31 -0.29 -32.30
C GLY A 769 -0.22 -1.78 -32.58
N ILE A 770 -0.56 -2.60 -31.61
CA ILE A 770 -0.52 -4.03 -31.87
C ILE A 770 -1.49 -4.44 -32.97
N ALA A 771 -2.68 -3.91 -32.99
CA ALA A 771 -3.60 -4.34 -34.04
C ALA A 771 -3.08 -4.00 -35.42
N VAL A 772 -2.63 -2.78 -35.61
CA VAL A 772 -2.14 -2.48 -36.96
C VAL A 772 -0.96 -3.34 -37.32
N GLU A 773 -0.15 -3.70 -36.36
CA GLU A 773 0.98 -4.54 -36.72
C GLU A 773 0.54 -5.91 -37.19
N GLN A 774 -0.45 -6.51 -36.55
CA GLN A 774 -0.90 -7.82 -37.01
C GLN A 774 -1.37 -7.78 -38.45
N ASP A 775 -2.13 -6.76 -38.80
CA ASP A 775 -2.53 -6.70 -40.19
C ASP A 775 -1.32 -6.61 -41.10
N LYS A 776 -0.33 -5.82 -40.72
CA LYS A 776 0.84 -5.71 -41.59
C LYS A 776 1.58 -7.05 -41.71
N ASN A 777 1.61 -7.88 -40.67
CA ASN A 777 2.28 -9.16 -40.86
C ASN A 777 1.61 -9.99 -41.92
N THR A 778 0.31 -10.12 -41.88
CA THR A 778 -0.27 -10.88 -42.98
C THR A 778 0.09 -10.29 -44.32
N GLN A 779 0.06 -8.96 -44.46
CA GLN A 779 0.41 -8.42 -45.76
C GLN A 779 1.79 -8.85 -46.17
N GLU A 780 2.77 -8.65 -45.31
CA GLU A 780 4.13 -8.99 -45.69
C GLU A 780 4.32 -10.46 -46.01
N VAL A 781 3.63 -11.37 -45.36
CA VAL A 781 3.86 -12.76 -45.67
C VAL A 781 3.22 -13.15 -46.97
N PHE A 782 1.94 -12.87 -47.13
CA PHE A 782 1.23 -13.46 -48.25
C PHE A 782 1.23 -12.62 -49.51
N ALA A 783 1.12 -11.31 -49.43
CA ALA A 783 1.01 -10.47 -50.63
C ALA A 783 2.34 -10.17 -51.30
N GLN A 784 3.04 -11.20 -51.63
CA GLN A 784 4.28 -10.98 -52.35
C GLN A 784 4.13 -10.96 -53.87
N VAL A 785 3.27 -11.77 -54.41
CA VAL A 785 3.10 -11.76 -55.85
C VAL A 785 2.23 -10.59 -56.23
N LYS A 786 2.52 -9.99 -57.38
CA LYS A 786 1.80 -8.80 -57.79
C LYS A 786 0.56 -9.08 -58.64
N GLN A 787 0.59 -10.05 -59.52
CA GLN A 787 -0.54 -10.36 -60.36
C GLN A 787 -1.11 -11.71 -60.03
N ILE A 788 -2.42 -11.85 -59.99
CA ILE A 788 -3.04 -13.12 -59.63
C ILE A 788 -3.03 -14.05 -60.82
N TYR A 789 -2.10 -15.02 -60.86
CA TYR A 789 -2.02 -15.96 -61.95
C TYR A 789 -3.10 -17.01 -61.81
N LYS A 790 -3.85 -17.27 -62.86
CA LYS A 790 -4.89 -18.27 -62.75
C LYS A 790 -4.31 -19.57 -63.28
N THR A 791 -4.76 -20.64 -62.76
CA THR A 791 -4.30 -21.94 -63.22
C THR A 791 -4.95 -22.35 -64.53
N PRO A 792 -4.21 -22.91 -65.47
CA PRO A 792 -4.79 -23.30 -66.77
C PRO A 792 -5.84 -24.37 -66.61
N PRO A 793 -6.76 -24.52 -67.58
CA PRO A 793 -7.84 -25.49 -67.42
C PRO A 793 -7.47 -26.95 -67.60
N ILE A 794 -6.66 -27.32 -68.59
CA ILE A 794 -6.28 -28.72 -68.77
C ILE A 794 -5.21 -29.02 -67.73
N LYS A 795 -5.60 -29.68 -66.65
CA LYS A 795 -4.69 -29.91 -65.53
C LYS A 795 -3.84 -31.16 -65.68
N TYR A 796 -3.13 -31.26 -66.79
CA TYR A 796 -2.20 -32.36 -67.01
C TYR A 796 -0.79 -31.81 -67.10
N PHE A 797 0.07 -32.25 -66.19
CA PHE A 797 1.45 -31.78 -66.05
C PHE A 797 2.45 -32.90 -66.16
N GLY A 798 2.25 -33.84 -67.04
CA GLY A 798 3.21 -34.90 -67.20
C GLY A 798 3.26 -35.93 -66.11
N GLY A 799 2.11 -36.41 -65.67
CA GLY A 799 2.01 -37.40 -64.64
C GLY A 799 1.95 -36.88 -63.22
N PHE A 800 2.42 -35.69 -62.95
CA PHE A 800 2.36 -35.18 -61.59
C PHE A 800 0.92 -34.85 -61.24
N ASN A 801 0.51 -35.14 -60.03
CA ASN A 801 -0.88 -34.92 -59.62
C ASN A 801 -1.09 -33.89 -58.54
N PHE A 802 -1.37 -32.67 -58.94
CA PHE A 802 -1.64 -31.60 -58.02
C PHE A 802 -3.09 -31.46 -57.61
N SER A 803 -3.93 -32.44 -57.86
CA SER A 803 -5.32 -32.24 -57.49
C SER A 803 -5.49 -31.99 -56.00
N GLN A 804 -4.63 -32.54 -55.17
CA GLN A 804 -4.78 -32.37 -53.74
C GLN A 804 -4.43 -31.02 -53.20
N ILE A 805 -3.72 -30.16 -53.91
CA ILE A 805 -3.41 -28.88 -53.32
C ILE A 805 -4.04 -27.68 -54.02
N LEU A 806 -4.43 -27.80 -55.28
CA LEU A 806 -5.04 -26.72 -56.03
C LEU A 806 -6.49 -26.50 -55.57
N PRO A 807 -7.04 -25.32 -55.74
CA PRO A 807 -8.39 -25.08 -55.26
C PRO A 807 -9.42 -25.91 -55.96
N ASP A 808 -10.41 -26.33 -55.20
CA ASP A 808 -11.52 -27.13 -55.66
C ASP A 808 -12.68 -26.25 -56.08
N PRO A 809 -13.04 -26.18 -57.35
CA PRO A 809 -14.16 -25.33 -57.73
C PRO A 809 -15.50 -25.81 -57.21
N SER A 810 -15.59 -27.06 -56.77
CA SER A 810 -16.89 -27.57 -56.31
C SER A 810 -17.39 -26.84 -55.08
N LYS A 811 -16.63 -26.85 -53.99
CA LYS A 811 -17.12 -26.19 -52.79
C LYS A 811 -17.21 -24.69 -53.03
N PRO A 812 -18.19 -24.03 -52.40
CA PRO A 812 -18.34 -22.59 -52.63
C PRO A 812 -17.23 -21.78 -52.03
N SER A 813 -16.67 -22.27 -50.93
CA SER A 813 -15.58 -21.58 -50.26
C SER A 813 -14.27 -21.59 -51.05
N LYS A 814 -14.14 -22.47 -52.04
CA LYS A 814 -12.97 -22.53 -52.93
C LYS A 814 -11.65 -22.83 -52.24
N ARG A 815 -11.63 -23.65 -51.21
CA ARG A 815 -10.37 -24.02 -50.62
C ARG A 815 -10.02 -25.41 -51.09
N SER A 816 -8.75 -25.67 -51.28
CA SER A 816 -8.30 -27.01 -51.65
C SER A 816 -8.60 -28.00 -50.56
N PRO A 817 -8.55 -29.30 -50.82
CA PRO A 817 -8.78 -30.26 -49.73
C PRO A 817 -7.80 -30.22 -48.58
N ILE A 818 -6.52 -30.05 -48.79
CA ILE A 818 -5.65 -29.96 -47.63
C ILE A 818 -6.00 -28.74 -46.80
N GLU A 819 -6.37 -27.66 -47.45
CA GLU A 819 -6.75 -26.46 -46.74
C GLU A 819 -7.97 -26.72 -45.88
N ASP A 820 -8.92 -27.51 -46.38
CA ASP A 820 -10.10 -27.88 -45.60
C ASP A 820 -9.75 -28.69 -44.38
N LEU A 821 -8.86 -29.65 -44.56
CA LEU A 821 -8.48 -30.42 -43.40
C LEU A 821 -7.88 -29.52 -42.35
N LEU A 822 -7.07 -28.56 -42.77
CA LEU A 822 -6.50 -27.63 -41.81
C LEU A 822 -7.58 -26.81 -41.11
N PHE A 823 -8.57 -26.33 -41.83
CA PHE A 823 -9.58 -25.53 -41.12
C PHE A 823 -10.41 -26.34 -40.15
N ASN A 824 -10.61 -27.59 -40.41
CA ASN A 824 -11.44 -28.27 -39.43
C ASN A 824 -10.64 -28.73 -38.24
N LYS A 825 -9.35 -28.97 -38.40
CA LYS A 825 -8.59 -29.53 -37.30
C LYS A 825 -8.40 -28.52 -36.17
N VAL A 826 -8.36 -27.24 -36.47
CA VAL A 826 -8.14 -26.21 -35.47
C VAL A 826 -9.36 -25.33 -35.37
N THR A 827 -9.79 -24.98 -34.16
CA THR A 827 -10.97 -24.14 -34.08
C THR A 827 -10.78 -23.04 -33.07
N LEU A 828 -11.74 -22.12 -33.11
CA LEU A 828 -11.80 -20.94 -32.25
C LEU A 828 -12.10 -21.29 -30.81
N PHE A 855 -21.05 -7.44 -21.88
CA PHE A 855 -19.66 -7.78 -21.64
C PHE A 855 -19.04 -6.59 -20.98
N ASN A 856 -17.74 -6.58 -20.75
CA ASN A 856 -17.15 -5.46 -20.05
C ASN A 856 -16.10 -4.66 -20.76
N GLY A 857 -16.23 -4.35 -22.03
CA GLY A 857 -15.19 -3.55 -22.61
C GLY A 857 -14.11 -4.26 -23.34
N LEU A 858 -14.19 -5.56 -23.51
CA LEU A 858 -13.17 -6.27 -24.24
C LEU A 858 -13.83 -6.71 -25.53
N THR A 859 -13.24 -6.33 -26.63
CA THR A 859 -13.78 -6.62 -27.91
C THR A 859 -12.69 -7.10 -28.84
N VAL A 860 -13.02 -8.00 -29.75
CA VAL A 860 -12.08 -8.52 -30.71
C VAL A 860 -12.34 -7.90 -32.07
N LEU A 861 -11.42 -7.30 -32.61
CA LEU A 861 -11.67 -6.70 -33.91
C LEU A 861 -11.41 -7.70 -35.01
N PRO A 862 -12.04 -7.61 -36.17
CA PRO A 862 -11.82 -8.58 -37.21
C PRO A 862 -10.56 -8.25 -37.97
N PRO A 863 -9.99 -9.20 -38.69
CA PRO A 863 -8.80 -8.94 -39.50
C PRO A 863 -9.14 -8.19 -40.76
N LEU A 864 -8.14 -7.54 -41.33
CA LEU A 864 -8.36 -6.78 -42.56
C LEU A 864 -8.54 -7.67 -43.77
N LEU A 865 -7.68 -8.65 -43.97
CA LEU A 865 -7.81 -9.57 -45.09
C LEU A 865 -8.72 -10.69 -44.67
N THR A 866 -9.84 -10.84 -45.34
CA THR A 866 -10.65 -11.93 -44.87
C THR A 866 -10.04 -13.23 -45.29
N ASP A 867 -10.54 -14.31 -44.74
CA ASP A 867 -9.99 -15.61 -45.07
C ASP A 867 -10.08 -15.95 -46.54
N GLU A 868 -11.15 -15.56 -47.18
CA GLU A 868 -11.28 -15.89 -48.59
C GLU A 868 -10.17 -15.29 -49.41
N MET A 869 -9.80 -14.05 -49.15
CA MET A 869 -8.77 -13.44 -49.95
C MET A 869 -7.43 -14.09 -49.70
N ILE A 870 -7.16 -14.55 -48.50
CA ILE A 870 -5.91 -15.25 -48.30
C ILE A 870 -5.86 -16.53 -49.11
N ALA A 871 -6.95 -17.26 -49.16
CA ALA A 871 -6.92 -18.45 -50.01
C ALA A 871 -6.71 -18.09 -51.47
N GLN A 872 -7.25 -16.98 -51.90
CA GLN A 872 -7.01 -16.57 -53.26
C GLN A 872 -5.55 -16.26 -53.52
N TYR A 873 -4.87 -15.59 -52.59
CA TYR A 873 -3.45 -15.34 -52.79
C TYR A 873 -2.67 -16.62 -52.87
N THR A 874 -2.96 -17.58 -52.01
CA THR A 874 -2.21 -18.81 -52.08
C THR A 874 -2.41 -19.51 -53.40
N SER A 875 -3.61 -19.54 -53.93
CA SER A 875 -3.74 -20.18 -55.23
C SER A 875 -2.92 -19.45 -56.26
N ALA A 876 -2.79 -18.13 -56.13
CA ALA A 876 -1.92 -17.47 -57.08
C ALA A 876 -0.50 -17.95 -56.99
N LEU A 877 0.03 -18.09 -55.79
CA LEU A 877 1.41 -18.61 -55.72
C LEU A 877 1.53 -20.01 -56.29
N LEU A 878 0.57 -20.88 -56.05
CA LEU A 878 0.70 -22.19 -56.64
C LEU A 878 0.72 -22.14 -58.16
N ALA A 879 -0.19 -21.41 -58.78
CA ALA A 879 -0.14 -21.38 -60.24
C ALA A 879 1.17 -20.82 -60.72
N GLY A 880 1.65 -19.80 -60.06
CA GLY A 880 2.92 -19.27 -60.47
C GLY A 880 4.03 -20.26 -60.43
N THR A 881 4.18 -20.97 -59.31
CA THR A 881 5.28 -21.92 -59.19
C THR A 881 5.09 -23.13 -60.10
N ILE A 882 3.88 -23.50 -60.45
CA ILE A 882 3.71 -24.68 -61.28
C ILE A 882 4.00 -24.38 -62.73
N THR A 883 3.73 -23.18 -63.20
CA THR A 883 3.90 -22.95 -64.62
C THR A 883 5.16 -22.20 -64.91
N SER A 884 5.80 -21.55 -63.93
CA SER A 884 6.89 -20.68 -64.28
C SER A 884 8.19 -20.81 -63.49
N GLY A 885 8.28 -21.68 -62.51
CA GLY A 885 9.54 -21.84 -61.78
C GLY A 885 10.04 -20.63 -61.02
N TRP A 886 11.32 -20.34 -61.15
CA TRP A 886 11.85 -19.20 -60.44
C TRP A 886 11.44 -17.91 -61.05
N THR A 887 11.14 -17.88 -62.33
CA THR A 887 11.06 -16.62 -63.04
C THR A 887 9.96 -15.73 -62.52
N PHE A 888 8.85 -16.29 -62.11
CA PHE A 888 7.82 -15.36 -61.72
C PHE A 888 8.18 -14.58 -60.51
N GLY A 889 9.24 -14.93 -59.84
CA GLY A 889 9.62 -14.17 -58.67
C GLY A 889 10.65 -13.11 -58.97
N ALA A 890 11.30 -13.19 -60.13
CA ALA A 890 12.33 -12.25 -60.54
C ALA A 890 11.88 -11.25 -61.59
N GLY A 891 10.70 -11.39 -62.17
CA GLY A 891 10.23 -10.48 -63.17
C GLY A 891 9.09 -11.03 -64.00
N PRO A 892 9.13 -10.93 -65.30
CA PRO A 892 8.02 -11.40 -66.11
C PRO A 892 7.89 -12.90 -66.08
N ALA A 893 6.69 -13.41 -65.85
CA ALA A 893 6.47 -14.84 -65.79
C ALA A 893 6.62 -15.51 -67.13
N LEU A 894 7.56 -16.44 -67.27
CA LEU A 894 7.82 -17.19 -68.49
C LEU A 894 7.34 -18.64 -68.36
N GLN A 895 6.39 -19.07 -69.18
CA GLN A 895 5.88 -20.43 -69.09
C GLN A 895 6.88 -21.45 -69.53
N ILE A 896 6.92 -22.59 -68.85
CA ILE A 896 7.86 -23.67 -69.19
C ILE A 896 7.24 -25.02 -68.88
N PRO A 897 7.36 -26.02 -69.72
CA PRO A 897 6.77 -27.32 -69.44
C PRO A 897 7.19 -27.83 -68.09
N PHE A 898 6.29 -28.44 -67.33
CA PHE A 898 6.72 -28.87 -66.01
C PHE A 898 7.82 -29.92 -65.91
N PRO A 899 7.89 -30.95 -66.71
CA PRO A 899 9.08 -31.78 -66.59
C PRO A 899 10.35 -31.05 -66.84
N MET A 900 10.45 -30.15 -67.79
CA MET A 900 11.74 -29.50 -67.87
C MET A 900 11.99 -28.66 -66.66
N GLN A 901 10.98 -28.13 -66.05
CA GLN A 901 11.31 -27.37 -64.88
C GLN A 901 11.89 -28.27 -63.82
N MET A 902 11.32 -29.44 -63.62
CA MET A 902 11.98 -30.27 -62.63
C MET A 902 13.37 -30.70 -63.03
N ALA A 903 13.67 -30.84 -64.32
CA ALA A 903 15.05 -31.14 -64.67
C ALA A 903 15.98 -30.02 -64.33
N TYR A 904 15.59 -28.79 -64.60
CA TYR A 904 16.41 -27.69 -64.10
C TYR A 904 16.71 -27.84 -62.62
N ARG A 905 15.71 -28.14 -61.80
CA ARG A 905 16.01 -28.20 -60.37
C ARG A 905 16.96 -29.33 -60.04
N PHE A 906 16.82 -30.46 -60.71
CA PHE A 906 17.78 -31.53 -60.49
C PHE A 906 19.18 -31.02 -60.75
N ASN A 907 19.44 -30.35 -61.86
CA ASN A 907 20.76 -29.74 -61.99
C ASN A 907 21.12 -28.93 -60.79
N GLY A 908 20.16 -28.24 -60.23
CA GLY A 908 20.53 -27.46 -59.07
C GLY A 908 21.11 -28.26 -57.93
N ILE A 909 20.71 -29.50 -57.74
CA ILE A 909 21.32 -30.30 -56.67
C ILE A 909 22.42 -31.21 -57.17
N GLY A 910 23.00 -30.93 -58.32
CA GLY A 910 24.16 -31.67 -58.76
C GLY A 910 23.95 -33.02 -59.42
N VAL A 911 22.76 -33.35 -59.86
CA VAL A 911 22.52 -34.60 -60.57
C VAL A 911 22.15 -34.22 -61.98
N THR A 912 22.82 -34.78 -62.97
CA THR A 912 22.53 -34.39 -64.32
C THR A 912 21.14 -34.81 -64.72
N GLN A 913 20.52 -34.00 -65.54
CA GLN A 913 19.13 -34.15 -65.92
C GLN A 913 18.81 -35.41 -66.66
N ASN A 914 19.77 -36.07 -67.24
CA ASN A 914 19.39 -37.33 -67.85
C ASN A 914 18.80 -38.23 -66.80
N VAL A 915 19.18 -38.06 -65.54
CA VAL A 915 18.51 -38.81 -64.50
C VAL A 915 17.03 -38.53 -64.41
N LEU A 916 16.58 -37.32 -64.70
CA LEU A 916 15.14 -37.10 -64.65
C LEU A 916 14.42 -37.57 -65.89
N TYR A 917 14.96 -37.35 -67.07
CA TYR A 917 14.12 -37.77 -68.20
C TYR A 917 13.96 -39.25 -68.30
N GLU A 918 14.81 -40.02 -67.71
CA GLU A 918 14.67 -41.44 -67.84
C GLU A 918 13.82 -42.07 -66.78
N ASN A 919 13.40 -41.35 -65.77
CA ASN A 919 12.64 -41.95 -64.70
C ASN A 919 11.44 -41.11 -64.39
N GLN A 920 10.93 -40.41 -65.38
CA GLN A 920 9.77 -39.59 -65.16
C GLN A 920 8.64 -40.40 -64.57
N LYS A 921 8.39 -41.59 -65.09
CA LYS A 921 7.27 -42.36 -64.55
C LYS A 921 7.45 -42.67 -63.07
N LEU A 922 8.62 -43.17 -62.69
CA LEU A 922 8.84 -43.50 -61.31
C LEU A 922 8.77 -42.29 -60.41
N ILE A 923 9.33 -41.18 -60.84
CA ILE A 923 9.31 -40.01 -59.99
C ILE A 923 7.88 -39.54 -59.82
N ALA A 924 7.10 -39.56 -60.87
CA ALA A 924 5.74 -39.10 -60.69
C ALA A 924 5.00 -39.98 -59.71
N ASN A 925 5.18 -41.30 -59.77
CA ASN A 925 4.49 -42.11 -58.77
C ASN A 925 4.94 -41.83 -57.35
N GLN A 926 6.23 -41.66 -57.12
CA GLN A 926 6.63 -41.38 -55.75
C GLN A 926 6.08 -40.07 -55.28
N PHE A 927 6.10 -39.06 -56.13
CA PHE A 927 5.55 -37.77 -55.72
C PHE A 927 4.07 -37.86 -55.44
N ASN A 928 3.29 -38.53 -56.29
CA ASN A 928 1.86 -38.63 -56.00
C ASN A 928 1.59 -39.36 -54.72
N SER A 929 2.28 -40.47 -54.50
CA SER A 929 2.03 -41.19 -53.26
C SER A 929 2.37 -40.33 -52.05
N ALA A 930 3.45 -39.57 -52.10
CA ALA A 930 3.77 -38.77 -50.93
C ALA A 930 2.71 -37.71 -50.67
N ILE A 931 2.24 -37.03 -51.71
CA ILE A 931 1.21 -36.05 -51.41
C ILE A 931 0.00 -36.75 -50.87
N GLY A 932 -0.27 -37.95 -51.33
CA GLY A 932 -1.42 -38.65 -50.79
C GLY A 932 -1.28 -39.03 -49.33
N LYS A 933 -0.09 -39.42 -48.91
CA LYS A 933 0.01 -39.77 -47.50
C LYS A 933 -0.01 -38.55 -46.61
N ILE A 934 0.27 -37.35 -47.13
CA ILE A 934 0.19 -36.19 -46.26
C ILE A 934 -1.17 -35.99 -45.66
N GLN A 935 -2.21 -36.13 -46.45
CA GLN A 935 -3.53 -35.89 -45.91
C GLN A 935 -3.89 -36.87 -44.81
N ASP A 936 -3.59 -38.15 -45.02
CA ASP A 936 -3.85 -39.15 -44.00
C ASP A 936 -3.07 -38.85 -42.72
N SER A 937 -1.82 -38.42 -42.86
CA SER A 937 -1.07 -38.11 -41.66
C SER A 937 -1.67 -36.96 -40.90
N LEU A 938 -2.05 -35.90 -41.58
CA LEU A 938 -2.66 -34.81 -40.84
C LEU A 938 -3.94 -35.23 -40.18
N SER A 939 -4.70 -36.11 -40.80
CA SER A 939 -5.97 -36.47 -40.18
C SER A 939 -5.81 -37.41 -38.99
N SER A 940 -4.87 -38.35 -39.03
CA SER A 940 -4.76 -39.25 -37.88
C SER A 940 -3.99 -38.66 -36.72
N THR A 941 -3.07 -37.76 -36.97
CA THR A 941 -2.29 -37.19 -35.88
C THR A 941 -3.16 -36.33 -34.99
N PRO A 942 -3.10 -36.52 -33.66
CA PRO A 942 -3.95 -35.74 -32.76
C PRO A 942 -3.45 -34.33 -32.47
N SER A 943 -2.13 -34.13 -32.49
CA SER A 943 -1.54 -32.86 -32.10
C SER A 943 -0.51 -32.40 -33.12
N ALA A 944 -0.90 -32.48 -34.38
CA ALA A 944 -0.06 -32.00 -35.47
C ALA A 944 -0.03 -30.47 -35.55
N LEU A 945 -1.14 -29.83 -35.20
CA LEU A 945 -1.32 -28.38 -35.24
C LEU A 945 -1.12 -27.71 -33.91
N GLY A 946 -0.18 -28.19 -33.12
CA GLY A 946 -0.01 -27.62 -31.80
C GLY A 946 0.27 -26.13 -31.78
N LYS A 947 1.05 -25.63 -32.72
CA LYS A 947 1.40 -24.22 -32.62
C LYS A 947 0.23 -23.26 -32.82
N LEU A 948 -0.54 -23.43 -33.87
CA LEU A 948 -1.65 -22.50 -34.08
C LEU A 948 -2.66 -22.57 -32.94
N GLN A 949 -2.99 -23.78 -32.51
CA GLN A 949 -3.94 -23.95 -31.42
C GLN A 949 -3.41 -23.29 -30.17
N ASP A 950 -2.12 -23.36 -29.95
CA ASP A 950 -1.60 -22.77 -28.76
C ASP A 950 -1.69 -21.26 -28.80
N VAL A 951 -1.49 -20.66 -29.95
CA VAL A 951 -1.65 -19.20 -29.99
C VAL A 951 -3.05 -18.80 -29.58
N VAL A 952 -4.04 -19.49 -30.14
CA VAL A 952 -5.41 -19.12 -29.78
C VAL A 952 -5.65 -19.29 -28.29
N ASN A 953 -5.22 -20.40 -27.71
CA ASN A 953 -5.50 -20.56 -26.28
C ASN A 953 -4.76 -19.57 -25.42
N HIS A 954 -3.54 -19.18 -25.75
CA HIS A 954 -2.92 -18.21 -24.89
C HIS A 954 -3.71 -16.93 -24.88
N ASN A 955 -4.09 -16.43 -26.04
CA ASN A 955 -4.87 -15.20 -25.97
C ASN A 955 -6.20 -15.35 -25.25
N ALA A 956 -6.94 -16.41 -25.54
CA ALA A 956 -8.22 -16.56 -24.86
C ALA A 956 -8.06 -16.64 -23.36
N GLN A 957 -7.07 -17.37 -22.90
CA GLN A 957 -6.86 -17.48 -21.47
C GLN A 957 -6.47 -16.15 -20.86
N ALA A 958 -5.67 -15.35 -21.55
CA ALA A 958 -5.37 -14.04 -20.98
C ALA A 958 -6.63 -13.20 -20.81
N LEU A 959 -7.47 -13.11 -21.82
CA LEU A 959 -8.69 -12.34 -21.62
C LEU A 959 -9.54 -12.93 -20.51
N ASN A 960 -9.61 -14.24 -20.44
CA ASN A 960 -10.44 -14.83 -19.40
C ASN A 960 -9.95 -14.45 -18.02
N THR A 961 -8.66 -14.54 -17.77
CA THR A 961 -8.24 -14.16 -16.44
C THR A 961 -8.47 -12.70 -16.19
N LEU A 962 -8.36 -11.86 -17.21
CA LEU A 962 -8.65 -10.46 -16.97
C LEU A 962 -10.08 -10.25 -16.56
N VAL A 963 -11.01 -10.99 -17.13
CA VAL A 963 -12.39 -10.81 -16.70
C VAL A 963 -12.59 -11.36 -15.31
N LYS A 964 -11.93 -12.45 -14.98
CA LYS A 964 -12.16 -12.99 -13.66
C LYS A 964 -11.61 -12.08 -12.61
N GLN A 965 -10.54 -11.40 -12.90
CA GLN A 965 -9.99 -10.55 -11.89
C GLN A 965 -10.89 -9.40 -11.51
N LEU A 966 -12.05 -9.21 -12.13
CA LEU A 966 -12.88 -8.13 -11.59
C LEU A 966 -13.49 -8.49 -10.27
N SER A 967 -13.64 -9.76 -9.98
CA SER A 967 -14.29 -10.12 -8.74
C SER A 967 -13.43 -9.89 -7.53
N SER A 968 -12.12 -9.82 -7.67
CA SER A 968 -11.30 -9.64 -6.50
C SER A 968 -11.59 -8.31 -5.84
N LYS A 969 -11.50 -8.28 -4.53
CA LYS A 969 -11.78 -7.06 -3.79
C LYS A 969 -10.61 -6.11 -3.56
N PHE A 970 -9.38 -6.55 -3.56
CA PHE A 970 -8.26 -5.65 -3.31
C PHE A 970 -8.34 -4.92 -2.01
N GLY A 971 -9.05 -5.40 -1.02
CA GLY A 971 -9.10 -4.70 0.24
C GLY A 971 -10.31 -3.81 0.49
N ALA A 972 -11.10 -3.49 -0.53
CA ALA A 972 -12.28 -2.67 -0.29
C ALA A 972 -13.34 -3.50 0.39
N ILE A 973 -14.30 -2.81 1.02
CA ILE A 973 -15.32 -3.55 1.73
C ILE A 973 -16.22 -4.34 0.82
N SER A 974 -16.22 -4.08 -0.49
CA SER A 974 -17.03 -4.87 -1.42
C SER A 974 -16.55 -4.61 -2.83
N SER A 975 -16.84 -5.53 -3.74
CA SER A 975 -16.25 -5.41 -5.04
C SER A 975 -17.10 -4.66 -6.03
N VAL A 976 -18.40 -4.68 -5.90
CA VAL A 976 -19.22 -3.99 -6.86
C VAL A 976 -19.34 -2.52 -6.50
N LEU A 977 -19.23 -1.68 -7.50
CA LEU A 977 -19.25 -0.24 -7.23
C LEU A 977 -20.59 0.22 -6.70
N ASN A 978 -21.66 -0.43 -7.09
CA ASN A 978 -22.97 0.06 -6.71
C ASN A 978 -23.14 0.05 -5.20
N ASP A 979 -22.77 -1.03 -4.52
CA ASP A 979 -22.91 -0.98 -3.07
C ASP A 979 -22.09 0.11 -2.45
N ILE A 980 -20.84 0.24 -2.85
CA ILE A 980 -20.03 1.27 -2.26
C ILE A 980 -20.71 2.61 -2.43
N LEU A 981 -21.25 2.87 -3.60
CA LEU A 981 -21.89 4.17 -3.71
C LEU A 981 -23.25 4.18 -3.07
N SER A 982 -23.77 3.03 -2.70
CA SER A 982 -25.09 2.97 -2.08
C SER A 982 -24.95 3.10 -0.58
N ARG A 983 -24.16 2.25 0.04
CA ARG A 983 -24.13 2.23 1.49
C ARG A 983 -23.01 3.09 2.08
N LEU A 984 -22.63 4.20 1.47
CA LEU A 984 -21.62 5.01 2.13
C LEU A 984 -21.65 6.45 1.66
N ASP A 985 -21.30 7.35 2.56
CA ASP A 985 -21.23 8.76 2.27
C ASP A 985 -20.00 9.05 1.43
N PRO A 986 -19.97 10.17 0.72
CA PRO A 986 -18.84 10.46 -0.18
C PRO A 986 -17.49 10.56 0.51
N PRO A 987 -17.37 11.17 1.68
CA PRO A 987 -16.04 11.25 2.29
C PRO A 987 -15.38 9.91 2.53
N GLU A 988 -16.11 8.91 3.01
CA GLU A 988 -15.47 7.61 3.16
C GLU A 988 -15.43 6.84 1.87
N ALA A 989 -16.42 7.04 0.99
CA ALA A 989 -16.39 6.36 -0.29
C ALA A 989 -15.18 6.75 -1.10
N GLU A 990 -14.61 7.92 -0.91
CA GLU A 990 -13.41 8.20 -1.68
C GLU A 990 -12.31 7.20 -1.39
N VAL A 991 -11.98 7.00 -0.13
CA VAL A 991 -10.90 6.07 0.10
C VAL A 991 -11.37 4.65 -0.13
N GLN A 992 -12.64 4.36 -0.07
CA GLN A 992 -13.01 3.01 -0.44
C GLN A 992 -13.05 2.76 -1.93
N ILE A 993 -13.14 3.79 -2.76
CA ILE A 993 -13.11 3.57 -4.20
C ILE A 993 -11.72 3.67 -4.74
N ASP A 994 -10.86 4.40 -4.08
CA ASP A 994 -9.48 4.41 -4.49
C ASP A 994 -8.89 3.02 -4.55
N ARG A 995 -9.17 2.17 -3.58
CA ARG A 995 -8.52 0.87 -3.62
C ARG A 995 -8.94 0.10 -4.86
N LEU A 996 -10.22 0.06 -5.17
CA LEU A 996 -10.63 -0.67 -6.34
C LEU A 996 -10.00 -0.11 -7.59
N ILE A 997 -10.00 1.20 -7.74
CA ILE A 997 -9.37 1.74 -8.94
C ILE A 997 -7.93 1.30 -9.03
N THR A 998 -7.15 1.52 -8.00
CA THR A 998 -5.75 1.18 -8.17
C THR A 998 -5.56 -0.29 -8.46
N GLY A 999 -6.33 -1.16 -7.83
CA GLY A 999 -6.13 -2.56 -8.07
C GLY A 999 -6.49 -2.96 -9.49
N ARG A 1000 -7.61 -2.47 -9.99
CA ARG A 1000 -7.99 -2.86 -11.33
C ARG A 1000 -7.06 -2.26 -12.34
N LEU A 1001 -6.55 -1.08 -12.07
CA LEU A 1001 -5.58 -0.49 -12.95
C LEU A 1001 -4.32 -1.29 -13.02
N GLN A 1002 -3.87 -1.81 -11.90
CA GLN A 1002 -2.68 -2.62 -11.95
C GLN A 1002 -2.90 -3.87 -12.78
N SER A 1003 -4.06 -4.46 -12.64
CA SER A 1003 -4.32 -5.66 -13.44
C SER A 1003 -4.28 -5.37 -14.92
N LEU A 1004 -4.91 -4.29 -15.34
CA LEU A 1004 -4.93 -3.97 -16.74
C LEU A 1004 -3.55 -3.67 -17.26
N GLN A 1005 -2.72 -3.05 -16.45
CA GLN A 1005 -1.36 -2.77 -16.89
C GLN A 1005 -0.58 -4.05 -17.11
N THR A 1006 -0.73 -5.02 -16.22
CA THR A 1006 -0.06 -6.27 -16.46
C THR A 1006 -0.51 -6.91 -17.75
N TYR A 1007 -1.80 -6.88 -18.03
CA TYR A 1007 -2.24 -7.47 -19.29
C TYR A 1007 -1.58 -6.82 -20.49
N VAL A 1008 -1.50 -5.49 -20.51
CA VAL A 1008 -0.89 -4.90 -21.70
C VAL A 1008 0.56 -5.26 -21.81
N THR A 1009 1.28 -5.35 -20.72
CA THR A 1009 2.67 -5.76 -20.90
C THR A 1009 2.76 -7.17 -21.45
N GLN A 1010 1.95 -8.08 -20.94
CA GLN A 1010 2.03 -9.41 -21.51
C GLN A 1010 1.75 -9.39 -23.00
N GLN A 1011 0.79 -8.60 -23.44
CA GLN A 1011 0.54 -8.60 -24.87
C GLN A 1011 1.66 -7.97 -25.66
N LEU A 1012 2.36 -6.98 -25.15
CA LEU A 1012 3.45 -6.49 -25.96
C LEU A 1012 4.51 -7.55 -26.16
N ILE A 1013 4.85 -8.27 -25.11
CA ILE A 1013 5.85 -9.29 -25.32
C ILE A 1013 5.39 -10.34 -26.30
N ARG A 1014 4.17 -10.84 -26.16
CA ARG A 1014 3.81 -11.84 -27.16
C ARG A 1014 3.76 -11.28 -28.56
N ALA A 1015 3.39 -10.03 -28.75
CA ALA A 1015 3.38 -9.56 -30.12
C ALA A 1015 4.77 -9.47 -30.68
N ALA A 1016 5.76 -9.11 -29.87
CA ALA A 1016 7.11 -9.18 -30.39
C ALA A 1016 7.46 -10.59 -30.80
N GLU A 1017 7.07 -11.56 -29.98
CA GLU A 1017 7.34 -12.93 -30.35
C GLU A 1017 6.75 -13.31 -31.69
N ILE A 1018 5.49 -12.98 -31.90
CA ILE A 1018 4.87 -13.35 -33.17
C ILE A 1018 5.46 -12.60 -34.32
N ARG A 1019 5.88 -11.37 -34.14
CA ARG A 1019 6.50 -10.69 -35.26
C ARG A 1019 7.77 -11.38 -35.67
N ALA A 1020 8.58 -11.83 -34.72
CA ALA A 1020 9.74 -12.59 -35.14
C ALA A 1020 9.33 -13.79 -35.95
N SER A 1021 8.34 -14.53 -35.50
CA SER A 1021 7.92 -15.68 -36.29
C SER A 1021 7.44 -15.29 -37.68
N ALA A 1022 6.74 -14.18 -37.82
CA ALA A 1022 6.26 -13.84 -39.16
C ALA A 1022 7.39 -13.44 -40.07
N ASN A 1023 8.39 -12.74 -39.57
CA ASN A 1023 9.53 -12.49 -40.44
C ASN A 1023 10.15 -13.79 -40.90
N LEU A 1024 10.27 -14.75 -40.00
CA LEU A 1024 10.78 -16.02 -40.46
C LEU A 1024 9.89 -16.60 -41.53
N ALA A 1025 8.58 -16.48 -41.39
CA ALA A 1025 7.73 -17.04 -42.43
C ALA A 1025 7.94 -16.35 -43.76
N ALA A 1026 8.10 -15.04 -43.74
CA ALA A 1026 8.31 -14.39 -45.02
C ALA A 1026 9.59 -14.84 -45.66
N THR A 1027 10.66 -14.95 -44.89
CA THR A 1027 11.88 -15.47 -45.50
C THR A 1027 11.66 -16.84 -46.06
N LYS A 1028 10.96 -17.71 -45.37
CA LYS A 1028 10.80 -19.04 -45.95
C LYS A 1028 10.00 -18.93 -47.22
N MET A 1029 8.93 -18.15 -47.25
CA MET A 1029 8.23 -17.94 -48.51
C MET A 1029 9.16 -17.53 -49.62
N SER A 1030 9.82 -16.41 -49.45
CA SER A 1030 10.67 -15.93 -50.51
C SER A 1030 11.69 -16.94 -50.95
N GLU A 1031 12.41 -17.55 -50.03
CA GLU A 1031 13.54 -18.36 -50.46
C GLU A 1031 13.13 -19.74 -50.87
N CYS A 1032 12.17 -20.37 -50.23
CA CYS A 1032 11.89 -21.72 -50.66
C CYS A 1032 10.85 -21.76 -51.75
N VAL A 1033 9.81 -20.93 -51.74
CA VAL A 1033 8.78 -21.08 -52.76
C VAL A 1033 9.16 -20.42 -54.08
N LEU A 1034 9.55 -19.17 -54.05
CA LEU A 1034 9.89 -18.43 -55.25
C LEU A 1034 11.23 -18.75 -55.78
N GLY A 1035 11.85 -19.81 -55.30
CA GLY A 1035 13.15 -20.16 -55.81
C GLY A 1035 13.56 -21.49 -55.24
N GLN A 1036 14.85 -21.73 -55.26
CA GLN A 1036 15.42 -22.95 -54.74
C GLN A 1036 16.56 -22.55 -53.83
N SER A 1037 16.61 -23.07 -52.63
CA SER A 1037 17.64 -22.62 -51.70
C SER A 1037 18.67 -23.69 -51.55
N LYS A 1038 19.93 -23.31 -51.55
CA LYS A 1038 21.00 -24.23 -51.27
C LYS A 1038 21.37 -24.30 -49.78
N ARG A 1039 20.72 -23.53 -48.93
CA ARG A 1039 21.05 -23.60 -47.52
C ARG A 1039 20.66 -24.95 -46.99
N VAL A 1040 21.58 -25.60 -46.30
CA VAL A 1040 21.33 -26.96 -45.87
C VAL A 1040 20.37 -27.03 -44.71
N ASP A 1041 19.34 -27.82 -44.86
CA ASP A 1041 18.43 -28.09 -43.77
C ASP A 1041 17.75 -26.80 -43.32
N PHE A 1042 17.39 -25.98 -44.29
CA PHE A 1042 16.56 -24.81 -44.06
C PHE A 1042 15.14 -25.09 -44.46
N CYS A 1043 14.95 -25.50 -45.70
CA CYS A 1043 13.65 -25.88 -46.21
C CYS A 1043 13.43 -27.39 -46.16
N GLY A 1044 13.45 -27.98 -44.97
CA GLY A 1044 13.22 -29.39 -44.85
C GLY A 1044 14.50 -30.20 -44.87
N LYS A 1045 14.40 -31.44 -44.41
CA LYS A 1045 15.56 -32.31 -44.34
C LYS A 1045 15.85 -32.96 -45.67
N GLY A 1046 17.03 -32.73 -46.21
CA GLY A 1046 17.41 -33.27 -47.48
C GLY A 1046 17.70 -32.19 -48.49
N TYR A 1047 18.10 -32.64 -49.67
CA TYR A 1047 18.38 -31.75 -50.78
C TYR A 1047 17.08 -31.14 -51.25
N HIS A 1048 16.93 -29.84 -51.12
CA HIS A 1048 15.66 -29.20 -51.43
C HIS A 1048 15.35 -29.06 -52.89
N LEU A 1049 14.14 -29.45 -53.30
CA LEU A 1049 13.65 -29.20 -54.64
C LEU A 1049 12.67 -28.03 -54.75
N MET A 1050 11.55 -28.03 -54.05
CA MET A 1050 10.62 -26.90 -54.16
C MET A 1050 9.68 -26.92 -52.97
N SER A 1051 8.80 -25.94 -52.88
CA SER A 1051 7.90 -25.95 -51.75
C SER A 1051 6.58 -25.32 -52.13
N PHE A 1052 5.49 -25.80 -51.56
CA PHE A 1052 4.19 -25.27 -51.91
C PHE A 1052 3.55 -24.72 -50.64
N PRO A 1053 3.00 -23.53 -50.62
CA PRO A 1053 2.35 -23.03 -49.42
C PRO A 1053 0.90 -23.42 -49.36
N GLN A 1054 0.40 -23.57 -48.15
CA GLN A 1054 -1.02 -23.85 -47.98
C GLN A 1054 -1.53 -23.00 -46.83
N SER A 1055 -2.66 -22.34 -46.99
CA SER A 1055 -3.15 -21.49 -45.93
C SER A 1055 -3.69 -22.28 -44.76
N ALA A 1056 -3.62 -21.71 -43.58
CA ALA A 1056 -4.13 -22.23 -42.33
C ALA A 1056 -4.75 -21.07 -41.57
N PRO A 1057 -5.59 -21.32 -40.56
CA PRO A 1057 -6.24 -20.20 -39.89
C PRO A 1057 -5.35 -19.10 -39.38
N HIS A 1058 -4.18 -19.37 -38.89
CA HIS A 1058 -3.42 -18.23 -38.41
C HIS A 1058 -2.00 -18.38 -38.83
N GLY A 1059 -1.73 -19.11 -39.88
CA GLY A 1059 -0.36 -19.29 -40.27
C GLY A 1059 -0.29 -19.95 -41.61
N VAL A 1060 0.85 -20.46 -41.94
CA VAL A 1060 1.04 -21.12 -43.21
C VAL A 1060 1.49 -22.51 -42.95
N VAL A 1061 1.23 -23.38 -43.89
CA VAL A 1061 1.65 -24.74 -43.82
C VAL A 1061 2.40 -25.04 -45.08
N PHE A 1062 3.69 -25.17 -45.00
CA PHE A 1062 4.54 -25.39 -46.15
C PHE A 1062 4.72 -26.85 -46.45
N LEU A 1063 4.49 -27.28 -47.66
CA LEU A 1063 4.74 -28.66 -48.03
C LEU A 1063 6.09 -28.78 -48.74
N HIS A 1064 7.20 -28.80 -48.02
CA HIS A 1064 8.50 -28.89 -48.69
C HIS A 1064 8.74 -30.20 -49.40
N VAL A 1065 9.14 -30.18 -50.67
CA VAL A 1065 9.49 -31.40 -51.41
C VAL A 1065 10.99 -31.58 -51.48
N THR A 1066 11.52 -32.64 -50.92
CA THR A 1066 12.95 -32.89 -50.83
C THR A 1066 13.37 -34.18 -51.49
N TYR A 1067 14.57 -34.21 -52.03
CA TYR A 1067 15.18 -35.39 -52.67
C TYR A 1067 16.22 -35.99 -51.76
N VAL A 1068 16.06 -37.28 -51.45
CA VAL A 1068 16.92 -38.00 -50.51
C VAL A 1068 17.48 -39.26 -51.12
N PRO A 1069 18.79 -39.46 -51.15
CA PRO A 1069 19.36 -40.70 -51.67
C PRO A 1069 19.12 -41.93 -50.83
N ALA A 1070 19.34 -43.09 -51.43
CA ALA A 1070 19.13 -44.35 -50.71
C ALA A 1070 19.79 -45.49 -51.47
N GLN A 1071 19.87 -46.65 -50.84
CA GLN A 1071 20.48 -47.86 -51.40
C GLN A 1071 21.94 -47.68 -51.82
N GLU A 1072 22.80 -47.31 -50.89
CA GLU A 1072 24.19 -47.07 -51.22
C GLU A 1072 24.95 -48.36 -51.45
N LYS A 1073 26.15 -48.22 -51.97
CA LYS A 1073 26.97 -49.35 -52.33
C LYS A 1073 28.43 -49.00 -52.11
N ASN A 1074 29.25 -49.99 -51.74
CA ASN A 1074 30.67 -49.78 -51.49
C ASN A 1074 31.51 -49.70 -52.76
N PHE A 1075 32.57 -48.92 -52.72
CA PHE A 1075 33.41 -48.82 -53.90
C PHE A 1075 34.82 -48.51 -53.45
N THR A 1076 35.80 -48.82 -54.26
CA THR A 1076 37.18 -48.45 -54.00
C THR A 1076 37.59 -47.30 -54.87
N THR A 1077 38.31 -46.29 -54.35
CA THR A 1077 38.60 -45.12 -55.18
C THR A 1077 40.01 -44.66 -55.02
N ALA A 1078 40.43 -43.81 -55.93
CA ALA A 1078 41.76 -43.24 -55.84
C ALA A 1078 41.74 -41.80 -56.26
N PRO A 1079 42.62 -40.98 -55.73
CA PRO A 1079 42.58 -39.57 -56.06
C PRO A 1079 43.05 -39.19 -57.44
N ALA A 1080 43.82 -39.98 -58.14
CA ALA A 1080 44.26 -39.50 -59.44
C ALA A 1080 44.69 -40.68 -60.27
N ILE A 1081 44.75 -40.54 -61.57
CA ILE A 1081 45.23 -41.63 -62.39
C ILE A 1081 46.55 -41.21 -63.01
N CYS A 1082 47.52 -42.09 -63.05
CA CYS A 1082 48.82 -41.80 -63.62
C CYS A 1082 48.94 -42.58 -64.89
N HIS A 1083 49.09 -41.87 -66.00
CA HIS A 1083 49.26 -42.43 -67.33
C HIS A 1083 50.31 -41.63 -68.08
N ASP A 1084 51.26 -42.33 -68.71
CA ASP A 1084 52.33 -41.63 -69.41
C ASP A 1084 53.05 -40.66 -68.52
N GLY A 1085 53.03 -40.87 -67.24
CA GLY A 1085 53.78 -39.94 -66.47
C GLY A 1085 53.05 -38.67 -66.14
N LYS A 1086 51.82 -38.48 -66.59
CA LYS A 1086 51.12 -37.26 -66.22
C LYS A 1086 49.91 -37.66 -65.38
N ALA A 1087 49.52 -36.84 -64.44
CA ALA A 1087 48.43 -37.19 -63.56
C ALA A 1087 47.11 -36.70 -64.12
N HIS A 1088 46.06 -37.49 -64.04
CA HIS A 1088 44.76 -37.06 -64.50
C HIS A 1088 43.81 -36.96 -63.32
N PHE A 1089 42.99 -35.94 -63.27
CA PHE A 1089 41.97 -35.72 -62.25
C PHE A 1089 40.61 -35.57 -62.88
N PRO A 1090 39.52 -35.87 -62.20
CA PRO A 1090 38.22 -35.80 -62.83
C PRO A 1090 37.65 -34.40 -62.84
N ARG A 1091 37.06 -34.00 -63.96
CA ARG A 1091 36.40 -32.70 -64.02
C ARG A 1091 35.23 -32.61 -63.09
N GLU A 1092 34.37 -33.62 -63.11
CA GLU A 1092 33.26 -33.68 -62.18
C GLU A 1092 33.03 -35.13 -61.84
N GLY A 1093 32.96 -35.43 -60.58
CA GLY A 1093 32.74 -36.77 -60.14
C GLY A 1093 33.93 -37.37 -59.43
N VAL A 1094 33.95 -38.69 -59.34
CA VAL A 1094 34.94 -39.40 -58.58
C VAL A 1094 35.41 -40.59 -59.34
N PHE A 1095 36.68 -40.96 -59.19
CA PHE A 1095 37.16 -42.20 -59.78
C PHE A 1095 36.73 -43.38 -58.96
N VAL A 1096 35.86 -44.21 -59.50
CA VAL A 1096 35.32 -45.32 -58.74
C VAL A 1096 35.71 -46.57 -59.45
N SER A 1097 36.25 -47.50 -58.73
CA SER A 1097 36.63 -48.81 -59.21
C SER A 1097 35.79 -49.90 -58.63
N ASN A 1098 35.36 -50.82 -59.44
CA ASN A 1098 34.54 -51.89 -58.91
C ASN A 1098 35.32 -53.17 -58.73
N GLY A 1099 36.62 -53.05 -58.49
CA GLY A 1099 37.46 -54.21 -58.23
C GLY A 1099 38.52 -54.48 -59.28
N THR A 1100 38.21 -54.32 -60.54
CA THR A 1100 39.16 -54.60 -61.60
C THR A 1100 39.22 -53.52 -62.67
N HIS A 1101 38.24 -52.68 -62.78
CA HIS A 1101 38.21 -51.66 -63.80
C HIS A 1101 37.97 -50.33 -63.14
N TRP A 1102 38.49 -49.27 -63.73
CA TRP A 1102 38.33 -47.94 -63.17
C TRP A 1102 37.32 -47.15 -63.98
N PHE A 1103 36.52 -46.34 -63.31
CA PHE A 1103 35.51 -45.57 -63.99
C PHE A 1103 35.40 -44.21 -63.35
N VAL A 1104 34.71 -43.30 -64.02
CA VAL A 1104 34.34 -42.00 -63.49
C VAL A 1104 32.85 -41.97 -63.29
N THR A 1105 32.38 -41.38 -62.21
CA THR A 1105 30.94 -41.33 -61.94
C THR A 1105 30.56 -40.06 -61.22
N GLN A 1106 29.42 -39.47 -61.56
CA GLN A 1106 28.99 -38.28 -60.85
C GLN A 1106 28.82 -38.60 -59.38
N ARG A 1107 28.95 -37.60 -58.52
CA ARG A 1107 29.07 -37.91 -57.10
C ARG A 1107 27.79 -38.47 -56.51
N ASN A 1108 26.62 -37.95 -56.84
CA ASN A 1108 25.37 -38.32 -56.18
C ASN A 1108 24.55 -39.43 -56.82
N PHE A 1109 25.04 -40.12 -57.83
CA PHE A 1109 24.19 -41.18 -58.34
C PHE A 1109 25.09 -42.02 -59.19
N TYR A 1110 25.09 -43.31 -58.99
CA TYR A 1110 26.01 -44.17 -59.69
C TYR A 1110 25.67 -44.28 -61.16
N GLU A 1111 26.54 -43.78 -62.03
CA GLU A 1111 26.36 -43.89 -63.48
C GLU A 1111 27.74 -43.93 -64.11
N PRO A 1112 28.37 -45.09 -64.11
CA PRO A 1112 29.76 -45.19 -64.52
C PRO A 1112 30.00 -44.89 -65.96
N GLN A 1113 31.09 -44.23 -66.25
CA GLN A 1113 31.47 -43.93 -67.61
C GLN A 1113 32.92 -44.30 -67.80
N ILE A 1114 33.32 -44.58 -69.02
CA ILE A 1114 34.71 -44.85 -69.33
C ILE A 1114 35.57 -43.61 -69.18
N ILE A 1115 36.76 -43.79 -68.64
CA ILE A 1115 37.70 -42.71 -68.44
C ILE A 1115 38.26 -42.27 -69.78
N THR A 1116 38.02 -41.04 -70.17
CA THR A 1116 38.53 -40.58 -71.45
C THR A 1116 39.14 -39.21 -71.27
N THR A 1117 39.81 -38.69 -72.28
CA THR A 1117 40.33 -37.35 -72.16
C THR A 1117 39.24 -36.28 -72.08
N ASP A 1118 37.98 -36.60 -72.34
CA ASP A 1118 36.99 -35.53 -72.27
C ASP A 1118 36.59 -35.20 -70.84
N ASN A 1119 36.52 -36.19 -69.96
CA ASN A 1119 36.08 -35.96 -68.59
C ASN A 1119 37.19 -35.94 -67.57
N THR A 1120 38.45 -35.68 -67.95
CA THR A 1120 39.53 -35.58 -66.99
C THR A 1120 40.50 -34.50 -67.44
N PHE A 1121 41.23 -33.89 -66.53
CA PHE A 1121 42.19 -32.89 -66.94
C PHE A 1121 43.51 -33.16 -66.29
N VAL A 1122 44.58 -32.72 -66.90
CA VAL A 1122 45.91 -33.10 -66.50
C VAL A 1122 46.63 -32.03 -65.72
N SER A 1123 47.51 -32.43 -64.82
CA SER A 1123 48.34 -31.46 -64.09
C SER A 1123 49.63 -32.10 -63.57
N GLY A 1124 50.73 -31.84 -64.24
CA GLY A 1124 52.05 -32.23 -63.77
C GLY A 1124 52.35 -33.71 -63.69
N ASN A 1125 53.59 -34.08 -63.39
CA ASN A 1125 53.98 -35.47 -63.28
C ASN A 1125 53.38 -36.13 -62.05
N CYS A 1126 53.44 -37.47 -62.04
CA CYS A 1126 52.66 -38.27 -61.10
C CYS A 1126 53.43 -38.78 -59.93
N ASP A 1127 54.39 -38.04 -59.42
CA ASP A 1127 55.03 -38.49 -58.19
C ASP A 1127 54.72 -37.64 -56.97
N VAL A 1128 54.06 -36.51 -57.10
CA VAL A 1128 53.77 -35.70 -55.93
C VAL A 1128 52.47 -36.11 -55.26
N VAL A 1129 51.51 -36.57 -56.01
CA VAL A 1129 50.23 -36.92 -55.43
C VAL A 1129 50.37 -38.21 -54.68
N ILE A 1130 49.72 -38.32 -53.55
CA ILE A 1130 49.76 -39.52 -52.72
C ILE A 1130 48.56 -40.40 -53.02
N GLY A 1131 48.79 -41.69 -53.10
CA GLY A 1131 47.73 -42.60 -53.42
C GLY A 1131 47.34 -42.71 -54.87
N ILE A 1132 48.19 -42.29 -55.78
CA ILE A 1132 47.87 -42.34 -57.20
C ILE A 1132 47.90 -43.78 -57.69
N VAL A 1133 47.09 -44.12 -58.68
CA VAL A 1133 47.04 -45.47 -59.21
C VAL A 1133 47.24 -45.42 -60.71
N ASN A 1134 47.35 -46.57 -61.35
CA ASN A 1134 47.63 -46.58 -62.78
C ASN A 1134 46.54 -47.19 -63.62
N ASN A 1135 46.28 -46.60 -64.77
CA ASN A 1135 45.36 -47.24 -65.66
C ASN A 1135 45.34 -46.53 -67.00
N THR A 1136 44.83 -47.21 -68.00
CA THR A 1136 44.80 -46.68 -69.35
C THR A 1136 43.66 -45.67 -69.47
N VAL A 1137 43.96 -44.51 -70.01
CA VAL A 1137 42.97 -43.46 -70.24
C VAL A 1137 42.73 -43.29 -71.73
N TYR A 1138 41.68 -43.88 -72.26
CA TYR A 1138 41.46 -43.85 -73.70
C TYR A 1138 41.23 -42.44 -74.17
N ASP A 1139 41.72 -42.15 -75.39
CA ASP A 1139 41.55 -40.88 -76.10
C ASP A 1139 40.62 -41.07 -77.27
N PRO A 1140 39.51 -40.38 -77.35
CA PRO A 1140 38.54 -40.64 -78.42
C PRO A 1140 39.05 -40.38 -79.82
N LEU A 1141 40.16 -39.68 -79.98
CA LEU A 1141 40.66 -39.40 -81.32
C LEU A 1141 41.31 -40.59 -82.01
N GLN A 1142 41.86 -41.54 -81.28
CA GLN A 1142 42.52 -42.66 -81.94
C GLN A 1142 41.55 -43.53 -82.71
N PRO A 1143 40.48 -44.05 -82.12
CA PRO A 1143 39.58 -44.91 -82.90
C PRO A 1143 39.01 -44.25 -84.15
N GLU A 1144 38.79 -42.94 -84.15
CA GLU A 1144 38.29 -42.34 -85.37
C GLU A 1144 39.42 -42.33 -86.38
N LEU A 1145 40.62 -41.99 -85.93
CA LEU A 1145 41.80 -41.96 -86.77
C LEU A 1145 41.56 -41.08 -87.97
N ASP A 1146 41.18 -39.83 -87.69
CA ASP A 1146 40.91 -38.90 -88.78
C ASP A 1146 42.22 -38.44 -89.40
N ALA B 27 -36.98 36.49 -32.05
CA ALA B 27 -36.35 35.95 -33.26
C ALA B 27 -35.26 34.97 -32.90
N TYR B 28 -34.45 34.60 -33.90
CA TYR B 28 -33.36 33.66 -33.68
C TYR B 28 -32.24 33.92 -34.66
N THR B 29 -31.04 33.55 -34.26
CA THR B 29 -29.86 33.66 -35.10
C THR B 29 -28.78 32.77 -34.50
N ASN B 30 -28.12 32.00 -35.34
CA ASN B 30 -27.09 31.09 -34.88
C ASN B 30 -25.89 31.86 -34.38
N SER B 31 -25.34 31.43 -33.25
CA SER B 31 -24.15 32.07 -32.74
C SER B 31 -22.96 31.41 -33.37
N PHE B 32 -22.15 32.21 -34.01
CA PHE B 32 -20.99 31.63 -34.67
C PHE B 32 -19.96 31.36 -33.60
N THR B 33 -18.71 31.32 -34.00
CA THR B 33 -17.61 30.99 -33.11
C THR B 33 -17.29 32.17 -32.20
N ARG B 34 -18.08 32.32 -31.13
CA ARG B 34 -17.94 33.45 -30.23
C ARG B 34 -18.04 32.92 -28.82
N GLY B 35 -17.79 33.79 -27.85
CA GLY B 35 -17.94 33.39 -26.46
C GLY B 35 -16.74 32.79 -25.75
N VAL B 36 -15.63 32.52 -26.42
CA VAL B 36 -14.47 31.97 -25.71
C VAL B 36 -13.79 33.05 -24.85
N TYR B 37 -13.29 32.68 -23.68
CA TYR B 37 -12.67 33.67 -22.82
C TYR B 37 -11.49 33.07 -22.06
N TYR B 38 -10.60 33.92 -21.59
CA TYR B 38 -9.47 33.44 -20.84
C TYR B 38 -9.93 32.93 -19.50
N PRO B 39 -9.83 31.69 -19.22
CA PRO B 39 -10.46 31.17 -18.01
C PRO B 39 -9.66 31.21 -16.72
N ASP B 40 -8.34 31.26 -16.77
CA ASP B 40 -7.56 31.07 -15.55
C ASP B 40 -6.51 32.15 -15.31
N LYS B 41 -6.46 33.19 -16.13
CA LYS B 41 -5.54 34.32 -16.02
C LYS B 41 -4.07 33.95 -15.80
N VAL B 42 -3.61 32.85 -16.38
CA VAL B 42 -2.20 32.47 -16.33
C VAL B 42 -1.69 32.44 -17.76
N PHE B 43 -0.53 33.05 -18.00
CA PHE B 43 -0.03 33.18 -19.35
C PHE B 43 0.54 31.89 -19.87
N ARG B 44 0.24 31.60 -21.13
CA ARG B 44 0.78 30.45 -21.82
C ARG B 44 1.01 30.84 -23.26
N SER B 45 2.08 30.34 -23.85
CA SER B 45 2.50 30.76 -25.18
C SER B 45 2.66 29.57 -26.09
N SER B 46 2.07 29.66 -27.27
CA SER B 46 2.22 28.66 -28.32
C SER B 46 2.03 27.25 -27.79
N VAL B 47 0.86 27.02 -27.20
CA VAL B 47 0.54 25.73 -26.62
C VAL B 47 -0.97 25.55 -26.67
N LEU B 48 -1.41 24.30 -26.65
CA LEU B 48 -2.83 23.98 -26.63
C LEU B 48 -3.23 23.52 -25.26
N HIS B 49 -4.39 23.95 -24.80
CA HIS B 49 -4.82 23.62 -23.48
C HIS B 49 -6.29 23.24 -23.51
N SER B 50 -6.66 22.17 -22.81
CA SER B 50 -8.04 21.71 -22.73
C SER B 50 -8.60 21.99 -21.34
N THR B 51 -9.77 22.61 -21.28
CA THR B 51 -10.38 22.99 -20.01
C THR B 51 -11.86 22.62 -20.01
N GLN B 52 -12.36 22.10 -18.90
CA GLN B 52 -13.78 21.82 -18.80
C GLN B 52 -14.48 22.89 -17.96
N ASP B 53 -15.28 23.74 -18.61
CA ASP B 53 -15.96 24.82 -17.93
C ASP B 53 -17.21 25.21 -18.73
N LEU B 54 -17.95 26.19 -18.22
CA LEU B 54 -19.18 26.65 -18.88
C LEU B 54 -18.87 27.65 -19.98
N PHE B 55 -18.98 27.18 -21.21
CA PHE B 55 -18.76 27.94 -22.43
C PHE B 55 -20.04 28.02 -23.23
N LEU B 56 -20.02 28.83 -24.28
CA LEU B 56 -21.15 28.95 -25.20
C LEU B 56 -20.99 28.01 -26.37
N PRO B 57 -21.79 26.96 -26.50
CA PRO B 57 -21.60 26.03 -27.60
C PRO B 57 -21.67 26.73 -28.94
N PHE B 58 -20.77 26.36 -29.83
CA PHE B 58 -20.73 26.97 -31.15
C PHE B 58 -21.93 26.63 -32.00
N PHE B 59 -22.24 27.54 -32.91
CA PHE B 59 -23.33 27.35 -33.84
C PHE B 59 -24.66 27.16 -33.13
N SER B 60 -24.80 27.71 -31.95
CA SER B 60 -26.06 27.64 -31.26
C SER B 60 -26.85 28.89 -31.58
N ASN B 61 -28.15 28.74 -31.64
CA ASN B 61 -29.04 29.85 -31.95
C ASN B 61 -29.22 30.69 -30.69
N VAL B 62 -29.37 32.00 -30.87
CA VAL B 62 -29.50 32.90 -29.75
C VAL B 62 -30.69 33.82 -29.94
N THR B 63 -31.37 34.12 -28.84
CA THR B 63 -32.53 34.99 -28.86
C THR B 63 -32.13 36.40 -29.27
N TRP B 64 -32.99 37.05 -30.00
CA TRP B 64 -32.72 38.36 -30.56
C TRP B 64 -33.80 39.31 -30.11
N PHE B 65 -33.44 40.47 -29.60
CA PHE B 65 -34.45 41.42 -29.16
C PHE B 65 -34.10 42.80 -29.66
N HIS B 66 -35.09 43.68 -29.74
CA HIS B 66 -34.85 45.03 -30.23
C HIS B 66 -35.06 46.02 -29.09
N ALA B 67 -34.36 47.15 -29.17
CA ALA B 67 -34.37 48.13 -28.09
C ALA B 67 -35.17 49.38 -28.43
N ILE B 68 -36.47 49.24 -28.66
CA ILE B 68 -37.32 50.41 -28.87
C ILE B 68 -38.17 50.59 -27.62
N HIS B 69 -39.11 49.67 -27.40
CA HIS B 69 -39.91 49.66 -26.19
C HIS B 69 -40.49 48.26 -26.08
N VAL B 70 -40.69 47.83 -24.85
CA VAL B 70 -41.35 46.56 -24.52
C VAL B 70 -41.48 45.54 -25.64
N ASP B 80 -41.85 45.93 -17.91
CA ASP B 80 -41.88 46.36 -19.30
C ASP B 80 -41.15 45.36 -20.19
N ASN B 81 -40.02 44.84 -19.72
CA ASN B 81 -39.18 43.93 -20.46
C ASN B 81 -39.14 42.67 -19.62
N PRO B 82 -39.29 41.49 -20.21
CA PRO B 82 -39.33 40.27 -19.41
C PRO B 82 -38.02 39.83 -18.82
N VAL B 83 -38.16 39.10 -17.75
CA VAL B 83 -37.02 38.58 -17.03
C VAL B 83 -36.58 37.35 -17.78
N LEU B 84 -35.30 37.13 -17.85
CA LEU B 84 -34.77 35.98 -18.53
C LEU B 84 -33.98 35.20 -17.50
N PRO B 85 -34.14 33.89 -17.44
CA PRO B 85 -33.49 33.13 -16.38
C PRO B 85 -32.00 33.11 -16.59
N PHE B 86 -31.31 32.93 -15.47
CA PHE B 86 -29.87 32.80 -15.45
C PHE B 86 -29.55 31.33 -15.22
N ASN B 87 -29.59 30.55 -16.30
CA ASN B 87 -29.48 29.11 -16.13
C ASN B 87 -28.14 28.81 -15.47
N ASP B 88 -27.06 29.16 -16.13
CA ASP B 88 -25.73 28.88 -15.62
C ASP B 88 -24.74 30.00 -15.86
N GLY B 89 -25.08 30.99 -16.67
CA GLY B 89 -24.15 32.01 -17.07
C GLY B 89 -24.68 32.56 -18.37
N VAL B 90 -24.56 33.85 -18.61
CA VAL B 90 -25.19 34.48 -19.74
C VAL B 90 -24.15 35.15 -20.61
N TYR B 91 -24.30 35.03 -21.90
CA TYR B 91 -23.43 35.71 -22.83
C TYR B 91 -24.28 36.79 -23.43
N PHE B 92 -24.03 38.01 -23.04
CA PHE B 92 -24.84 39.17 -23.39
C PHE B 92 -24.14 40.03 -24.41
N ALA B 93 -24.63 40.08 -25.63
CA ALA B 93 -24.05 40.97 -26.62
C ALA B 93 -25.02 42.07 -26.95
N SER B 94 -24.51 43.26 -27.18
CA SER B 94 -25.35 44.41 -27.48
C SER B 94 -24.67 45.33 -28.46
N THR B 95 -25.36 45.73 -29.51
CA THR B 95 -24.84 46.70 -30.46
C THR B 95 -25.58 48.02 -30.35
N GLU B 96 -24.96 49.04 -29.76
CA GLU B 96 -25.67 50.30 -29.57
C GLU B 96 -24.63 51.41 -29.57
N LYS B 97 -25.10 52.65 -29.78
CA LYS B 97 -24.18 53.78 -29.78
C LYS B 97 -24.72 55.00 -29.05
N SER B 98 -25.70 54.83 -28.14
CA SER B 98 -26.25 55.96 -27.41
C SER B 98 -26.49 55.67 -25.95
N ASN B 99 -26.00 54.55 -25.43
CA ASN B 99 -26.20 54.13 -24.04
C ASN B 99 -27.69 54.02 -23.71
N ILE B 100 -28.43 53.35 -24.59
CA ILE B 100 -29.85 53.20 -24.39
C ILE B 100 -30.07 52.10 -23.38
N ILE B 101 -29.17 51.13 -23.35
CA ILE B 101 -29.16 50.07 -22.37
C ILE B 101 -28.10 50.44 -21.35
N ARG B 102 -28.50 50.51 -20.10
CA ARG B 102 -27.65 51.13 -19.11
C ARG B 102 -27.40 50.32 -17.87
N GLY B 103 -27.97 49.14 -17.73
CA GLY B 103 -27.65 48.47 -16.50
C GLY B 103 -28.33 47.14 -16.36
N TRP B 104 -28.10 46.56 -15.21
CA TRP B 104 -28.58 45.25 -14.83
C TRP B 104 -28.96 45.30 -13.36
N ILE B 105 -29.65 44.25 -12.93
CA ILE B 105 -30.00 44.05 -11.54
C ILE B 105 -29.89 42.57 -11.28
N PHE B 106 -29.21 42.21 -10.20
CA PHE B 106 -29.01 40.80 -9.91
C PHE B 106 -29.46 40.48 -8.50
N GLY B 107 -29.54 39.19 -8.25
CA GLY B 107 -29.92 38.68 -6.96
C GLY B 107 -30.69 37.40 -7.18
N THR B 108 -31.07 36.78 -6.06
CA THR B 108 -31.89 35.58 -6.13
C THR B 108 -33.37 35.93 -6.26
N THR B 109 -33.73 37.21 -6.07
CA THR B 109 -35.10 37.68 -6.20
C THR B 109 -35.07 39.20 -6.27
N LEU B 110 -36.11 39.77 -6.91
CA LEU B 110 -36.26 41.20 -7.11
C LEU B 110 -36.84 41.97 -5.93
N ASP B 111 -37.40 41.29 -4.93
CA ASP B 111 -37.95 42.04 -3.82
C ASP B 111 -36.83 42.41 -2.86
N SER B 112 -37.14 43.29 -1.91
CA SER B 112 -36.12 43.65 -0.97
C SER B 112 -35.99 42.57 0.09
N LYS B 113 -36.73 41.49 -0.13
CA LYS B 113 -36.82 40.32 0.71
C LYS B 113 -35.52 39.53 0.76
N THR B 114 -34.53 39.86 -0.08
CA THR B 114 -33.27 39.14 -0.11
C THR B 114 -32.18 40.15 -0.43
N GLN B 115 -30.94 39.83 -0.03
CA GLN B 115 -29.86 40.81 -0.17
C GLN B 115 -29.48 40.89 -1.64
N SER B 116 -30.33 41.60 -2.37
CA SER B 116 -30.11 41.85 -3.78
C SER B 116 -28.90 42.74 -4.05
N LEU B 117 -28.61 42.92 -5.33
CA LEU B 117 -27.43 43.59 -5.87
C LEU B 117 -27.88 44.74 -6.73
N LEU B 118 -27.02 45.74 -6.86
CA LEU B 118 -27.34 46.86 -7.72
C LEU B 118 -26.12 47.14 -8.56
N ILE B 119 -26.33 47.24 -9.87
CA ILE B 119 -25.29 47.65 -10.81
C ILE B 119 -25.88 48.64 -11.79
N VAL B 120 -25.37 49.86 -11.78
CA VAL B 120 -25.88 50.94 -12.62
C VAL B 120 -24.69 51.62 -13.24
N ASN B 121 -24.65 51.67 -14.55
CA ASN B 121 -23.53 52.36 -15.14
C ASN B 121 -23.89 53.83 -15.27
N ASN B 122 -22.89 54.63 -15.65
CA ASN B 122 -23.08 56.07 -15.81
C ASN B 122 -21.92 56.64 -16.62
N ALA B 123 -22.07 57.89 -16.99
CA ALA B 123 -21.09 58.63 -17.78
C ALA B 123 -19.81 58.91 -17.01
N THR B 124 -19.85 58.84 -15.69
CA THR B 124 -18.73 59.18 -14.84
C THR B 124 -17.99 57.96 -14.33
N ASN B 125 -18.71 56.92 -14.01
CA ASN B 125 -18.13 55.75 -13.38
C ASN B 125 -19.14 54.64 -13.44
N VAL B 126 -18.72 53.44 -13.11
CA VAL B 126 -19.66 52.33 -12.99
C VAL B 126 -19.98 52.26 -11.51
N VAL B 127 -21.22 51.94 -11.19
CA VAL B 127 -21.64 51.78 -9.80
C VAL B 127 -22.21 50.41 -9.51
N ILE B 128 -21.52 49.68 -8.66
CA ILE B 128 -21.94 48.35 -8.23
C ILE B 128 -22.31 48.44 -6.76
N LYS B 129 -23.47 47.89 -6.41
CA LYS B 129 -24.00 48.05 -5.07
C LYS B 129 -24.69 46.76 -4.69
N VAL B 130 -24.70 46.39 -3.41
CA VAL B 130 -25.49 45.24 -2.95
C VAL B 130 -26.32 45.62 -1.73
N CYS B 131 -27.58 46.04 -1.98
CA CYS B 131 -28.47 46.59 -0.96
C CYS B 131 -29.94 46.16 -0.98
N GLU B 132 -30.34 45.15 -1.74
CA GLU B 132 -31.73 44.69 -1.71
C GLU B 132 -32.73 45.78 -2.08
N PHE B 133 -32.37 46.65 -3.02
CA PHE B 133 -33.28 47.73 -3.37
C PHE B 133 -34.48 47.22 -4.15
N GLN B 134 -35.66 47.55 -3.64
CA GLN B 134 -36.92 47.15 -4.27
C GLN B 134 -37.12 47.92 -5.57
N PHE B 135 -37.55 47.21 -6.59
CA PHE B 135 -37.73 47.75 -7.92
C PHE B 135 -39.19 48.08 -8.18
N CYS B 136 -39.42 48.83 -9.26
CA CYS B 136 -40.76 49.20 -9.64
C CYS B 136 -41.48 48.07 -10.37
N ASN B 137 -42.73 48.35 -10.78
CA ASN B 137 -43.52 47.39 -11.54
C ASN B 137 -42.86 47.01 -12.85
N ASP B 138 -42.09 47.93 -13.43
CA ASP B 138 -41.31 47.75 -14.64
C ASP B 138 -39.97 48.36 -14.30
N PRO B 139 -38.89 47.88 -14.89
CA PRO B 139 -37.61 48.51 -14.59
C PRO B 139 -37.67 49.95 -15.07
N PHE B 140 -37.22 50.84 -14.21
CA PHE B 140 -37.27 52.25 -14.54
C PHE B 140 -36.40 52.59 -15.74
N LEU B 141 -36.88 53.52 -16.53
CA LEU B 141 -36.20 53.99 -17.71
C LEU B 141 -35.63 55.34 -17.32
N ASP B 142 -34.31 55.41 -17.21
CA ASP B 142 -33.63 56.64 -16.80
C ASP B 142 -33.87 57.81 -17.75
N PHE B 157 -35.54 61.40 -12.96
CA PHE B 157 -35.76 60.04 -13.41
C PHE B 157 -34.45 59.29 -13.51
N ARG B 158 -33.59 59.48 -12.51
CA ARG B 158 -32.28 58.84 -12.49
C ARG B 158 -32.25 57.58 -11.65
N VAL B 159 -33.18 57.41 -10.71
CA VAL B 159 -33.21 56.26 -9.85
C VAL B 159 -34.66 55.99 -9.49
N TYR B 160 -34.98 54.72 -9.24
CA TYR B 160 -36.33 54.37 -8.82
C TYR B 160 -36.21 53.07 -8.02
N SER B 161 -36.26 53.19 -6.69
CA SER B 161 -36.14 52.01 -5.83
C SER B 161 -36.51 52.38 -4.40
N SER B 162 -36.76 51.35 -3.60
CA SER B 162 -37.12 51.49 -2.19
C SER B 162 -35.85 51.61 -1.36
N ALA B 163 -36.02 51.55 -0.04
CA ALA B 163 -34.88 51.65 0.86
C ALA B 163 -33.86 50.54 0.58
N ASN B 164 -32.67 50.73 1.13
CA ASN B 164 -31.55 49.84 0.88
C ASN B 164 -30.86 49.48 2.20
N ASN B 165 -30.17 48.34 2.18
CA ASN B 165 -29.39 47.88 3.34
C ASN B 165 -28.00 47.41 2.91
N CYS B 166 -27.29 48.20 2.09
CA CYS B 166 -26.06 47.74 1.46
C CYS B 166 -25.11 47.09 2.46
N THR B 167 -24.43 46.03 2.00
CA THR B 167 -23.35 45.39 2.75
C THR B 167 -22.00 45.54 2.04
N PHE B 168 -22.02 45.85 0.75
CA PHE B 168 -20.81 46.04 -0.05
C PHE B 168 -21.10 47.08 -1.10
N GLU B 169 -20.12 47.91 -1.39
CA GLU B 169 -20.26 48.95 -2.38
C GLU B 169 -18.93 49.17 -3.06
N TYR B 170 -18.99 49.56 -4.33
CA TYR B 170 -17.80 49.62 -5.16
C TYR B 170 -18.06 50.59 -6.29
N VAL B 171 -16.98 51.20 -6.80
CA VAL B 171 -17.07 52.20 -7.86
C VAL B 171 -15.81 52.11 -8.70
N SER B 172 -15.92 52.40 -9.99
CA SER B 172 -14.75 52.36 -10.84
C SER B 172 -15.03 53.02 -12.18
N GLN B 173 -14.01 53.01 -13.02
CA GLN B 173 -14.01 53.66 -14.32
C GLN B 173 -15.15 53.13 -15.20
N PRO B 174 -15.56 53.89 -16.22
CA PRO B 174 -16.72 53.48 -17.02
C PRO B 174 -16.38 52.33 -17.95
N PHE B 175 -17.43 51.60 -18.36
CA PHE B 175 -17.32 50.54 -19.34
C PHE B 175 -17.39 51.09 -20.76
N LEU B 176 -16.56 52.06 -21.08
CA LEU B 176 -16.63 52.70 -22.39
C LEU B 176 -15.25 52.89 -23.00
N LYS B 187 -22.12 50.46 -33.82
CA LYS B 187 -21.23 49.55 -34.52
C LYS B 187 -20.30 48.87 -33.54
N ASN B 188 -20.16 49.44 -32.35
CA ASN B 188 -19.29 48.85 -31.34
C ASN B 188 -20.10 47.81 -30.58
N LEU B 189 -19.65 46.56 -30.66
CA LEU B 189 -20.30 45.42 -30.03
C LEU B 189 -19.74 45.15 -28.66
N ARG B 190 -20.48 45.49 -27.62
CA ARG B 190 -20.03 45.20 -26.28
C ARG B 190 -20.54 43.83 -25.89
N GLU B 191 -19.66 43.01 -25.36
CA GLU B 191 -19.96 41.66 -24.95
C GLU B 191 -19.64 41.49 -23.50
N PHE B 192 -20.45 40.69 -22.83
CA PHE B 192 -20.30 40.43 -21.42
C PHE B 192 -20.61 38.99 -21.18
N VAL B 193 -19.91 38.39 -20.25
CA VAL B 193 -20.22 37.05 -19.85
C VAL B 193 -20.34 37.17 -18.37
N PHE B 194 -21.47 36.79 -17.81
CA PHE B 194 -21.62 36.97 -16.39
C PHE B 194 -21.66 35.61 -15.77
N LYS B 195 -20.80 35.40 -14.81
CA LYS B 195 -20.73 34.09 -14.23
C LYS B 195 -20.60 34.26 -12.74
N ASN B 196 -21.34 33.44 -12.02
CA ASN B 196 -21.29 33.46 -10.56
C ASN B 196 -21.62 32.04 -10.12
N ILE B 197 -20.59 31.26 -9.84
CA ILE B 197 -20.71 29.85 -9.52
C ILE B 197 -20.10 29.53 -8.17
N ASP B 198 -18.85 29.94 -7.98
CA ASP B 198 -18.01 29.55 -6.86
C ASP B 198 -18.02 30.60 -5.75
N GLY B 199 -19.18 31.22 -5.53
CA GLY B 199 -19.33 32.25 -4.54
C GLY B 199 -18.92 33.63 -4.98
N TYR B 200 -18.43 33.78 -6.21
CA TYR B 200 -18.02 35.09 -6.69
C TYR B 200 -18.78 35.43 -7.95
N PHE B 201 -18.99 36.71 -8.22
CA PHE B 201 -19.65 37.11 -9.45
C PHE B 201 -18.60 37.79 -10.31
N LYS B 202 -18.37 37.26 -11.51
CA LYS B 202 -17.24 37.66 -12.33
C LYS B 202 -17.74 38.18 -13.67
N ILE B 203 -17.03 39.16 -14.21
CA ILE B 203 -17.38 39.79 -15.48
C ILE B 203 -16.22 39.70 -16.44
N TYR B 204 -16.51 39.34 -17.69
CA TYR B 204 -15.58 39.37 -18.81
C TYR B 204 -16.15 40.24 -19.91
N SER B 205 -15.29 40.81 -20.73
CA SER B 205 -15.76 41.76 -21.74
C SER B 205 -14.78 41.91 -22.88
N LYS B 206 -15.28 42.49 -23.96
CA LYS B 206 -14.57 42.79 -25.19
C LYS B 206 -15.35 43.78 -26.02
N HIS B 207 -14.65 44.72 -26.65
CA HIS B 207 -15.29 45.75 -27.46
C HIS B 207 -14.79 45.66 -28.89
N THR B 208 -15.67 45.40 -29.82
CA THR B 208 -15.09 45.18 -31.13
C THR B 208 -15.79 45.98 -32.21
N PRO B 209 -15.04 46.42 -33.23
CA PRO B 209 -15.66 47.05 -34.40
C PRO B 209 -16.56 46.06 -35.12
N ILE B 210 -17.37 46.58 -36.04
CA ILE B 210 -18.24 45.75 -36.84
C ILE B 210 -18.37 46.28 -38.26
N ASP B 215 -26.24 41.75 -36.85
CA ASP B 215 -26.04 40.34 -36.58
C ASP B 215 -24.62 40.07 -36.06
N LEU B 216 -24.39 38.88 -35.49
CA LEU B 216 -23.06 38.58 -34.98
C LEU B 216 -22.07 38.31 -36.09
N PRO B 217 -20.89 38.91 -36.05
CA PRO B 217 -19.91 38.70 -37.13
C PRO B 217 -19.25 37.34 -37.00
N GLN B 218 -18.71 36.87 -38.11
CA GLN B 218 -18.00 35.59 -38.07
C GLN B 218 -16.58 35.70 -37.55
N GLY B 219 -16.08 36.90 -37.27
CA GLY B 219 -14.70 37.01 -36.83
C GLY B 219 -14.54 36.46 -35.44
N PHE B 220 -13.42 35.81 -35.20
CA PHE B 220 -13.13 35.23 -33.90
C PHE B 220 -12.44 36.23 -32.99
N SER B 221 -12.86 36.27 -31.71
CA SER B 221 -12.23 37.15 -30.74
C SER B 221 -12.65 36.76 -29.32
N ALA B 222 -11.70 36.59 -28.40
CA ALA B 222 -12.01 36.14 -27.05
C ALA B 222 -12.20 37.25 -26.06
N LEU B 223 -13.06 36.99 -25.07
CA LEU B 223 -13.31 37.93 -23.99
C LEU B 223 -12.26 37.77 -22.91
N GLU B 224 -11.86 38.91 -22.28
CA GLU B 224 -10.83 39.05 -21.24
C GLU B 224 -11.42 39.28 -19.87
N PRO B 225 -10.85 38.72 -18.81
CA PRO B 225 -11.39 38.98 -17.48
C PRO B 225 -11.28 40.44 -17.12
N LEU B 226 -12.41 41.07 -16.90
CA LEU B 226 -12.42 42.49 -16.60
C LEU B 226 -12.42 42.76 -15.11
N VAL B 227 -13.41 42.22 -14.41
CA VAL B 227 -13.55 42.57 -12.97
C VAL B 227 -13.98 41.33 -12.17
N ASP B 228 -13.55 41.24 -10.93
CA ASP B 228 -13.85 40.05 -10.10
C ASP B 228 -14.51 40.49 -8.79
N LEU B 229 -15.82 40.71 -8.82
CA LEU B 229 -16.50 41.03 -7.54
C LEU B 229 -16.28 39.87 -6.58
N PRO B 230 -15.99 40.13 -5.29
CA PRO B 230 -15.86 39.05 -4.31
C PRO B 230 -17.19 38.80 -3.58
N ILE B 231 -18.26 39.47 -3.98
CA ILE B 231 -19.58 39.29 -3.37
C ILE B 231 -20.07 37.86 -3.40
N GLY B 232 -20.56 37.38 -2.28
CA GLY B 232 -21.08 36.03 -2.25
C GLY B 232 -22.59 35.93 -2.22
N ILE B 233 -23.26 36.93 -2.79
CA ILE B 233 -24.71 36.95 -2.83
C ILE B 233 -25.22 35.82 -3.70
N ASN B 234 -26.32 35.21 -3.30
CA ASN B 234 -26.88 34.13 -4.13
C ASN B 234 -27.64 34.72 -5.31
N ILE B 235 -26.98 34.79 -6.48
CA ILE B 235 -27.58 35.32 -7.71
C ILE B 235 -28.33 34.21 -8.45
N THR B 236 -29.63 34.43 -8.73
CA THR B 236 -30.36 33.44 -9.50
C THR B 236 -31.13 34.01 -10.67
N ARG B 237 -31.49 35.28 -10.59
CA ARG B 237 -32.17 35.96 -11.67
C ARG B 237 -31.52 37.31 -11.96
N PHE B 238 -31.75 37.79 -13.16
CA PHE B 238 -31.10 39.01 -13.62
C PHE B 238 -32.02 39.72 -14.60
N GLN B 239 -31.87 41.03 -14.69
CA GLN B 239 -32.65 41.82 -15.62
C GLN B 239 -31.84 42.95 -16.18
N THR B 240 -32.44 43.64 -17.12
CA THR B 240 -31.79 44.74 -17.80
C THR B 240 -32.50 46.04 -17.49
N LEU B 241 -31.80 47.13 -17.77
CA LEU B 241 -32.29 48.48 -17.57
C LEU B 241 -32.20 49.23 -18.89
N LEU B 242 -33.27 49.91 -19.25
CA LEU B 242 -33.31 50.60 -20.52
C LEU B 242 -33.29 52.11 -20.27
N ALA B 243 -33.15 52.87 -21.36
CA ALA B 243 -33.07 54.33 -21.27
C ALA B 243 -33.68 54.95 -22.53
N LEU B 244 -33.87 56.27 -22.48
CA LEU B 244 -34.43 57.03 -23.60
C LEU B 244 -34.25 58.51 -23.34
N HIS B 245 -34.14 59.26 -24.42
CA HIS B 245 -33.93 60.70 -24.37
C HIS B 245 -35.24 61.44 -24.10
N ARG B 246 -35.23 62.32 -23.09
CA ARG B 246 -36.39 63.16 -22.77
C ARG B 246 -37.62 62.27 -22.60
N SER B 247 -37.47 61.23 -21.80
CA SER B 247 -38.52 60.28 -21.53
C SER B 247 -39.09 60.41 -20.12
N TYR B 248 -40.40 60.25 -20.02
CA TYR B 248 -41.08 60.29 -18.73
C TYR B 248 -40.80 58.98 -17.99
N LEU B 249 -40.98 59.02 -16.66
CA LEU B 249 -40.70 57.87 -15.81
C LEU B 249 -41.84 57.77 -14.81
N THR B 250 -42.43 56.58 -14.69
CA THR B 250 -43.52 56.37 -13.75
C THR B 250 -43.42 54.98 -13.11
N PRO B 251 -43.96 54.82 -11.89
CA PRO B 251 -43.93 53.48 -11.27
C PRO B 251 -44.59 52.40 -12.09
N GLY B 252 -45.66 52.70 -12.83
CA GLY B 252 -46.26 51.68 -13.66
C GLY B 252 -46.61 52.18 -15.05
N ASP B 253 -46.30 51.41 -16.08
CA ASP B 253 -46.62 51.85 -17.42
C ASP B 253 -46.95 50.64 -18.30
N SER B 254 -47.64 50.91 -19.40
CA SER B 254 -48.01 49.89 -20.36
C SER B 254 -46.84 49.63 -21.30
N SER B 255 -47.11 48.89 -22.37
CA SER B 255 -46.11 48.54 -23.38
C SER B 255 -45.90 49.64 -24.41
N SER B 256 -46.49 50.82 -24.18
CA SER B 256 -46.33 51.94 -25.12
C SER B 256 -44.91 52.47 -25.10
N GLY B 257 -44.33 52.65 -23.92
CA GLY B 257 -42.96 53.14 -23.81
C GLY B 257 -42.75 54.56 -24.31
N TRP B 258 -41.48 54.86 -24.57
CA TRP B 258 -41.07 56.18 -25.04
C TRP B 258 -40.06 55.97 -26.16
N THR B 259 -39.92 56.97 -27.02
CA THR B 259 -39.01 56.78 -28.14
C THR B 259 -37.58 56.61 -27.65
N ALA B 260 -36.81 55.86 -28.45
CA ALA B 260 -35.41 55.60 -28.19
C ALA B 260 -34.77 55.20 -29.51
N GLY B 261 -33.46 55.18 -29.53
CA GLY B 261 -32.77 54.81 -30.74
C GLY B 261 -32.94 53.34 -31.11
N ALA B 262 -32.72 53.05 -32.38
CA ALA B 262 -32.80 51.70 -32.89
C ALA B 262 -31.65 50.89 -32.29
N ALA B 263 -31.96 49.79 -31.63
CA ALA B 263 -30.90 49.02 -30.99
C ALA B 263 -31.42 47.62 -30.70
N ALA B 264 -30.48 46.74 -30.36
CA ALA B 264 -30.83 45.35 -30.11
C ALA B 264 -29.81 44.71 -29.22
N TYR B 265 -30.22 43.65 -28.54
CA TYR B 265 -29.29 42.97 -27.68
C TYR B 265 -29.62 41.50 -27.77
N TYR B 266 -28.60 40.65 -27.84
CA TYR B 266 -28.79 39.23 -27.95
C TYR B 266 -28.43 38.59 -26.64
N VAL B 267 -29.02 37.47 -26.33
CA VAL B 267 -28.71 36.77 -25.10
C VAL B 267 -28.50 35.32 -25.42
N GLY B 268 -27.46 34.71 -24.88
CA GLY B 268 -27.24 33.30 -25.12
C GLY B 268 -26.89 32.61 -23.82
N TYR B 269 -27.15 31.33 -23.77
CA TYR B 269 -26.94 30.54 -22.56
C TYR B 269 -25.77 29.59 -22.63
N LEU B 270 -24.93 29.64 -21.61
CA LEU B 270 -23.75 28.81 -21.49
C LEU B 270 -24.12 27.40 -21.07
N GLN B 271 -23.27 26.44 -21.43
CA GLN B 271 -23.41 25.03 -21.14
C GLN B 271 -22.05 24.45 -20.81
N PRO B 272 -21.99 23.39 -20.02
CA PRO B 272 -20.71 22.74 -19.71
C PRO B 272 -20.13 22.03 -20.93
N ARG B 273 -18.98 22.48 -21.41
CA ARG B 273 -18.35 21.90 -22.60
C ARG B 273 -16.86 21.79 -22.37
N THR B 274 -16.21 20.99 -23.20
CA THR B 274 -14.77 20.86 -23.17
C THR B 274 -14.23 21.57 -24.38
N PHE B 275 -13.42 22.56 -24.17
CA PHE B 275 -12.92 23.38 -25.25
C PHE B 275 -11.44 23.23 -25.41
N LEU B 276 -11.00 23.14 -26.62
CA LEU B 276 -9.57 23.11 -26.92
C LEU B 276 -9.17 24.50 -27.37
N LEU B 277 -8.44 25.22 -26.52
CA LEU B 277 -8.10 26.60 -26.81
C LEU B 277 -6.71 26.66 -27.37
N LYS B 278 -6.52 27.50 -28.37
CA LYS B 278 -5.22 27.67 -29.00
C LYS B 278 -4.65 29.03 -28.65
N TYR B 279 -3.51 29.06 -27.99
CA TYR B 279 -2.87 30.31 -27.66
C TYR B 279 -1.82 30.58 -28.71
N ASN B 280 -1.70 31.81 -29.15
CA ASN B 280 -0.68 32.14 -30.13
C ASN B 280 0.62 32.54 -29.43
N GLU B 281 1.61 32.92 -30.21
CA GLU B 281 2.91 33.26 -29.63
C GLU B 281 2.87 34.48 -28.73
N ASN B 282 1.83 35.29 -28.81
CA ASN B 282 1.73 36.48 -28.02
C ASN B 282 0.81 36.30 -26.84
N GLY B 283 0.35 35.09 -26.61
CA GLY B 283 -0.44 34.85 -25.44
C GLY B 283 -1.90 35.17 -25.60
N THR B 284 -2.40 35.25 -26.83
CA THR B 284 -3.79 35.54 -27.10
C THR B 284 -4.45 34.34 -27.74
N ILE B 285 -5.70 34.09 -27.39
CA ILE B 285 -6.43 32.96 -27.96
C ILE B 285 -6.86 33.27 -29.37
N THR B 286 -6.51 32.39 -30.30
CA THR B 286 -6.92 32.67 -31.67
C THR B 286 -7.96 31.71 -32.22
N ASP B 287 -8.02 30.46 -31.75
CA ASP B 287 -9.02 29.53 -32.24
C ASP B 287 -9.43 28.60 -31.12
N ALA B 288 -10.55 27.94 -31.33
CA ALA B 288 -11.03 27.02 -30.34
C ALA B 288 -11.84 25.99 -31.08
N VAL B 289 -11.91 24.81 -30.51
CA VAL B 289 -12.64 23.74 -31.14
C VAL B 289 -13.58 23.17 -30.10
N ASP B 290 -14.84 23.10 -30.42
CA ASP B 290 -15.75 22.49 -29.49
C ASP B 290 -15.62 21.01 -29.53
N CYS B 291 -15.16 20.45 -28.43
CA CYS B 291 -14.81 19.05 -28.44
C CYS B 291 -16.01 18.15 -28.68
N ALA B 292 -17.23 18.62 -28.54
CA ALA B 292 -18.34 17.68 -28.69
C ALA B 292 -19.35 18.09 -29.75
N LEU B 293 -18.94 18.83 -30.76
CA LEU B 293 -19.91 19.25 -31.77
C LEU B 293 -20.20 18.19 -32.80
N ASP B 294 -19.19 17.78 -33.57
CA ASP B 294 -19.39 16.79 -34.63
C ASP B 294 -18.17 15.90 -34.69
N PRO B 295 -18.20 14.81 -35.43
CA PRO B 295 -17.05 13.92 -35.42
C PRO B 295 -15.76 14.54 -35.85
N LEU B 296 -15.76 15.43 -36.82
CA LEU B 296 -14.45 15.97 -37.14
C LEU B 296 -13.89 16.77 -36.00
N SER B 297 -14.71 17.55 -35.32
CA SER B 297 -14.22 18.29 -34.18
C SER B 297 -13.79 17.38 -33.06
N GLU B 298 -14.51 16.31 -32.85
CA GLU B 298 -14.07 15.42 -31.79
C GLU B 298 -12.76 14.75 -32.12
N THR B 299 -12.52 14.43 -33.37
CA THR B 299 -11.24 13.85 -33.72
C THR B 299 -10.11 14.85 -33.51
N LYS B 300 -10.31 16.09 -33.92
CA LYS B 300 -9.29 17.11 -33.65
C LYS B 300 -9.02 17.22 -32.17
N CYS B 301 -10.08 17.25 -31.37
CA CYS B 301 -9.87 17.42 -29.95
C CYS B 301 -9.15 16.23 -29.35
N THR B 302 -9.33 15.03 -29.90
CA THR B 302 -8.59 13.91 -29.31
C THR B 302 -7.11 13.91 -29.71
N LEU B 303 -6.81 13.92 -31.00
CA LEU B 303 -5.41 14.06 -31.38
C LEU B 303 -4.73 15.34 -30.88
N LYS B 304 -5.44 16.28 -30.29
CA LYS B 304 -4.82 17.52 -29.86
C LYS B 304 -4.07 18.19 -31.00
N SER B 305 -4.74 18.32 -32.13
CA SER B 305 -4.09 18.92 -33.28
C SER B 305 -5.11 19.49 -34.22
N PHE B 306 -4.90 20.71 -34.67
CA PHE B 306 -5.90 21.28 -35.56
C PHE B 306 -5.94 20.65 -36.94
N THR B 307 -4.88 20.01 -37.40
CA THR B 307 -4.86 19.35 -38.70
C THR B 307 -4.75 17.83 -38.57
N VAL B 308 -5.76 17.10 -39.01
CA VAL B 308 -5.72 15.65 -38.96
C VAL B 308 -5.46 15.06 -40.34
N GLU B 309 -4.54 14.10 -40.42
CA GLU B 309 -4.15 13.47 -41.68
C GLU B 309 -5.12 12.36 -42.04
N LYS B 310 -5.01 11.88 -43.26
CA LYS B 310 -5.86 10.81 -43.73
C LYS B 310 -5.71 9.55 -42.92
N GLY B 311 -6.82 8.96 -42.51
CA GLY B 311 -6.77 7.72 -41.77
C GLY B 311 -8.06 7.48 -41.03
N ILE B 312 -8.04 6.46 -40.19
CA ILE B 312 -9.17 6.06 -39.37
C ILE B 312 -8.78 6.22 -37.90
N TYR B 313 -9.63 6.84 -37.10
CA TYR B 313 -9.33 7.12 -35.72
C TYR B 313 -10.46 6.66 -34.81
N GLN B 314 -10.10 6.01 -33.72
CA GLN B 314 -11.06 5.60 -32.69
C GLN B 314 -11.28 6.69 -31.67
N THR B 315 -12.35 7.47 -31.81
CA THR B 315 -12.48 8.64 -30.96
C THR B 315 -13.08 8.35 -29.59
N SER B 316 -14.20 7.65 -29.54
CA SER B 316 -14.91 7.52 -28.27
C SER B 316 -15.80 6.30 -28.28
N ASN B 317 -16.69 6.23 -27.29
CA ASN B 317 -17.65 5.16 -27.20
C ASN B 317 -19.04 5.72 -27.01
N PHE B 318 -20.07 4.97 -27.40
CA PHE B 318 -21.43 5.47 -27.25
C PHE B 318 -22.21 4.50 -26.39
N ARG B 319 -23.24 4.98 -25.69
CA ARG B 319 -24.04 4.10 -24.84
C ARG B 319 -25.41 4.69 -24.60
N VAL B 320 -26.46 3.99 -24.99
CA VAL B 320 -27.82 4.49 -24.83
C VAL B 320 -28.13 4.72 -23.36
N GLN B 321 -28.71 5.87 -23.06
CA GLN B 321 -28.98 6.24 -21.68
C GLN B 321 -30.27 5.62 -21.16
N PRO B 322 -30.38 5.46 -19.85
CA PRO B 322 -31.59 4.89 -19.26
C PRO B 322 -32.78 5.82 -19.39
N THR B 323 -33.91 5.24 -19.74
CA THR B 323 -35.15 5.99 -19.94
C THR B 323 -36.08 6.07 -18.73
N GLU B 324 -35.88 5.30 -17.65
CA GLU B 324 -36.80 5.30 -16.53
C GLU B 324 -36.13 4.82 -15.24
N SER B 325 -36.74 5.11 -14.09
CA SER B 325 -36.23 4.64 -12.81
C SER B 325 -37.32 3.95 -12.01
N ILE B 326 -37.04 2.78 -11.45
CA ILE B 326 -38.03 2.01 -10.71
C ILE B 326 -37.44 1.57 -9.39
N VAL B 327 -38.29 1.50 -8.37
CA VAL B 327 -37.93 1.00 -7.05
C VAL B 327 -38.90 -0.11 -6.68
N ARG B 328 -38.39 -1.18 -6.10
CA ARG B 328 -39.25 -2.32 -5.80
C ARG B 328 -38.96 -2.89 -4.40
N PHE B 329 -39.87 -2.73 -3.44
CA PHE B 329 -39.73 -3.22 -2.07
C PHE B 329 -40.97 -3.99 -1.63
N PRO B 330 -40.85 -4.89 -0.60
CA PRO B 330 -42.00 -5.73 -0.20
C PRO B 330 -43.23 -5.05 0.38
N ASN B 331 -44.24 -5.84 0.73
CA ASN B 331 -45.42 -5.25 1.41
C ASN B 331 -45.13 -5.12 2.92
N ILE B 332 -46.03 -5.60 3.78
CA ILE B 332 -45.80 -5.59 5.26
C ILE B 332 -45.17 -4.25 5.66
N THR B 333 -45.95 -3.17 5.63
CA THR B 333 -45.43 -1.82 5.98
C THR B 333 -45.44 -1.64 7.51
N ASN B 334 -45.85 -2.67 8.25
CA ASN B 334 -45.88 -2.59 9.74
C ASN B 334 -44.59 -1.96 10.26
N LEU B 335 -44.68 -1.12 11.29
CA LEU B 335 -43.48 -0.42 11.83
C LEU B 335 -42.68 -1.39 12.71
N CYS B 336 -41.67 -0.88 13.43
CA CYS B 336 -40.81 -1.75 14.21
C CYS B 336 -40.70 -1.22 15.64
N PRO B 337 -40.49 -2.07 16.62
CA PRO B 337 -40.34 -1.55 17.99
C PRO B 337 -38.98 -0.99 18.34
N PHE B 338 -38.73 0.25 17.93
CA PHE B 338 -37.48 0.88 18.33
C PHE B 338 -37.64 1.71 19.59
N ASP B 339 -38.65 2.54 19.63
CA ASP B 339 -38.79 3.35 20.81
C ASP B 339 -39.32 2.55 21.96
N GLU B 340 -39.35 1.24 21.76
CA GLU B 340 -39.74 0.29 22.77
C GLU B 340 -38.53 -0.40 23.37
N VAL B 341 -37.38 -0.30 22.72
CA VAL B 341 -36.12 -0.79 23.26
C VAL B 341 -35.31 0.35 23.85
N PHE B 342 -35.34 1.51 23.22
CA PHE B 342 -34.71 2.68 23.80
C PHE B 342 -35.46 3.21 25.00
N ASN B 343 -36.78 3.08 25.02
CA ASN B 343 -37.54 3.57 26.16
C ASN B 343 -37.60 2.59 27.31
N ALA B 344 -36.74 1.59 27.31
CA ALA B 344 -36.78 0.61 28.37
C ALA B 344 -36.61 1.32 29.70
N THR B 345 -37.32 0.83 30.70
CA THR B 345 -37.25 1.43 32.03
C THR B 345 -36.05 0.95 32.80
N ARG B 346 -35.64 -0.29 32.58
CA ARG B 346 -34.52 -0.83 33.33
C ARG B 346 -33.64 -1.61 32.39
N PHE B 347 -32.38 -1.23 32.33
CA PHE B 347 -31.50 -1.93 31.42
C PHE B 347 -30.82 -3.07 32.15
N ALA B 348 -30.17 -3.93 31.40
CA ALA B 348 -29.43 -5.00 32.02
C ALA B 348 -28.00 -4.60 32.25
N SER B 349 -27.31 -5.37 33.08
CA SER B 349 -25.92 -5.12 33.32
C SER B 349 -25.04 -5.72 32.25
N VAL B 350 -23.82 -5.20 32.17
CA VAL B 350 -22.89 -5.59 31.11
C VAL B 350 -22.66 -7.09 31.11
N TYR B 351 -22.42 -7.67 32.26
CA TYR B 351 -22.08 -9.08 32.30
C TYR B 351 -23.24 -9.98 31.97
N ALA B 352 -24.43 -9.46 31.75
CA ALA B 352 -25.57 -10.27 31.32
C ALA B 352 -26.34 -9.50 30.27
N TRP B 353 -25.65 -8.90 29.30
CA TRP B 353 -26.35 -8.09 28.30
C TRP B 353 -27.51 -8.84 27.71
N ASN B 354 -28.50 -8.10 27.29
CA ASN B 354 -29.73 -8.66 26.78
C ASN B 354 -29.84 -8.48 25.27
N ARG B 355 -30.25 -9.51 24.56
CA ARG B 355 -30.39 -9.42 23.12
C ARG B 355 -31.83 -9.64 22.66
N LYS B 356 -32.26 -8.84 21.69
CA LYS B 356 -33.62 -8.96 21.16
C LYS B 356 -33.60 -8.83 19.66
N ARG B 357 -34.20 -9.80 19.00
CA ARG B 357 -34.28 -9.84 17.56
C ARG B 357 -35.47 -9.06 17.06
N ILE B 358 -35.23 -8.20 16.08
CA ILE B 358 -36.27 -7.37 15.49
C ILE B 358 -36.24 -7.61 14.01
N SER B 359 -37.36 -8.07 13.47
CA SER B 359 -37.41 -8.46 12.08
C SER B 359 -38.86 -8.41 11.64
N ASN B 360 -39.05 -8.59 10.35
CA ASN B 360 -40.39 -8.66 9.79
C ASN B 360 -41.19 -7.41 10.14
N CYS B 361 -40.69 -6.26 9.71
CA CYS B 361 -41.33 -4.99 9.99
C CYS B 361 -40.62 -3.94 9.17
N VAL B 362 -41.21 -2.76 9.08
CA VAL B 362 -40.62 -1.66 8.32
C VAL B 362 -39.88 -0.80 9.32
N ALA B 363 -38.58 -0.75 9.17
CA ALA B 363 -37.73 -0.03 10.09
C ALA B 363 -37.36 1.31 9.52
N ASP B 364 -37.44 2.32 10.35
CA ASP B 364 -37.03 3.62 9.92
C ASP B 364 -36.05 4.14 10.94
N TYR B 365 -34.87 4.52 10.50
CA TYR B 365 -33.86 4.99 11.42
C TYR B 365 -33.79 6.49 11.41
N SER B 366 -34.93 7.12 11.21
CA SER B 366 -35.01 8.55 11.35
C SER B 366 -35.62 8.97 12.66
N VAL B 367 -36.28 8.06 13.36
CA VAL B 367 -36.89 8.43 14.63
C VAL B 367 -35.91 8.34 15.78
N LEU B 368 -34.76 7.73 15.58
CA LEU B 368 -33.87 7.54 16.70
C LEU B 368 -33.26 8.84 17.15
N TYR B 369 -33.18 9.82 16.28
CA TYR B 369 -32.55 11.03 16.72
C TYR B 369 -33.27 11.63 17.92
N ASN B 370 -34.56 11.32 18.11
CA ASN B 370 -35.34 11.84 19.23
C ASN B 370 -34.80 11.54 20.62
N PHE B 371 -34.95 10.28 21.00
CA PHE B 371 -34.55 9.79 22.32
C PHE B 371 -33.07 9.94 22.59
N ALA B 372 -32.73 10.32 23.81
CA ALA B 372 -31.32 10.39 24.18
C ALA B 372 -30.37 11.35 23.46
N PRO B 373 -29.93 12.42 24.13
CA PRO B 373 -28.98 13.36 23.49
C PRO B 373 -27.90 12.74 22.59
N PHE B 374 -27.67 11.43 22.69
CA PHE B 374 -26.77 10.71 21.80
C PHE B 374 -25.36 11.24 21.65
N PHE B 375 -24.61 11.19 22.76
CA PHE B 375 -23.21 11.62 22.79
C PHE B 375 -22.39 11.04 21.67
N ALA B 376 -22.72 9.83 21.22
CA ALA B 376 -21.98 9.15 20.16
C ALA B 376 -22.96 8.30 19.38
N PHE B 377 -23.00 8.48 18.08
CA PHE B 377 -23.83 7.62 17.26
C PHE B 377 -23.08 7.44 15.96
N LYS B 378 -22.44 6.30 15.84
CA LYS B 378 -21.54 6.09 14.73
C LYS B 378 -21.69 4.67 14.26
N CYS B 379 -21.37 4.49 13.01
CA CYS B 379 -21.55 3.23 12.35
C CYS B 379 -20.29 2.81 11.65
N TYR B 380 -20.09 1.52 11.58
CA TYR B 380 -18.98 0.95 10.85
C TYR B 380 -19.56 0.12 9.73
N GLY B 381 -19.19 0.44 8.50
CA GLY B 381 -19.68 -0.26 7.36
C GLY B 381 -20.87 0.38 6.67
N VAL B 382 -21.60 1.27 7.30
CA VAL B 382 -22.67 1.98 6.61
C VAL B 382 -22.59 3.42 7.05
N SER B 383 -23.27 4.28 6.32
CA SER B 383 -23.31 5.62 6.84
C SER B 383 -24.76 5.98 7.16
N PRO B 384 -25.01 6.58 8.31
CA PRO B 384 -26.39 6.71 8.78
C PRO B 384 -27.29 7.50 7.89
N THR B 385 -26.82 8.51 7.19
CA THR B 385 -27.77 9.24 6.38
C THR B 385 -28.35 8.35 5.29
N LYS B 386 -27.60 7.35 4.85
CA LYS B 386 -28.04 6.41 3.84
C LYS B 386 -28.66 5.17 4.41
N LEU B 387 -28.84 5.12 5.70
CA LEU B 387 -29.17 3.89 6.38
C LEU B 387 -30.63 3.61 6.20
N ASN B 388 -31.38 4.62 5.85
CA ASN B 388 -32.79 4.59 5.67
C ASN B 388 -33.24 3.85 4.41
N ASP B 389 -32.31 3.31 3.60
CA ASP B 389 -32.61 2.81 2.26
C ASP B 389 -32.50 1.31 2.10
N LEU B 390 -31.49 0.71 2.70
CA LEU B 390 -31.14 -0.66 2.41
C LEU B 390 -32.09 -1.62 3.11
N CYS B 391 -32.11 -2.86 2.66
CA CYS B 391 -32.83 -3.93 3.33
C CYS B 391 -31.85 -4.92 3.94
N PHE B 392 -32.19 -5.44 5.10
CA PHE B 392 -31.24 -6.23 5.86
C PHE B 392 -31.74 -7.64 6.09
N THR B 393 -30.80 -8.44 6.57
CA THR B 393 -31.05 -9.84 6.82
C THR B 393 -31.72 -10.03 8.17
N ASN B 394 -31.03 -9.66 9.24
CA ASN B 394 -31.57 -9.82 10.58
C ASN B 394 -30.86 -8.85 11.51
N VAL B 395 -31.60 -7.91 12.06
CA VAL B 395 -31.01 -6.86 12.86
C VAL B 395 -31.24 -7.18 14.31
N TYR B 396 -30.20 -7.06 15.12
CA TYR B 396 -30.24 -7.35 16.53
C TYR B 396 -30.06 -6.09 17.35
N ALA B 397 -30.50 -6.14 18.59
CA ALA B 397 -30.37 -4.98 19.46
C ALA B 397 -29.92 -5.48 20.81
N ASP B 398 -28.78 -4.99 21.26
CA ASP B 398 -28.25 -5.37 22.56
C ASP B 398 -28.22 -4.14 23.44
N SER B 399 -28.63 -4.26 24.69
CA SER B 399 -28.66 -3.11 25.56
C SER B 399 -28.03 -3.43 26.90
N PHE B 400 -27.31 -2.48 27.46
CA PHE B 400 -26.66 -2.69 28.74
C PHE B 400 -26.10 -1.37 29.22
N VAL B 401 -25.48 -1.39 30.42
CA VAL B 401 -24.93 -0.18 31.03
C VAL B 401 -23.49 -0.44 31.37
N ILE B 402 -22.62 0.50 31.01
CA ILE B 402 -21.20 0.38 31.21
C ILE B 402 -20.67 1.69 31.76
N ARG B 403 -19.41 1.68 32.20
CA ARG B 403 -18.80 2.88 32.73
C ARG B 403 -18.55 3.88 31.62
N GLY B 404 -18.12 5.07 31.99
CA GLY B 404 -17.94 6.13 31.03
C GLY B 404 -16.57 6.36 30.47
N ASN B 405 -15.63 5.49 30.74
CA ASN B 405 -14.30 5.57 30.16
C ASN B 405 -14.09 4.35 29.30
N GLU B 406 -15.11 3.51 29.19
CA GLU B 406 -15.01 2.26 28.50
C GLU B 406 -15.85 2.23 27.25
N VAL B 407 -16.66 3.26 26.99
CA VAL B 407 -17.46 3.28 25.76
C VAL B 407 -16.58 2.94 24.56
N SER B 408 -15.35 3.41 24.58
CA SER B 408 -14.45 3.17 23.48
C SER B 408 -14.19 1.70 23.31
N GLN B 409 -14.21 0.95 24.41
CA GLN B 409 -13.95 -0.47 24.32
C GLN B 409 -14.92 -1.17 23.39
N ILE B 410 -16.10 -0.60 23.14
CA ILE B 410 -17.09 -1.22 22.27
C ILE B 410 -16.78 -0.73 20.86
N ALA B 411 -15.91 -1.45 20.18
CA ALA B 411 -15.40 -1.08 18.88
C ALA B 411 -14.84 -2.34 18.24
N PRO B 412 -14.62 -2.33 16.96
CA PRO B 412 -14.07 -3.53 16.32
C PRO B 412 -12.68 -3.84 16.83
N GLY B 413 -12.53 -4.95 17.55
CA GLY B 413 -11.19 -5.39 17.89
C GLY B 413 -10.38 -4.47 18.76
N GLN B 414 -10.99 -3.82 19.74
CA GLN B 414 -10.25 -3.01 20.68
C GLN B 414 -10.10 -3.70 22.03
N THR B 415 -8.90 -3.63 22.59
CA THR B 415 -8.57 -4.32 23.83
C THR B 415 -8.70 -3.37 25.01
N GLY B 416 -8.99 -3.94 26.17
CA GLY B 416 -9.23 -3.20 27.40
C GLY B 416 -9.68 -4.21 28.42
N ASN B 417 -10.71 -3.91 29.21
CA ASN B 417 -11.18 -4.88 30.17
C ASN B 417 -12.70 -5.00 30.09
N ILE B 418 -13.32 -4.27 29.16
CA ILE B 418 -14.75 -4.30 28.94
C ILE B 418 -15.04 -5.10 27.71
N ALA B 419 -14.02 -5.47 26.97
CA ALA B 419 -14.18 -6.24 25.76
C ALA B 419 -13.25 -7.42 25.74
N ASP B 420 -12.83 -7.88 26.91
CA ASP B 420 -11.97 -9.04 26.98
C ASP B 420 -12.77 -10.21 27.50
N TYR B 421 -13.50 -10.00 28.59
CA TYR B 421 -14.33 -11.02 29.21
C TYR B 421 -15.77 -10.60 29.45
N ASN B 422 -16.08 -9.32 29.40
CA ASN B 422 -17.41 -8.75 29.57
C ASN B 422 -18.34 -8.97 28.39
N TYR B 423 -18.02 -8.33 27.27
CA TYR B 423 -18.79 -8.42 26.03
C TYR B 423 -17.85 -7.97 24.93
N LYS B 424 -17.82 -8.74 23.85
CA LYS B 424 -16.92 -8.42 22.77
C LYS B 424 -17.59 -8.57 21.43
N LEU B 425 -17.33 -7.64 20.58
CA LEU B 425 -17.86 -7.69 19.24
C LEU B 425 -16.79 -8.17 18.28
N PRO B 426 -17.17 -8.68 17.12
CA PRO B 426 -16.19 -9.26 16.21
C PRO B 426 -15.33 -8.22 15.55
N ASP B 427 -14.30 -8.70 14.86
CA ASP B 427 -13.43 -7.81 14.10
C ASP B 427 -13.99 -7.42 12.74
N ASP B 428 -14.93 -8.18 12.20
CA ASP B 428 -15.60 -7.79 10.96
C ASP B 428 -16.97 -7.19 11.21
N PHE B 429 -17.12 -6.45 12.31
CA PHE B 429 -18.42 -5.95 12.69
C PHE B 429 -18.94 -4.98 11.64
N THR B 430 -20.25 -4.92 11.50
CA THR B 430 -20.92 -3.95 10.66
C THR B 430 -22.17 -3.50 11.37
N GLY B 431 -22.44 -2.22 11.38
CA GLY B 431 -23.61 -1.84 12.10
C GLY B 431 -23.36 -0.49 12.75
N CYS B 432 -23.96 -0.28 13.92
CA CYS B 432 -23.85 0.99 14.60
C CYS B 432 -23.79 0.76 16.10
N VAL B 433 -23.25 1.73 16.80
CA VAL B 433 -23.17 1.71 18.25
C VAL B 433 -23.73 3.04 18.70
N ILE B 434 -24.38 3.06 19.84
CA ILE B 434 -25.07 4.24 20.31
C ILE B 434 -24.87 4.41 21.80
N ALA B 435 -24.58 5.62 22.25
CA ALA B 435 -24.40 5.82 23.67
C ALA B 435 -24.94 7.20 24.03
N TRP B 436 -25.48 7.32 25.24
CA TRP B 436 -26.01 8.60 25.66
C TRP B 436 -25.82 8.61 27.15
N ASN B 437 -25.17 9.62 27.68
CA ASN B 437 -24.89 9.60 29.09
C ASN B 437 -26.16 9.63 29.90
N SER B 438 -26.35 8.60 30.72
CA SER B 438 -27.52 8.56 31.57
C SER B 438 -26.99 8.42 32.99
N ASN B 439 -26.91 9.55 33.66
CA ASN B 439 -26.42 9.69 35.02
C ASN B 439 -27.52 10.19 35.92
N LYS B 440 -28.72 10.35 35.36
CA LYS B 440 -29.87 10.87 36.05
C LYS B 440 -30.87 9.82 36.46
N LEU B 441 -30.68 8.57 36.10
CA LEU B 441 -31.64 7.54 36.47
C LEU B 441 -31.03 6.27 36.99
N ASP B 442 -29.71 6.13 36.96
CA ASP B 442 -29.04 4.91 37.34
C ASP B 442 -28.00 5.11 38.43
N SER B 443 -27.81 6.33 38.90
CA SER B 443 -26.80 6.60 39.91
C SER B 443 -27.45 7.18 41.15
N LYS B 444 -27.34 6.46 42.25
CA LYS B 444 -27.86 6.92 43.53
C LYS B 444 -26.71 7.43 44.40
N VAL B 445 -27.10 8.01 45.54
CA VAL B 445 -26.14 8.54 46.51
C VAL B 445 -25.73 7.39 47.42
N GLY B 446 -24.46 7.04 47.39
CA GLY B 446 -23.93 5.97 48.20
C GLY B 446 -23.43 4.83 47.36
N GLY B 447 -23.62 4.90 46.06
CA GLY B 447 -23.20 3.86 45.14
C GLY B 447 -24.33 3.01 44.64
N ASN B 448 -24.58 2.97 43.33
CA ASN B 448 -25.67 2.13 42.90
C ASN B 448 -25.07 0.76 42.73
N TYR B 449 -25.25 -0.10 43.72
CA TYR B 449 -24.63 -1.41 43.62
C TYR B 449 -25.67 -2.30 42.95
N ASN B 450 -25.85 -2.08 41.66
CA ASN B 450 -26.82 -2.83 40.93
C ASN B 450 -26.28 -3.37 39.61
N TYR B 451 -25.13 -2.89 39.15
CA TYR B 451 -24.55 -3.34 37.89
C TYR B 451 -23.12 -3.77 38.12
N ARG B 452 -22.78 -4.98 37.74
CA ARG B 452 -21.44 -5.49 37.98
C ARG B 452 -20.81 -6.06 36.73
N TYR B 453 -19.51 -6.39 36.81
CA TYR B 453 -18.81 -6.88 35.64
C TYR B 453 -17.69 -7.82 36.07
N ARG B 454 -17.42 -8.83 35.24
CA ARG B 454 -16.39 -9.83 35.53
C ARG B 454 -15.01 -9.24 35.44
N LEU B 455 -14.31 -9.20 36.55
CA LEU B 455 -12.96 -8.69 36.57
C LEU B 455 -11.92 -9.78 36.30
N PHE B 456 -12.16 -11.00 36.78
CA PHE B 456 -11.24 -12.12 36.61
C PHE B 456 -11.81 -13.16 35.66
N ARG B 457 -11.08 -13.48 34.61
CA ARG B 457 -11.51 -14.57 33.74
C ARG B 457 -10.31 -15.42 33.35
N LYS B 458 -10.57 -16.72 33.22
CA LYS B 458 -9.50 -17.65 32.85
C LYS B 458 -9.02 -17.39 31.43
N SER B 459 -9.93 -17.39 30.47
CA SER B 459 -9.56 -17.21 29.07
C SER B 459 -10.57 -16.26 28.44
N ASN B 460 -10.10 -15.46 27.49
CA ASN B 460 -11.02 -14.52 26.86
C ASN B 460 -12.10 -15.28 26.10
N LEU B 461 -13.06 -14.53 25.58
CA LEU B 461 -14.28 -15.10 25.03
C LEU B 461 -14.41 -14.73 23.57
N LYS B 462 -15.00 -15.63 22.80
CA LYS B 462 -15.25 -15.42 21.39
C LYS B 462 -16.30 -14.32 21.22
N PRO B 463 -16.42 -13.73 20.04
CA PRO B 463 -17.36 -12.63 19.87
C PRO B 463 -18.79 -13.03 20.16
N PHE B 464 -19.50 -12.14 20.84
CA PHE B 464 -20.95 -12.28 21.01
C PHE B 464 -21.34 -13.49 21.83
N GLU B 465 -20.61 -13.80 22.86
CA GLU B 465 -21.05 -14.81 23.82
C GLU B 465 -21.08 -14.17 25.19
N ARG B 466 -22.04 -14.52 26.01
CA ARG B 466 -22.05 -13.99 27.36
C ARG B 466 -22.05 -15.13 28.35
N ASP B 467 -21.30 -14.97 29.42
CA ASP B 467 -21.10 -15.95 30.48
C ASP B 467 -21.65 -15.36 31.77
N ILE B 468 -22.51 -16.08 32.48
CA ILE B 468 -23.07 -15.54 33.71
C ILE B 468 -22.77 -16.41 34.94
N SER B 469 -21.93 -17.41 34.80
CA SER B 469 -21.63 -18.26 35.95
C SER B 469 -20.78 -17.54 37.00
N THR B 470 -21.26 -17.57 38.25
CA THR B 470 -20.58 -16.97 39.40
C THR B 470 -19.63 -18.00 39.99
N GLU B 471 -18.34 -17.69 40.03
CA GLU B 471 -17.34 -18.62 40.54
C GLU B 471 -16.20 -17.81 41.12
N ILE B 472 -15.61 -18.30 42.20
CA ILE B 472 -14.54 -17.57 42.86
C ILE B 472 -13.21 -17.91 42.21
N TYR B 473 -12.48 -16.86 41.83
CA TYR B 473 -11.17 -16.94 41.21
C TYR B 473 -10.20 -17.79 42.05
N GLN B 474 -9.22 -18.41 41.38
CA GLN B 474 -8.24 -19.28 42.02
C GLN B 474 -7.03 -18.52 42.55
N ALA B 475 -6.19 -19.21 43.30
CA ALA B 475 -4.98 -18.61 43.87
C ALA B 475 -3.78 -19.57 43.97
N GLY B 476 -3.34 -20.16 42.86
CA GLY B 476 -2.20 -21.07 42.91
C GLY B 476 -2.37 -22.32 43.75
N ASN B 477 -3.59 -22.71 44.07
CA ASN B 477 -3.90 -23.88 44.89
C ASN B 477 -5.38 -24.15 44.67
N LYS B 478 -5.82 -25.39 45.00
CA LYS B 478 -7.24 -25.72 44.89
C LYS B 478 -8.04 -24.50 45.34
N PRO B 479 -8.80 -23.90 44.42
CA PRO B 479 -9.50 -22.65 44.71
C PRO B 479 -10.33 -22.68 45.98
N CYS B 480 -10.21 -21.61 46.76
CA CYS B 480 -10.97 -21.42 47.98
C CYS B 480 -12.43 -21.78 47.74
N ASN B 481 -12.98 -22.65 48.58
CA ASN B 481 -14.34 -23.11 48.31
C ASN B 481 -15.35 -22.26 49.08
N GLY B 482 -15.50 -21.02 48.67
CA GLY B 482 -16.45 -20.14 49.32
C GLY B 482 -15.84 -18.94 49.99
N VAL B 483 -14.51 -18.82 50.01
CA VAL B 483 -13.86 -17.76 50.78
C VAL B 483 -12.96 -16.95 49.85
N ALA B 484 -12.16 -16.06 50.43
CA ALA B 484 -11.28 -15.18 49.66
C ALA B 484 -10.01 -14.94 50.43
N GLY B 485 -8.88 -15.31 49.82
CA GLY B 485 -7.57 -15.09 50.40
C GLY B 485 -6.85 -13.99 49.64
N VAL B 486 -5.52 -14.07 49.53
CA VAL B 486 -4.77 -13.12 48.72
C VAL B 486 -5.46 -12.91 47.39
N ASN B 487 -5.79 -14.01 46.73
CA ASN B 487 -6.54 -14.04 45.48
C ASN B 487 -7.95 -14.56 45.81
N CYS B 488 -8.50 -15.50 45.08
CA CYS B 488 -9.83 -16.03 45.35
C CYS B 488 -10.82 -14.91 45.62
N TYR B 489 -10.88 -13.98 44.67
CA TYR B 489 -11.74 -12.83 44.81
C TYR B 489 -13.12 -13.15 44.24
N PHE B 490 -14.08 -12.30 44.57
CA PHE B 490 -15.37 -12.59 44.00
C PHE B 490 -15.33 -12.20 42.53
N PRO B 491 -15.93 -12.97 41.64
CA PRO B 491 -15.74 -12.67 40.22
C PRO B 491 -16.31 -11.32 39.84
N LEU B 492 -17.41 -10.95 40.45
CA LEU B 492 -18.15 -9.77 40.07
C LEU B 492 -17.84 -8.67 41.06
N GLN B 493 -17.61 -7.47 40.57
CA GLN B 493 -17.37 -6.35 41.47
C GLN B 493 -18.38 -5.26 41.13
N SER B 494 -19.02 -4.72 42.15
CA SER B 494 -20.05 -3.74 41.89
C SER B 494 -19.45 -2.44 41.40
N TYR B 495 -20.23 -1.72 40.61
CA TYR B 495 -19.74 -0.44 40.13
C TYR B 495 -19.92 0.61 41.21
N GLY B 496 -21.09 0.64 41.84
CA GLY B 496 -21.32 1.64 42.85
C GLY B 496 -21.33 3.00 42.21
N PHE B 497 -22.29 3.25 41.36
CA PHE B 497 -22.37 4.54 40.70
C PHE B 497 -22.89 5.59 41.66
N ARG B 498 -22.24 6.75 41.68
CA ARG B 498 -22.62 7.86 42.54
C ARG B 498 -22.80 9.13 41.72
N PRO B 499 -23.65 10.05 42.18
CA PRO B 499 -23.98 11.23 41.38
C PRO B 499 -22.97 12.34 41.41
N THR B 500 -21.76 12.11 41.91
CA THR B 500 -20.79 13.17 41.94
C THR B 500 -19.52 12.84 41.18
N TYR B 501 -19.45 11.68 40.56
CA TYR B 501 -18.22 11.27 39.92
C TYR B 501 -17.91 12.16 38.73
N GLY B 502 -16.68 12.06 38.24
CA GLY B 502 -16.38 12.65 36.96
C GLY B 502 -17.10 11.91 35.84
N VAL B 503 -17.43 12.66 34.80
CA VAL B 503 -18.27 12.13 33.73
C VAL B 503 -17.75 10.80 33.23
N GLY B 504 -16.42 10.63 33.17
CA GLY B 504 -15.88 9.37 32.67
C GLY B 504 -16.10 8.18 33.54
N HIS B 505 -16.65 8.38 34.73
CA HIS B 505 -16.98 7.31 35.65
C HIS B 505 -18.47 7.24 35.89
N GLN B 506 -19.23 8.19 35.38
CA GLN B 506 -20.65 8.05 35.46
C GLN B 506 -21.06 6.95 34.50
N PRO B 507 -22.14 6.24 34.76
CA PRO B 507 -22.54 5.15 33.89
C PRO B 507 -23.01 5.67 32.54
N TYR B 508 -23.09 4.79 31.56
CA TYR B 508 -23.55 5.16 30.23
C TYR B 508 -24.37 4.04 29.64
N ARG B 509 -25.64 4.27 29.42
CA ARG B 509 -26.45 3.32 28.69
C ARG B 509 -26.00 3.27 27.24
N VAL B 510 -25.98 2.09 26.65
CA VAL B 510 -25.49 1.88 25.30
C VAL B 510 -26.35 0.83 24.64
N VAL B 511 -26.52 0.94 23.33
CA VAL B 511 -27.32 -0.04 22.60
C VAL B 511 -26.68 -0.24 21.25
N VAL B 512 -26.59 -1.48 20.81
CA VAL B 512 -25.85 -1.80 19.60
C VAL B 512 -26.75 -2.52 18.63
N LEU B 513 -26.70 -2.11 17.38
CA LEU B 513 -27.45 -2.71 16.29
C LEU B 513 -26.45 -3.45 15.43
N SER B 514 -26.75 -4.67 15.03
CA SER B 514 -25.78 -5.38 14.20
C SER B 514 -26.52 -6.20 13.16
N PHE B 515 -26.16 -6.07 11.90
CA PHE B 515 -26.89 -6.71 10.81
C PHE B 515 -26.04 -6.98 9.59
N GLU B 516 -26.33 -8.07 8.88
CA GLU B 516 -25.65 -8.43 7.65
C GLU B 516 -26.26 -7.77 6.42
N LEU B 517 -25.45 -7.61 5.37
CA LEU B 517 -25.92 -7.01 4.11
C LEU B 517 -25.61 -7.83 2.86
N LEU B 518 -25.38 -9.14 2.96
CA LEU B 518 -25.16 -10.02 1.80
C LEU B 518 -26.38 -10.15 0.90
N HIS B 519 -27.39 -9.31 1.13
CA HIS B 519 -28.67 -9.30 0.39
C HIS B 519 -29.43 -10.60 0.55
N ALA B 520 -29.30 -11.28 1.68
CA ALA B 520 -30.10 -12.47 1.92
C ALA B 520 -31.57 -12.05 1.91
N PRO B 521 -32.48 -13.00 1.74
CA PRO B 521 -33.90 -12.65 1.79
C PRO B 521 -34.25 -11.51 2.73
N ALA B 522 -34.60 -10.36 2.19
CA ALA B 522 -34.88 -9.16 2.96
C ALA B 522 -35.99 -9.38 3.97
N THR B 523 -35.72 -9.09 5.22
CA THR B 523 -36.73 -9.22 6.26
C THR B 523 -37.16 -7.88 6.84
N VAL B 524 -36.41 -6.83 6.63
CA VAL B 524 -36.69 -5.53 7.20
C VAL B 524 -36.12 -4.43 6.33
N CYS B 525 -36.95 -3.52 5.82
CA CYS B 525 -36.40 -2.51 4.95
C CYS B 525 -36.79 -1.13 5.41
N GLY B 526 -36.22 -0.15 4.76
CA GLY B 526 -36.57 1.21 5.03
C GLY B 526 -37.84 1.59 4.31
N PRO B 527 -38.23 2.79 4.47
CA PRO B 527 -39.61 3.17 4.21
C PRO B 527 -39.98 3.07 2.74
N LYS B 528 -39.12 3.65 1.89
CA LYS B 528 -39.25 3.81 0.44
C LYS B 528 -40.31 2.94 -0.19
N LYS B 529 -41.18 3.56 -0.98
CA LYS B 529 -42.33 2.92 -1.58
C LYS B 529 -42.02 2.30 -2.93
N SER B 530 -42.91 1.41 -3.34
CA SER B 530 -42.75 0.67 -4.58
C SER B 530 -43.24 1.48 -5.76
N THR B 531 -42.86 1.03 -6.96
CA THR B 531 -43.25 1.65 -8.21
C THR B 531 -43.62 0.56 -9.21
N ASN B 532 -44.56 0.86 -10.09
CA ASN B 532 -44.97 -0.09 -11.11
C ASN B 532 -43.81 -0.55 -11.97
N LEU B 533 -43.84 -1.83 -12.35
CA LEU B 533 -42.74 -2.44 -13.09
C LEU B 533 -42.81 -2.10 -14.59
N VAL B 534 -41.64 -1.91 -15.21
CA VAL B 534 -41.48 -1.65 -16.63
C VAL B 534 -40.60 -2.73 -17.24
N LYS B 535 -40.96 -3.24 -18.40
CA LYS B 535 -40.16 -4.29 -18.99
C LYS B 535 -39.69 -3.89 -20.39
N ASN B 536 -38.58 -4.46 -20.82
CA ASN B 536 -37.99 -4.28 -22.14
C ASN B 536 -37.45 -2.88 -22.41
N LYS B 537 -37.12 -2.09 -21.41
CA LYS B 537 -36.56 -0.77 -21.68
C LYS B 537 -35.37 -0.53 -20.77
N CYS B 538 -34.32 0.12 -21.29
CA CYS B 538 -33.18 0.42 -20.43
C CYS B 538 -33.64 1.33 -19.31
N VAL B 539 -33.66 0.84 -18.07
CA VAL B 539 -34.27 1.51 -16.93
C VAL B 539 -33.37 1.37 -15.74
N ASN B 540 -33.34 2.38 -14.88
CA ASN B 540 -32.63 2.22 -13.62
C ASN B 540 -33.49 1.49 -12.61
N PHE B 541 -32.98 0.41 -12.06
CA PHE B 541 -33.80 -0.41 -11.19
C PHE B 541 -33.18 -0.41 -9.81
N ASN B 542 -34.02 -0.60 -8.81
CA ASN B 542 -33.55 -0.75 -7.44
C ASN B 542 -34.35 -1.88 -6.80
N PHE B 543 -33.85 -3.10 -6.91
CA PHE B 543 -34.53 -4.29 -6.43
C PHE B 543 -34.09 -4.64 -5.03
N ASN B 544 -34.89 -4.32 -4.06
CA ASN B 544 -34.64 -4.73 -2.69
C ASN B 544 -33.28 -4.34 -2.16
N GLY B 545 -32.71 -3.24 -2.62
CA GLY B 545 -31.43 -2.76 -2.17
C GLY B 545 -30.33 -2.85 -3.19
N LEU B 546 -30.46 -3.78 -4.14
CA LEU B 546 -29.52 -4.01 -5.23
C LEU B 546 -29.75 -2.99 -6.31
N THR B 547 -28.80 -2.11 -6.55
CA THR B 547 -28.98 -1.06 -7.53
C THR B 547 -28.15 -1.29 -8.79
N GLY B 548 -28.74 -1.07 -9.96
CA GLY B 548 -28.01 -1.24 -11.20
C GLY B 548 -28.83 -0.70 -12.34
N THR B 549 -28.34 -0.90 -13.56
CA THR B 549 -29.02 -0.44 -14.78
C THR B 549 -29.03 -1.54 -15.81
N GLY B 550 -30.06 -1.58 -16.65
CA GLY B 550 -30.14 -2.60 -17.66
C GLY B 550 -31.57 -2.79 -18.09
N VAL B 551 -31.77 -3.67 -19.05
CA VAL B 551 -33.11 -3.98 -19.53
C VAL B 551 -33.63 -5.21 -18.84
N LEU B 552 -34.86 -5.17 -18.38
CA LEU B 552 -35.46 -6.27 -17.68
C LEU B 552 -36.34 -7.06 -18.62
N THR B 553 -36.21 -8.37 -18.58
CA THR B 553 -36.95 -9.23 -19.49
C THR B 553 -37.52 -10.39 -18.71
N GLU B 554 -38.66 -10.91 -19.12
CA GLU B 554 -39.15 -12.09 -18.45
C GLU B 554 -38.14 -13.20 -18.61
N SER B 555 -37.77 -13.83 -17.51
CA SER B 555 -36.72 -14.83 -17.42
C SER B 555 -37.20 -16.18 -17.91
N ASN B 556 -36.25 -17.03 -18.29
CA ASN B 556 -36.55 -18.39 -18.72
C ASN B 556 -35.77 -19.44 -17.94
N LYS B 557 -35.08 -19.06 -16.86
CA LYS B 557 -34.31 -20.00 -16.05
C LYS B 557 -35.06 -20.35 -14.78
N LYS B 558 -34.91 -21.61 -14.34
CA LYS B 558 -35.68 -22.17 -13.23
C LYS B 558 -35.00 -21.88 -11.90
N PHE B 559 -35.43 -20.83 -11.21
CA PHE B 559 -34.97 -20.60 -9.85
C PHE B 559 -35.56 -21.63 -8.90
N LEU B 560 -34.73 -22.20 -8.04
CA LEU B 560 -35.31 -23.08 -7.03
C LEU B 560 -35.98 -22.22 -5.97
N PRO B 561 -37.02 -22.75 -5.31
CA PRO B 561 -37.84 -21.92 -4.42
C PRO B 561 -37.12 -21.26 -3.26
N PHE B 562 -35.95 -21.71 -2.89
CA PHE B 562 -35.25 -21.10 -1.76
C PHE B 562 -34.23 -20.05 -2.16
N GLN B 563 -34.07 -19.76 -3.46
CA GLN B 563 -33.08 -18.85 -4.01
C GLN B 563 -33.61 -17.46 -4.25
N GLN B 564 -32.73 -16.48 -4.11
CA GLN B 564 -33.14 -15.10 -4.30
C GLN B 564 -32.39 -14.30 -5.34
N PHE B 565 -31.21 -14.71 -5.79
CA PHE B 565 -30.43 -13.93 -6.73
C PHE B 565 -29.86 -14.86 -7.77
N GLY B 566 -29.45 -14.35 -8.90
CA GLY B 566 -28.82 -15.19 -9.90
C GLY B 566 -27.56 -14.54 -10.40
N ARG B 567 -26.57 -15.36 -10.71
CA ARG B 567 -25.27 -14.82 -11.07
C ARG B 567 -24.67 -15.46 -12.30
N ASP B 568 -24.07 -14.64 -13.12
CA ASP B 568 -23.23 -15.14 -14.19
C ASP B 568 -21.80 -15.17 -13.67
N ILE B 569 -20.85 -15.40 -14.56
CA ILE B 569 -19.44 -15.38 -14.19
C ILE B 569 -19.08 -13.98 -13.73
N ALA B 570 -18.15 -13.89 -12.79
CA ALA B 570 -17.62 -12.62 -12.33
C ALA B 570 -18.61 -11.75 -11.56
N ASP B 571 -19.44 -12.35 -10.72
CA ASP B 571 -20.33 -11.62 -9.82
C ASP B 571 -21.26 -10.62 -10.51
N THR B 572 -21.52 -10.77 -11.78
CA THR B 572 -22.46 -9.87 -12.42
C THR B 572 -23.85 -10.34 -12.07
N THR B 573 -24.64 -9.52 -11.40
CA THR B 573 -25.96 -10.03 -11.07
C THR B 573 -26.73 -10.26 -12.35
N ASP B 574 -26.95 -11.51 -12.71
CA ASP B 574 -27.61 -11.81 -13.96
C ASP B 574 -29.11 -11.96 -13.87
N ALA B 575 -29.69 -12.31 -12.73
CA ALA B 575 -31.13 -12.47 -12.71
C ALA B 575 -31.58 -12.17 -11.30
N VAL B 576 -32.87 -11.88 -11.13
CA VAL B 576 -33.38 -11.55 -9.81
C VAL B 576 -34.87 -11.81 -9.79
N ARG B 577 -35.40 -12.19 -8.62
CA ARG B 577 -36.83 -12.40 -8.47
C ARG B 577 -37.50 -11.21 -7.81
N ASP B 578 -38.66 -10.86 -8.31
CA ASP B 578 -39.36 -9.67 -7.86
C ASP B 578 -39.80 -9.82 -6.42
N PRO B 579 -39.54 -8.83 -5.56
CA PRO B 579 -40.00 -8.93 -4.18
C PRO B 579 -41.47 -8.77 -3.95
N GLN B 580 -42.26 -8.45 -4.96
CA GLN B 580 -43.69 -8.31 -4.74
C GLN B 580 -44.48 -9.47 -5.33
N THR B 581 -44.29 -9.76 -6.61
CA THR B 581 -45.01 -10.81 -7.30
C THR B 581 -44.25 -12.10 -7.57
N LEU B 582 -42.97 -12.18 -7.23
CA LEU B 582 -42.19 -13.41 -7.35
C LEU B 582 -41.98 -13.94 -8.77
N GLU B 583 -42.21 -13.16 -9.83
CA GLU B 583 -41.84 -13.64 -11.15
C GLU B 583 -40.34 -13.42 -11.30
N ILE B 584 -39.66 -14.34 -11.94
CA ILE B 584 -38.21 -14.22 -12.11
C ILE B 584 -37.87 -13.30 -13.27
N LEU B 585 -36.87 -12.44 -13.12
CA LEU B 585 -36.54 -11.48 -14.18
C LEU B 585 -35.07 -11.55 -14.56
N ASP B 586 -34.80 -11.45 -15.86
CA ASP B 586 -33.45 -11.39 -16.43
C ASP B 586 -32.96 -9.97 -16.65
N ILE B 587 -31.67 -9.73 -16.40
CA ILE B 587 -31.03 -8.43 -16.57
C ILE B 587 -29.97 -8.41 -17.65
N THR B 588 -30.10 -7.49 -18.62
CA THR B 588 -29.09 -7.29 -19.64
C THR B 588 -28.74 -5.81 -19.76
N PRO B 589 -27.47 -5.44 -19.75
CA PRO B 589 -27.10 -4.04 -19.90
C PRO B 589 -27.40 -3.52 -21.28
N CYS B 590 -28.00 -2.33 -21.36
CA CYS B 590 -28.35 -1.78 -22.67
C CYS B 590 -27.15 -1.60 -23.59
N SER B 591 -27.46 -1.61 -24.90
CA SER B 591 -26.51 -1.66 -26.01
C SER B 591 -25.46 -0.56 -26.00
N PHE B 592 -24.23 -0.95 -26.31
CA PHE B 592 -23.12 -0.03 -26.37
C PHE B 592 -22.09 -0.61 -27.31
N GLY B 593 -21.11 0.21 -27.69
CA GLY B 593 -20.05 -0.20 -28.58
C GLY B 593 -19.16 0.96 -28.92
N GLY B 594 -18.09 0.68 -29.64
CA GLY B 594 -17.13 1.70 -30.01
C GLY B 594 -17.43 2.43 -31.31
N VAL B 595 -16.95 3.66 -31.42
CA VAL B 595 -17.21 4.45 -32.61
C VAL B 595 -15.90 4.95 -33.18
N SER B 596 -15.74 4.87 -34.49
CA SER B 596 -14.53 5.33 -35.17
C SER B 596 -14.90 6.32 -36.25
N VAL B 597 -14.00 7.24 -36.54
CA VAL B 597 -14.22 8.29 -37.52
C VAL B 597 -13.32 8.04 -38.70
N ILE B 598 -13.87 8.07 -39.89
CA ILE B 598 -13.11 7.93 -41.13
C ILE B 598 -12.89 9.30 -41.70
N THR B 599 -11.67 9.70 -41.96
CA THR B 599 -11.52 11.04 -42.47
C THR B 599 -10.55 11.03 -43.64
N PRO B 600 -10.86 11.67 -44.76
CA PRO B 600 -9.91 11.75 -45.85
C PRO B 600 -8.86 12.83 -45.72
N GLY B 601 -8.74 13.47 -44.59
CA GLY B 601 -7.73 14.50 -44.41
C GLY B 601 -8.32 15.88 -44.30
N THR B 602 -7.84 16.63 -43.34
CA THR B 602 -8.35 17.98 -43.19
C THR B 602 -8.06 18.81 -44.41
N ASN B 603 -6.91 18.61 -45.04
CA ASN B 603 -6.54 19.48 -46.13
C ASN B 603 -7.17 19.09 -47.46
N THR B 604 -7.76 17.92 -47.58
CA THR B 604 -8.54 17.65 -48.78
C THR B 604 -9.98 18.13 -48.67
N SER B 605 -10.66 17.79 -47.58
CA SER B 605 -12.04 18.19 -47.37
C SER B 605 -12.45 17.82 -45.96
N ASN B 606 -13.50 18.47 -45.48
CA ASN B 606 -13.99 18.17 -44.16
C ASN B 606 -14.98 17.01 -44.04
N GLN B 607 -15.48 16.41 -45.11
CA GLN B 607 -16.41 15.32 -44.90
C GLN B 607 -15.80 14.15 -44.12
N VAL B 608 -16.66 13.40 -43.42
CA VAL B 608 -16.27 12.29 -42.57
C VAL B 608 -17.41 11.31 -42.52
N ALA B 609 -17.09 10.04 -42.43
CA ALA B 609 -18.06 8.98 -42.25
C ALA B 609 -17.76 8.22 -41.00
N VAL B 610 -18.78 7.70 -40.33
CA VAL B 610 -18.66 7.11 -39.02
C VAL B 610 -18.94 5.64 -39.03
N LEU B 611 -18.11 4.86 -38.36
CA LEU B 611 -18.23 3.41 -38.26
C LEU B 611 -18.48 3.02 -36.82
N TYR B 612 -19.68 2.54 -36.52
CA TYR B 612 -19.99 2.01 -35.20
C TYR B 612 -19.59 0.56 -35.19
N GLN B 613 -18.59 0.19 -34.38
CA GLN B 613 -18.02 -1.13 -34.60
C GLN B 613 -18.91 -2.26 -34.17
N GLY B 614 -19.22 -2.36 -32.91
CA GLY B 614 -19.97 -3.52 -32.49
C GLY B 614 -21.47 -3.41 -32.49
N VAL B 615 -22.12 -3.12 -33.60
CA VAL B 615 -23.57 -2.99 -33.62
C VAL B 615 -24.02 -3.23 -35.02
N ASN B 616 -25.28 -3.60 -35.18
CA ASN B 616 -25.85 -3.61 -36.50
C ASN B 616 -26.84 -2.45 -36.60
N CYS B 617 -26.86 -1.77 -37.77
CA CYS B 617 -27.65 -0.55 -37.93
C CYS B 617 -29.11 -0.68 -37.58
N THR B 618 -29.64 -1.88 -37.48
CA THR B 618 -31.03 -1.93 -37.11
C THR B 618 -31.21 -1.45 -35.69
N GLU B 619 -30.13 -1.35 -34.93
CA GLU B 619 -30.22 -0.93 -33.55
C GLU B 619 -29.14 0.09 -33.23
N VAL B 620 -28.82 0.94 -34.20
CA VAL B 620 -27.82 1.98 -34.00
C VAL B 620 -28.33 2.92 -32.90
N ASN B 641 -25.95 7.78 -46.08
CA ASN B 641 -26.30 6.49 -46.62
C ASN B 641 -25.95 5.43 -45.60
N VAL B 642 -26.46 4.22 -45.70
CA VAL B 642 -26.17 3.19 -44.71
C VAL B 642 -25.66 1.94 -45.39
N PHE B 643 -24.68 1.31 -44.79
CA PHE B 643 -24.10 0.10 -45.33
C PHE B 643 -23.72 -0.82 -44.20
N GLN B 644 -23.88 -2.11 -44.42
CA GLN B 644 -23.57 -3.11 -43.42
C GLN B 644 -22.29 -3.85 -43.78
N THR B 645 -21.43 -4.09 -42.81
CA THR B 645 -20.21 -4.85 -43.07
C THR B 645 -20.05 -5.81 -41.92
N ARG B 646 -19.21 -6.81 -42.10
CA ARG B 646 -18.99 -7.71 -40.98
C ARG B 646 -18.35 -7.02 -39.80
N ALA B 647 -17.72 -5.87 -39.99
CA ALA B 647 -17.13 -5.19 -38.86
C ALA B 647 -18.07 -4.26 -38.13
N GLY B 648 -19.23 -3.98 -38.68
CA GLY B 648 -20.19 -3.11 -38.04
C GLY B 648 -20.94 -2.29 -39.06
N CYS B 649 -21.70 -1.32 -38.59
CA CYS B 649 -22.51 -0.46 -39.44
C CYS B 649 -21.78 0.81 -39.82
N LEU B 650 -21.70 1.08 -41.10
CA LEU B 650 -20.99 2.22 -41.65
C LEU B 650 -21.96 3.26 -42.12
N ILE B 651 -21.82 4.50 -41.66
CA ILE B 651 -22.71 5.58 -42.04
C ILE B 651 -21.96 6.70 -42.69
N GLY B 652 -22.50 7.23 -43.76
CA GLY B 652 -21.87 8.31 -44.45
C GLY B 652 -21.10 7.92 -45.68
N ALA B 653 -21.08 6.65 -46.06
CA ALA B 653 -20.35 6.27 -47.25
C ALA B 653 -21.18 5.30 -48.06
N GLU B 654 -21.12 5.45 -49.37
CA GLU B 654 -21.90 4.63 -50.30
C GLU B 654 -21.07 3.53 -50.95
N TYR B 655 -21.67 2.35 -51.03
CA TYR B 655 -20.99 1.19 -51.57
C TYR B 655 -21.04 1.12 -53.09
N VAL B 656 -19.90 1.00 -53.73
CA VAL B 656 -19.79 0.89 -55.19
C VAL B 656 -19.22 -0.46 -55.58
N ASN B 657 -19.66 -1.00 -56.71
CA ASN B 657 -19.15 -2.31 -57.10
C ASN B 657 -17.75 -2.36 -57.67
N SER B 658 -17.15 -1.25 -58.08
CA SER B 658 -15.82 -1.39 -58.65
C SER B 658 -14.83 -1.62 -57.54
N SER B 659 -13.82 -2.40 -57.80
CA SER B 659 -12.79 -2.74 -56.84
C SER B 659 -11.49 -2.02 -57.14
N TYR B 660 -10.85 -1.48 -56.12
CA TYR B 660 -9.61 -0.73 -56.32
C TYR B 660 -8.58 -1.15 -55.28
N GLU B 661 -7.34 -0.75 -55.46
CA GLU B 661 -6.32 -0.94 -54.43
C GLU B 661 -6.62 -0.02 -53.26
N CYS B 662 -6.91 -0.58 -52.09
CA CYS B 662 -7.44 0.24 -51.01
C CYS B 662 -6.40 0.87 -50.09
N ASP B 663 -6.75 2.05 -49.57
CA ASP B 663 -5.88 2.85 -48.72
C ASP B 663 -6.39 3.14 -47.31
N ILE B 664 -7.69 3.22 -47.05
CA ILE B 664 -8.11 3.38 -45.67
C ILE B 664 -8.74 2.06 -45.25
N PRO B 665 -8.07 1.25 -44.47
CA PRO B 665 -8.57 -0.07 -44.12
C PRO B 665 -9.67 -0.06 -43.07
N ILE B 666 -10.83 -0.60 -43.39
CA ILE B 666 -11.89 -0.73 -42.43
C ILE B 666 -11.93 -2.11 -41.78
N GLY B 667 -11.89 -3.16 -42.54
CA GLY B 667 -11.89 -4.47 -41.94
C GLY B 667 -12.78 -5.40 -42.71
N ALA B 668 -12.50 -6.68 -42.62
CA ALA B 668 -13.30 -7.67 -43.29
C ALA B 668 -13.33 -7.40 -44.77
N GLY B 669 -12.21 -7.02 -45.33
CA GLY B 669 -12.09 -6.81 -46.74
C GLY B 669 -12.62 -5.53 -47.35
N ILE B 670 -13.15 -4.61 -46.59
CA ILE B 670 -13.70 -3.38 -47.13
C ILE B 670 -12.73 -2.25 -46.90
N CYS B 671 -12.65 -1.30 -47.81
CA CYS B 671 -11.77 -0.18 -47.53
C CYS B 671 -12.54 1.09 -47.90
N ALA B 672 -11.95 2.27 -47.76
CA ALA B 672 -12.69 3.45 -48.20
C ALA B 672 -11.73 4.54 -48.65
N SER B 673 -12.19 5.43 -49.53
CA SER B 673 -11.34 6.50 -50.00
C SER B 673 -12.20 7.59 -50.63
N TYR B 674 -11.59 8.75 -50.87
CA TYR B 674 -12.33 9.85 -51.51
C TYR B 674 -12.38 9.64 -53.01
N GLN B 675 -13.58 9.48 -53.57
CA GLN B 675 -13.75 9.19 -54.99
C GLN B 675 -13.25 10.28 -55.91
N THR B 676 -13.87 11.44 -55.84
CA THR B 676 -13.51 12.59 -56.70
C THR B 676 -13.68 12.25 -58.18
N GLN B 690 -15.60 13.79 -54.69
CA GLN B 690 -16.65 14.59 -54.12
C GLN B 690 -17.46 13.81 -53.08
N SER B 691 -17.07 12.57 -52.79
CA SER B 691 -17.81 11.76 -51.83
C SER B 691 -16.88 10.67 -51.28
N ILE B 692 -17.26 10.09 -50.15
CA ILE B 692 -16.51 8.97 -49.59
C ILE B 692 -17.19 7.65 -49.92
N ILE B 693 -16.47 6.77 -50.61
CA ILE B 693 -16.97 5.49 -51.09
C ILE B 693 -16.30 4.30 -50.42
N ALA B 694 -17.09 3.30 -50.04
CA ALA B 694 -16.60 2.04 -49.54
C ALA B 694 -16.73 0.99 -50.63
N TYR B 695 -15.74 0.11 -50.76
CA TYR B 695 -15.70 -0.88 -51.84
C TYR B 695 -14.84 -2.04 -51.40
N THR B 696 -14.97 -3.18 -52.06
CA THR B 696 -14.13 -4.32 -51.72
C THR B 696 -12.76 -4.28 -52.38
N MET B 697 -11.74 -4.77 -51.68
CA MET B 697 -10.38 -4.71 -52.18
C MET B 697 -10.18 -5.54 -53.42
N SER B 698 -9.25 -5.08 -54.26
CA SER B 698 -8.79 -5.80 -55.43
C SER B 698 -7.38 -6.33 -55.24
N LEU B 699 -7.19 -7.62 -55.45
CA LEU B 699 -5.92 -8.28 -55.27
C LEU B 699 -5.01 -8.23 -56.49
N GLY B 700 -5.18 -7.27 -57.39
CA GLY B 700 -4.34 -7.17 -58.58
C GLY B 700 -5.02 -7.67 -59.84
N ALA B 701 -4.35 -7.48 -60.95
CA ALA B 701 -4.88 -7.89 -62.24
C ALA B 701 -4.76 -9.38 -62.43
N GLU B 702 -5.61 -9.95 -63.26
CA GLU B 702 -5.53 -11.37 -63.52
C GLU B 702 -4.71 -11.64 -64.76
N ASN B 703 -3.69 -12.47 -64.61
CA ASN B 703 -2.79 -12.82 -65.69
C ASN B 703 -2.77 -14.32 -65.87
N SER B 704 -3.41 -14.83 -66.91
CA SER B 704 -3.44 -16.27 -67.18
C SER B 704 -2.30 -16.70 -68.09
N VAL B 705 -1.13 -16.97 -67.50
CA VAL B 705 0.02 -17.38 -68.31
C VAL B 705 -0.28 -18.64 -69.10
N ALA B 706 0.05 -18.63 -70.37
CA ALA B 706 -0.23 -19.73 -71.30
C ALA B 706 0.69 -20.91 -71.14
N TYR B 707 0.30 -21.91 -70.37
CA TYR B 707 1.07 -23.13 -70.24
C TYR B 707 0.83 -24.06 -71.39
N SER B 708 1.80 -24.88 -71.71
CA SER B 708 1.59 -25.81 -72.80
C SER B 708 2.65 -26.85 -72.65
N ASN B 709 2.39 -28.07 -73.09
CA ASN B 709 3.45 -29.01 -72.82
C ASN B 709 4.69 -28.85 -73.67
N ASN B 710 4.75 -27.96 -74.63
CA ASN B 710 6.01 -27.94 -75.35
C ASN B 710 6.52 -26.54 -75.68
N SER B 711 6.04 -25.47 -75.07
CA SER B 711 6.47 -24.10 -75.39
C SER B 711 7.29 -23.49 -74.28
N ILE B 712 8.27 -22.66 -74.64
CA ILE B 712 9.18 -21.96 -73.74
C ILE B 712 9.29 -20.53 -74.15
N ALA B 713 9.29 -19.62 -73.19
CA ALA B 713 9.51 -18.21 -73.43
C ALA B 713 10.85 -17.76 -72.90
N ILE B 714 11.70 -17.16 -73.73
CA ILE B 714 13.02 -16.77 -73.29
C ILE B 714 13.23 -15.28 -73.48
N PRO B 715 13.86 -14.55 -72.57
CA PRO B 715 14.02 -13.11 -72.75
C PRO B 715 15.12 -12.78 -73.70
N THR B 716 14.93 -11.77 -74.52
CA THR B 716 15.98 -11.29 -75.38
C THR B 716 16.65 -9.99 -74.98
N ASN B 717 16.21 -9.29 -73.96
CA ASN B 717 16.87 -8.04 -73.57
C ASN B 717 16.76 -7.92 -72.06
N PHE B 718 17.39 -6.91 -71.48
CA PHE B 718 17.38 -6.82 -70.03
C PHE B 718 17.27 -5.40 -69.56
N THR B 719 17.14 -5.24 -68.27
CA THR B 719 17.11 -3.90 -67.74
C THR B 719 17.54 -3.95 -66.31
N ILE B 720 18.52 -3.13 -65.93
CA ILE B 720 19.03 -3.12 -64.58
C ILE B 720 18.49 -1.93 -63.83
N SER B 721 17.92 -2.17 -62.67
CA SER B 721 17.28 -1.14 -61.89
C SER B 721 17.95 -1.01 -60.55
N VAL B 722 17.62 0.05 -59.82
CA VAL B 722 18.17 0.32 -58.50
C VAL B 722 17.06 0.50 -57.49
N THR B 723 17.10 -0.25 -56.40
CA THR B 723 16.08 -0.17 -55.35
C THR B 723 16.64 0.22 -54.00
N THR B 724 15.96 1.11 -53.26
CA THR B 724 16.40 1.59 -51.96
C THR B 724 15.64 0.94 -50.82
N GLU B 725 16.35 0.37 -49.87
CA GLU B 725 15.78 -0.22 -48.67
C GLU B 725 16.33 0.47 -47.43
N ILE B 726 15.46 0.88 -46.49
CA ILE B 726 15.84 1.64 -45.29
C ILE B 726 15.69 0.79 -44.04
N LEU B 727 16.61 0.93 -43.09
CA LEU B 727 16.57 0.16 -41.87
C LEU B 727 17.08 0.98 -40.69
N PRO B 728 16.36 1.06 -39.59
CA PRO B 728 16.87 1.77 -38.42
C PRO B 728 17.91 1.00 -37.70
N VAL B 729 18.88 1.72 -37.13
CA VAL B 729 20.01 1.13 -36.45
C VAL B 729 20.10 1.45 -34.95
N SER B 730 19.62 2.59 -34.51
CA SER B 730 19.83 2.88 -33.10
C SER B 730 18.82 3.90 -32.64
N MET B 731 18.79 4.14 -31.34
CA MET B 731 17.87 5.11 -30.80
C MET B 731 18.61 6.04 -29.86
N THR B 732 17.94 7.06 -29.36
CA THR B 732 18.62 8.03 -28.52
C THR B 732 19.02 7.40 -27.20
N LYS B 733 20.26 7.59 -26.78
CA LYS B 733 20.62 7.04 -25.49
C LYS B 733 20.08 7.94 -24.41
N THR B 734 19.37 7.39 -23.45
CA THR B 734 18.76 8.21 -22.43
C THR B 734 19.23 7.81 -21.05
N SER B 735 19.45 8.78 -20.19
CA SER B 735 19.75 8.51 -18.79
C SER B 735 18.80 9.29 -17.91
N VAL B 736 18.44 8.71 -16.78
CA VAL B 736 17.44 9.29 -15.91
C VAL B 736 18.01 9.40 -14.51
N ASP B 737 17.71 10.49 -13.83
CA ASP B 737 18.09 10.72 -12.44
C ASP B 737 16.95 10.35 -11.52
N CYS B 738 17.11 9.29 -10.74
CA CYS B 738 15.98 8.81 -9.97
C CYS B 738 15.46 9.84 -8.98
N THR B 739 16.26 10.24 -8.01
CA THR B 739 15.73 11.11 -6.96
C THR B 739 15.20 12.43 -7.49
N MET B 740 15.86 13.05 -8.45
CA MET B 740 15.30 14.30 -8.93
C MET B 740 13.93 14.10 -9.51
N TYR B 741 13.78 13.17 -10.44
CA TYR B 741 12.44 13.00 -10.95
C TYR B 741 11.45 12.67 -9.87
N ILE B 742 11.84 11.92 -8.86
CA ILE B 742 10.84 11.52 -7.87
C ILE B 742 10.41 12.71 -7.05
N CYS B 743 11.33 13.35 -6.34
CA CYS B 743 10.86 14.43 -5.49
C CYS B 743 11.76 15.63 -5.41
N GLY B 744 12.24 16.08 -6.55
CA GLY B 744 12.78 17.42 -6.70
C GLY B 744 13.49 18.06 -5.55
N ASP B 745 14.47 17.43 -4.98
CA ASP B 745 15.31 18.04 -3.96
C ASP B 745 14.50 18.56 -2.76
N SER B 746 13.86 17.64 -2.09
CA SER B 746 13.15 17.85 -0.84
C SER B 746 13.82 16.91 0.15
N THR B 747 14.27 17.42 1.27
CA THR B 747 14.97 16.54 2.19
C THR B 747 14.07 15.45 2.76
N GLU B 748 12.87 15.83 3.20
CA GLU B 748 11.98 14.84 3.79
C GLU B 748 11.63 13.75 2.80
N CYS B 749 11.55 14.08 1.53
CA CYS B 749 11.23 13.01 0.61
C CYS B 749 12.42 12.10 0.36
N SER B 750 13.64 12.60 0.36
CA SER B 750 14.73 11.66 0.17
C SER B 750 14.83 10.71 1.35
N ASN B 751 14.66 11.26 2.56
CA ASN B 751 14.65 10.43 3.75
C ASN B 751 13.57 9.39 3.69
N LEU B 752 12.47 9.70 3.01
CA LEU B 752 11.41 8.72 2.93
C LEU B 752 11.57 7.76 1.80
N LEU B 753 12.21 8.16 0.73
CA LEU B 753 12.38 7.24 -0.38
C LEU B 753 13.44 6.19 -0.07
N LEU B 754 14.42 6.53 0.77
CA LEU B 754 15.41 5.50 1.09
C LEU B 754 14.79 4.25 1.68
N GLN B 755 13.58 4.31 2.15
CA GLN B 755 12.93 3.17 2.73
C GLN B 755 12.27 2.31 1.71
N TYR B 756 12.28 2.70 0.47
CA TYR B 756 11.49 1.96 -0.48
C TYR B 756 12.21 0.79 -1.05
N GLY B 757 13.54 0.76 -0.91
CA GLY B 757 14.34 -0.35 -1.34
C GLY B 757 15.32 0.06 -2.41
N SER B 758 15.57 -0.84 -3.35
CA SER B 758 16.60 -0.59 -4.33
C SER B 758 16.04 -0.34 -5.72
N PHE B 759 14.85 0.24 -5.81
CA PHE B 759 14.33 0.55 -7.13
C PHE B 759 15.18 1.52 -7.93
N CYS B 760 15.68 2.59 -7.32
CA CYS B 760 16.47 3.49 -8.15
C CYS B 760 17.74 2.85 -8.67
N THR B 761 18.40 2.06 -7.88
CA THR B 761 19.58 1.39 -8.41
C THR B 761 19.21 0.54 -9.60
N GLN B 762 18.16 -0.23 -9.48
CA GLN B 762 17.81 -1.09 -10.58
C GLN B 762 17.51 -0.29 -11.84
N LEU B 763 16.79 0.80 -11.73
CA LEU B 763 16.48 1.56 -12.94
C LEU B 763 17.73 2.11 -13.57
N LYS B 764 18.62 2.65 -12.78
CA LYS B 764 19.82 3.18 -13.41
C LYS B 764 20.57 2.09 -14.11
N ARG B 765 20.64 0.91 -13.53
CA ARG B 765 21.33 -0.15 -14.24
C ARG B 765 20.66 -0.50 -15.56
N ALA B 766 19.35 -0.60 -15.59
CA ALA B 766 18.72 -0.97 -16.86
C ALA B 766 18.97 0.07 -17.94
N LEU B 767 18.87 1.35 -17.61
CA LEU B 767 19.08 2.33 -18.66
C LEU B 767 20.52 2.35 -19.12
N THR B 768 21.47 2.19 -18.22
CA THR B 768 22.84 2.12 -18.69
C THR B 768 23.05 0.93 -19.62
N GLY B 769 22.40 -0.19 -19.35
CA GLY B 769 22.54 -1.30 -20.29
C GLY B 769 22.03 -0.94 -21.67
N ILE B 770 20.90 -0.26 -21.75
CA ILE B 770 20.43 0.16 -23.07
C ILE B 770 21.40 1.11 -23.76
N ALA B 771 21.94 2.07 -23.06
CA ALA B 771 22.83 2.98 -23.77
C ALA B 771 24.03 2.26 -24.34
N VAL B 772 24.70 1.45 -23.55
CA VAL B 772 25.86 0.78 -24.15
C VAL B 772 25.47 -0.12 -25.29
N GLU B 773 24.30 -0.72 -25.24
CA GLU B 773 23.94 -1.56 -26.36
C GLU B 773 23.75 -0.76 -27.63
N GLN B 774 23.15 0.42 -27.54
CA GLN B 774 22.99 1.20 -28.77
C GLN B 774 24.33 1.48 -29.41
N ASP B 775 25.29 1.85 -28.61
CA ASP B 775 26.59 2.07 -29.21
C ASP B 775 27.12 0.84 -29.89
N LYS B 776 26.96 -0.31 -29.27
CA LYS B 776 27.47 -1.51 -29.89
C LYS B 776 26.78 -1.78 -31.22
N ASN B 777 25.50 -1.44 -31.37
CA ASN B 777 24.90 -1.68 -32.67
C ASN B 777 25.57 -0.88 -33.76
N THR B 778 25.80 0.40 -33.53
CA THR B 778 26.51 1.10 -34.59
C THR B 778 27.85 0.44 -34.90
N GLN B 779 28.60 0.03 -33.89
CA GLN B 779 29.87 -0.60 -34.21
C GLN B 779 29.70 -1.83 -35.07
N GLU B 780 28.83 -2.72 -34.66
CA GLU B 780 28.65 -3.94 -35.42
C GLU B 780 28.21 -3.72 -36.83
N VAL B 781 27.40 -2.72 -37.11
CA VAL B 781 26.96 -2.56 -38.49
C VAL B 781 28.03 -1.95 -39.35
N PHE B 782 28.58 -0.83 -38.93
CA PHE B 782 29.40 -0.09 -39.88
C PHE B 782 30.87 -0.46 -39.83
N ALA B 783 31.44 -0.69 -38.66
CA ALA B 783 32.88 -0.96 -38.56
C ALA B 783 33.26 -2.39 -38.90
N GLN B 784 32.88 -2.83 -40.06
CA GLN B 784 33.28 -4.16 -40.47
C GLN B 784 34.61 -4.20 -41.21
N VAL B 785 34.90 -3.21 -41.98
CA VAL B 785 36.14 -3.16 -42.71
C VAL B 785 37.25 -2.72 -41.76
N LYS B 786 38.45 -3.24 -41.95
CA LYS B 786 39.50 -2.92 -41.02
C LYS B 786 40.33 -1.70 -41.40
N GLN B 787 40.62 -1.48 -42.67
CA GLN B 787 41.42 -0.36 -43.12
C GLN B 787 40.62 0.61 -43.95
N ILE B 788 40.83 1.91 -43.77
CA ILE B 788 40.09 2.92 -44.50
C ILE B 788 40.70 3.08 -45.90
N TYR B 789 40.06 2.52 -46.92
CA TYR B 789 40.52 2.59 -48.30
C TYR B 789 40.20 3.93 -48.94
N LYS B 790 41.17 4.52 -49.61
CA LYS B 790 40.98 5.80 -50.25
C LYS B 790 40.62 5.57 -51.71
N THR B 791 39.85 6.47 -52.27
CA THR B 791 39.42 6.47 -53.68
C THR B 791 40.54 6.99 -54.57
N PRO B 792 40.81 6.37 -55.71
CA PRO B 792 41.89 6.87 -56.59
C PRO B 792 41.55 8.25 -57.11
N PRO B 793 42.53 9.04 -57.55
CA PRO B 793 42.20 10.40 -58.00
C PRO B 793 41.52 10.52 -59.35
N ILE B 794 41.97 9.80 -60.38
CA ILE B 794 41.36 9.81 -61.71
C ILE B 794 40.11 8.94 -61.63
N LYS B 795 38.95 9.56 -61.54
CA LYS B 795 37.69 8.83 -61.33
C LYS B 795 37.01 8.36 -62.60
N TYR B 796 37.70 7.59 -63.43
CA TYR B 796 37.11 6.99 -64.62
C TYR B 796 37.07 5.49 -64.49
N PHE B 797 35.87 4.91 -64.52
CA PHE B 797 35.66 3.49 -64.33
C PHE B 797 34.95 2.85 -65.48
N GLY B 798 35.27 3.23 -66.68
CA GLY B 798 34.61 2.58 -67.79
C GLY B 798 33.18 2.96 -68.03
N GLY B 799 32.87 4.24 -68.04
CA GLY B 799 31.55 4.72 -68.32
C GLY B 799 30.60 4.81 -67.14
N PHE B 800 30.83 4.08 -66.07
CA PHE B 800 29.90 4.19 -64.96
C PHE B 800 30.09 5.51 -64.26
N ASN B 801 29.01 6.15 -63.85
CA ASN B 801 29.11 7.47 -63.24
C ASN B 801 28.65 7.47 -61.79
N PHE B 802 29.57 7.33 -60.86
CA PHE B 802 29.29 7.30 -59.43
C PHE B 802 29.28 8.65 -58.75
N SER B 803 29.19 9.76 -59.43
CA SER B 803 29.28 11.00 -58.67
C SER B 803 28.21 11.13 -57.61
N GLN B 804 27.06 10.53 -57.79
CA GLN B 804 26.03 10.72 -56.78
C GLN B 804 26.30 9.99 -55.49
N ILE B 805 27.20 9.02 -55.42
CA ILE B 805 27.40 8.34 -54.15
C ILE B 805 28.78 8.52 -53.54
N LEU B 806 29.83 8.82 -54.27
CA LEU B 806 31.14 9.02 -53.67
C LEU B 806 31.16 10.34 -52.92
N PRO B 807 32.02 10.51 -51.93
CA PRO B 807 32.00 11.76 -51.18
C PRO B 807 32.36 12.96 -52.01
N ASP B 808 31.68 14.06 -51.70
CA ASP B 808 31.83 15.36 -52.35
C ASP B 808 32.83 16.23 -51.60
N PRO B 809 33.98 16.54 -52.17
CA PRO B 809 34.96 17.37 -51.45
C PRO B 809 34.55 18.80 -51.19
N SER B 810 33.55 19.34 -51.87
CA SER B 810 33.21 20.75 -51.66
C SER B 810 32.71 21.02 -50.25
N LYS B 811 31.63 20.38 -49.84
CA LYS B 811 31.09 20.66 -48.52
C LYS B 811 32.07 20.19 -47.46
N PRO B 812 32.11 20.86 -46.31
CA PRO B 812 33.07 20.45 -45.28
C PRO B 812 32.73 19.12 -44.65
N SER B 813 31.46 18.77 -44.54
CA SER B 813 31.12 17.49 -43.95
C SER B 813 31.52 16.32 -44.83
N LYS B 814 31.81 16.55 -46.11
CA LYS B 814 32.28 15.50 -46.99
C LYS B 814 31.29 14.37 -47.20
N ARG B 815 30.02 14.69 -47.28
CA ARG B 815 29.02 13.67 -47.54
C ARG B 815 28.64 13.70 -49.01
N SER B 816 28.34 12.54 -49.57
CA SER B 816 27.86 12.52 -50.94
C SER B 816 26.55 13.25 -51.07
N PRO B 817 26.12 13.61 -52.26
CA PRO B 817 24.81 14.25 -52.36
C PRO B 817 23.64 13.44 -51.91
N ILE B 818 23.59 12.15 -52.17
CA ILE B 818 22.45 11.39 -51.66
C ILE B 818 22.46 11.42 -50.14
N GLU B 819 23.62 11.36 -49.54
CA GLU B 819 23.69 11.40 -48.11
C GLU B 819 23.14 12.71 -47.59
N ASP B 820 23.43 13.80 -48.28
CA ASP B 820 22.89 15.10 -47.89
C ASP B 820 21.39 15.15 -48.00
N LEU B 821 20.85 14.60 -49.07
CA LEU B 821 19.41 14.59 -49.17
C LEU B 821 18.81 13.86 -47.99
N LEU B 822 19.42 12.75 -47.59
CA LEU B 822 18.89 12.05 -46.45
C LEU B 822 18.96 12.88 -45.18
N PHE B 823 20.06 13.58 -44.95
CA PHE B 823 20.12 14.36 -43.71
C PHE B 823 19.14 15.49 -43.68
N ASN B 824 18.79 16.06 -44.79
CA ASN B 824 17.85 17.16 -44.66
C ASN B 824 16.44 16.64 -44.55
N LYS B 825 16.17 15.46 -45.08
CA LYS B 825 14.80 15.00 -45.06
C LYS B 825 14.30 14.67 -43.66
N VAL B 826 15.16 14.23 -42.75
CA VAL B 826 14.70 13.86 -41.41
C VAL B 826 15.35 14.79 -40.40
N THR B 827 14.56 15.25 -39.44
CA THR B 827 15.12 16.14 -38.44
C THR B 827 14.62 15.76 -37.06
N LEU B 828 15.25 16.39 -36.06
CA LEU B 828 14.97 16.18 -34.64
C LEU B 828 13.62 16.72 -34.22
N PHE B 855 15.10 20.74 -17.95
CA PHE B 855 14.47 19.52 -17.49
C PHE B 855 14.40 19.22 -16.02
N ASN B 856 13.92 18.01 -15.77
CA ASN B 856 13.70 17.47 -14.45
C ASN B 856 14.47 16.21 -14.19
N GLY B 857 15.73 16.15 -14.56
CA GLY B 857 16.47 14.95 -14.30
C GLY B 857 16.59 13.98 -15.43
N LEU B 858 16.16 14.34 -16.62
CA LEU B 858 16.25 13.50 -17.80
C LEU B 858 17.29 14.12 -18.71
N THR B 859 18.25 13.32 -19.12
CA THR B 859 19.33 13.82 -19.95
C THR B 859 19.55 12.88 -21.11
N VAL B 860 19.92 13.43 -22.25
CA VAL B 860 20.21 12.67 -23.45
C VAL B 860 21.70 12.67 -23.67
N LEU B 861 22.26 11.55 -23.73
CA LEU B 861 23.70 11.43 -23.93
C LEU B 861 24.03 11.39 -25.41
N PRO B 862 25.20 11.84 -25.84
CA PRO B 862 25.52 11.83 -27.24
C PRO B 862 26.01 10.47 -27.67
N PRO B 863 25.95 10.15 -28.97
CA PRO B 863 26.48 8.89 -29.47
C PRO B 863 27.98 8.91 -29.55
N LEU B 864 28.58 7.73 -29.56
CA LEU B 864 30.03 7.67 -29.64
C LEU B 864 30.58 8.01 -31.00
N LEU B 865 30.05 7.44 -32.06
CA LEU B 865 30.53 7.79 -33.40
C LEU B 865 29.81 9.01 -33.93
N THR B 866 30.53 10.08 -34.15
CA THR B 866 29.88 11.24 -34.68
C THR B 866 29.55 11.05 -36.13
N ASP B 867 28.76 11.94 -36.69
CA ASP B 867 28.40 11.81 -38.11
C ASP B 867 29.59 11.82 -39.03
N GLU B 868 30.59 12.60 -38.73
CA GLU B 868 31.75 12.63 -39.59
C GLU B 868 32.41 11.27 -39.68
N MET B 869 32.57 10.59 -38.56
CA MET B 869 33.23 9.32 -38.64
C MET B 869 32.38 8.28 -39.33
N ILE B 870 31.08 8.30 -39.16
CA ILE B 870 30.30 7.32 -39.89
C ILE B 870 30.39 7.54 -41.38
N ALA B 871 30.35 8.79 -41.82
CA ALA B 871 30.49 8.99 -43.25
C ALA B 871 31.85 8.52 -43.73
N GLN B 872 32.87 8.67 -42.92
CA GLN B 872 34.16 8.16 -43.34
C GLN B 872 34.17 6.64 -43.47
N TYR B 873 33.56 5.92 -42.53
CA TYR B 873 33.51 4.48 -42.70
C TYR B 873 32.77 4.07 -43.95
N THR B 874 31.64 4.71 -44.21
CA THR B 874 30.92 4.36 -45.41
C THR B 874 31.74 4.63 -46.64
N SER B 875 32.45 5.73 -46.67
CA SER B 875 33.27 5.96 -47.85
C SER B 875 34.30 4.87 -47.99
N ALA B 876 34.82 4.36 -46.90
CA ALA B 876 35.75 3.25 -47.06
C ALA B 876 35.10 2.06 -47.71
N LEU B 877 33.91 1.69 -47.28
CA LEU B 877 33.28 0.55 -47.95
C LEU B 877 33.04 0.83 -49.42
N LEU B 878 32.63 2.04 -49.79
CA LEU B 878 32.46 2.29 -51.21
C LEU B 878 33.76 2.17 -51.98
N ALA B 879 34.84 2.78 -51.52
CA ALA B 879 36.04 2.63 -52.32
C ALA B 879 36.46 1.19 -52.43
N GLY B 880 36.34 0.46 -51.35
CA GLY B 880 36.69 -0.94 -51.45
C GLY B 880 35.87 -1.69 -52.46
N THR B 881 34.54 -1.56 -52.40
CA THR B 881 33.71 -2.31 -53.33
C THR B 881 33.86 -1.84 -54.77
N ILE B 882 34.26 -0.60 -54.99
CA ILE B 882 34.37 -0.16 -56.36
C ILE B 882 35.63 -0.66 -56.97
N THR B 883 36.71 -0.79 -56.22
CA THR B 883 37.95 -1.16 -56.89
C THR B 883 38.31 -2.62 -56.72
N SER B 884 37.75 -3.36 -55.76
CA SER B 884 38.23 -4.68 -55.50
C SER B 884 37.23 -5.81 -55.38
N GLY B 885 35.95 -5.60 -55.54
CA GLY B 885 34.96 -6.69 -55.48
C GLY B 885 34.81 -7.45 -54.18
N TRP B 886 34.75 -8.77 -54.26
CA TRP B 886 34.57 -9.51 -53.02
C TRP B 886 35.82 -9.54 -52.20
N THR B 887 36.97 -9.38 -52.80
CA THR B 887 38.19 -9.73 -52.11
C THR B 887 38.43 -8.89 -50.89
N PHE B 888 38.04 -7.64 -50.90
CA PHE B 888 38.39 -6.88 -49.71
C PHE B 888 37.67 -7.39 -48.49
N GLY B 889 36.72 -8.25 -48.65
CA GLY B 889 36.02 -8.79 -47.51
C GLY B 889 36.59 -10.10 -47.05
N ALA B 890 37.41 -10.75 -47.86
CA ALA B 890 38.02 -12.04 -47.53
C ALA B 890 39.48 -11.98 -47.15
N GLY B 891 40.15 -10.86 -47.29
CA GLY B 891 41.54 -10.76 -46.95
C GLY B 891 42.20 -9.58 -47.59
N PRO B 892 43.35 -9.72 -48.18
CA PRO B 892 44.01 -8.57 -48.77
C PRO B 892 43.24 -8.08 -49.99
N ALA B 893 42.99 -6.78 -50.07
CA ALA B 893 42.24 -6.22 -51.19
C ALA B 893 43.03 -6.28 -52.48
N LEU B 894 42.51 -6.97 -53.49
CA LEU B 894 43.16 -7.12 -54.80
C LEU B 894 42.44 -6.30 -55.88
N GLN B 895 43.13 -5.35 -56.50
CA GLN B 895 42.52 -4.49 -57.51
C GLN B 895 42.20 -5.19 -58.80
N ILE B 896 41.07 -4.85 -59.41
CA ILE B 896 40.64 -5.42 -60.68
C ILE B 896 39.86 -4.37 -61.46
N PRO B 897 40.06 -4.23 -62.75
CA PRO B 897 39.31 -3.25 -63.53
C PRO B 897 37.82 -3.39 -63.36
N PHE B 898 37.10 -2.30 -63.27
CA PHE B 898 35.68 -2.43 -63.01
C PHE B 898 34.84 -3.15 -64.04
N PRO B 899 35.01 -3.02 -65.32
CA PRO B 899 34.20 -3.86 -66.19
C PRO B 899 34.41 -5.33 -65.96
N MET B 900 35.62 -5.80 -65.73
CA MET B 900 35.72 -7.22 -65.49
C MET B 900 35.03 -7.61 -64.23
N GLN B 901 35.00 -6.74 -63.27
CA GLN B 901 34.29 -7.13 -62.08
C GLN B 901 32.83 -7.29 -62.36
N MET B 902 32.23 -6.38 -63.11
CA MET B 902 30.84 -6.64 -63.40
C MET B 902 30.63 -7.88 -64.26
N ALA B 903 31.57 -8.26 -65.10
CA ALA B 903 31.39 -9.51 -65.82
C ALA B 903 31.41 -10.70 -64.90
N TYR B 904 32.33 -10.73 -63.95
CA TYR B 904 32.27 -11.77 -62.92
C TYR B 904 30.88 -11.86 -62.34
N ARG B 905 30.31 -10.75 -61.95
CA ARG B 905 29.01 -10.88 -61.31
C ARG B 905 27.96 -11.39 -62.28
N PHE B 906 28.02 -10.99 -63.54
CA PHE B 906 27.07 -11.55 -64.49
C PHE B 906 27.16 -13.06 -64.48
N ASN B 907 28.36 -13.63 -64.58
CA ASN B 907 28.42 -15.08 -64.41
C ASN B 907 27.72 -15.52 -63.17
N GLY B 908 27.82 -14.76 -62.13
CA GLY B 908 27.13 -15.20 -60.94
C GLY B 908 25.64 -15.39 -61.14
N ILE B 909 25.02 -14.62 -62.00
CA ILE B 909 23.59 -14.85 -62.24
C ILE B 909 23.35 -15.68 -63.49
N GLY B 910 24.33 -16.41 -63.97
CA GLY B 910 24.09 -17.32 -65.06
C GLY B 910 24.07 -16.79 -66.48
N VAL B 911 24.58 -15.60 -66.75
CA VAL B 911 24.65 -15.06 -68.09
C VAL B 911 26.12 -14.96 -68.43
N THR B 912 26.52 -15.51 -69.58
CA THR B 912 27.91 -15.52 -69.95
C THR B 912 28.43 -14.13 -70.21
N GLN B 913 29.69 -13.92 -69.90
CA GLN B 913 30.23 -12.57 -69.96
C GLN B 913 30.28 -11.96 -71.32
N ASN B 914 30.24 -12.72 -72.38
CA ASN B 914 30.22 -12.00 -73.64
C ASN B 914 29.03 -11.08 -73.69
N VAL B 915 27.95 -11.39 -72.99
CA VAL B 915 26.86 -10.43 -72.92
C VAL B 915 27.31 -9.16 -72.27
N LEU B 916 28.23 -9.18 -71.32
CA LEU B 916 28.62 -7.88 -70.80
C LEU B 916 29.60 -7.14 -71.69
N TYR B 917 30.58 -7.80 -72.27
CA TYR B 917 31.52 -7.00 -73.03
C TYR B 917 30.93 -6.41 -74.28
N GLU B 918 29.84 -6.92 -74.75
CA GLU B 918 29.24 -6.39 -75.96
C GLU B 918 28.23 -5.29 -75.68
N ASN B 919 27.88 -5.03 -74.46
CA ASN B 919 26.89 -4.02 -74.24
C ASN B 919 27.33 -3.08 -73.16
N GLN B 920 28.62 -2.91 -73.01
CA GLN B 920 29.11 -1.99 -72.01
C GLN B 920 28.50 -0.61 -72.16
N LYS B 921 28.41 -0.08 -73.36
CA LYS B 921 27.86 1.26 -73.50
C LYS B 921 26.41 1.28 -73.03
N LEU B 922 25.62 0.35 -73.52
CA LEU B 922 24.23 0.31 -73.14
C LEU B 922 24.05 0.08 -71.66
N ILE B 923 24.85 -0.79 -71.06
CA ILE B 923 24.66 -1.02 -69.64
C ILE B 923 25.04 0.22 -68.85
N ALA B 924 26.10 0.90 -69.24
CA ALA B 924 26.46 2.07 -68.48
C ALA B 924 25.37 3.11 -68.53
N ASN B 925 24.76 3.33 -69.68
CA ASN B 925 23.68 4.31 -69.70
C ASN B 925 22.52 3.88 -68.82
N GLN B 926 22.16 2.61 -68.84
CA GLN B 926 21.06 2.24 -67.98
C GLN B 926 21.41 2.43 -66.52
N PHE B 927 22.61 2.06 -66.12
CA PHE B 927 22.97 2.24 -64.71
C PHE B 927 23.00 3.69 -64.31
N ASN B 928 23.60 4.57 -65.12
CA ASN B 928 23.64 5.98 -64.75
C ASN B 928 22.26 6.59 -64.65
N SER B 929 21.40 6.30 -65.60
CA SER B 929 20.08 6.87 -65.50
C SER B 929 19.37 6.39 -64.24
N ALA B 930 19.53 5.12 -63.88
CA ALA B 930 18.84 4.69 -62.68
C ALA B 930 19.34 5.42 -61.45
N ILE B 931 20.65 5.61 -61.33
CA ILE B 931 21.11 6.32 -60.13
C ILE B 931 20.55 7.70 -60.13
N GLY B 932 20.39 8.29 -61.30
CA GLY B 932 19.84 9.64 -61.33
C GLY B 932 18.39 9.68 -60.90
N LYS B 933 17.60 8.69 -61.27
CA LYS B 933 16.22 8.77 -60.83
C LYS B 933 16.06 8.48 -59.34
N ILE B 934 17.02 7.82 -58.69
CA ILE B 934 16.87 7.59 -57.24
C ILE B 934 16.77 8.87 -56.45
N GLN B 935 17.60 9.83 -56.75
CA GLN B 935 17.59 11.05 -55.98
C GLN B 935 16.28 11.80 -56.11
N ASP B 936 15.76 11.91 -57.32
CA ASP B 936 14.48 12.56 -57.49
C ASP B 936 13.40 11.81 -56.72
N SER B 937 13.45 10.49 -56.74
CA SER B 937 12.44 9.74 -56.00
C SER B 937 12.51 10.02 -54.51
N LEU B 938 13.71 10.06 -53.95
CA LEU B 938 13.77 10.37 -52.52
C LEU B 938 13.23 11.75 -52.23
N SER B 939 13.44 12.70 -53.14
CA SER B 939 12.95 14.03 -52.80
C SER B 939 11.45 14.18 -52.96
N SER B 940 10.85 13.54 -53.96
CA SER B 940 9.42 13.71 -54.16
C SER B 940 8.56 12.85 -53.25
N THR B 941 9.05 11.72 -52.83
CA THR B 941 8.24 10.87 -51.98
C THR B 941 8.02 11.55 -50.63
N PRO B 942 6.79 11.62 -50.13
CA PRO B 942 6.54 12.29 -48.86
C PRO B 942 6.88 11.43 -47.64
N SER B 943 6.75 10.12 -47.77
CA SER B 943 6.94 9.25 -46.62
C SER B 943 7.85 8.08 -46.96
N ALA B 944 8.95 8.39 -47.62
CA ALA B 944 9.92 7.37 -47.94
C ALA B 944 10.73 6.97 -46.71
N LEU B 945 10.97 7.92 -45.80
CA LEU B 945 11.74 7.75 -44.58
C LEU B 945 10.88 7.48 -43.38
N GLY B 946 9.78 6.78 -43.56
CA GLY B 946 8.89 6.58 -42.44
C GLY B 946 9.53 5.92 -41.24
N LYS B 947 10.39 4.94 -41.46
CA LYS B 947 10.94 4.22 -40.32
C LYS B 947 11.85 5.06 -39.44
N LEU B 948 12.81 5.77 -40.02
CA LEU B 948 13.69 6.57 -39.18
C LEU B 948 12.92 7.66 -38.44
N GLN B 949 12.00 8.32 -39.14
CA GLN B 949 11.20 9.33 -38.50
C GLN B 949 10.39 8.75 -37.35
N ASP B 950 9.90 7.53 -37.51
CA ASP B 950 9.11 6.95 -36.44
C ASP B 950 9.94 6.68 -35.22
N VAL B 951 11.18 6.24 -35.41
CA VAL B 951 12.01 6.04 -34.23
C VAL B 951 12.16 7.33 -33.47
N VAL B 952 12.47 8.43 -34.15
CA VAL B 952 12.64 9.67 -33.40
C VAL B 952 11.35 10.08 -32.70
N ASN B 953 10.22 10.02 -33.38
CA ASN B 953 9.02 10.45 -32.70
C ASN B 953 8.62 9.56 -31.54
N HIS B 954 8.80 8.26 -31.63
CA HIS B 954 8.43 7.46 -30.47
C HIS B 954 9.27 7.83 -29.28
N ASN B 955 10.57 7.95 -29.45
CA ASN B 955 11.33 8.31 -28.28
C ASN B 955 10.91 9.67 -27.72
N ALA B 956 10.73 10.66 -28.56
CA ALA B 956 10.34 11.97 -28.04
C ALA B 956 9.02 11.89 -27.30
N GLN B 957 8.07 11.17 -27.84
CA GLN B 957 6.79 11.08 -27.18
C GLN B 957 6.89 10.39 -25.83
N ALA B 958 7.71 9.37 -25.71
CA ALA B 958 7.85 8.76 -24.39
C ALA B 958 8.39 9.76 -23.39
N LEU B 959 9.45 10.47 -23.71
CA LEU B 959 9.93 11.44 -22.73
C LEU B 959 8.88 12.48 -22.42
N ASN B 960 8.17 12.96 -23.43
CA ASN B 960 7.18 13.99 -23.16
C ASN B 960 6.11 13.51 -22.22
N THR B 961 5.58 12.33 -22.44
CA THR B 961 4.55 11.89 -21.52
C THR B 961 5.12 11.70 -20.15
N LEU B 962 6.38 11.28 -20.06
CA LEU B 962 6.97 11.15 -18.74
C LEU B 962 7.04 12.46 -18.01
N VAL B 963 7.36 13.54 -18.70
CA VAL B 963 7.38 14.82 -18.01
C VAL B 963 5.98 15.28 -17.69
N LYS B 964 5.04 15.00 -18.56
CA LYS B 964 3.69 15.48 -18.30
C LYS B 964 3.09 14.79 -17.10
N GLN B 965 3.43 13.54 -16.89
CA GLN B 965 2.82 12.91 -15.74
C GLN B 965 3.21 13.51 -14.42
N LEU B 966 4.09 14.50 -14.35
CA LEU B 966 4.32 15.07 -13.04
C LEU B 966 3.17 15.93 -12.56
N SER B 967 2.37 16.46 -13.45
CA SER B 967 1.33 17.31 -12.90
C SER B 967 0.20 16.55 -12.25
N SER B 968 -0.03 15.30 -12.60
CA SER B 968 -1.13 14.59 -11.97
C SER B 968 -0.90 14.45 -10.49
N LYS B 969 -1.99 14.48 -9.73
CA LYS B 969 -1.97 14.39 -8.29
C LYS B 969 -2.00 12.98 -7.70
N PHE B 970 -2.50 11.98 -8.40
CA PHE B 970 -2.52 10.63 -7.85
C PHE B 970 -3.28 10.51 -6.56
N GLY B 971 -4.20 11.40 -6.27
CA GLY B 971 -4.91 11.27 -5.03
C GLY B 971 -4.43 12.18 -3.92
N ALA B 972 -3.25 12.76 -4.03
CA ALA B 972 -2.85 13.65 -2.98
C ALA B 972 -3.62 14.95 -3.09
N ILE B 973 -3.69 15.69 -1.99
CA ILE B 973 -4.42 16.95 -2.02
C ILE B 973 -3.75 17.99 -2.90
N SER B 974 -2.49 17.81 -3.28
CA SER B 974 -1.86 18.78 -4.15
C SER B 974 -0.64 18.17 -4.78
N SER B 975 -0.23 18.73 -5.90
CA SER B 975 0.84 18.12 -6.67
C SER B 975 2.23 18.59 -6.33
N VAL B 976 2.44 19.79 -5.89
CA VAL B 976 3.79 20.22 -5.63
C VAL B 976 4.21 19.74 -4.24
N LEU B 977 5.44 19.25 -4.13
CA LEU B 977 5.83 18.70 -2.83
C LEU B 977 5.89 19.78 -1.79
N ASN B 978 6.24 20.99 -2.18
CA ASN B 978 6.42 22.07 -1.22
C ASN B 978 5.11 22.38 -0.49
N ASP B 979 4.02 22.50 -1.22
CA ASP B 979 2.76 22.76 -0.57
C ASP B 979 2.37 21.64 0.36
N ILE B 980 2.50 20.40 -0.10
CA ILE B 980 2.13 19.31 0.77
C ILE B 980 2.91 19.40 2.07
N LEU B 981 4.20 19.67 1.99
CA LEU B 981 4.97 19.73 3.22
C LEU B 981 4.79 21.04 3.96
N SER B 982 4.17 22.05 3.34
CA SER B 982 3.97 23.36 3.96
C SER B 982 2.65 23.43 4.71
N ARG B 983 1.56 23.13 4.04
CA ARG B 983 0.30 23.36 4.68
C ARG B 983 -0.21 22.11 5.39
N LEU B 984 0.70 21.29 5.94
CA LEU B 984 0.23 20.14 6.70
C LEU B 984 1.31 19.68 7.67
N ASP B 985 0.87 19.13 8.80
CA ASP B 985 1.78 18.62 9.81
C ASP B 985 2.44 17.33 9.35
N PRO B 986 3.59 16.99 9.93
CA PRO B 986 4.33 15.81 9.48
C PRO B 986 3.56 14.51 9.59
N PRO B 987 2.80 14.27 10.65
CA PRO B 987 2.09 12.98 10.70
C PRO B 987 1.16 12.74 9.53
N GLU B 988 0.37 13.76 9.12
CA GLU B 988 -0.48 13.58 7.95
C GLU B 988 0.24 13.85 6.64
N ALA B 989 1.21 14.76 6.62
CA ALA B 989 1.97 14.99 5.40
C ALA B 989 2.71 13.75 5.00
N GLU B 990 3.06 12.90 5.95
CA GLU B 990 3.71 11.67 5.59
C GLU B 990 2.83 10.85 4.67
N VAL B 991 1.58 10.63 5.07
CA VAL B 991 0.72 9.81 4.23
C VAL B 991 0.31 10.57 2.99
N GLN B 992 0.38 11.89 2.99
CA GLN B 992 0.14 12.56 1.72
C GLN B 992 1.35 12.54 0.80
N ILE B 993 2.55 12.32 1.31
CA ILE B 993 3.68 12.24 0.41
C ILE B 993 3.95 10.83 -0.02
N ASP B 994 3.59 9.86 0.80
CA ASP B 994 3.65 8.49 0.37
C ASP B 994 2.90 8.30 -0.92
N ARG B 995 1.74 8.91 -1.02
CA ARG B 995 0.94 8.72 -2.20
C ARG B 995 1.65 9.22 -3.44
N LEU B 996 2.20 10.43 -3.40
CA LEU B 996 2.90 10.91 -4.58
C LEU B 996 4.10 10.04 -4.91
N ILE B 997 4.90 9.68 -3.93
CA ILE B 997 6.04 8.84 -4.27
C ILE B 997 5.60 7.59 -4.94
N THR B 998 4.66 6.86 -4.37
CA THR B 998 4.35 5.60 -5.03
C THR B 998 3.81 5.83 -6.42
N GLY B 999 3.03 6.88 -6.64
CA GLY B 999 2.50 7.07 -7.97
C GLY B 999 3.57 7.41 -8.98
N ARG B 1000 4.47 8.31 -8.63
CA ARG B 1000 5.50 8.66 -9.58
C ARG B 1000 6.47 7.53 -9.81
N LEU B 1001 6.71 6.73 -8.79
CA LEU B 1001 7.58 5.60 -9.00
C LEU B 1001 6.97 4.60 -9.95
N GLN B 1002 5.69 4.34 -9.86
CA GLN B 1002 5.17 3.43 -10.86
C GLN B 1002 5.25 4.03 -12.24
N SER B 1003 5.03 5.33 -12.37
CA SER B 1003 5.13 5.90 -13.71
C SER B 1003 6.52 5.70 -14.30
N LEU B 1004 7.55 5.97 -13.51
CA LEU B 1004 8.89 5.79 -14.03
C LEU B 1004 9.16 4.34 -14.37
N GLN B 1005 8.59 3.43 -13.61
CA GLN B 1005 8.80 2.04 -13.92
C GLN B 1005 8.21 1.66 -15.25
N THR B 1006 7.04 2.16 -15.55
CA THR B 1006 6.48 1.89 -16.86
C THR B 1006 7.35 2.41 -17.97
N TYR B 1007 7.89 3.61 -17.81
CA TYR B 1007 8.77 4.11 -18.86
C TYR B 1007 9.94 3.18 -19.09
N VAL B 1008 10.58 2.69 -18.05
CA VAL B 1008 11.73 1.84 -18.34
C VAL B 1008 11.33 0.56 -19.01
N THR B 1009 10.19 -0.01 -18.67
CA THR B 1009 9.84 -1.22 -19.41
C THR B 1009 9.58 -0.92 -20.87
N GLN B 1010 8.89 0.16 -21.17
CA GLN B 1010 8.69 0.45 -22.57
C GLN B 1010 10.03 0.59 -23.28
N GLN B 1011 11.00 1.24 -22.65
CA GLN B 1011 12.27 1.36 -23.36
C GLN B 1011 12.96 0.03 -23.53
N LEU B 1012 12.85 -0.89 -22.60
CA LEU B 1012 13.50 -2.15 -22.88
C LEU B 1012 12.89 -2.85 -24.05
N ILE B 1013 11.58 -2.87 -24.15
CA ILE B 1013 11.03 -3.54 -25.31
C ILE B 1013 11.44 -2.86 -26.61
N ARG B 1014 11.34 -1.55 -26.69
CA ARG B 1014 11.77 -0.99 -27.96
C ARG B 1014 13.22 -1.22 -28.24
N ALA B 1015 14.07 -1.25 -27.25
CA ALA B 1015 15.47 -1.49 -27.58
C ALA B 1015 15.65 -2.89 -28.09
N ALA B 1016 14.93 -3.85 -27.57
CA ALA B 1016 15.03 -5.17 -28.16
C ALA B 1016 14.62 -5.14 -29.61
N GLU B 1017 13.56 -4.43 -29.91
CA GLU B 1017 13.15 -4.33 -31.30
C GLU B 1017 14.24 -3.75 -32.19
N ILE B 1018 14.86 -2.66 -31.77
CA ILE B 1018 15.87 -2.09 -32.62
C ILE B 1018 17.06 -2.99 -32.73
N ARG B 1019 17.38 -3.74 -31.71
CA ARG B 1019 18.50 -4.65 -31.87
C ARG B 1019 18.20 -5.69 -32.92
N ALA B 1020 17.00 -6.23 -32.96
CA ALA B 1020 16.73 -7.16 -34.05
C ALA B 1020 16.93 -6.50 -35.39
N SER B 1021 16.42 -5.29 -35.56
CA SER B 1021 16.62 -4.63 -36.83
C SER B 1021 18.08 -4.40 -37.13
N ALA B 1022 18.88 -4.05 -36.15
CA ALA B 1022 20.28 -3.82 -36.46
C ALA B 1022 21.00 -5.09 -36.83
N ASN B 1023 20.68 -6.20 -36.20
CA ASN B 1023 21.27 -7.44 -36.66
C ASN B 1023 20.90 -7.71 -38.10
N LEU B 1024 19.65 -7.48 -38.47
CA LEU B 1024 19.33 -7.69 -39.88
C LEU B 1024 20.17 -6.78 -40.74
N ALA B 1025 20.38 -5.55 -40.34
CA ALA B 1025 21.21 -4.68 -41.17
C ALA B 1025 22.62 -5.21 -41.27
N ALA B 1026 23.17 -5.72 -40.20
CA ALA B 1026 24.53 -6.23 -40.33
C ALA B 1026 24.58 -7.39 -41.28
N THR B 1027 23.62 -8.28 -41.19
CA THR B 1027 23.60 -9.36 -42.17
C THR B 1027 23.52 -8.85 -43.57
N LYS B 1028 22.69 -7.85 -43.84
CA LYS B 1028 22.61 -7.38 -45.21
C LYS B 1028 23.92 -6.78 -45.62
N MET B 1029 24.55 -5.98 -44.78
CA MET B 1029 25.88 -5.50 -45.12
C MET B 1029 26.81 -6.63 -45.51
N SER B 1030 27.06 -7.56 -44.62
CA SER B 1030 28.02 -8.60 -44.96
C SER B 1030 27.65 -9.32 -46.24
N GLU B 1031 26.41 -9.72 -46.39
CA GLU B 1031 26.10 -10.59 -47.52
C GLU B 1031 25.89 -9.83 -48.80
N CYS B 1032 25.27 -8.64 -48.79
CA CYS B 1032 25.03 -7.97 -50.04
C CYS B 1032 26.16 -7.03 -50.42
N VAL B 1033 26.80 -6.29 -49.54
CA VAL B 1033 27.83 -5.37 -50.03
C VAL B 1033 29.13 -6.07 -50.29
N LEU B 1034 29.62 -6.80 -49.33
CA LEU B 1034 30.89 -7.49 -49.40
C LEU B 1034 30.83 -8.73 -50.23
N GLY B 1035 29.77 -8.96 -50.97
CA GLY B 1035 29.69 -10.14 -51.79
C GLY B 1035 28.49 -10.12 -52.69
N GLN B 1036 28.10 -11.28 -53.14
CA GLN B 1036 26.96 -11.44 -54.01
C GLN B 1036 26.11 -12.56 -53.47
N SER B 1037 24.83 -12.35 -53.32
CA SER B 1037 24.01 -13.36 -52.69
C SER B 1037 23.14 -14.05 -53.70
N LYS B 1038 23.06 -15.34 -53.60
CA LYS B 1038 22.13 -16.08 -54.42
C LYS B 1038 20.80 -16.24 -53.72
N ARG B 1039 20.65 -15.71 -52.53
CA ARG B 1039 19.39 -15.82 -51.82
C ARG B 1039 18.35 -15.03 -52.57
N VAL B 1040 17.21 -15.63 -52.83
CA VAL B 1040 16.22 -14.98 -53.65
C VAL B 1040 15.50 -13.88 -52.92
N ASP B 1041 15.50 -12.72 -53.51
CA ASP B 1041 14.71 -11.62 -53.01
C ASP B 1041 15.10 -11.24 -51.58
N PHE B 1042 16.40 -11.28 -51.32
CA PHE B 1042 16.95 -10.76 -50.08
C PHE B 1042 17.53 -9.40 -50.32
N CYS B 1043 18.45 -9.30 -51.24
CA CYS B 1043 19.05 -8.04 -51.61
C CYS B 1043 18.36 -7.39 -52.83
N GLY B 1044 17.08 -7.08 -52.68
CA GLY B 1044 16.33 -6.43 -53.74
C GLY B 1044 15.60 -7.40 -54.65
N LYS B 1045 14.62 -6.88 -55.37
CA LYS B 1045 13.80 -7.71 -56.25
C LYS B 1045 14.50 -7.93 -57.57
N GLY B 1046 14.75 -9.18 -57.91
CA GLY B 1046 15.44 -9.50 -59.14
C GLY B 1046 16.74 -10.19 -58.85
N TYR B 1047 17.42 -10.57 -59.90
CA TYR B 1047 18.72 -11.21 -59.78
C TYR B 1047 19.75 -10.22 -59.26
N HIS B 1048 20.33 -10.46 -58.09
CA HIS B 1048 21.21 -9.45 -57.49
C HIS B 1048 22.58 -9.35 -58.12
N LEU B 1049 23.02 -8.12 -58.41
CA LEU B 1049 24.37 -7.83 -58.88
C LEU B 1049 25.31 -7.25 -57.81
N MET B 1050 24.98 -6.13 -57.17
CA MET B 1050 25.85 -5.59 -56.13
C MET B 1050 25.05 -4.59 -55.31
N SER B 1051 25.64 -4.02 -54.27
CA SER B 1051 24.87 -3.08 -53.49
C SER B 1051 25.78 -2.03 -52.90
N PHE B 1052 25.30 -0.80 -52.75
CA PHE B 1052 26.10 0.28 -52.19
C PHE B 1052 25.42 0.82 -50.95
N PRO B 1053 26.07 0.97 -49.82
CA PRO B 1053 25.44 1.52 -48.65
C PRO B 1053 25.55 3.01 -48.57
N GLN B 1054 24.55 3.66 -47.97
CA GLN B 1054 24.62 5.09 -47.75
C GLN B 1054 24.15 5.41 -46.36
N SER B 1055 24.88 6.26 -45.63
CA SER B 1055 24.52 6.59 -44.27
C SER B 1055 23.29 7.46 -44.15
N ALA B 1056 22.59 7.34 -43.05
CA ALA B 1056 21.42 8.13 -42.71
C ALA B 1056 21.53 8.45 -41.23
N PRO B 1057 20.79 9.44 -40.73
CA PRO B 1057 20.93 9.81 -39.31
C PRO B 1057 20.79 8.67 -38.33
N HIS B 1058 19.95 7.72 -38.56
CA HIS B 1058 19.84 6.68 -37.56
C HIS B 1058 19.76 5.34 -38.22
N GLY B 1059 20.28 5.21 -39.43
CA GLY B 1059 20.17 3.93 -40.07
C GLY B 1059 20.99 3.90 -41.32
N VAL B 1060 20.75 2.91 -42.13
CA VAL B 1060 21.47 2.78 -43.37
C VAL B 1060 20.46 2.75 -44.46
N VAL B 1061 20.88 3.16 -45.64
CA VAL B 1061 20.06 3.15 -46.83
C VAL B 1061 20.82 2.42 -47.90
N PHE B 1062 20.39 1.24 -48.25
CA PHE B 1062 21.05 0.41 -49.24
C PHE B 1062 20.53 0.64 -50.63
N LEU B 1063 21.41 0.86 -51.58
CA LEU B 1063 21.03 1.01 -52.97
C LEU B 1063 21.26 -0.30 -53.72
N HIS B 1064 20.37 -1.28 -53.58
CA HIS B 1064 20.60 -2.55 -54.28
C HIS B 1064 20.52 -2.44 -55.78
N VAL B 1065 21.51 -2.93 -56.53
CA VAL B 1065 21.46 -2.97 -57.99
C VAL B 1065 21.10 -4.34 -58.51
N THR B 1066 19.98 -4.46 -59.18
CA THR B 1066 19.45 -5.74 -59.64
C THR B 1066 19.27 -5.79 -61.14
N TYR B 1067 19.42 -6.96 -61.73
CA TYR B 1067 19.24 -7.25 -63.14
C TYR B 1067 17.93 -7.95 -63.36
N VAL B 1068 17.08 -7.41 -64.22
CA VAL B 1068 15.74 -7.94 -64.46
C VAL B 1068 15.51 -8.20 -65.93
N PRO B 1069 15.13 -9.40 -66.35
CA PRO B 1069 14.85 -9.65 -67.76
C PRO B 1069 13.63 -8.96 -68.32
N ALA B 1070 13.55 -8.92 -69.64
CA ALA B 1070 12.41 -8.28 -70.31
C ALA B 1070 12.37 -8.68 -71.77
N GLN B 1071 11.26 -8.34 -72.43
CA GLN B 1071 11.01 -8.62 -73.85
C GLN B 1071 11.06 -10.10 -74.22
N GLU B 1072 10.21 -10.90 -73.59
CA GLU B 1072 10.25 -12.31 -73.87
C GLU B 1072 9.65 -12.65 -75.23
N LYS B 1073 9.89 -13.89 -75.66
CA LYS B 1073 9.44 -14.36 -76.96
C LYS B 1073 9.13 -15.84 -76.86
N ASN B 1074 8.18 -16.33 -77.66
CA ASN B 1074 7.79 -17.73 -77.65
C ASN B 1074 8.72 -18.65 -78.41
N PHE B 1075 8.82 -19.88 -77.96
CA PHE B 1075 9.65 -20.81 -78.69
C PHE B 1075 9.08 -22.19 -78.47
N THR B 1076 9.37 -23.11 -79.36
CA THR B 1076 8.97 -24.48 -79.16
C THR B 1076 10.18 -25.32 -78.78
N THR B 1077 10.05 -26.23 -77.80
CA THR B 1077 11.23 -26.94 -77.34
C THR B 1077 10.98 -28.41 -77.13
N ALA B 1078 12.07 -29.15 -77.03
CA ALA B 1078 12.04 -30.58 -76.77
C ALA B 1078 13.15 -30.97 -75.84
N PRO B 1079 12.98 -32.01 -75.06
CA PRO B 1079 13.98 -32.38 -74.10
C PRO B 1079 15.22 -33.00 -74.65
N ALA B 1080 15.24 -33.54 -75.84
CA ALA B 1080 16.46 -34.19 -76.28
C ALA B 1080 16.46 -34.30 -77.78
N ILE B 1081 17.60 -34.48 -78.37
CA ILE B 1081 17.68 -34.68 -79.82
C ILE B 1081 18.11 -36.10 -80.06
N CYS B 1082 17.52 -36.77 -81.03
CA CYS B 1082 17.87 -38.14 -81.32
C CYS B 1082 18.64 -38.18 -82.63
N HIS B 1083 19.86 -38.66 -82.59
CA HIS B 1083 20.72 -38.81 -83.77
C HIS B 1083 21.43 -40.13 -83.74
N ASP B 1084 21.41 -40.86 -84.85
CA ASP B 1084 22.03 -42.18 -84.91
C ASP B 1084 21.49 -43.10 -83.85
N GLY B 1085 20.30 -42.86 -83.40
CA GLY B 1085 19.75 -43.75 -82.42
C GLY B 1085 20.15 -43.45 -81.00
N LYS B 1086 21.00 -42.47 -80.73
CA LYS B 1086 21.35 -42.17 -79.36
C LYS B 1086 20.87 -40.76 -79.03
N ALA B 1087 20.49 -40.53 -77.79
CA ALA B 1087 19.91 -39.27 -77.39
C ALA B 1087 20.96 -38.27 -76.95
N HIS B 1088 20.80 -37.03 -77.33
CA HIS B 1088 21.68 -35.95 -76.93
C HIS B 1088 20.92 -34.98 -76.05
N PHE B 1089 21.53 -34.48 -75.00
CA PHE B 1089 20.99 -33.50 -74.07
C PHE B 1089 21.90 -32.30 -74.00
N PRO B 1090 21.41 -31.12 -73.64
CA PRO B 1090 22.27 -29.94 -73.66
C PRO B 1090 23.11 -29.83 -72.42
N ARG B 1091 24.38 -29.46 -72.57
CA ARG B 1091 25.21 -29.23 -71.40
C ARG B 1091 24.70 -28.09 -70.56
N GLU B 1092 24.43 -26.97 -71.19
CA GLU B 1092 23.83 -25.83 -70.52
C GLU B 1092 22.91 -25.14 -71.50
N GLY B 1093 21.71 -24.87 -71.08
CA GLY B 1093 20.78 -24.21 -71.93
C GLY B 1093 19.62 -25.11 -72.30
N VAL B 1094 18.93 -24.72 -73.36
CA VAL B 1094 17.72 -25.42 -73.71
C VAL B 1094 17.65 -25.64 -75.18
N PHE B 1095 17.08 -26.74 -75.64
CA PHE B 1095 16.85 -26.87 -77.06
C PHE B 1095 15.66 -26.06 -77.46
N VAL B 1096 15.89 -25.01 -78.22
CA VAL B 1096 14.86 -24.08 -78.63
C VAL B 1096 14.77 -24.12 -80.12
N SER B 1097 13.58 -24.24 -80.63
CA SER B 1097 13.31 -24.24 -82.05
C SER B 1097 12.57 -23.02 -82.50
N ASN B 1098 12.98 -22.43 -83.60
CA ASN B 1098 12.30 -21.23 -84.02
C ASN B 1098 11.33 -21.50 -85.15
N GLY B 1099 10.79 -22.71 -85.20
CA GLY B 1099 9.81 -23.07 -86.22
C GLY B 1099 10.27 -24.12 -87.20
N THR B 1100 11.51 -24.06 -87.64
CA THR B 1100 12.03 -24.99 -88.61
C THR B 1100 13.39 -25.57 -88.28
N HIS B 1101 14.16 -24.93 -87.43
CA HIS B 1101 15.51 -25.34 -87.12
C HIS B 1101 15.67 -25.46 -85.62
N TRP B 1102 16.55 -26.33 -85.18
CA TRP B 1102 16.77 -26.54 -83.76
C TRP B 1102 18.06 -25.90 -83.33
N PHE B 1103 18.08 -25.32 -82.15
CA PHE B 1103 19.27 -24.67 -81.64
C PHE B 1103 19.41 -24.91 -80.16
N VAL B 1104 20.57 -24.58 -79.63
CA VAL B 1104 20.85 -24.57 -78.20
C VAL B 1104 21.02 -23.15 -77.77
N THR B 1105 20.49 -22.79 -76.62
CA THR B 1105 20.61 -21.42 -76.18
C THR B 1105 20.68 -21.33 -74.67
N GLN B 1106 21.51 -20.45 -74.14
CA GLN B 1106 21.56 -20.31 -72.69
C GLN B 1106 20.20 -19.90 -72.18
N ARG B 1107 19.92 -20.21 -70.92
CA ARG B 1107 18.56 -20.07 -70.44
C ARG B 1107 18.10 -18.62 -70.33
N ASN B 1108 18.93 -17.71 -69.85
CA ASN B 1108 18.52 -16.33 -69.56
C ASN B 1108 18.73 -15.30 -70.65
N PHE B 1109 19.12 -15.66 -71.85
CA PHE B 1109 19.24 -14.59 -72.82
C PHE B 1109 19.31 -15.28 -74.16
N TYR B 1110 18.55 -14.89 -75.12
CA TYR B 1110 18.52 -15.59 -76.38
C TYR B 1110 19.80 -15.41 -77.15
N GLU B 1111 20.57 -16.47 -77.37
CA GLU B 1111 21.79 -16.42 -78.17
C GLU B 1111 21.95 -17.77 -78.84
N PRO B 1112 21.25 -18.00 -79.93
CA PRO B 1112 21.18 -19.31 -80.54
C PRO B 1112 22.49 -19.76 -81.11
N GLN B 1113 22.78 -21.03 -80.97
CA GLN B 1113 23.97 -21.61 -81.52
C GLN B 1113 23.64 -22.90 -82.24
N ILE B 1114 24.49 -23.30 -83.16
CA ILE B 1114 24.32 -24.58 -83.83
C ILE B 1114 24.54 -25.73 -82.88
N ILE B 1115 23.71 -26.75 -82.96
CA ILE B 1115 23.83 -27.91 -82.12
C ILE B 1115 25.01 -28.74 -82.55
N THR B 1116 26.00 -28.91 -81.69
CA THR B 1116 27.15 -29.68 -82.12
C THR B 1116 27.53 -30.67 -81.06
N THR B 1117 28.45 -31.56 -81.39
CA THR B 1117 28.92 -32.51 -80.40
C THR B 1117 29.68 -31.82 -79.29
N ASP B 1118 30.03 -30.58 -79.45
CA ASP B 1118 30.80 -29.93 -78.40
C ASP B 1118 29.96 -29.48 -77.22
N ASN B 1119 28.74 -29.00 -77.44
CA ASN B 1119 27.91 -28.49 -76.36
C ASN B 1119 26.78 -29.42 -75.93
N THR B 1120 26.84 -30.72 -76.21
CA THR B 1120 25.80 -31.64 -75.78
C THR B 1120 26.44 -32.94 -75.39
N PHE B 1121 25.80 -33.70 -74.54
CA PHE B 1121 26.38 -34.98 -74.16
C PHE B 1121 25.35 -36.06 -74.32
N VAL B 1122 25.79 -37.23 -74.53
CA VAL B 1122 24.94 -38.34 -74.92
C VAL B 1122 24.66 -39.26 -73.77
N SER B 1123 23.51 -39.88 -73.77
CA SER B 1123 23.24 -40.86 -72.73
C SER B 1123 22.21 -41.87 -73.21
N GLY B 1124 22.67 -43.06 -73.56
CA GLY B 1124 21.81 -44.18 -73.91
C GLY B 1124 20.99 -44.03 -75.17
N ASN B 1125 20.29 -45.07 -75.59
CA ASN B 1125 19.47 -44.99 -76.78
C ASN B 1125 18.25 -44.10 -76.57
N CYS B 1126 17.62 -43.73 -77.68
CA CYS B 1126 16.62 -42.67 -77.71
C CYS B 1126 15.21 -43.17 -77.74
N ASP B 1127 14.89 -44.28 -77.10
CA ASP B 1127 13.48 -44.62 -77.08
C ASP B 1127 12.81 -44.50 -75.72
N VAL B 1128 13.56 -44.23 -74.66
CA VAL B 1128 12.98 -44.10 -73.34
C VAL B 1128 12.50 -42.69 -72.98
N VAL B 1129 13.14 -41.67 -73.48
CA VAL B 1129 12.80 -40.30 -73.16
C VAL B 1129 11.53 -39.92 -73.87
N ILE B 1130 10.66 -39.16 -73.22
CA ILE B 1130 9.40 -38.73 -73.80
C ILE B 1130 9.53 -37.35 -74.42
N GLY B 1131 8.93 -37.17 -75.59
CA GLY B 1131 9.01 -35.93 -76.33
C GLY B 1131 10.26 -35.70 -77.13
N ILE B 1132 11.02 -36.73 -77.43
CA ILE B 1132 12.25 -36.58 -78.17
C ILE B 1132 11.94 -36.27 -79.62
N VAL B 1133 12.83 -35.51 -80.29
CA VAL B 1133 12.67 -35.05 -81.67
C VAL B 1133 13.87 -35.47 -82.50
N ASN B 1134 13.86 -35.20 -83.79
CA ASN B 1134 14.93 -35.67 -84.66
C ASN B 1134 15.73 -34.51 -85.21
N ASN B 1135 17.04 -34.66 -85.28
CA ASN B 1135 17.79 -33.60 -85.93
C ASN B 1135 19.25 -33.94 -86.10
N THR B 1136 19.89 -33.20 -86.97
CA THR B 1136 21.29 -33.38 -87.29
C THR B 1136 22.12 -32.73 -86.20
N VAL B 1137 23.10 -33.44 -85.62
CA VAL B 1137 24.03 -32.85 -84.66
C VAL B 1137 25.40 -32.82 -85.29
N TYR B 1138 25.79 -31.69 -85.87
CA TYR B 1138 27.05 -31.66 -86.59
C TYR B 1138 28.21 -31.85 -85.64
N ASP B 1139 29.24 -32.57 -86.08
CA ASP B 1139 30.48 -32.79 -85.32
C ASP B 1139 31.67 -32.11 -85.96
N PRO B 1140 32.34 -31.20 -85.28
CA PRO B 1140 33.41 -30.44 -85.92
C PRO B 1140 34.59 -31.24 -86.40
N LEU B 1141 34.76 -32.47 -85.97
CA LEU B 1141 35.93 -33.20 -86.47
C LEU B 1141 35.77 -33.68 -87.90
N GLN B 1142 34.54 -33.92 -88.35
CA GLN B 1142 34.36 -34.41 -89.72
C GLN B 1142 34.73 -33.36 -90.77
N PRO B 1143 34.18 -32.15 -90.75
CA PRO B 1143 34.56 -31.17 -91.77
C PRO B 1143 36.04 -30.89 -91.83
N GLU B 1144 36.77 -30.96 -90.72
CA GLU B 1144 38.20 -30.72 -90.84
C GLU B 1144 38.85 -31.87 -91.55
N LEU B 1145 38.43 -33.09 -91.20
CA LEU B 1145 38.94 -34.31 -91.81
C LEU B 1145 40.45 -34.36 -91.68
N ASP B 1146 40.92 -34.20 -90.45
CA ASP B 1146 42.36 -34.20 -90.20
C ASP B 1146 42.94 -35.60 -90.28
N ALA C 27 44.82 24.48 18.39
CA ALA C 27 45.69 23.94 17.36
C ALA C 27 44.93 23.00 16.45
N TYR C 28 45.65 22.26 15.60
CA TYR C 28 45.03 21.30 14.68
C TYR C 28 45.97 20.16 14.31
N THR C 29 45.39 19.01 13.95
CA THR C 29 46.16 17.86 13.49
C THR C 29 45.21 16.91 12.77
N ASN C 30 45.60 16.44 11.59
CA ASN C 30 44.78 15.55 10.78
C ASN C 30 44.61 14.17 11.38
N SER C 31 43.38 13.68 11.36
CA SER C 31 43.12 12.33 11.80
C SER C 31 43.26 11.44 10.61
N PHE C 32 44.10 10.44 10.70
CA PHE C 32 44.28 9.56 9.56
C PHE C 32 43.09 8.63 9.53
N THR C 33 43.20 7.46 8.94
CA THR C 33 42.04 6.59 8.82
C THR C 33 41.69 5.93 10.16
N ARG C 34 41.00 6.69 11.01
CA ARG C 34 40.70 6.26 12.38
C ARG C 34 39.24 6.57 12.71
N GLY C 35 38.80 6.09 13.87
CA GLY C 35 37.48 6.35 14.37
C GLY C 35 36.35 5.42 13.98
N VAL C 36 36.56 4.46 13.09
CA VAL C 36 35.50 3.54 12.74
C VAL C 36 35.23 2.54 13.86
N TYR C 37 33.98 2.17 14.05
CA TYR C 37 33.64 1.26 15.13
C TYR C 37 32.54 0.29 14.72
N TYR C 38 32.44 -0.82 15.41
CA TYR C 38 31.41 -1.80 15.09
C TYR C 38 30.04 -1.28 15.43
N PRO C 39 29.22 -1.04 14.49
CA PRO C 39 27.96 -0.36 14.78
C PRO C 39 26.79 -1.22 15.17
N ASP C 40 26.76 -2.50 14.83
CA ASP C 40 25.52 -3.24 14.99
C ASP C 40 25.64 -4.56 15.73
N LYS C 41 26.79 -4.88 16.28
CA LYS C 41 27.01 -6.11 17.05
C LYS C 41 26.45 -7.38 16.42
N VAL C 42 26.46 -7.51 15.10
CA VAL C 42 26.04 -8.74 14.44
C VAL C 42 27.22 -9.31 13.66
N PHE C 43 27.47 -10.58 13.80
CA PHE C 43 28.63 -11.18 13.15
C PHE C 43 28.36 -11.37 11.67
N ARG C 44 29.36 -11.08 10.84
CA ARG C 44 29.29 -11.28 9.39
C ARG C 44 30.65 -11.70 8.92
N SER C 45 30.70 -12.60 7.96
CA SER C 45 31.98 -13.16 7.58
C SER C 45 32.26 -12.98 6.10
N SER C 46 33.44 -12.47 5.80
CA SER C 46 33.93 -12.33 4.44
C SER C 46 32.90 -11.72 3.49
N VAL C 47 32.44 -10.51 3.83
CA VAL C 47 31.46 -9.81 3.02
C VAL C 47 31.69 -8.34 3.25
N LEU C 48 31.24 -7.53 2.31
CA LEU C 48 31.35 -6.09 2.44
C LEU C 48 30.00 -5.52 2.79
N HIS C 49 29.98 -4.54 3.67
CA HIS C 49 28.70 -4.00 4.07
C HIS C 49 28.78 -2.50 4.15
N SER C 50 27.77 -1.80 3.64
CA SER C 50 27.71 -0.34 3.68
C SER C 50 26.65 0.10 4.67
N THR C 51 27.00 1.00 5.58
CA THR C 51 26.12 1.44 6.64
C THR C 51 26.19 2.95 6.74
N GLN C 52 25.06 3.61 6.97
CA GLN C 52 25.04 5.05 7.18
C GLN C 52 24.91 5.38 8.66
N ASP C 53 25.97 5.89 9.26
CA ASP C 53 25.98 6.19 10.68
C ASP C 53 26.99 7.29 10.95
N LEU C 54 27.12 7.68 12.21
CA LEU C 54 28.03 8.75 12.63
C LEU C 54 29.44 8.21 12.79
N PHE C 55 30.29 8.53 11.83
CA PHE C 55 31.68 8.14 11.80
C PHE C 55 32.57 9.37 11.85
N LEU C 56 33.86 9.13 12.00
CA LEU C 56 34.86 10.19 11.96
C LEU C 56 35.39 10.32 10.55
N PRO C 57 35.11 11.40 9.84
CA PRO C 57 35.57 11.50 8.45
C PRO C 57 37.08 11.29 8.35
N PHE C 58 37.52 10.54 7.36
CA PHE C 58 38.94 10.30 7.26
C PHE C 58 39.68 11.56 6.86
N PHE C 59 40.94 11.64 7.27
CA PHE C 59 41.80 12.77 6.93
C PHE C 59 41.25 14.10 7.40
N SER C 60 40.46 14.11 8.47
CA SER C 60 39.98 15.35 9.02
C SER C 60 40.89 15.79 10.15
N ASN C 61 41.04 17.09 10.31
CA ASN C 61 41.91 17.62 11.34
C ASN C 61 41.20 17.58 12.69
N VAL C 62 41.97 17.37 13.76
CA VAL C 62 41.41 17.29 15.10
C VAL C 62 42.21 18.17 16.05
N THR C 63 41.50 18.81 16.98
CA THR C 63 42.10 19.69 17.98
C THR C 63 43.00 18.96 18.94
N TRP C 64 44.07 19.62 19.35
CA TRP C 64 45.12 19.05 20.19
C TRP C 64 45.26 19.87 21.46
N PHE C 65 45.25 19.23 22.61
CA PHE C 65 45.42 19.92 23.88
C PHE C 65 46.40 19.18 24.75
N HIS C 66 47.00 19.89 25.72
CA HIS C 66 47.99 19.29 26.60
C HIS C 66 47.51 19.23 28.05
N ALA C 67 48.08 18.24 28.75
CA ALA C 67 47.74 17.89 30.11
C ALA C 67 48.87 18.34 31.02
N ILE C 68 49.15 19.64 31.07
CA ILE C 68 50.15 20.13 32.01
C ILE C 68 49.49 20.87 33.17
N HIS C 69 48.91 22.03 32.90
CA HIS C 69 48.16 22.77 33.90
C HIS C 69 47.29 23.77 33.17
N VAL C 70 46.14 24.06 33.77
CA VAL C 70 45.21 25.08 33.33
C VAL C 70 45.39 25.57 31.90
N ASP C 80 40.67 24.63 35.14
CA ASP C 80 41.95 24.28 34.54
C ASP C 80 41.82 23.90 33.06
N ASN C 81 40.77 23.15 32.70
CA ASN C 81 40.66 22.69 31.34
C ASN C 81 39.36 23.26 30.79
N PRO C 82 39.39 23.80 29.59
CA PRO C 82 38.19 24.39 29.01
C PRO C 82 37.18 23.38 28.53
N VAL C 83 35.97 23.88 28.45
CA VAL C 83 34.82 23.09 28.07
C VAL C 83 34.83 22.99 26.56
N LEU C 84 34.46 21.83 26.05
CA LEU C 84 34.41 21.58 24.64
C LEU C 84 32.99 21.17 24.33
N PRO C 85 32.37 21.70 23.29
CA PRO C 85 30.98 21.35 23.06
C PRO C 85 30.84 19.93 22.57
N PHE C 86 29.66 19.39 22.84
CA PHE C 86 29.22 18.07 22.43
C PHE C 86 28.25 18.21 21.28
N ASN C 87 28.80 18.45 20.09
CA ASN C 87 27.94 18.77 18.96
C ASN C 87 27.04 17.58 18.70
N ASP C 88 27.66 16.44 18.35
CA ASP C 88 26.93 15.24 18.03
C ASP C 88 27.56 13.95 18.51
N GLY C 89 28.78 13.95 19.01
CA GLY C 89 29.46 12.72 19.36
C GLY C 89 30.94 13.02 19.34
N VAL C 90 31.71 12.48 20.24
CA VAL C 90 33.10 12.88 20.38
C VAL C 90 34.03 11.72 20.23
N TYR C 91 35.11 11.92 19.54
CA TYR C 91 36.11 10.87 19.44
C TYR C 91 37.26 11.38 20.27
N PHE C 92 37.44 10.80 21.41
CA PHE C 92 38.38 11.24 22.40
C PHE C 92 39.50 10.24 22.41
N ALA C 93 40.68 10.62 21.97
CA ALA C 93 41.82 9.74 22.03
C ALA C 93 42.77 10.27 23.06
N SER C 94 43.47 9.39 23.76
CA SER C 94 44.36 9.89 24.78
C SER C 94 45.59 9.00 24.82
N THR C 95 46.74 9.63 24.78
CA THR C 95 48.04 8.98 24.91
C THR C 95 48.70 9.37 26.22
N GLU C 96 48.78 8.42 27.14
CA GLU C 96 49.30 8.66 28.47
C GLU C 96 49.94 7.38 28.95
N LYS C 97 50.80 7.50 29.95
CA LYS C 97 51.45 6.31 30.50
C LYS C 97 51.52 6.39 32.02
N SER C 98 50.66 7.20 32.63
CA SER C 98 50.64 7.32 34.08
C SER C 98 49.22 7.38 34.64
N ASN C 99 48.19 7.15 33.83
CA ASN C 99 46.80 7.24 34.28
C ASN C 99 46.51 8.62 34.88
N ILE C 100 46.95 9.66 34.18
CA ILE C 100 46.80 11.04 34.63
C ILE C 100 45.41 11.60 34.34
N ILE C 101 44.76 11.14 33.28
CA ILE C 101 43.40 11.55 32.96
C ILE C 101 42.43 10.49 33.45
N ARG C 102 41.46 10.90 34.23
CA ARG C 102 40.68 9.95 34.99
C ARG C 102 39.18 10.08 34.84
N GLY C 103 38.67 11.04 34.09
CA GLY C 103 37.23 11.10 33.97
C GLY C 103 36.73 12.23 33.12
N TRP C 104 35.41 12.34 33.09
CA TRP C 104 34.71 13.31 32.29
C TRP C 104 33.51 13.76 33.08
N ILE C 105 32.87 14.84 32.66
CA ILE C 105 31.63 15.26 33.27
C ILE C 105 30.76 15.80 32.17
N PHE C 106 29.51 15.37 32.10
CA PHE C 106 28.70 15.84 30.99
C PHE C 106 27.41 16.41 31.53
N GLY C 107 26.66 17.07 30.68
CA GLY C 107 25.37 17.60 31.10
C GLY C 107 25.02 18.90 30.41
N THR C 108 23.82 19.38 30.70
CA THR C 108 23.36 20.65 30.17
C THR C 108 23.77 21.84 31.02
N THR C 109 24.25 21.61 32.23
CA THR C 109 24.73 22.68 33.10
C THR C 109 25.47 22.05 34.27
N LEU C 110 26.40 22.81 34.83
CA LEU C 110 27.17 22.33 35.97
C LEU C 110 26.43 22.46 37.30
N ASP C 111 25.33 23.20 37.33
CA ASP C 111 24.57 23.36 38.56
C ASP C 111 23.69 22.15 38.77
N SER C 112 23.13 22.04 39.95
CA SER C 112 22.26 20.90 40.18
C SER C 112 20.88 21.09 39.62
N LYS C 113 20.66 22.20 38.90
CA LYS C 113 19.35 22.49 38.33
C LYS C 113 18.96 21.52 37.21
N THR C 114 19.89 20.66 36.76
CA THR C 114 19.64 19.68 35.72
C THR C 114 20.51 18.47 35.99
N GLN C 115 20.07 17.31 35.49
CA GLN C 115 20.75 16.05 35.81
C GLN C 115 22.06 15.86 35.06
N SER C 116 23.11 16.53 35.51
CA SER C 116 24.39 16.30 34.85
C SER C 116 24.85 14.87 35.09
N LEU C 117 25.93 14.50 34.43
CA LEU C 117 26.43 13.13 34.42
C LEU C 117 27.87 13.13 34.91
N LEU C 118 28.31 12.03 35.49
CA LEU C 118 29.68 11.90 35.98
C LEU C 118 30.24 10.55 35.56
N ILE C 119 31.48 10.54 35.08
CA ILE C 119 32.18 9.29 34.76
C ILE C 119 33.58 9.37 35.32
N VAL C 120 33.93 8.48 36.22
CA VAL C 120 35.21 8.58 36.89
C VAL C 120 35.93 7.25 36.87
N ASN C 121 37.11 7.23 36.29
CA ASN C 121 37.90 6.02 36.32
C ASN C 121 38.75 6.09 37.58
N ASN C 122 39.43 5.01 37.88
CA ASN C 122 40.28 4.95 39.07
C ASN C 122 41.17 3.74 38.92
N ALA C 123 42.12 3.60 39.83
CA ALA C 123 43.00 2.44 39.76
C ALA C 123 42.27 1.14 40.03
N THR C 124 41.13 1.17 40.72
CA THR C 124 40.45 -0.07 41.06
C THR C 124 39.22 -0.33 40.23
N ASN C 125 38.42 0.69 39.94
CA ASN C 125 37.15 0.49 39.24
C ASN C 125 36.62 1.86 38.83
N VAL C 126 35.61 1.84 37.98
CA VAL C 126 34.93 3.05 37.55
C VAL C 126 33.68 3.28 38.37
N VAL C 127 33.38 4.53 38.60
CA VAL C 127 32.17 4.95 39.27
C VAL C 127 31.41 5.85 38.33
N ILE C 128 30.25 5.40 37.89
CA ILE C 128 29.45 6.19 36.97
C ILE C 128 28.20 6.62 37.72
N LYS C 129 27.87 7.90 37.63
CA LYS C 129 26.78 8.41 38.41
C LYS C 129 26.03 9.45 37.61
N VAL C 130 24.73 9.53 37.80
CA VAL C 130 23.92 10.61 37.23
C VAL C 130 23.05 11.19 38.32
N CYS C 131 23.52 12.24 38.96
CA CYS C 131 22.88 12.77 40.15
C CYS C 131 22.78 14.29 40.18
N GLU C 132 23.05 14.96 39.08
CA GLU C 132 22.92 16.41 39.06
C GLU C 132 23.82 17.05 40.09
N PHE C 133 24.99 16.47 40.32
CA PHE C 133 25.89 17.04 41.29
C PHE C 133 26.52 18.31 40.75
N GLN C 134 26.37 19.40 41.48
CA GLN C 134 26.96 20.67 41.06
C GLN C 134 28.47 20.61 41.22
N PHE C 135 29.18 21.09 40.22
CA PHE C 135 30.64 21.09 40.20
C PHE C 135 31.17 22.46 40.52
N CYS C 136 32.48 22.52 40.77
CA CYS C 136 33.09 23.80 41.07
C CYS C 136 33.31 24.54 39.76
N ASN C 137 33.89 25.75 39.85
CA ASN C 137 34.17 26.52 38.64
C ASN C 137 35.11 25.76 37.72
N ASP C 138 35.94 24.90 38.28
CA ASP C 138 36.83 24.08 37.46
C ASP C 138 36.79 22.65 37.97
N PRO C 139 36.98 21.68 37.10
CA PRO C 139 37.02 20.29 37.57
C PRO C 139 38.20 20.11 38.51
N PHE C 140 37.96 19.44 39.62
CA PHE C 140 39.03 19.25 40.57
C PHE C 140 40.17 18.46 39.96
N LEU C 141 41.38 18.77 40.38
CA LEU C 141 42.58 18.12 39.89
C LEU C 141 43.01 17.11 40.94
N ASP C 142 42.87 15.83 40.60
CA ASP C 142 43.21 14.75 41.50
C ASP C 142 44.69 14.77 41.89
N PHE C 157 42.84 14.59 48.14
CA PHE C 157 42.49 15.14 46.84
C PHE C 157 41.62 14.17 46.05
N ARG C 158 40.64 13.56 46.69
CA ARG C 158 39.79 12.60 46.00
C ARG C 158 38.44 13.12 45.51
N VAL C 159 37.88 14.20 46.07
CA VAL C 159 36.58 14.65 45.58
C VAL C 159 36.37 16.16 45.75
N TYR C 160 35.59 16.74 44.83
CA TYR C 160 35.20 18.16 44.89
C TYR C 160 33.89 18.32 44.11
N SER C 161 32.76 18.40 44.82
CA SER C 161 31.46 18.55 44.17
C SER C 161 30.40 18.90 45.21
N SER C 162 29.27 19.41 44.71
CA SER C 162 28.13 19.81 45.53
C SER C 162 27.22 18.60 45.82
N ALA C 163 26.07 18.88 46.42
CA ALA C 163 25.06 17.88 46.77
C ALA C 163 24.50 17.14 45.55
N ASN C 164 23.83 16.02 45.84
CA ASN C 164 23.30 15.13 44.83
C ASN C 164 21.87 14.69 45.15
N ASN C 165 21.14 14.30 44.11
CA ASN C 165 19.79 13.72 44.17
C ASN C 165 19.73 12.50 43.28
N CYS C 166 20.74 11.65 43.43
CA CYS C 166 21.04 10.62 42.43
C CYS C 166 19.81 9.85 41.99
N THR C 167 19.76 9.57 40.68
CA THR C 167 18.75 8.70 40.09
C THR C 167 19.28 7.42 39.46
N PHE C 168 20.56 7.34 39.12
CA PHE C 168 21.09 6.11 38.53
C PHE C 168 22.55 6.01 38.95
N GLU C 169 23.00 4.80 39.20
CA GLU C 169 24.38 4.58 39.60
C GLU C 169 24.79 3.22 39.07
N TYR C 170 26.07 3.07 38.78
CA TYR C 170 26.56 1.90 38.09
C TYR C 170 28.02 1.76 38.44
N VAL C 171 28.53 0.53 38.45
CA VAL C 171 29.91 0.28 38.83
C VAL C 171 30.41 -0.93 38.06
N SER C 172 31.70 -0.93 37.71
CA SER C 172 32.28 -2.04 36.99
C SER C 172 33.79 -1.89 36.98
N GLN C 173 34.46 -2.85 36.35
CA GLN C 173 35.91 -2.89 36.30
C GLN C 173 36.47 -1.61 35.65
N PRO C 174 37.73 -1.29 35.92
CA PRO C 174 38.29 -0.04 35.42
C PRO C 174 38.58 -0.14 33.93
N PHE C 175 38.71 1.01 33.29
CA PHE C 175 39.07 1.07 31.88
C PHE C 175 40.56 0.97 31.59
N LEU C 176 41.24 -0.05 32.10
CA LEU C 176 42.68 -0.16 31.91
C LEU C 176 43.02 -1.60 31.53
N LYS C 187 52.45 5.57 25.94
CA LYS C 187 52.66 4.90 24.66
C LYS C 187 51.43 4.11 24.27
N ASN C 188 50.54 3.85 25.21
CA ASN C 188 49.31 3.12 24.95
C ASN C 188 48.25 4.11 24.50
N LEU C 189 47.72 3.90 23.32
CA LEU C 189 46.72 4.77 22.72
C LEU C 189 45.31 4.29 23.05
N ARG C 190 44.65 4.97 23.97
CA ARG C 190 43.27 4.68 24.34
C ARG C 190 42.32 5.53 23.52
N GLU C 191 41.31 4.92 22.94
CA GLU C 191 40.34 5.64 22.13
C GLU C 191 38.93 5.47 22.66
N PHE C 192 38.11 6.50 22.58
CA PHE C 192 36.75 6.41 23.10
C PHE C 192 35.81 7.16 22.18
N VAL C 193 34.60 6.66 22.01
CA VAL C 193 33.59 7.36 21.24
C VAL C 193 32.35 7.44 22.07
N PHE C 194 31.82 8.62 22.30
CA PHE C 194 30.65 8.77 23.13
C PHE C 194 29.51 9.19 22.24
N LYS C 195 28.42 8.49 22.32
CA LYS C 195 27.32 8.79 21.43
C LYS C 195 26.07 8.76 22.26
N ASN C 196 25.16 9.68 21.99
CA ASN C 196 23.92 9.74 22.76
C ASN C 196 22.81 10.22 21.83
N ILE C 197 22.03 9.28 21.30
CA ILE C 197 21.02 9.59 20.31
C ILE C 197 19.63 9.13 20.73
N ASP C 198 19.48 7.85 21.03
CA ASP C 198 18.14 7.31 21.22
C ASP C 198 17.78 7.22 22.68
N GLY C 199 18.17 8.20 23.48
CA GLY C 199 17.86 8.06 24.87
C GLY C 199 18.87 7.23 25.60
N TYR C 200 19.87 6.71 24.92
CA TYR C 200 20.91 5.93 25.56
C TYR C 200 22.22 6.65 25.27
N PHE C 201 23.15 6.53 26.19
CA PHE C 201 24.47 7.10 26.01
C PHE C 201 25.46 5.94 25.91
N LYS C 202 26.20 5.83 24.81
CA LYS C 202 27.00 4.63 24.54
C LYS C 202 28.48 4.92 24.42
N ILE C 203 29.31 3.97 24.83
CA ILE C 203 30.75 4.08 24.81
C ILE C 203 31.37 2.94 24.02
N TYR C 204 32.33 3.25 23.16
CA TYR C 204 33.16 2.28 22.47
C TYR C 204 34.63 2.55 22.77
N SER C 205 35.49 1.54 22.71
CA SER C 205 36.87 1.79 23.12
C SER C 205 37.83 0.76 22.55
N LYS C 206 39.12 1.08 22.62
CA LYS C 206 40.17 0.18 22.17
C LYS C 206 41.53 0.61 22.70
N HIS C 207 42.35 -0.36 23.08
CA HIS C 207 43.66 -0.13 23.67
C HIS C 207 44.72 -0.78 22.80
N THR C 208 45.62 0.00 22.25
CA THR C 208 46.53 -0.64 21.32
C THR C 208 47.98 -0.31 21.61
N PRO C 209 48.87 -1.24 21.32
CA PRO C 209 50.30 -0.96 21.41
C PRO C 209 50.70 0.14 20.43
N ILE C 210 51.91 0.65 20.63
CA ILE C 210 52.50 1.67 19.75
C ILE C 210 54.01 1.44 19.65
N ASP C 215 52.63 10.71 18.04
CA ASP C 215 51.76 11.05 16.92
C ASP C 215 50.77 9.92 16.65
N LEU C 216 49.73 10.20 15.88
CA LEU C 216 48.75 9.17 15.56
C LEU C 216 49.29 8.19 14.53
N PRO C 217 49.17 6.90 14.75
CA PRO C 217 49.69 5.95 13.77
C PRO C 217 48.72 5.93 12.60
N GLN C 218 49.22 5.53 11.45
CA GLN C 218 48.33 5.41 10.30
C GLN C 218 47.54 4.12 10.29
N GLY C 219 47.80 3.21 11.22
CA GLY C 219 47.16 1.91 11.22
C GLY C 219 45.69 1.94 11.55
N PHE C 220 44.96 1.03 10.91
CA PHE C 220 43.54 0.83 11.09
C PHE C 220 43.22 -0.13 12.23
N SER C 221 42.20 0.22 13.02
CA SER C 221 41.74 -0.58 14.15
C SER C 221 40.37 -0.11 14.58
N ALA C 222 39.41 -1.03 14.74
CA ALA C 222 38.05 -0.67 15.07
C ALA C 222 37.80 -0.70 16.56
N LEU C 223 36.89 0.17 17.02
CA LEU C 223 36.51 0.25 18.42
C LEU C 223 35.40 -0.75 18.78
N GLU C 224 35.46 -1.32 19.98
CA GLU C 224 34.45 -2.31 20.33
C GLU C 224 33.44 -1.76 21.30
N PRO C 225 32.16 -2.10 21.21
CA PRO C 225 31.17 -1.59 22.16
C PRO C 225 31.41 -2.04 23.58
N LEU C 226 31.63 -1.07 24.45
CA LEU C 226 31.96 -1.30 25.84
C LEU C 226 30.75 -1.29 26.77
N VAL C 227 29.94 -0.24 26.74
CA VAL C 227 28.77 -0.13 27.60
C VAL C 227 27.63 0.56 26.86
N ASP C 228 26.39 0.14 27.12
CA ASP C 228 25.19 0.75 26.54
C ASP C 228 24.25 1.22 27.65
N LEU C 229 24.31 2.40 27.98
CA LEU C 229 23.54 2.74 29.17
C LEU C 229 22.12 3.19 28.85
N PRO C 230 21.18 2.89 29.76
CA PRO C 230 19.77 3.27 29.59
C PRO C 230 19.44 4.68 30.04
N ILE C 231 20.41 5.39 30.61
CA ILE C 231 20.20 6.74 31.12
C ILE C 231 19.69 7.65 30.03
N GLY C 232 18.63 8.40 30.33
CA GLY C 232 18.08 9.29 29.31
C GLY C 232 18.33 10.78 29.45
N ILE C 233 19.44 11.16 30.07
CA ILE C 233 19.76 12.57 30.26
C ILE C 233 20.01 13.27 28.94
N ASN C 234 19.53 14.51 28.82
CA ASN C 234 19.77 15.34 27.64
C ASN C 234 21.17 15.94 27.77
N ILE C 235 22.15 15.30 27.14
CA ILE C 235 23.56 15.71 27.16
C ILE C 235 23.88 16.75 26.10
N THR C 236 24.47 17.88 26.51
CA THR C 236 24.90 18.88 25.53
C THR C 236 26.32 19.38 25.65
N ARG C 237 26.97 19.30 26.80
CA ARG C 237 28.35 19.74 26.97
C ARG C 237 29.22 18.73 27.67
N PHE C 238 30.54 18.85 27.48
CA PHE C 238 31.42 17.88 28.09
C PHE C 238 32.72 18.58 28.43
N GLN C 239 33.43 18.04 29.41
CA GLN C 239 34.67 18.59 29.93
C GLN C 239 35.59 17.44 30.23
N THR C 240 36.81 17.75 30.60
CA THR C 240 37.75 16.70 30.94
C THR C 240 38.17 16.82 32.40
N LEU C 241 38.76 15.75 32.95
CA LEU C 241 39.24 15.71 34.33
C LEU C 241 40.72 15.35 34.34
N LEU C 242 41.51 16.10 35.10
CA LEU C 242 42.95 15.91 35.18
C LEU C 242 43.35 15.43 36.57
N ALA C 243 44.64 15.07 36.72
CA ALA C 243 45.15 14.58 38.01
C ALA C 243 46.61 14.98 38.19
N LEU C 244 47.14 14.77 39.41
CA LEU C 244 48.51 15.12 39.72
C LEU C 244 48.94 14.50 41.06
N HIS C 245 50.23 14.20 41.15
CA HIS C 245 50.83 13.56 42.33
C HIS C 245 51.08 14.54 43.46
N ARG C 246 50.59 14.18 44.65
CA ARG C 246 50.81 14.96 45.87
C ARG C 246 50.41 16.41 45.61
N SER C 247 49.23 16.55 45.01
CA SER C 247 48.69 17.84 44.65
C SER C 247 47.53 18.24 45.54
N TYR C 248 47.49 19.52 45.88
CA TYR C 248 46.38 20.03 46.66
C TYR C 248 45.16 20.17 45.76
N LEU C 249 43.98 20.18 46.38
CA LEU C 249 42.74 20.27 45.64
C LEU C 249 41.91 21.29 46.41
N THR C 250 41.39 22.28 45.70
CA THR C 250 40.58 23.33 46.28
C THR C 250 39.47 23.76 45.33
N PRO C 251 38.38 24.32 45.87
CA PRO C 251 37.31 24.82 44.99
C PRO C 251 37.77 25.83 43.97
N GLY C 252 38.77 26.66 44.28
CA GLY C 252 39.27 27.61 43.31
C GLY C 252 40.77 27.63 43.31
N ASP C 253 41.38 27.67 42.13
CA ASP C 253 42.83 27.66 41.99
C ASP C 253 43.25 28.52 40.81
N SER C 254 44.52 28.92 40.83
CA SER C 254 45.09 29.74 39.76
C SER C 254 45.50 28.88 38.58
N SER C 255 46.23 29.48 37.63
CA SER C 255 46.68 28.78 36.43
C SER C 255 47.96 28.00 36.67
N SER C 256 48.39 27.89 37.92
CA SER C 256 49.60 27.15 38.25
C SER C 256 49.39 25.65 38.03
N GLY C 257 48.26 25.13 38.51
CA GLY C 257 48.02 23.71 38.33
C GLY C 257 49.05 22.95 39.13
N TRP C 258 49.22 21.68 38.79
CA TRP C 258 50.20 20.87 39.50
C TRP C 258 50.94 20.04 38.48
N THR C 259 52.16 19.64 38.83
CA THR C 259 52.95 18.88 37.87
C THR C 259 52.27 17.57 37.52
N ALA C 260 52.55 17.09 36.31
CA ALA C 260 51.99 15.84 35.84
C ALA C 260 52.87 15.32 34.71
N GLY C 261 52.66 14.06 34.35
CA GLY C 261 53.43 13.44 33.29
C GLY C 261 53.12 14.06 31.94
N ALA C 262 54.05 13.86 31.01
CA ALA C 262 53.88 14.36 29.66
C ALA C 262 52.73 13.62 29.00
N ALA C 263 51.72 14.34 28.52
CA ALA C 263 50.57 13.70 27.92
C ALA C 263 49.78 14.71 27.09
N ALA C 264 48.88 14.17 26.28
CA ALA C 264 48.04 14.99 25.40
C ALA C 264 46.79 14.21 25.03
N TYR C 265 45.75 14.96 24.67
CA TYR C 265 44.48 14.34 24.31
C TYR C 265 43.84 15.14 23.19
N TYR C 266 43.28 14.42 22.20
CA TYR C 266 42.65 14.97 21.02
C TYR C 266 41.14 14.86 21.05
N VAL C 267 40.47 15.72 20.32
CA VAL C 267 39.02 15.70 20.26
C VAL C 267 38.57 15.80 18.80
N GLY C 268 37.62 14.96 18.39
CA GLY C 268 37.11 15.06 17.03
C GLY C 268 35.60 14.93 17.06
N TYR C 269 34.94 15.50 16.05
CA TYR C 269 33.48 15.52 15.98
C TYR C 269 32.92 14.62 14.90
N LEU C 270 31.96 13.80 15.27
CA LEU C 270 31.33 12.90 14.31
C LEU C 270 30.30 13.63 13.46
N GLN C 271 30.06 13.08 12.27
CA GLN C 271 29.14 13.60 11.29
C GLN C 271 28.44 12.44 10.60
N PRO C 272 27.23 12.65 10.09
CA PRO C 272 26.53 11.57 9.36
C PRO C 272 27.22 11.28 8.03
N ARG C 273 27.72 10.05 7.88
CA ARG C 273 28.45 9.62 6.69
C ARG C 273 28.03 8.22 6.31
N THR C 274 28.35 7.84 5.10
CA THR C 274 28.14 6.48 4.63
C THR C 274 29.47 5.79 4.52
N PHE C 275 29.66 4.73 5.25
CA PHE C 275 30.91 4.01 5.30
C PHE C 275 30.75 2.61 4.78
N LEU C 276 31.73 2.17 4.03
CA LEU C 276 31.81 0.81 3.55
C LEU C 276 32.78 0.02 4.41
N LEU C 277 32.26 -0.89 5.23
CA LEU C 277 33.07 -1.63 6.18
C LEU C 277 33.39 -3.01 5.64
N LYS C 278 34.61 -3.46 5.84
CA LYS C 278 35.01 -4.77 5.36
C LYS C 278 35.23 -5.74 6.52
N TYR C 279 34.48 -6.83 6.55
CA TYR C 279 34.65 -7.86 7.57
C TYR C 279 35.47 -9.00 7.02
N ASN C 280 36.40 -9.50 7.83
CA ASN C 280 37.20 -10.66 7.43
C ASN C 280 36.50 -11.92 7.91
N GLU C 281 37.14 -13.07 7.74
CA GLU C 281 36.47 -14.31 8.11
C GLU C 281 36.21 -14.43 9.60
N ASN C 282 36.83 -13.63 10.44
CA ASN C 282 36.62 -13.74 11.87
C ASN C 282 35.70 -12.68 12.41
N GLY C 283 35.07 -11.90 11.55
CA GLY C 283 34.09 -10.98 12.04
C GLY C 283 34.64 -9.68 12.54
N THR C 284 35.86 -9.34 12.20
CA THR C 284 36.45 -8.09 12.62
C THR C 284 36.71 -7.21 11.41
N ILE C 285 36.52 -5.92 11.56
CA ILE C 285 36.72 -4.97 10.47
C ILE C 285 38.18 -4.73 10.18
N THR C 286 38.57 -4.88 8.93
CA THR C 286 39.96 -4.63 8.61
C THR C 286 40.20 -3.38 7.78
N ASP C 287 39.26 -2.96 6.91
CA ASP C 287 39.40 -1.74 6.12
C ASP C 287 38.05 -1.10 5.89
N ALA C 288 38.10 0.16 5.53
CA ALA C 288 36.91 0.91 5.26
C ALA C 288 37.27 2.02 4.31
N VAL C 289 36.30 2.45 3.51
CA VAL C 289 36.48 3.50 2.53
C VAL C 289 35.38 4.49 2.77
N ASP C 290 35.75 5.75 2.91
CA ASP C 290 34.73 6.75 3.12
C ASP C 290 34.03 7.03 1.83
N CYS C 291 32.75 6.71 1.79
CA CYS C 291 31.98 6.75 0.58
C CYS C 291 31.89 8.15 0.01
N ALA C 292 32.17 9.19 0.75
CA ALA C 292 32.01 10.52 0.20
C ALA C 292 33.29 11.34 0.28
N LEU C 293 34.46 10.70 0.28
CA LEU C 293 35.68 11.47 0.39
C LEU C 293 36.16 12.04 -0.93
N ASP C 294 36.48 11.21 -1.89
CA ASP C 294 37.01 11.65 -3.18
C ASP C 294 36.44 10.76 -4.27
N PRO C 295 36.61 11.08 -5.54
CA PRO C 295 35.98 10.25 -6.56
C PRO C 295 36.38 8.80 -6.59
N LEU C 296 37.62 8.46 -6.37
CA LEU C 296 37.92 7.04 -6.42
C LEU C 296 37.23 6.27 -5.30
N SER C 297 37.18 6.82 -4.10
CA SER C 297 36.47 6.17 -3.02
C SER C 297 34.99 6.07 -3.30
N GLU C 298 34.43 7.09 -3.91
CA GLU C 298 33.02 6.98 -4.20
C GLU C 298 32.73 5.89 -5.20
N THR C 299 33.62 5.69 -6.17
CA THR C 299 33.42 4.58 -7.10
C THR C 299 33.53 3.23 -6.42
N LYS C 300 34.52 3.06 -5.54
CA LYS C 300 34.57 1.80 -4.80
C LYS C 300 33.29 1.59 -4.04
N CYS C 301 32.82 2.63 -3.37
CA CYS C 301 31.64 2.44 -2.55
C CYS C 301 30.42 2.13 -3.40
N THR C 302 30.33 2.64 -4.63
CA THR C 302 29.13 2.28 -5.36
C THR C 302 29.19 0.85 -5.89
N LEU C 303 30.30 0.45 -6.52
CA LEU C 303 30.40 -0.96 -6.89
C LEU C 303 30.49 -1.94 -5.73
N LYS C 304 30.59 -1.49 -4.49
CA LYS C 304 30.74 -2.41 -3.37
C LYS C 304 31.92 -3.35 -3.61
N SER C 305 33.04 -2.78 -3.96
CA SER C 305 34.20 -3.62 -4.22
C SER C 305 35.46 -2.81 -4.03
N PHE C 306 36.43 -3.36 -3.35
CA PHE C 306 37.63 -2.60 -3.14
C PHE C 306 38.47 -2.41 -4.40
N THR C 307 38.32 -3.26 -5.41
CA THR C 307 39.05 -3.14 -6.67
C THR C 307 38.14 -2.84 -7.85
N VAL C 308 38.33 -1.69 -8.50
CA VAL C 308 37.57 -1.33 -9.68
C VAL C 308 38.42 -1.47 -10.94
N GLU C 309 37.86 -2.09 -11.97
CA GLU C 309 38.56 -2.33 -13.24
C GLU C 309 38.52 -1.11 -14.13
N LYS C 310 39.30 -1.15 -15.19
CA LYS C 310 39.35 -0.06 -16.15
C LYS C 310 38.01 0.20 -16.80
N GLY C 311 37.59 1.44 -16.84
CA GLY C 311 36.34 1.78 -17.48
C GLY C 311 35.85 3.13 -17.00
N ILE C 312 34.62 3.43 -17.38
CA ILE C 312 33.96 4.67 -17.01
C ILE C 312 32.73 4.33 -16.18
N TYR C 313 32.55 5.00 -15.05
CA TYR C 313 31.45 4.72 -14.11
C TYR C 313 30.70 5.99 -13.74
N GLN C 314 29.38 5.90 -13.75
CA GLN C 314 28.49 6.98 -13.33
C GLN C 314 28.15 6.98 -11.86
N THR C 315 28.84 7.78 -11.05
CA THR C 315 28.68 7.70 -9.61
C THR C 315 27.53 8.50 -9.02
N SER C 316 27.37 9.78 -9.36
CA SER C 316 26.38 10.58 -8.64
C SER C 316 25.97 11.78 -9.47
N ASN C 317 25.31 12.75 -8.83
CA ASN C 317 24.90 13.97 -9.49
C ASN C 317 25.35 15.18 -8.72
N PHE C 318 25.52 16.31 -9.40
CA PHE C 318 25.94 17.49 -8.68
C PHE C 318 24.87 18.51 -8.96
N ARG C 319 24.67 19.46 -8.07
CA ARG C 319 23.64 20.48 -8.28
C ARG C 319 24.02 21.69 -7.46
N VAL C 320 24.19 22.82 -8.13
CA VAL C 320 24.60 24.04 -7.45
C VAL C 320 23.58 24.45 -6.41
N GLN C 321 24.04 24.76 -5.23
CA GLN C 321 23.12 25.09 -4.16
C GLN C 321 22.69 26.55 -4.25
N PRO C 322 21.52 26.88 -3.71
CA PRO C 322 21.09 28.28 -3.71
C PRO C 322 21.99 29.07 -2.78
N THR C 323 22.37 30.26 -3.20
CA THR C 323 23.27 31.02 -2.33
C THR C 323 22.57 31.94 -1.36
N GLU C 324 21.28 32.20 -1.53
CA GLU C 324 20.53 33.07 -0.64
C GLU C 324 19.05 32.74 -0.78
N SER C 325 18.27 33.18 0.16
CA SER C 325 16.84 32.96 0.16
C SER C 325 16.10 34.28 0.33
N ILE C 326 15.04 34.50 -0.46
CA ILE C 326 14.34 35.76 -0.40
C ILE C 326 12.86 35.51 -0.20
N VAL C 327 12.23 36.41 0.55
CA VAL C 327 10.81 36.42 0.86
C VAL C 327 10.21 37.77 0.48
N ARG C 328 9.02 37.77 -0.10
CA ARG C 328 8.40 38.99 -0.59
C ARG C 328 6.94 39.09 -0.17
N PHE C 329 6.60 40.01 0.73
CA PHE C 329 5.25 40.22 1.21
C PHE C 329 4.75 41.66 1.16
N PRO C 330 3.41 41.83 1.13
CA PRO C 330 2.77 43.14 1.02
C PRO C 330 2.98 44.13 2.16
N ASN C 331 2.43 45.32 1.98
CA ASN C 331 2.48 46.41 2.95
C ASN C 331 1.32 46.28 3.93
N ILE C 332 1.12 45.11 4.53
CA ILE C 332 0.00 44.94 5.45
C ILE C 332 0.30 45.52 6.83
N THR C 333 0.25 46.85 6.96
CA THR C 333 0.49 47.46 8.27
C THR C 333 -0.74 47.51 9.18
N ASN C 334 -1.96 47.50 8.64
CA ASN C 334 -3.17 47.52 9.45
C ASN C 334 -3.61 46.13 9.89
N LEU C 335 -3.93 45.98 11.17
CA LEU C 335 -4.41 44.67 11.59
C LEU C 335 -5.88 44.51 11.26
N CYS C 336 -6.39 43.29 11.42
CA CYS C 336 -7.79 43.00 11.14
C CYS C 336 -8.63 42.73 12.39
N PRO C 337 -9.95 43.02 12.34
CA PRO C 337 -10.93 42.80 13.42
C PRO C 337 -11.41 41.35 13.49
N PHE C 338 -10.58 40.55 14.15
CA PHE C 338 -10.85 39.15 14.42
C PHE C 338 -11.57 39.01 15.75
N ASP C 339 -11.06 39.66 16.78
CA ASP C 339 -11.64 39.60 18.11
C ASP C 339 -12.92 40.42 18.18
N GLU C 340 -13.38 40.86 17.03
CA GLU C 340 -14.61 41.58 16.86
C GLU C 340 -15.75 40.74 16.29
N VAL C 341 -15.44 39.58 15.70
CA VAL C 341 -16.47 38.65 15.23
C VAL C 341 -16.68 37.47 16.18
N PHE C 342 -15.61 36.96 16.78
CA PHE C 342 -15.75 35.89 17.77
C PHE C 342 -16.35 36.36 19.08
N ASN C 343 -16.12 37.60 19.48
CA ASN C 343 -16.64 38.15 20.73
C ASN C 343 -18.07 38.65 20.56
N ALA C 344 -18.74 38.24 19.49
CA ALA C 344 -20.10 38.68 19.18
C ALA C 344 -21.06 38.37 20.32
N THR C 345 -21.96 39.30 20.55
CA THR C 345 -22.93 39.20 21.62
C THR C 345 -24.17 38.38 21.30
N ARG C 346 -24.67 38.39 20.06
CA ARG C 346 -25.88 37.66 19.71
C ARG C 346 -25.72 36.97 18.36
N PHE C 347 -25.92 35.66 18.31
CA PHE C 347 -25.76 34.95 17.04
C PHE C 347 -27.09 34.84 16.30
N ALA C 348 -26.99 34.46 15.03
CA ALA C 348 -28.11 34.21 14.15
C ALA C 348 -28.47 32.73 14.17
N SER C 349 -29.65 32.39 13.65
CA SER C 349 -30.02 30.99 13.58
C SER C 349 -29.36 30.32 12.39
N VAL C 350 -29.31 28.99 12.44
CA VAL C 350 -28.59 28.20 11.42
C VAL C 350 -29.13 28.50 10.03
N TYR C 351 -30.44 28.49 9.88
CA TYR C 351 -31.10 28.68 8.59
C TYR C 351 -31.00 30.11 8.05
N ALA C 352 -30.40 31.03 8.79
CA ALA C 352 -30.20 32.40 8.31
C ALA C 352 -28.81 32.86 8.70
N TRP C 353 -27.83 31.99 8.47
CA TRP C 353 -26.46 32.23 8.83
C TRP C 353 -25.96 33.57 8.32
N ASN C 354 -24.98 34.12 9.02
CA ASN C 354 -24.40 35.43 8.73
C ASN C 354 -23.00 35.26 8.13
N ARG C 355 -22.69 36.02 7.09
CA ARG C 355 -21.39 35.95 6.43
C ARG C 355 -20.62 37.26 6.57
N LYS C 356 -19.31 37.17 6.82
CA LYS C 356 -18.49 38.37 6.96
C LYS C 356 -17.14 38.27 6.28
N ARG C 357 -16.86 39.25 5.44
CA ARG C 357 -15.61 39.37 4.72
C ARG C 357 -14.58 40.10 5.56
N ILE C 358 -13.38 39.53 5.65
CA ILE C 358 -12.27 40.07 6.41
C ILE C 358 -11.10 40.17 5.45
N SER C 359 -10.57 41.37 5.28
CA SER C 359 -9.56 41.56 4.25
C SER C 359 -8.72 42.80 4.54
N ASN C 360 -7.69 42.98 3.71
CA ASN C 360 -6.80 44.15 3.74
C ASN C 360 -6.17 44.35 5.12
N CYS C 361 -5.38 43.36 5.55
CA CYS C 361 -4.80 43.51 6.87
C CYS C 361 -3.74 42.47 7.16
N VAL C 362 -3.00 42.72 8.24
CA VAL C 362 -1.95 41.83 8.72
C VAL C 362 -2.57 40.98 9.82
N ALA C 363 -2.69 39.71 9.56
CA ALA C 363 -3.32 38.79 10.49
C ALA C 363 -2.29 37.98 11.26
N ASP C 364 -2.48 37.86 12.57
CA ASP C 364 -1.61 37.00 13.34
C ASP C 364 -2.56 36.12 14.12
N TYR C 365 -2.42 34.81 13.97
CA TYR C 365 -3.30 33.85 14.61
C TYR C 365 -2.68 33.21 15.84
N SER C 366 -1.86 33.94 16.59
CA SER C 366 -1.36 33.40 17.84
C SER C 366 -2.09 33.94 19.06
N VAL C 367 -2.81 35.05 18.90
CA VAL C 367 -3.52 35.62 20.02
C VAL C 367 -4.91 35.03 20.21
N LEU C 368 -5.42 34.29 19.23
CA LEU C 368 -6.79 33.80 19.33
C LEU C 368 -6.97 32.66 20.31
N TYR C 369 -5.91 31.88 20.57
CA TYR C 369 -6.08 30.77 21.50
C TYR C 369 -6.50 31.22 22.89
N ASN C 370 -6.18 32.46 23.26
CA ASN C 370 -6.51 33.00 24.57
C ASN C 370 -8.01 32.90 24.81
N PHE C 371 -8.72 33.78 24.10
CA PHE C 371 -10.17 33.91 24.17
C PHE C 371 -10.87 32.63 23.73
N ALA C 372 -11.98 32.28 24.40
CA ALA C 372 -12.74 31.10 23.97
C ALA C 372 -12.01 29.76 24.04
N PRO C 373 -12.25 28.97 25.10
CA PRO C 373 -11.61 27.64 25.24
C PRO C 373 -11.48 26.83 23.95
N PHE C 374 -12.21 27.19 22.89
CA PHE C 374 -12.15 26.54 21.59
C PHE C 374 -12.39 25.03 21.72
N PHE C 375 -13.59 24.67 22.17
CA PHE C 375 -13.97 23.26 22.35
C PHE C 375 -13.69 22.40 21.13
N ALA C 376 -13.78 22.96 19.93
CA ALA C 376 -13.51 22.21 18.71
C ALA C 376 -12.91 23.24 17.77
N PHE C 377 -11.72 22.95 17.26
CA PHE C 377 -11.10 23.84 16.28
C PHE C 377 -10.25 23.04 15.29
N LYS C 378 -10.75 22.82 14.08
CA LYS C 378 -10.04 21.95 13.16
C LYS C 378 -10.14 22.56 11.77
N CYS C 379 -9.19 22.19 10.94
CA CYS C 379 -9.05 22.75 9.62
C CYS C 379 -8.92 21.65 8.59
N TYR C 380 -9.43 21.94 7.40
CA TYR C 380 -9.31 21.02 6.28
C TYR C 380 -8.47 21.73 5.24
N GLY C 381 -7.37 21.10 4.87
CA GLY C 381 -6.45 21.63 3.91
C GLY C 381 -5.27 22.39 4.49
N VAL C 382 -5.33 22.83 5.75
CA VAL C 382 -4.18 23.47 6.35
C VAL C 382 -4.04 22.97 7.78
N SER C 383 -2.88 23.19 8.38
CA SER C 383 -2.64 22.91 9.77
C SER C 383 -2.31 24.21 10.50
N PRO C 384 -2.90 24.42 11.68
CA PRO C 384 -2.78 25.74 12.33
C PRO C 384 -1.37 26.13 12.71
N THR C 385 -0.53 25.19 13.10
CA THR C 385 0.82 25.54 13.54
C THR C 385 1.68 26.13 12.42
N LYS C 386 1.38 25.78 11.17
CA LYS C 386 2.09 26.29 10.00
C LYS C 386 1.42 27.50 9.37
N LEU C 387 0.37 28.01 9.99
CA LEU C 387 -0.54 29.00 9.43
C LEU C 387 0.00 30.41 9.47
N ASN C 388 1.02 30.67 10.30
CA ASN C 388 1.52 32.02 10.48
C ASN C 388 2.31 32.58 9.28
N ASP C 389 2.47 31.88 8.17
CA ASP C 389 3.40 32.30 7.10
C ASP C 389 2.70 32.67 5.80
N LEU C 390 1.68 31.91 5.41
CA LEU C 390 1.06 31.98 4.10
C LEU C 390 0.10 33.17 3.96
N CYS C 391 -0.20 33.49 2.70
CA CYS C 391 -1.16 34.51 2.27
C CYS C 391 -2.39 33.89 1.61
N PHE C 392 -3.55 34.51 1.82
CA PHE C 392 -4.77 33.88 1.34
C PHE C 392 -5.37 34.83 0.32
N THR C 393 -6.33 34.30 -0.40
CA THR C 393 -7.01 35.07 -1.43
C THR C 393 -8.09 35.97 -0.86
N ASN C 394 -9.12 35.35 -0.29
CA ASN C 394 -10.24 36.07 0.28
C ASN C 394 -10.96 35.18 1.29
N VAL C 395 -10.95 35.58 2.54
CA VAL C 395 -11.44 34.77 3.64
C VAL C 395 -12.82 35.23 4.10
N TYR C 396 -13.73 34.28 4.30
CA TYR C 396 -15.11 34.48 4.71
C TYR C 396 -15.32 33.94 6.12
N ALA C 397 -16.39 34.42 6.76
CA ALA C 397 -16.75 34.01 8.11
C ALA C 397 -18.25 33.80 8.16
N ASP C 398 -18.68 32.59 8.52
CA ASP C 398 -20.10 32.24 8.63
C ASP C 398 -20.42 31.90 10.08
N SER C 399 -21.56 32.41 10.61
CA SER C 399 -21.95 32.21 12.00
C SER C 399 -23.42 31.77 12.19
N PHE C 400 -23.63 30.88 13.16
CA PHE C 400 -24.93 30.31 13.54
C PHE C 400 -24.70 29.50 14.83
N VAL C 401 -25.77 28.88 15.36
CA VAL C 401 -25.67 28.13 16.62
C VAL C 401 -26.22 26.71 16.42
N ILE C 402 -25.47 25.72 16.93
CA ILE C 402 -25.78 24.30 16.77
C ILE C 402 -25.59 23.55 18.12
N ARG C 403 -26.04 22.28 18.16
CA ARG C 403 -25.99 21.32 19.29
C ARG C 403 -24.57 20.82 19.60
N GLY C 404 -24.44 20.08 20.72
CA GLY C 404 -23.17 19.58 21.19
C GLY C 404 -22.77 18.14 20.87
N ASN C 405 -23.54 17.43 20.05
CA ASN C 405 -23.26 16.09 19.57
C ASN C 405 -23.08 16.05 18.08
N GLU C 406 -23.11 17.22 17.44
CA GLU C 406 -23.10 17.37 16.00
C GLU C 406 -21.84 17.99 15.44
N VAL C 407 -20.89 18.40 16.28
CA VAL C 407 -19.65 18.98 15.77
C VAL C 407 -19.06 18.13 14.64
N SER C 408 -19.14 16.79 14.76
CA SER C 408 -18.56 15.95 13.72
C SER C 408 -19.30 16.12 12.41
N GLN C 409 -20.61 16.36 12.49
CA GLN C 409 -21.49 16.55 11.35
C GLN C 409 -21.14 17.74 10.46
N ILE C 410 -20.39 18.72 10.96
CA ILE C 410 -20.08 19.90 10.14
C ILE C 410 -18.78 19.60 9.37
N ALA C 411 -18.98 19.02 8.19
CA ALA C 411 -17.91 18.57 7.31
C ALA C 411 -18.48 18.47 5.91
N PRO C 412 -17.65 18.46 4.89
CA PRO C 412 -18.21 18.35 3.55
C PRO C 412 -18.89 17.02 3.33
N GLY C 413 -20.22 17.01 3.20
CA GLY C 413 -20.86 15.77 2.78
C GLY C 413 -20.62 14.64 3.76
N GLN C 414 -20.61 14.94 5.05
CA GLN C 414 -20.46 13.93 6.09
C GLN C 414 -21.80 13.69 6.73
N THR C 415 -22.10 12.42 6.99
CA THR C 415 -23.44 12.15 7.44
C THR C 415 -23.60 12.14 8.95
N GLY C 416 -24.81 12.52 9.33
CA GLY C 416 -25.40 12.75 10.63
C GLY C 416 -26.71 13.31 10.12
N ASN C 417 -27.17 14.39 10.71
CA ASN C 417 -28.40 15.04 10.31
C ASN C 417 -28.14 16.54 10.15
N ILE C 418 -26.88 16.96 10.32
CA ILE C 418 -26.48 18.36 10.24
C ILE C 418 -25.79 18.80 8.95
N ALA C 419 -25.43 17.88 8.04
CA ALA C 419 -24.76 18.38 6.84
C ALA C 419 -25.33 17.85 5.53
N ASP C 420 -26.60 17.44 5.52
CA ASP C 420 -27.24 16.97 4.30
C ASP C 420 -28.26 17.96 3.75
N TYR C 421 -29.18 18.43 4.60
CA TYR C 421 -30.26 19.33 4.22
C TYR C 421 -30.36 20.61 5.04
N ASN C 422 -29.71 20.71 6.19
CA ASN C 422 -29.75 21.89 7.05
C ASN C 422 -28.99 23.02 6.37
N TYR C 423 -27.70 22.84 6.24
CA TYR C 423 -26.84 23.81 5.61
C TYR C 423 -25.68 22.93 5.25
N LYS C 424 -25.21 23.06 4.03
CA LYS C 424 -24.17 22.20 3.52
C LYS C 424 -23.10 22.98 2.77
N LEU C 425 -21.91 22.53 2.97
CA LEU C 425 -20.68 22.99 2.39
C LEU C 425 -20.34 22.10 1.22
N PRO C 426 -19.48 22.55 0.32
CA PRO C 426 -19.21 21.76 -0.87
C PRO C 426 -18.39 20.55 -0.48
N ASP C 427 -18.21 19.65 -1.43
CA ASP C 427 -17.39 18.47 -1.16
C ASP C 427 -15.90 18.76 -1.28
N ASP C 428 -15.53 19.86 -1.93
CA ASP C 428 -14.14 20.31 -2.01
C ASP C 428 -13.81 21.43 -1.03
N PHE C 429 -14.38 21.42 0.17
CA PHE C 429 -14.19 22.56 1.07
C PHE C 429 -12.73 22.71 1.46
N THR C 430 -12.33 23.95 1.73
CA THR C 430 -11.00 24.29 2.25
C THR C 430 -11.18 25.39 3.28
N GLY C 431 -10.48 25.27 4.40
CA GLY C 431 -10.61 26.25 5.45
C GLY C 431 -10.49 25.59 6.81
N CYS C 432 -11.21 26.16 7.77
CA CYS C 432 -11.20 25.72 9.16
C CYS C 432 -12.61 25.90 9.71
N VAL C 433 -12.88 25.17 10.79
CA VAL C 433 -14.16 25.25 11.47
C VAL C 433 -13.91 25.46 12.95
N ILE C 434 -14.79 26.19 13.61
CA ILE C 434 -14.63 26.55 15.00
C ILE C 434 -15.98 26.43 15.69
N ALA C 435 -15.99 25.81 16.87
CA ALA C 435 -17.23 25.68 17.61
C ALA C 435 -16.89 25.74 19.09
N TRP C 436 -17.79 26.29 19.89
CA TRP C 436 -17.54 26.36 21.32
C TRP C 436 -18.87 26.32 22.03
N ASN C 437 -19.03 25.37 22.93
CA ASN C 437 -20.29 25.22 23.63
C ASN C 437 -20.46 26.47 24.48
N SER C 438 -21.54 27.21 24.25
CA SER C 438 -21.83 28.44 25.01
C SER C 438 -23.18 28.33 25.69
N ASN C 439 -23.16 28.03 26.99
CA ASN C 439 -24.36 27.83 27.78
C ASN C 439 -24.51 28.90 28.86
N LYS C 440 -23.62 29.89 28.89
CA LYS C 440 -23.59 30.96 29.87
C LYS C 440 -24.13 32.28 29.33
N LEU C 441 -24.45 32.37 28.04
CA LEU C 441 -24.96 33.61 27.49
C LEU C 441 -26.15 33.42 26.55
N ASP C 442 -26.51 32.20 26.20
CA ASP C 442 -27.58 31.94 25.24
C ASP C 442 -28.68 31.01 25.76
N SER C 443 -28.55 30.51 26.98
CA SER C 443 -29.50 29.58 27.56
C SER C 443 -30.06 30.20 28.84
N LYS C 444 -31.36 30.43 28.86
CA LYS C 444 -32.06 30.97 30.02
C LYS C 444 -32.79 29.87 30.78
N VAL C 445 -33.39 30.27 31.90
CA VAL C 445 -34.12 29.36 32.76
C VAL C 445 -35.55 29.22 32.23
N GLY C 446 -35.88 28.01 31.81
CA GLY C 446 -37.17 27.65 31.27
C GLY C 446 -37.12 27.21 29.82
N GLY C 447 -35.95 27.32 29.18
CA GLY C 447 -35.75 26.98 27.79
C GLY C 447 -35.63 28.20 26.91
N ASN C 448 -34.50 28.37 26.22
CA ASN C 448 -34.30 29.54 25.35
C ASN C 448 -34.88 29.18 23.99
N TYR C 449 -36.11 29.64 23.73
CA TYR C 449 -36.82 29.27 22.50
C TYR C 449 -36.56 30.30 21.38
N ASN C 450 -35.35 30.26 20.81
CA ASN C 450 -34.99 31.19 19.75
C ASN C 450 -34.31 30.60 18.50
N TYR C 451 -33.85 29.36 18.54
CA TYR C 451 -33.12 28.74 17.43
C TYR C 451 -33.62 27.38 16.95
N ARG C 452 -33.87 27.21 15.63
CA ARG C 452 -34.37 25.92 15.16
C ARG C 452 -33.48 25.40 14.03
N TYR C 453 -33.68 24.12 13.63
CA TYR C 453 -32.83 23.45 12.62
C TYR C 453 -33.60 22.37 11.84
N ARG C 454 -33.24 22.23 10.55
CA ARG C 454 -33.89 21.29 9.59
C ARG C 454 -33.62 19.79 9.77
N LEU C 455 -34.64 19.03 10.14
CA LEU C 455 -34.39 17.60 10.18
C LEU C 455 -34.81 16.96 8.85
N PHE C 456 -35.95 17.46 8.32
CA PHE C 456 -36.59 17.05 7.07
C PHE C 456 -36.55 18.14 6.00
N ARG C 457 -35.99 17.85 4.84
CA ARG C 457 -36.06 18.77 3.72
C ARG C 457 -36.33 17.92 2.48
N LYS C 458 -37.09 18.48 1.53
CA LYS C 458 -37.44 17.73 0.33
C LYS C 458 -36.23 17.45 -0.55
N SER C 459 -35.48 18.48 -0.93
CA SER C 459 -34.34 18.28 -1.81
C SER C 459 -33.17 19.09 -1.29
N ASN C 460 -31.97 18.56 -1.50
CA ASN C 460 -30.80 19.26 -1.00
C ASN C 460 -30.62 20.62 -1.70
N LEU C 461 -29.64 21.35 -1.18
CA LEU C 461 -29.40 22.75 -1.47
C LEU C 461 -27.99 22.84 -2.06
N LYS C 462 -27.77 23.80 -2.94
CA LYS C 462 -26.43 23.95 -3.45
C LYS C 462 -25.51 24.44 -2.33
N PRO C 463 -24.20 24.27 -2.48
CA PRO C 463 -23.28 24.68 -1.40
C PRO C 463 -23.38 26.16 -1.11
N PHE C 464 -23.37 26.50 0.19
CA PHE C 464 -23.26 27.89 0.62
C PHE C 464 -24.47 28.64 0.11
N GLU C 465 -25.61 27.97 0.19
CA GLU C 465 -26.90 28.57 -0.07
C GLU C 465 -27.78 28.44 1.16
N ARG C 466 -28.57 29.47 1.40
CA ARG C 466 -29.50 29.54 2.51
C ARG C 466 -30.92 29.72 1.97
N ASP C 467 -31.84 29.01 2.60
CA ASP C 467 -33.25 28.92 2.22
C ASP C 467 -34.14 29.51 3.30
N ILE C 468 -35.01 30.42 2.90
CA ILE C 468 -35.93 31.08 3.82
C ILE C 468 -37.39 30.83 3.42
N SER C 469 -37.64 29.95 2.44
CA SER C 469 -38.99 29.64 2.00
C SER C 469 -39.77 28.87 3.06
N THR C 470 -40.95 29.37 3.41
CA THR C 470 -41.82 28.76 4.41
C THR C 470 -42.77 27.74 3.80
N GLU C 471 -42.68 26.48 4.23
CA GLU C 471 -43.55 25.44 3.72
C GLU C 471 -43.78 24.33 4.76
N ILE C 472 -45.02 23.83 4.79
CA ILE C 472 -45.46 22.75 5.69
C ILE C 472 -45.27 21.41 4.97
N TYR C 473 -44.62 20.43 5.64
CA TYR C 473 -44.44 19.10 5.05
C TYR C 473 -45.75 18.52 4.52
N GLN C 474 -45.63 17.69 3.49
CA GLN C 474 -46.77 17.04 2.85
C GLN C 474 -47.13 15.72 3.53
N ALA C 475 -48.27 15.18 3.12
CA ALA C 475 -48.77 13.91 3.65
C ALA C 475 -49.50 13.18 2.52
N GLY C 476 -48.79 12.93 1.43
CA GLY C 476 -49.37 12.26 0.27
C GLY C 476 -50.51 13.03 -0.34
N ASN C 477 -50.58 14.32 -0.03
CA ASN C 477 -51.61 15.25 -0.48
C ASN C 477 -51.10 16.65 -0.18
N LYS C 478 -51.69 17.64 -0.86
CA LYS C 478 -51.40 19.05 -0.67
C LYS C 478 -51.15 19.32 0.82
N PRO C 479 -49.94 19.76 1.16
CA PRO C 479 -49.56 19.93 2.57
C PRO C 479 -50.58 20.72 3.37
N CYS C 480 -50.85 20.23 4.59
CA CYS C 480 -51.78 20.89 5.51
C CYS C 480 -51.53 22.39 5.50
N ASN C 481 -52.61 23.16 5.29
CA ASN C 481 -52.50 24.61 5.14
C ASN C 481 -52.76 25.33 6.47
N GLY C 482 -51.78 25.21 7.36
CA GLY C 482 -51.83 25.85 8.67
C GLY C 482 -51.85 24.90 9.85
N VAL C 483 -51.91 23.59 9.67
CA VAL C 483 -52.03 22.70 10.82
C VAL C 483 -50.90 21.67 10.78
N ALA C 484 -50.94 20.70 11.70
CA ALA C 484 -49.90 19.67 11.75
C ALA C 484 -50.55 18.40 12.26
N GLY C 485 -50.52 17.34 11.43
CA GLY C 485 -51.06 16.06 11.86
C GLY C 485 -49.98 15.03 12.08
N VAL C 486 -50.34 13.76 11.81
CA VAL C 486 -49.38 12.66 11.86
C VAL C 486 -48.09 13.06 11.14
N ASN C 487 -48.23 13.60 9.94
CA ASN C 487 -47.11 14.10 9.14
C ASN C 487 -47.15 15.63 9.13
N CYS C 488 -47.00 16.28 7.98
CA CYS C 488 -47.00 17.74 7.80
C CYS C 488 -46.17 18.46 8.85
N TYR C 489 -44.92 18.03 9.02
CA TYR C 489 -44.09 18.70 10.01
C TYR C 489 -43.31 19.85 9.39
N PHE C 490 -42.84 20.70 10.24
CA PHE C 490 -42.02 21.84 9.81
C PHE C 490 -40.60 21.36 9.52
N PRO C 491 -39.94 21.88 8.48
CA PRO C 491 -38.62 21.35 8.13
C PRO C 491 -37.62 21.56 9.25
N LEU C 492 -37.75 22.66 9.99
CA LEU C 492 -36.79 23.13 10.98
C LEU C 492 -37.31 22.73 12.37
N GLN C 493 -36.42 22.27 13.24
CA GLN C 493 -36.83 21.86 14.59
C GLN C 493 -36.04 22.60 15.66
N SER C 494 -36.75 23.15 16.66
CA SER C 494 -36.16 23.96 17.73
C SER C 494 -35.34 23.13 18.70
N TYR C 495 -34.33 23.78 19.28
CA TYR C 495 -33.48 23.13 20.26
C TYR C 495 -34.06 23.09 21.68
N GLY C 496 -34.59 24.21 22.17
CA GLY C 496 -35.14 24.26 23.52
C GLY C 496 -34.05 24.01 24.54
N PHE C 497 -33.06 24.89 24.64
CA PHE C 497 -31.96 24.71 25.58
C PHE C 497 -32.27 25.04 27.04
N ARG C 498 -31.85 24.14 27.94
CA ARG C 498 -31.95 24.20 29.38
C ARG C 498 -30.54 23.96 29.91
N PRO C 499 -30.20 24.49 31.08
CA PRO C 499 -28.81 24.38 31.56
C PRO C 499 -28.43 23.08 32.25
N THR C 500 -29.21 21.99 32.17
CA THR C 500 -28.81 20.76 32.87
C THR C 500 -28.64 19.51 32.00
N TYR C 501 -28.81 19.58 30.68
CA TYR C 501 -28.81 18.40 29.81
C TYR C 501 -27.44 17.71 29.72
N GLY C 502 -27.49 16.51 29.13
CA GLY C 502 -26.27 15.83 28.73
C GLY C 502 -25.54 16.56 27.62
N VAL C 503 -24.21 16.38 27.65
CA VAL C 503 -23.28 17.13 26.80
C VAL C 503 -23.74 17.16 25.36
N GLY C 504 -24.33 16.07 24.88
CA GLY C 504 -24.77 16.03 23.50
C GLY C 504 -25.96 16.90 23.18
N HIS C 505 -26.57 17.57 24.16
CA HIS C 505 -27.71 18.41 23.85
C HIS C 505 -27.51 19.90 24.11
N GLN C 506 -26.40 20.31 24.73
CA GLN C 506 -26.07 21.73 24.88
C GLN C 506 -25.61 22.40 23.57
N PRO C 507 -25.85 23.71 23.44
CA PRO C 507 -25.50 24.46 22.22
C PRO C 507 -24.00 24.68 22.01
N TYR C 508 -23.69 25.10 20.78
CA TYR C 508 -22.34 25.45 20.34
C TYR C 508 -22.44 26.63 19.38
N ARG C 509 -21.91 27.77 19.78
CA ARG C 509 -21.75 28.87 18.85
C ARG C 509 -20.66 28.46 17.87
N VAL C 510 -20.83 28.80 16.59
CA VAL C 510 -19.92 28.34 15.56
C VAL C 510 -19.67 29.42 14.52
N VAL C 511 -18.46 29.40 13.97
CA VAL C 511 -18.02 30.33 12.96
C VAL C 511 -17.11 29.55 12.02
N VAL C 512 -17.23 29.79 10.72
CA VAL C 512 -16.55 29.00 9.71
C VAL C 512 -15.72 29.95 8.89
N LEU C 513 -14.47 29.59 8.65
CA LEU C 513 -13.54 30.36 7.85
C LEU C 513 -13.36 29.62 6.53
N SER C 514 -13.43 30.34 5.41
CA SER C 514 -13.28 29.71 4.11
C SER C 514 -12.51 30.64 3.19
N PHE C 515 -11.47 30.08 2.55
CA PHE C 515 -10.58 30.89 1.74
C PHE C 515 -9.96 30.02 0.66
N GLU C 516 -9.70 30.62 -0.49
CA GLU C 516 -9.07 29.91 -1.58
C GLU C 516 -7.55 29.96 -1.43
N LEU C 517 -6.86 28.96 -2.01
CA LEU C 517 -5.40 28.99 -1.97
C LEU C 517 -4.78 28.80 -3.36
N LEU C 518 -5.52 29.09 -4.43
CA LEU C 518 -4.96 29.01 -5.77
C LEU C 518 -3.87 30.06 -5.93
N HIS C 519 -3.48 30.70 -4.82
CA HIS C 519 -2.46 31.73 -4.82
C HIS C 519 -2.89 32.93 -5.68
N ALA C 520 -4.21 33.15 -5.74
CA ALA C 520 -4.81 34.28 -6.42
C ALA C 520 -4.28 35.56 -5.80
N PRO C 521 -4.39 36.72 -6.50
CA PRO C 521 -3.94 37.99 -5.94
C PRO C 521 -4.09 38.12 -4.42
N ALA C 522 -2.94 38.13 -3.75
CA ALA C 522 -2.86 38.16 -2.30
C ALA C 522 -3.59 39.34 -1.70
N THR C 523 -4.51 39.07 -0.78
CA THR C 523 -5.22 40.14 -0.09
C THR C 523 -4.87 40.28 1.37
N VAL C 524 -4.28 39.27 2.01
CA VAL C 524 -4.00 39.36 3.44
C VAL C 524 -2.83 38.44 3.81
N CYS C 525 -1.82 39.01 4.48
CA CYS C 525 -0.63 38.33 4.99
C CYS C 525 0.43 39.32 5.47
N GLY C 526 0.75 39.27 6.75
CA GLY C 526 1.71 40.14 7.36
C GLY C 526 2.94 39.54 8.05
N PRO C 527 2.82 38.34 8.65
CA PRO C 527 3.86 37.91 9.59
C PRO C 527 5.22 37.67 8.97
N LYS C 528 5.82 38.74 8.48
CA LYS C 528 7.11 38.75 7.81
C LYS C 528 7.38 40.15 7.26
N LYS C 529 8.04 40.23 6.12
CA LYS C 529 8.28 41.53 5.50
C LYS C 529 8.60 41.34 4.03
N SER C 530 9.64 42.01 3.56
CA SER C 530 10.07 41.83 2.18
C SER C 530 11.58 41.96 2.14
N THR C 531 12.17 41.52 1.03
CA THR C 531 13.63 41.60 0.87
C THR C 531 13.97 42.09 -0.52
N ASN C 532 15.09 42.76 -0.62
CA ASN C 532 15.59 43.27 -1.89
C ASN C 532 15.68 42.17 -2.93
N LEU C 533 15.39 42.51 -4.17
CA LEU C 533 15.34 41.51 -5.21
C LEU C 533 16.76 41.17 -5.63
N VAL C 534 16.98 39.90 -5.95
CA VAL C 534 18.26 39.38 -6.40
C VAL C 534 18.14 38.79 -7.80
N LYS C 535 19.09 39.09 -8.66
CA LYS C 535 19.02 38.56 -10.01
C LYS C 535 20.28 37.79 -10.36
N ASN C 536 20.14 36.84 -11.29
CA ASN C 536 21.22 36.04 -11.86
C ASN C 536 21.88 35.11 -10.87
N LYS C 537 21.24 34.75 -9.76
CA LYS C 537 21.87 33.87 -8.80
C LYS C 537 20.90 32.80 -8.34
N CYS C 538 21.44 31.60 -8.10
CA CYS C 538 20.60 30.55 -7.56
C CYS C 538 20.07 30.98 -6.22
N VAL C 539 18.77 31.23 -6.13
CA VAL C 539 18.22 31.78 -4.91
C VAL C 539 16.92 31.07 -4.61
N ASN C 540 16.69 30.83 -3.34
CA ASN C 540 15.39 30.35 -2.92
C ASN C 540 14.46 31.52 -2.74
N PHE C 541 13.31 31.47 -3.38
CA PHE C 541 12.38 32.58 -3.36
C PHE C 541 11.10 32.14 -2.68
N ASN C 542 10.42 33.11 -2.10
CA ASN C 542 9.12 32.92 -1.46
C ASN C 542 8.22 34.09 -1.87
N PHE C 543 7.48 33.89 -2.96
CA PHE C 543 6.65 34.96 -3.49
C PHE C 543 5.25 34.79 -2.92
N ASN C 544 4.91 35.55 -1.89
CA ASN C 544 3.56 35.53 -1.33
C ASN C 544 3.10 34.11 -1.03
N GLY C 545 4.04 33.24 -0.67
CA GLY C 545 3.74 31.85 -0.37
C GLY C 545 4.32 30.88 -1.38
N LEU C 546 4.56 31.32 -2.63
CA LEU C 546 5.12 30.43 -3.65
C LEU C 546 6.62 30.30 -3.42
N THR C 547 7.05 29.09 -3.09
CA THR C 547 8.44 28.79 -2.80
C THR C 547 9.07 27.98 -3.92
N GLY C 548 10.29 28.34 -4.29
CA GLY C 548 10.97 27.59 -5.33
C GLY C 548 12.42 28.01 -5.43
N THR C 549 13.11 27.45 -6.43
CA THR C 549 14.52 27.72 -6.66
C THR C 549 14.78 27.97 -8.14
N GLY C 550 15.75 28.79 -8.44
CA GLY C 550 16.06 29.06 -9.83
C GLY C 550 16.77 30.37 -9.97
N VAL C 551 17.15 30.69 -11.20
CA VAL C 551 17.81 31.94 -11.49
C VAL C 551 16.73 32.90 -11.98
N LEU C 552 16.71 34.10 -11.45
CA LEU C 552 15.73 35.11 -11.79
C LEU C 552 16.28 36.10 -12.79
N THR C 553 15.51 36.38 -13.81
CA THR C 553 15.95 37.27 -14.85
C THR C 553 14.81 38.21 -15.21
N GLU C 554 15.16 39.41 -15.66
CA GLU C 554 14.17 40.36 -16.12
C GLU C 554 13.39 39.74 -17.29
N SER C 555 12.06 39.84 -17.23
CA SER C 555 11.29 39.13 -18.24
C SER C 555 11.33 39.85 -19.57
N ASN C 556 11.13 39.08 -20.64
CA ASN C 556 11.08 39.58 -22.00
C ASN C 556 9.82 39.16 -22.73
N LYS C 557 8.83 38.61 -22.05
CA LYS C 557 7.61 38.18 -22.68
C LYS C 557 6.52 39.19 -22.45
N LYS C 558 5.66 39.40 -23.46
CA LYS C 558 4.67 40.46 -23.37
C LYS C 558 3.47 39.89 -22.65
N PHE C 559 3.46 40.07 -21.33
CA PHE C 559 2.29 39.74 -20.54
C PHE C 559 1.18 40.74 -20.75
N LEU C 560 -0.03 40.25 -20.95
CA LEU C 560 -1.15 41.17 -21.03
C LEU C 560 -1.43 41.62 -19.60
N PRO C 561 -1.97 42.81 -19.42
CA PRO C 561 -2.06 43.38 -18.07
C PRO C 561 -2.82 42.58 -17.05
N PHE C 562 -3.63 41.62 -17.44
CA PHE C 562 -4.36 40.87 -16.44
C PHE C 562 -3.67 39.57 -16.06
N GLN C 563 -2.53 39.26 -16.68
CA GLN C 563 -1.83 38.02 -16.39
C GLN C 563 -0.70 38.25 -15.40
N GLN C 564 -0.48 37.24 -14.58
CA GLN C 564 0.53 37.25 -13.54
C GLN C 564 1.56 36.12 -13.62
N PHE C 565 1.30 35.07 -14.36
CA PHE C 565 2.24 33.97 -14.37
C PHE C 565 2.40 33.52 -15.80
N GLY C 566 3.50 32.84 -16.08
CA GLY C 566 3.70 32.29 -17.40
C GLY C 566 4.15 30.85 -17.31
N ARG C 567 3.71 30.05 -18.27
CA ARG C 567 3.98 28.64 -18.21
C ARG C 567 4.39 28.14 -19.58
N ASP C 568 5.34 27.26 -19.61
CA ASP C 568 5.64 26.51 -20.81
C ASP C 568 4.84 25.23 -20.69
N ILE C 569 5.13 24.25 -21.53
CA ILE C 569 4.42 22.99 -21.43
C ILE C 569 4.69 22.34 -20.09
N ALA C 570 3.69 21.61 -19.59
CA ALA C 570 3.80 20.85 -18.36
C ALA C 570 3.90 21.69 -17.10
N ASP C 571 3.15 22.77 -17.04
CA ASP C 571 3.03 23.56 -15.80
C ASP C 571 4.35 24.06 -15.23
N THR C 572 5.40 24.23 -16.03
CA THR C 572 6.64 24.72 -15.45
C THR C 572 6.48 26.20 -15.18
N THR C 573 6.56 26.60 -13.91
CA THR C 573 6.36 28.01 -13.60
C THR C 573 7.49 28.77 -14.24
N ASP C 574 7.18 29.48 -15.31
CA ASP C 574 8.19 30.19 -16.06
C ASP C 574 8.41 31.66 -15.67
N ALA C 575 7.44 32.36 -15.08
CA ALA C 575 7.65 33.78 -14.79
C ALA C 575 6.79 34.18 -13.60
N VAL C 576 7.07 35.34 -13.02
CA VAL C 576 6.30 35.78 -11.87
C VAL C 576 6.35 37.30 -11.77
N ARG C 577 5.27 37.91 -11.28
CA ARG C 577 5.21 39.34 -11.05
C ARG C 577 5.41 39.69 -9.57
N ASP C 578 6.20 40.72 -9.33
CA ASP C 578 6.56 41.08 -7.96
C ASP C 578 5.37 41.61 -7.18
N PRO C 579 5.13 41.14 -5.95
CA PRO C 579 4.04 41.73 -5.16
C PRO C 579 4.34 43.11 -4.63
N GLN C 580 5.55 43.63 -4.83
CA GLN C 580 5.90 44.95 -4.35
C GLN C 580 6.00 45.97 -5.47
N THR C 581 6.80 45.69 -6.48
CA THR C 581 7.03 46.57 -7.62
C THR C 581 6.32 46.07 -8.87
N LEU C 582 5.64 44.93 -8.79
CA LEU C 582 4.82 44.36 -9.86
C LEU C 582 5.62 44.00 -11.09
N GLU C 583 6.93 43.92 -11.00
CA GLU C 583 7.71 43.51 -12.15
C GLU C 583 7.74 42.01 -12.39
N ILE C 584 7.71 41.63 -13.68
CA ILE C 584 7.75 40.26 -14.15
C ILE C 584 9.20 39.79 -14.16
N LEU C 585 9.41 38.55 -13.70
CA LEU C 585 10.71 37.91 -13.56
C LEU C 585 10.71 36.57 -14.27
N ASP C 586 11.81 36.23 -14.92
CA ASP C 586 11.94 34.91 -15.56
C ASP C 586 12.60 33.92 -14.61
N ILE C 587 12.12 32.69 -14.60
CA ILE C 587 12.68 31.62 -13.77
C ILE C 587 13.27 30.48 -14.58
N THR C 588 14.54 30.16 -14.33
CA THR C 588 15.22 29.02 -14.93
C THR C 588 15.93 28.24 -13.82
N PRO C 589 15.78 26.91 -13.75
CA PRO C 589 16.47 26.15 -12.69
C PRO C 589 17.97 26.20 -12.93
N CYS C 590 18.74 26.52 -11.89
CA CYS C 590 20.18 26.55 -12.05
C CYS C 590 20.77 25.18 -12.37
N SER C 591 21.96 25.25 -12.97
CA SER C 591 22.67 24.12 -13.55
C SER C 591 22.88 22.94 -12.62
N PHE C 592 22.68 21.77 -13.18
CA PHE C 592 22.83 20.48 -12.53
C PHE C 592 23.12 19.47 -13.63
N GLY C 593 23.58 18.30 -13.24
CA GLY C 593 23.88 17.28 -14.23
C GLY C 593 24.54 16.09 -13.56
N GLY C 594 24.78 15.08 -14.37
CA GLY C 594 25.41 13.88 -13.88
C GLY C 594 26.92 13.95 -13.96
N VAL C 595 27.59 13.20 -13.10
CA VAL C 595 29.03 13.19 -13.03
C VAL C 595 29.50 11.77 -13.17
N SER C 596 30.52 11.55 -13.96
CA SER C 596 31.06 10.22 -14.17
C SER C 596 32.53 10.21 -13.86
N VAL C 597 33.04 9.08 -13.45
CA VAL C 597 34.44 8.94 -13.06
C VAL C 597 35.13 8.09 -14.10
N ILE C 598 36.26 8.55 -14.59
CA ILE C 598 37.08 7.79 -15.53
C ILE C 598 38.22 7.21 -14.73
N THR C 599 38.38 5.90 -14.74
CA THR C 599 39.44 5.34 -13.95
C THR C 599 40.20 4.26 -14.71
N PRO C 600 41.53 4.26 -14.72
CA PRO C 600 42.25 3.18 -15.38
C PRO C 600 42.43 1.94 -14.55
N GLY C 601 41.77 1.86 -13.42
CA GLY C 601 41.92 0.68 -12.60
C GLY C 601 42.71 0.92 -11.32
N THR C 602 42.19 0.41 -10.22
CA THR C 602 42.92 0.54 -8.97
C THR C 602 44.27 -0.10 -9.10
N ASN C 603 44.33 -1.18 -9.86
CA ASN C 603 45.54 -1.97 -9.95
C ASN C 603 46.56 -1.40 -10.91
N THR C 604 46.23 -0.47 -11.77
CA THR C 604 47.32 0.17 -12.48
C THR C 604 47.87 1.36 -11.71
N SER C 605 46.98 2.25 -11.28
CA SER C 605 47.32 3.43 -10.52
C SER C 605 46.04 4.07 -10.05
N ASN C 606 46.15 4.87 -9.02
CA ASN C 606 44.98 5.51 -8.47
C ASN C 606 44.55 6.83 -9.13
N GLN C 607 45.29 7.40 -10.06
CA GLN C 607 44.79 8.63 -10.64
C GLN C 607 43.44 8.45 -11.31
N VAL C 608 42.68 9.54 -11.37
CA VAL C 608 41.32 9.53 -11.88
C VAL C 608 41.01 10.88 -12.50
N ALA C 609 40.23 10.86 -13.57
CA ALA C 609 39.71 12.06 -14.20
C ALA C 609 38.21 12.03 -14.20
N VAL C 610 37.59 13.19 -14.07
CA VAL C 610 36.16 13.32 -13.85
C VAL C 610 35.50 14.01 -15.00
N LEU C 611 34.38 13.48 -15.44
CA LEU C 611 33.59 14.00 -16.55
C LEU C 611 32.24 14.47 -16.09
N TYR C 612 31.99 15.78 -16.09
CA TYR C 612 30.67 16.36 -15.81
C TYR C 612 29.88 16.42 -17.09
N GLN C 613 28.78 15.67 -17.19
CA GLN C 613 28.19 15.48 -18.50
C GLN C 613 27.48 16.70 -19.07
N GLY C 614 26.42 17.12 -18.46
CA GLY C 614 25.68 18.19 -19.09
C GLY C 614 26.03 19.59 -18.65
N VAL C 615 27.27 20.07 -18.79
CA VAL C 615 27.60 21.40 -18.28
C VAL C 615 28.77 21.93 -19.06
N ASN C 616 28.92 23.23 -19.02
CA ASN C 616 30.09 23.91 -19.50
C ASN C 616 30.90 24.41 -18.32
N CYS C 617 32.23 24.29 -18.43
CA CYS C 617 33.19 24.62 -17.38
C CYS C 617 33.11 26.03 -16.84
N THR C 618 32.40 26.92 -17.50
CA THR C 618 32.32 28.25 -16.91
C THR C 618 31.56 28.21 -15.61
N GLU C 619 30.86 27.12 -15.33
CA GLU C 619 30.07 26.99 -14.11
C GLU C 619 30.29 25.63 -13.47
N VAL C 620 31.50 25.10 -13.53
CA VAL C 620 31.78 23.81 -12.94
C VAL C 620 31.60 23.75 -11.42
N ASN C 641 43.94 19.87 -14.92
CA ASN C 641 43.75 20.60 -16.16
C ASN C 641 42.31 20.54 -16.59
N VAL C 642 41.88 21.39 -17.50
CA VAL C 642 40.49 21.43 -17.92
C VAL C 642 40.41 21.30 -19.42
N PHE C 643 39.42 20.58 -19.89
CA PHE C 643 39.21 20.34 -21.31
C PHE C 643 37.74 20.32 -21.64
N GLN C 644 37.39 20.82 -22.81
CA GLN C 644 36.01 20.89 -23.25
C GLN C 644 35.71 19.88 -24.34
N THR C 645 34.58 19.19 -24.25
CA THR C 645 34.17 18.25 -25.27
C THR C 645 32.70 18.44 -25.52
N ARG C 646 32.21 17.90 -26.62
CA ARG C 646 30.79 17.99 -26.84
C ARG C 646 30.00 17.25 -25.78
N ALA C 647 30.62 16.32 -25.06
CA ALA C 647 29.87 15.63 -24.03
C ALA C 647 29.88 16.33 -22.69
N GLY C 648 30.72 17.29 -22.50
CA GLY C 648 30.85 18.10 -21.31
C GLY C 648 32.29 18.37 -21.05
N CYS C 649 32.61 19.00 -19.93
CA CYS C 649 34.00 19.24 -19.63
C CYS C 649 34.59 18.21 -18.70
N LEU C 650 35.74 17.73 -19.11
CA LEU C 650 36.51 16.66 -18.52
C LEU C 650 37.65 17.30 -17.76
N ILE C 651 37.82 16.93 -16.50
CA ILE C 651 38.86 17.51 -15.67
C ILE C 651 39.82 16.43 -15.23
N GLY C 652 41.09 16.73 -15.28
CA GLY C 652 42.09 15.78 -14.89
C GLY C 652 42.77 15.07 -16.03
N ALA C 653 42.48 15.39 -17.28
CA ALA C 653 43.12 14.73 -18.40
C ALA C 653 43.51 15.73 -19.47
N GLU C 654 44.67 15.54 -20.09
CA GLU C 654 45.15 16.46 -21.10
C GLU C 654 44.90 15.96 -22.50
N TYR C 655 44.51 16.87 -23.38
CA TYR C 655 44.22 16.53 -24.76
C TYR C 655 45.50 16.46 -25.57
N VAL C 656 45.73 15.36 -26.24
CA VAL C 656 46.91 15.17 -27.07
C VAL C 656 46.46 15.00 -28.51
N ASN C 657 47.26 15.47 -29.48
CA ASN C 657 46.89 15.40 -30.90
C ASN C 657 47.03 14.04 -31.56
N SER C 658 47.71 13.09 -30.96
CA SER C 658 47.87 11.79 -31.58
C SER C 658 46.57 11.01 -31.50
N SER C 659 46.28 10.24 -32.52
CA SER C 659 45.08 9.43 -32.54
C SER C 659 45.43 7.98 -32.35
N TYR C 660 44.71 7.26 -31.51
CA TYR C 660 45.04 5.88 -31.28
C TYR C 660 43.74 5.12 -31.31
N GLU C 661 43.78 3.79 -31.37
CA GLU C 661 42.57 3.00 -31.19
C GLU C 661 42.12 3.08 -29.75
N CYS C 662 40.94 3.65 -29.49
CA CYS C 662 40.57 3.99 -28.12
C CYS C 662 39.88 2.87 -27.37
N ASP C 663 40.11 2.86 -26.06
CA ASP C 663 39.63 1.86 -25.13
C ASP C 663 38.71 2.35 -24.02
N ILE C 664 38.80 3.60 -23.58
CA ILE C 664 37.82 4.06 -22.61
C ILE C 664 36.92 5.05 -23.33
N PRO C 665 35.70 4.69 -23.71
CA PRO C 665 34.83 5.56 -24.49
C PRO C 665 34.19 6.66 -23.67
N ILE C 666 34.40 7.91 -24.06
CA ILE C 666 33.75 9.03 -23.41
C ILE C 666 32.50 9.50 -24.12
N GLY C 667 32.58 9.73 -25.41
CA GLY C 667 31.42 10.16 -26.16
C GLY C 667 31.80 11.25 -27.14
N ALA C 668 31.01 11.37 -28.20
CA ALA C 668 31.24 12.37 -29.22
C ALA C 668 32.61 12.23 -29.82
N GLY C 669 33.03 11.00 -30.04
CA GLY C 669 34.30 10.74 -30.67
C GLY C 669 35.55 10.87 -29.87
N ILE C 670 35.52 11.18 -28.60
CA ILE C 670 36.71 11.34 -27.78
C ILE C 670 36.90 10.12 -26.92
N CYS C 671 38.12 9.71 -26.65
CA CYS C 671 38.30 8.58 -25.75
C CYS C 671 39.39 8.92 -24.76
N ALA C 672 39.75 8.00 -23.88
CA ALA C 672 40.84 8.33 -22.97
C ALA C 672 41.60 7.08 -22.61
N SER C 673 42.87 7.22 -22.26
CA SER C 673 43.66 6.04 -21.91
C SER C 673 44.88 6.44 -21.11
N TYR C 674 45.52 5.44 -20.50
CA TYR C 674 46.72 5.68 -19.69
C TYR C 674 47.95 5.82 -20.58
N GLN C 675 48.63 6.96 -20.47
CA GLN C 675 49.78 7.25 -21.33
C GLN C 675 50.93 6.28 -21.15
N THR C 676 51.51 6.25 -19.96
CA THR C 676 52.66 5.40 -19.62
C THR C 676 53.87 5.72 -20.51
N GLN C 690 52.26 7.46 -17.18
CA GLN C 690 52.24 8.23 -15.95
C GLN C 690 51.12 9.28 -15.93
N SER C 691 50.24 9.31 -16.93
CA SER C 691 49.18 10.30 -16.95
C SER C 691 48.03 9.80 -17.80
N ILE C 692 46.85 10.38 -17.60
CA ILE C 692 45.68 10.03 -18.41
C ILE C 692 45.42 11.07 -19.48
N ILE C 693 45.43 10.64 -20.75
CA ILE C 693 45.27 11.48 -21.93
C ILE C 693 43.98 11.19 -22.67
N ALA C 694 43.29 12.24 -23.09
CA ALA C 694 42.13 12.13 -23.96
C ALA C 694 42.52 12.51 -25.36
N TYR C 695 42.00 11.82 -26.38
CA TYR C 695 42.42 12.01 -27.76
C TYR C 695 41.29 11.57 -28.66
N THR C 696 41.33 11.96 -29.93
CA THR C 696 40.31 11.51 -30.90
C THR C 696 40.58 10.15 -31.50
N MET C 697 39.52 9.38 -31.73
CA MET C 697 39.67 8.03 -32.22
C MET C 697 40.28 7.99 -33.60
N SER C 698 41.01 6.92 -33.87
CA SER C 698 41.55 6.57 -35.19
C SER C 698 40.84 5.37 -35.78
N LEU C 699 40.32 5.51 -36.98
CA LEU C 699 39.60 4.43 -37.62
C LEU C 699 40.50 3.46 -38.41
N GLY C 700 41.79 3.38 -38.11
CA GLY C 700 42.68 2.48 -38.82
C GLY C 700 43.55 3.21 -39.83
N ALA C 701 44.49 2.47 -40.40
CA ALA C 701 45.40 3.03 -41.37
C ALA C 701 44.76 3.20 -42.72
N GLU C 702 45.26 4.15 -43.51
CA GLU C 702 44.72 4.38 -44.83
C GLU C 702 45.51 3.60 -45.86
N ASN C 703 44.80 2.82 -46.64
CA ASN C 703 45.36 1.95 -47.65
C ASN C 703 44.76 2.32 -48.98
N SER C 704 45.52 3.00 -49.82
CA SER C 704 45.04 3.42 -51.14
C SER C 704 45.39 2.39 -52.21
N VAL C 705 44.52 1.39 -52.37
CA VAL C 705 44.76 0.36 -53.38
C VAL C 705 44.89 1.00 -54.74
N ALA C 706 45.90 0.61 -55.50
CA ALA C 706 46.19 1.18 -56.81
C ALA C 706 45.26 0.66 -57.88
N TYR C 707 44.20 1.39 -58.17
CA TYR C 707 43.32 0.99 -59.24
C TYR C 707 43.86 1.39 -60.57
N SER C 708 43.53 0.62 -61.59
CA SER C 708 43.99 0.99 -62.91
C SER C 708 43.16 0.17 -63.87
N ASN C 709 42.93 0.68 -65.06
CA ASN C 709 42.07 -0.06 -65.96
C ASN C 709 42.67 -1.31 -66.57
N ASN C 710 43.93 -1.64 -66.34
CA ASN C 710 44.39 -2.85 -67.00
C ASN C 710 45.25 -3.73 -66.10
N SER C 711 45.26 -3.53 -64.80
CA SER C 711 46.08 -4.30 -63.87
C SER C 711 45.22 -5.21 -63.01
N ILE C 712 45.74 -6.39 -62.70
CA ILE C 712 45.09 -7.41 -61.88
C ILE C 712 46.09 -7.92 -60.89
N ALA C 713 45.65 -8.14 -59.66
CA ALA C 713 46.42 -8.76 -58.61
C ALA C 713 45.85 -10.12 -58.27
N ILE C 714 46.65 -11.18 -58.38
CA ILE C 714 46.18 -12.53 -58.11
C ILE C 714 47.03 -13.14 -57.01
N PRO C 715 46.48 -13.87 -56.05
CA PRO C 715 47.28 -14.43 -54.99
C PRO C 715 48.03 -15.64 -55.42
N THR C 716 49.26 -15.79 -54.97
CA THR C 716 50.02 -16.99 -55.25
C THR C 716 50.13 -17.96 -54.10
N ASN C 717 49.66 -17.65 -52.91
CA ASN C 717 49.76 -18.60 -51.81
C ASN C 717 48.56 -18.41 -50.91
N PHE C 718 48.42 -19.25 -49.91
CA PHE C 718 47.25 -19.19 -49.06
C PHE C 718 47.63 -19.48 -47.64
N THR C 719 46.67 -19.36 -46.76
CA THR C 719 46.89 -19.72 -45.38
C THR C 719 45.54 -20.01 -44.78
N ILE C 720 45.36 -21.18 -44.15
CA ILE C 720 44.07 -21.51 -43.58
C ILE C 720 44.10 -21.31 -42.09
N SER C 721 43.15 -20.58 -41.57
CA SER C 721 43.15 -20.24 -40.17
C SER C 721 41.91 -20.77 -39.51
N VAL C 722 41.89 -20.71 -38.18
CA VAL C 722 40.77 -21.15 -37.37
C VAL C 722 40.35 -20.05 -36.44
N THR C 723 39.07 -19.67 -36.48
CA THR C 723 38.54 -18.63 -35.62
C THR C 723 37.42 -19.18 -34.76
N THR C 724 37.39 -18.78 -33.51
CA THR C 724 36.42 -19.24 -32.51
C THR C 724 35.28 -18.26 -32.26
N GLU C 725 34.04 -18.71 -32.40
CA GLU C 725 32.85 -17.90 -32.13
C GLU C 725 31.99 -18.50 -31.04
N ILE C 726 31.59 -17.71 -30.02
CA ILE C 726 30.83 -18.19 -28.85
C ILE C 726 29.40 -17.67 -28.85
N LEU C 727 28.44 -18.51 -28.40
CA LEU C 727 27.04 -18.14 -28.37
C LEU C 727 26.28 -18.72 -27.19
N PRO C 728 25.57 -17.94 -26.40
CA PRO C 728 24.78 -18.52 -25.32
C PRO C 728 23.52 -19.19 -25.77
N VAL C 729 23.14 -20.26 -25.10
CA VAL C 729 21.99 -21.05 -25.50
C VAL C 729 20.88 -21.11 -24.47
N SER C 730 21.17 -21.01 -23.19
CA SER C 730 20.06 -21.19 -22.25
C SER C 730 20.41 -20.55 -20.92
N MET C 731 19.43 -20.49 -20.03
CA MET C 731 19.66 -19.91 -18.73
C MET C 731 19.08 -20.82 -17.65
N THR C 732 19.33 -20.48 -16.39
CA THR C 732 18.89 -21.32 -15.30
C THR C 732 17.37 -21.33 -15.21
N LYS C 733 16.77 -22.49 -15.10
CA LYS C 733 15.33 -22.52 -14.96
C LYS C 733 14.94 -22.24 -13.52
N THR C 734 14.03 -21.29 -13.27
CA THR C 734 13.69 -20.92 -11.91
C THR C 734 12.20 -21.06 -11.63
N SER C 735 11.85 -21.54 -10.45
CA SER C 735 10.46 -21.58 -9.99
C SER C 735 10.31 -20.91 -8.64
N VAL C 736 9.19 -20.24 -8.42
CA VAL C 736 8.95 -19.46 -7.20
C VAL C 736 7.62 -19.82 -6.56
N ASP C 737 7.59 -19.90 -5.22
CA ASP C 737 6.37 -20.11 -4.44
C ASP C 737 5.81 -18.82 -3.85
N CYS C 738 4.63 -18.42 -4.30
CA CYS C 738 4.11 -17.13 -3.90
C CYS C 738 3.94 -16.98 -2.41
N THR C 739 3.11 -17.78 -1.77
CA THR C 739 2.82 -17.50 -0.37
C THR C 739 4.06 -17.46 0.49
N MET C 740 5.01 -18.36 0.28
CA MET C 740 6.20 -18.28 1.10
C MET C 740 6.93 -16.97 0.89
N TYR C 741 7.24 -16.63 -0.35
CA TYR C 741 7.93 -15.38 -0.53
C TYR C 741 7.15 -14.22 -0.01
N ILE C 742 5.83 -14.23 -0.11
CA ILE C 742 5.09 -13.05 0.31
C ILE C 742 5.16 -12.92 1.81
N CYS C 743 4.68 -13.92 2.54
CA CYS C 743 4.66 -13.74 3.98
C CYS C 743 4.97 -14.98 4.81
N GLY C 744 6.01 -15.69 4.44
CA GLY C 744 6.64 -16.64 5.35
C GLY C 744 5.84 -17.42 6.37
N ASP C 745 4.80 -18.11 5.95
CA ASP C 745 4.06 -19.00 6.83
C ASP C 745 3.52 -18.27 8.05
N SER C 746 2.66 -17.30 7.80
CA SER C 746 1.91 -16.57 8.80
C SER C 746 0.45 -16.79 8.46
N THR C 747 -0.35 -17.27 9.38
CA THR C 747 -1.73 -17.53 8.99
C THR C 747 -2.46 -16.24 8.65
N GLU C 748 -2.33 -15.22 9.48
CA GLU C 748 -3.05 -13.99 9.20
C GLU C 748 -2.63 -13.39 7.88
N CYS C 749 -1.37 -13.54 7.48
CA CYS C 749 -1.07 -12.93 6.19
C CYS C 749 -1.57 -13.74 5.01
N SER C 750 -1.58 -15.06 5.07
CA SER C 750 -2.14 -15.74 3.92
C SER C 750 -3.63 -15.51 3.83
N ASN C 751 -4.30 -15.54 4.97
CA ASN C 751 -5.72 -15.25 4.98
C ASN C 751 -6.02 -13.89 4.41
N LEU C 752 -5.09 -12.96 4.55
CA LEU C 752 -5.27 -11.61 4.03
C LEU C 752 -4.86 -11.48 2.58
N LEU C 753 -3.92 -12.29 2.13
CA LEU C 753 -3.47 -12.23 0.75
C LEU C 753 -4.50 -12.82 -0.17
N LEU C 754 -5.32 -13.73 0.33
CA LEU C 754 -6.36 -14.28 -0.51
C LEU C 754 -7.28 -13.24 -1.14
N GLN C 755 -7.27 -12.00 -0.69
CA GLN C 755 -8.16 -11.02 -1.29
C GLN C 755 -7.57 -10.42 -2.51
N TYR C 756 -6.36 -10.75 -2.87
CA TYR C 756 -5.80 -9.97 -3.94
C TYR C 756 -6.11 -10.55 -5.28
N GLY C 757 -6.48 -11.82 -5.34
CA GLY C 757 -6.88 -12.45 -6.58
C GLY C 757 -5.94 -13.58 -6.96
N SER C 758 -5.72 -13.71 -8.25
CA SER C 758 -4.96 -14.80 -8.82
C SER C 758 -3.63 -14.32 -9.36
N PHE C 759 -3.05 -13.29 -8.76
CA PHE C 759 -1.73 -12.90 -9.21
C PHE C 759 -0.75 -14.05 -9.08
N CYS C 760 -0.80 -14.79 -7.98
CA CYS C 760 0.13 -15.90 -7.85
C CYS C 760 -0.07 -16.97 -8.89
N THR C 761 -1.29 -17.31 -9.22
CA THR C 761 -1.44 -18.28 -10.28
C THR C 761 -0.77 -17.77 -11.54
N GLN C 762 -1.01 -16.52 -11.87
CA GLN C 762 -0.43 -15.97 -13.08
C GLN C 762 1.09 -16.01 -13.05
N LEU C 763 1.70 -15.64 -11.94
CA LEU C 763 3.16 -15.66 -11.89
C LEU C 763 3.71 -17.06 -12.04
N LYS C 764 3.09 -18.01 -11.36
CA LYS C 764 3.59 -19.36 -11.46
C LYS C 764 3.47 -19.84 -12.88
N ARG C 765 2.38 -19.52 -13.55
CA ARG C 765 2.26 -19.93 -14.93
C ARG C 765 3.34 -19.30 -15.81
N ALA C 766 3.63 -18.03 -15.63
CA ALA C 766 4.66 -17.44 -16.50
C ALA C 766 6.00 -18.12 -16.31
N LEU C 767 6.40 -18.39 -15.08
CA LEU C 767 7.71 -19.00 -14.90
C LEU C 767 7.74 -20.42 -15.44
N THR C 768 6.69 -21.19 -15.25
CA THR C 768 6.76 -22.51 -15.87
C THR C 768 6.89 -22.42 -17.37
N GLY C 769 6.26 -21.45 -18.00
CA GLY C 769 6.46 -21.33 -19.43
C GLY C 769 7.91 -21.09 -19.78
N ILE C 770 8.59 -20.23 -19.03
CA ILE C 770 10.01 -20.04 -19.31
C ILE C 770 10.80 -21.33 -19.14
N ALA C 771 10.52 -22.10 -18.11
CA ALA C 771 11.32 -23.30 -17.93
C ALA C 771 11.17 -24.27 -19.09
N VAL C 772 9.94 -24.57 -19.48
CA VAL C 772 9.85 -25.51 -20.59
C VAL C 772 10.49 -24.97 -21.84
N GLU C 773 10.48 -23.67 -22.02
CA GLU C 773 11.13 -23.15 -23.21
C GLU C 773 12.62 -23.39 -23.17
N GLN C 774 13.25 -23.24 -22.01
CA GLN C 774 14.69 -23.50 -21.96
C GLN C 774 15.01 -24.91 -22.39
N ASP C 775 14.24 -25.86 -21.94
CA ASP C 775 14.52 -27.21 -22.41
C ASP C 775 14.41 -27.31 -23.92
N LYS C 776 13.38 -26.71 -24.48
CA LYS C 776 13.26 -26.81 -25.93
C LYS C 776 14.43 -26.15 -26.64
N ASN C 777 15.01 -25.07 -26.11
CA ASN C 777 16.16 -24.54 -26.82
C ASN C 777 17.31 -25.53 -26.88
N THR C 778 17.67 -26.14 -25.77
CA THR C 778 18.75 -27.11 -25.92
C THR C 778 18.40 -28.19 -26.91
N GLN C 779 17.17 -28.68 -26.89
CA GLN C 779 16.82 -29.72 -27.85
C GLN C 779 17.03 -29.25 -29.27
N GLU C 780 16.46 -28.10 -29.60
CA GLU C 780 16.57 -27.61 -30.97
C GLU C 780 17.99 -27.42 -31.42
N VAL C 781 18.88 -26.98 -30.56
CA VAL C 781 20.23 -26.77 -31.06
C VAL C 781 20.97 -28.06 -31.24
N PHE C 782 20.99 -28.89 -30.22
CA PHE C 782 21.95 -29.99 -30.31
C PHE C 782 21.41 -31.25 -30.92
N ALA C 783 20.18 -31.65 -30.65
CA ALA C 783 19.71 -32.94 -31.14
C ALA C 783 19.27 -32.91 -32.59
N GLN C 784 20.16 -32.50 -33.45
CA GLN C 784 19.80 -32.51 -34.86
C GLN C 784 20.11 -33.81 -35.53
N VAL C 785 21.19 -34.45 -35.19
CA VAL C 785 21.53 -35.72 -35.78
C VAL C 785 20.74 -36.82 -35.09
N LYS C 786 20.31 -37.82 -35.83
CA LYS C 786 19.46 -38.85 -35.24
C LYS C 786 20.19 -40.04 -34.67
N GLN C 787 21.27 -40.51 -35.28
CA GLN C 787 21.99 -41.67 -34.80
C GLN C 787 23.36 -41.27 -34.31
N ILE C 788 23.80 -41.86 -33.21
CA ILE C 788 25.08 -41.51 -32.61
C ILE C 788 26.19 -42.22 -33.37
N TYR C 789 26.90 -41.52 -34.25
CA TYR C 789 27.99 -42.11 -35.02
C TYR C 789 29.25 -42.25 -34.18
N LYS C 790 29.88 -43.40 -34.20
CA LYS C 790 31.08 -43.60 -33.41
C LYS C 790 32.31 -43.34 -34.26
N THR C 791 33.36 -42.88 -33.62
CA THR C 791 34.66 -42.59 -34.23
C THR C 791 35.43 -43.90 -34.45
N PRO C 792 36.07 -44.09 -35.58
CA PRO C 792 36.82 -45.33 -35.79
C PRO C 792 37.97 -45.43 -34.82
N PRO C 793 38.49 -46.63 -34.56
CA PRO C 793 39.59 -46.72 -33.58
C PRO C 793 40.93 -46.23 -34.07
N ILE C 794 41.34 -46.56 -35.29
CA ILE C 794 42.62 -46.11 -35.86
C ILE C 794 42.44 -44.66 -36.27
N LYS C 795 42.94 -43.75 -35.46
CA LYS C 795 42.73 -42.32 -35.71
C LYS C 795 43.76 -41.67 -36.61
N TYR C 796 43.95 -42.18 -37.82
CA TYR C 796 44.81 -41.57 -38.83
C TYR C 796 44.01 -41.09 -40.01
N PHE C 797 44.04 -39.78 -40.28
CA PHE C 797 43.25 -39.15 -41.33
C PHE C 797 44.09 -38.41 -42.34
N GLY C 798 45.20 -38.96 -42.73
CA GLY C 798 45.99 -38.30 -43.72
C GLY C 798 46.72 -37.06 -43.24
N GLY C 799 47.36 -37.14 -42.11
CA GLY C 799 48.11 -36.04 -41.58
C GLY C 799 47.36 -35.06 -40.74
N PHE C 800 46.05 -34.94 -40.87
CA PHE C 800 45.36 -33.99 -40.04
C PHE C 800 45.32 -34.49 -38.62
N ASN C 801 45.48 -33.62 -37.65
CA ASN C 801 45.54 -34.01 -36.25
C ASN C 801 44.39 -33.45 -35.43
N PHE C 802 43.33 -34.23 -35.27
CA PHE C 802 42.17 -33.81 -34.49
C PHE C 802 42.26 -34.13 -33.02
N SER C 803 43.43 -34.41 -32.47
CA SER C 803 43.45 -34.79 -31.06
C SER C 803 42.88 -33.73 -30.14
N GLN C 804 42.98 -32.46 -30.47
CA GLN C 804 42.49 -31.48 -29.54
C GLN C 804 40.99 -31.42 -29.46
N ILE C 805 40.23 -31.94 -30.38
CA ILE C 805 38.79 -31.81 -30.26
C ILE C 805 38.03 -33.11 -30.07
N LEU C 806 38.55 -34.26 -30.43
CA LEU C 806 37.81 -35.49 -30.24
C LEU C 806 37.78 -35.85 -28.75
N PRO C 807 36.78 -36.59 -28.31
CA PRO C 807 36.71 -36.90 -26.88
C PRO C 807 37.88 -37.75 -26.42
N ASP C 808 38.32 -37.46 -25.21
CA ASP C 808 39.43 -38.16 -24.56
C ASP C 808 38.91 -39.30 -23.69
N PRO C 809 39.19 -40.55 -24.04
CA PRO C 809 38.69 -41.65 -23.20
C PRO C 809 39.33 -41.72 -21.82
N SER C 810 40.46 -41.06 -21.60
CA SER C 810 41.14 -41.15 -20.32
C SER C 810 40.30 -40.54 -19.21
N LYS C 811 39.94 -39.28 -19.33
CA LYS C 811 39.18 -38.66 -18.27
C LYS C 811 37.81 -39.31 -18.19
N PRO C 812 37.24 -39.40 -16.99
CA PRO C 812 35.93 -40.04 -16.85
C PRO C 812 34.82 -39.21 -17.47
N SER C 813 34.95 -37.90 -17.47
CA SER C 813 33.93 -37.03 -18.02
C SER C 813 33.79 -37.15 -19.53
N LYS C 814 34.78 -37.73 -20.22
CA LYS C 814 34.72 -37.93 -21.67
C LYS C 814 34.64 -36.64 -22.46
N ARG C 815 35.26 -35.60 -21.99
CA ARG C 815 35.27 -34.37 -22.74
C ARG C 815 36.60 -34.21 -23.44
N SER C 816 36.57 -33.65 -24.60
CA SER C 816 37.81 -33.33 -25.29
C SER C 816 38.58 -32.31 -24.49
N PRO C 817 39.84 -32.09 -24.74
CA PRO C 817 40.53 -31.05 -24.00
C PRO C 817 40.00 -29.64 -24.16
N ILE C 818 39.59 -29.19 -25.33
CA ILE C 818 39.06 -27.84 -25.41
C ILE C 818 37.81 -27.71 -24.56
N GLU C 819 36.98 -28.72 -24.56
CA GLU C 819 35.78 -28.64 -23.74
C GLU C 819 36.13 -28.51 -22.27
N ASP C 820 37.17 -29.22 -21.84
CA ASP C 820 37.63 -29.12 -20.46
C ASP C 820 38.13 -27.74 -20.14
N LEU C 821 38.88 -27.16 -21.04
CA LEU C 821 39.34 -25.82 -20.81
C LEU C 821 38.16 -24.87 -20.63
N LEU C 822 37.12 -25.03 -21.43
CA LEU C 822 35.96 -24.17 -21.26
C LEU C 822 35.30 -24.38 -19.90
N PHE C 823 35.15 -25.61 -19.45
CA PHE C 823 34.49 -25.77 -18.16
C PHE C 823 35.30 -25.23 -17.03
N ASN C 824 36.60 -25.21 -17.14
CA ASN C 824 37.31 -24.67 -16.00
C ASN C 824 37.36 -23.16 -16.07
N LYS C 825 37.28 -22.59 -17.27
CA LYS C 825 37.38 -21.14 -17.34
C LYS C 825 36.18 -20.42 -16.80
N VAL C 826 34.98 -21.00 -16.84
CA VAL C 826 33.82 -20.28 -16.35
C VAL C 826 33.22 -20.97 -15.14
N THR C 827 32.94 -20.18 -14.11
CA THR C 827 32.37 -20.63 -12.86
C THR C 827 31.33 -19.64 -12.38
N LEU C 828 30.60 -20.03 -11.34
CA LEU C 828 29.56 -19.21 -10.74
C LEU C 828 30.12 -17.99 -10.02
N PHE C 855 17.15 -20.97 0.84
CA PHE C 855 16.39 -19.91 0.20
C PHE C 855 15.05 -19.67 0.87
N ASN C 856 14.25 -18.80 0.26
CA ASN C 856 12.94 -18.40 0.74
C ASN C 856 11.86 -18.73 -0.23
N GLY C 857 11.85 -19.92 -0.78
CA GLY C 857 10.84 -20.25 -1.74
C GLY C 857 11.24 -20.13 -3.16
N LEU C 858 12.53 -19.92 -3.41
CA LEU C 858 13.02 -19.73 -4.79
C LEU C 858 13.93 -20.91 -5.17
N THR C 859 13.36 -21.94 -5.77
CA THR C 859 14.15 -23.14 -6.13
C THR C 859 14.88 -22.87 -7.44
N VAL C 860 15.65 -23.84 -7.94
CA VAL C 860 16.30 -23.70 -9.27
C VAL C 860 16.24 -25.07 -9.93
N LEU C 861 15.11 -25.43 -10.52
CA LEU C 861 14.90 -26.78 -11.10
C LEU C 861 16.12 -27.21 -11.92
N PRO C 862 16.39 -28.52 -12.13
CA PRO C 862 17.60 -28.93 -12.83
C PRO C 862 17.38 -29.07 -14.34
N PRO C 863 18.42 -29.04 -15.20
CA PRO C 863 18.23 -29.05 -16.64
C PRO C 863 17.79 -30.42 -17.14
N LEU C 864 17.11 -30.53 -18.28
CA LEU C 864 16.75 -31.87 -18.71
C LEU C 864 17.93 -32.64 -19.26
N LEU C 865 18.71 -32.05 -20.14
CA LEU C 865 19.87 -32.74 -20.66
C LEU C 865 21.07 -32.50 -19.75
N THR C 866 21.60 -33.55 -19.16
CA THR C 866 22.74 -33.30 -18.32
C THR C 866 23.94 -32.99 -19.17
N ASP C 867 25.01 -32.54 -18.55
CA ASP C 867 26.21 -32.22 -19.29
C ASP C 867 26.72 -33.42 -20.06
N GLU C 868 26.60 -34.59 -19.48
CA GLU C 868 27.06 -35.77 -20.16
C GLU C 868 26.35 -36.01 -21.47
N MET C 869 25.03 -35.88 -21.52
CA MET C 869 24.40 -36.16 -22.79
C MET C 869 24.73 -35.14 -23.84
N ILE C 870 24.91 -33.89 -23.47
CA ILE C 870 25.32 -32.94 -24.47
C ILE C 870 26.70 -33.27 -25.01
N ALA C 871 27.63 -33.68 -24.17
CA ALA C 871 28.91 -34.05 -24.75
C ALA C 871 28.75 -35.24 -25.67
N GLN C 872 27.84 -36.13 -25.37
CA GLN C 872 27.62 -37.22 -26.28
C GLN C 872 27.08 -36.78 -27.63
N TYR C 873 26.13 -35.86 -27.65
CA TYR C 873 25.65 -35.41 -28.94
C TYR C 873 26.75 -34.75 -29.73
N THR C 874 27.53 -33.91 -29.10
CA THR C 874 28.59 -33.27 -29.82
C THR C 874 29.57 -34.27 -30.38
N SER C 875 29.91 -35.30 -29.64
CA SER C 875 30.82 -36.26 -30.25
C SER C 875 30.18 -36.90 -31.46
N ALA C 876 28.88 -37.09 -31.45
CA ALA C 876 28.26 -37.62 -32.66
C ALA C 876 28.43 -36.69 -33.84
N LEU C 877 28.21 -35.39 -33.64
CA LEU C 877 28.41 -34.49 -34.78
C LEU C 877 29.85 -34.52 -35.26
N LEU C 878 30.81 -34.57 -34.36
CA LEU C 878 32.18 -34.65 -34.86
C LEU C 878 32.43 -35.91 -35.65
N ALA C 879 32.00 -37.05 -35.16
CA ALA C 879 32.27 -38.22 -35.95
C ALA C 879 31.61 -38.14 -37.30
N GLY C 880 30.41 -37.63 -37.35
CA GLY C 880 29.76 -37.49 -38.63
C GLY C 880 30.52 -36.61 -39.60
N THR C 881 30.90 -35.41 -39.18
CA THR C 881 31.58 -34.53 -40.10
C THR C 881 32.96 -35.02 -40.47
N ILE C 882 33.61 -35.82 -39.64
CA ILE C 882 34.94 -36.26 -40.01
C ILE C 882 34.90 -37.40 -40.98
N THR C 883 33.90 -38.27 -40.92
CA THR C 883 33.95 -39.43 -41.79
C THR C 883 33.03 -39.28 -42.98
N SER C 884 32.06 -38.36 -42.99
CA SER C 884 31.06 -38.31 -44.02
C SER C 884 30.77 -36.98 -44.68
N GLY C 885 31.40 -35.90 -44.30
CA GLY C 885 31.11 -34.66 -45.00
C GLY C 885 29.70 -34.13 -44.90
N TRP C 886 29.14 -33.72 -46.03
CA TRP C 886 27.80 -33.19 -46.01
C TRP C 886 26.77 -34.27 -45.84
N THR C 887 27.09 -35.48 -46.22
CA THR C 887 26.05 -36.46 -46.42
C THR C 887 25.27 -36.81 -45.19
N PHE C 888 25.90 -36.83 -44.04
CA PHE C 888 25.13 -37.27 -42.91
C PHE C 888 24.02 -36.34 -42.53
N GLY C 889 23.97 -35.17 -43.09
CA GLY C 889 22.91 -34.25 -42.74
C GLY C 889 21.75 -34.33 -43.68
N ALA C 890 21.92 -34.96 -44.83
CA ALA C 890 20.88 -35.09 -45.84
C ALA C 890 20.26 -36.45 -45.91
N GLY C 891 20.77 -37.44 -45.21
CA GLY C 891 20.21 -38.77 -45.25
C GLY C 891 21.19 -39.82 -44.77
N PRO C 892 21.31 -40.91 -45.48
CA PRO C 892 22.20 -41.98 -45.05
C PRO C 892 23.66 -41.56 -45.12
N ALA C 893 24.43 -41.80 -44.06
CA ALA C 893 25.84 -41.44 -43.99
C ALA C 893 26.72 -42.28 -44.91
N LEU C 894 27.40 -41.65 -45.87
CA LEU C 894 28.30 -42.30 -46.81
C LEU C 894 29.76 -41.98 -46.48
N GLN C 895 30.57 -42.99 -46.18
CA GLN C 895 31.96 -42.78 -45.81
C GLN C 895 32.82 -42.33 -46.95
N ILE C 896 33.76 -41.43 -46.69
CA ILE C 896 34.63 -40.93 -47.73
C ILE C 896 36.00 -40.60 -47.16
N PRO C 897 37.10 -40.94 -47.80
CA PRO C 897 38.41 -40.62 -47.28
C PRO C 897 38.55 -39.15 -46.99
N PHE C 898 39.18 -38.80 -45.89
CA PHE C 898 39.25 -37.38 -45.56
C PHE C 898 40.00 -36.47 -46.52
N PRO C 899 41.10 -36.81 -47.12
CA PRO C 899 41.64 -35.88 -48.09
C PRO C 899 40.69 -35.61 -49.23
N MET C 900 39.95 -36.58 -49.73
CA MET C 900 39.02 -36.22 -50.78
C MET C 900 37.91 -35.34 -50.26
N GLN C 901 37.53 -35.49 -49.03
CA GLN C 901 36.51 -34.58 -48.60
C GLN C 901 37.04 -33.18 -48.61
N MET C 902 38.24 -32.98 -48.13
CA MET C 902 38.68 -31.61 -48.23
C MET C 902 38.88 -31.15 -49.67
N ALA C 903 39.20 -32.02 -50.62
CA ALA C 903 39.27 -31.53 -52.00
C ALA C 903 37.92 -31.09 -52.50
N TYR C 904 36.87 -31.87 -52.25
CA TYR C 904 35.53 -31.39 -52.56
C TYR C 904 35.31 -29.99 -52.02
N ARG C 905 35.63 -29.76 -50.77
CA ARG C 905 35.33 -28.43 -50.25
C ARG C 905 36.15 -27.36 -50.96
N PHE C 906 37.38 -27.67 -51.32
CA PHE C 906 38.13 -26.71 -52.11
C PHE C 906 37.37 -26.36 -53.37
N ASN C 907 36.88 -27.33 -54.13
CA ASN C 907 36.03 -26.94 -55.26
C ASN C 907 34.92 -26.03 -54.85
N GLY C 908 34.36 -26.25 -53.70
CA GLY C 908 33.32 -25.35 -53.31
C GLY C 908 33.74 -23.90 -53.24
N ILE C 909 34.99 -23.61 -52.90
CA ILE C 909 35.41 -22.19 -52.87
C ILE C 909 36.13 -21.77 -54.14
N GLY C 910 35.96 -22.47 -55.24
CA GLY C 910 36.53 -22.01 -56.49
C GLY C 910 37.99 -22.26 -56.78
N VAL C 911 38.65 -23.16 -56.08
CA VAL C 911 40.02 -23.54 -56.37
C VAL C 911 40.00 -24.98 -56.80
N THR C 912 40.60 -25.30 -57.92
CA THR C 912 40.57 -26.65 -58.43
C THR C 912 41.31 -27.59 -57.52
N GLN C 913 40.84 -28.81 -57.43
CA GLN C 913 41.36 -29.76 -56.47
C GLN C 913 42.80 -30.15 -56.68
N ASN C 914 43.35 -29.99 -57.86
CA ASN C 914 44.76 -30.30 -57.93
C ASN C 914 45.53 -29.43 -56.98
N VAL C 915 45.03 -28.25 -56.64
CA VAL C 915 45.71 -27.50 -55.61
C VAL C 915 45.74 -28.22 -54.30
N LEU C 916 44.72 -29.01 -53.97
CA LEU C 916 44.85 -29.70 -52.69
C LEU C 916 45.72 -30.93 -52.77
N TYR C 917 45.64 -31.74 -53.82
CA TYR C 917 46.47 -32.93 -53.76
C TYR C 917 47.94 -32.65 -53.84
N GLU C 918 48.34 -31.53 -54.31
CA GLU C 918 49.75 -31.26 -54.40
C GLU C 918 50.30 -30.56 -53.17
N ASN C 919 49.48 -30.17 -52.23
CA ASN C 919 49.97 -29.47 -51.07
C ASN C 919 49.38 -30.06 -49.82
N GLN C 920 49.06 -31.34 -49.86
CA GLN C 920 48.53 -31.95 -48.67
C GLN C 920 49.45 -31.76 -47.48
N LYS C 921 50.74 -31.93 -47.66
CA LYS C 921 51.63 -31.79 -46.52
C LYS C 921 51.53 -30.41 -45.91
N LEU C 922 51.64 -29.39 -46.74
CA LEU C 922 51.59 -28.02 -46.24
C LEU C 922 50.27 -27.68 -45.58
N ILE C 923 49.17 -28.13 -46.15
CA ILE C 923 47.90 -27.80 -45.55
C ILE C 923 47.77 -28.48 -44.19
N ALA C 924 48.21 -29.72 -44.10
CA ALA C 924 48.08 -30.36 -42.82
C ALA C 924 48.91 -29.65 -41.78
N ASN C 925 50.11 -29.19 -42.12
CA ASN C 925 50.88 -28.47 -41.12
C ASN C 925 50.19 -27.19 -40.68
N GLN C 926 49.62 -26.43 -41.62
CA GLN C 926 48.97 -25.22 -41.17
C GLN C 926 47.76 -25.52 -40.30
N PHE C 927 46.96 -26.50 -40.64
CA PHE C 927 45.81 -26.81 -39.80
C PHE C 927 46.21 -27.29 -38.42
N ASN C 928 47.23 -28.14 -38.31
CA ASN C 928 47.65 -28.57 -36.98
C ASN C 928 48.13 -27.40 -36.15
N SER C 929 48.93 -26.52 -36.74
CA SER C 929 49.41 -25.39 -35.97
C SER C 929 48.27 -24.50 -35.50
N ALA C 930 47.28 -24.25 -36.35
CA ALA C 930 46.19 -23.40 -35.87
C ALA C 930 45.42 -24.03 -34.74
N ILE C 931 45.11 -25.33 -34.83
CA ILE C 931 44.37 -25.88 -33.71
C ILE C 931 45.20 -25.80 -32.47
N GLY C 932 46.51 -25.91 -32.57
CA GLY C 932 47.29 -25.79 -31.37
C GLY C 932 47.24 -24.42 -30.77
N LYS C 933 47.23 -23.38 -31.59
CA LYS C 933 47.18 -22.06 -30.98
C LYS C 933 45.82 -21.70 -30.40
N ILE C 934 44.74 -22.37 -30.80
CA ILE C 934 43.43 -22.03 -30.21
C ILE C 934 43.36 -22.22 -28.70
N GLN C 935 43.87 -23.31 -28.18
CA GLN C 935 43.74 -23.49 -26.75
C GLN C 935 44.52 -22.44 -25.98
N ASP C 936 45.74 -22.15 -26.41
CA ASP C 936 46.51 -21.11 -25.74
C ASP C 936 45.78 -19.78 -25.80
N SER C 937 45.17 -19.44 -26.93
CA SER C 937 44.45 -18.17 -27.00
C SER C 937 43.29 -18.14 -26.04
N LEU C 938 42.51 -19.20 -25.95
CA LEU C 938 41.41 -19.14 -25.00
C LEU C 938 41.91 -19.00 -23.58
N SER C 939 43.04 -19.62 -23.26
CA SER C 939 43.48 -19.53 -21.89
C SER C 939 44.11 -18.18 -21.53
N SER C 940 44.83 -17.56 -22.44
CA SER C 940 45.48 -16.30 -22.07
C SER C 940 44.54 -15.11 -22.12
N THR C 941 43.53 -15.14 -22.93
CA THR C 941 42.64 -14.01 -23.01
C THR C 941 41.91 -13.89 -21.68
N PRO C 942 41.83 -12.70 -21.09
CA PRO C 942 41.20 -12.56 -19.78
C PRO C 942 39.68 -12.59 -19.83
N SER C 943 39.10 -12.16 -20.94
CA SER C 943 37.65 -12.05 -21.08
C SER C 943 37.22 -12.67 -22.38
N ALA C 944 37.71 -13.87 -22.65
CA ALA C 944 37.32 -14.56 -23.86
C ALA C 944 35.90 -15.11 -23.80
N LEU C 945 35.47 -15.54 -22.63
CA LEU C 945 34.15 -16.12 -22.42
C LEU C 945 33.17 -15.11 -21.88
N GLY C 946 33.26 -13.88 -22.31
CA GLY C 946 32.40 -12.88 -21.72
C GLY C 946 30.92 -13.19 -21.81
N LYS C 947 30.46 -13.76 -22.91
CA LYS C 947 29.02 -13.95 -23.01
C LYS C 947 28.45 -14.99 -22.04
N LEU C 948 29.04 -16.16 -21.95
CA LEU C 948 28.50 -17.16 -21.04
C LEU C 948 28.57 -16.67 -19.60
N GLN C 949 29.69 -16.07 -19.26
CA GLN C 949 29.86 -15.55 -17.91
C GLN C 949 28.81 -14.50 -17.59
N ASP C 950 28.46 -13.70 -18.58
CA ASP C 950 27.48 -12.67 -18.30
C ASP C 950 26.12 -13.26 -18.04
N VAL C 951 25.75 -14.32 -18.74
CA VAL C 951 24.46 -14.93 -18.43
C VAL C 951 24.43 -15.42 -16.99
N VAL C 952 25.47 -16.12 -16.56
CA VAL C 952 25.43 -16.60 -15.19
C VAL C 952 25.35 -15.46 -14.19
N ASN C 953 26.16 -14.44 -14.37
CA ASN C 953 26.13 -13.35 -13.38
C ASN C 953 24.81 -12.60 -13.37
N HIS C 954 24.19 -12.37 -14.50
CA HIS C 954 22.92 -11.67 -14.44
C HIS C 954 21.89 -12.47 -13.68
N ASN C 955 21.77 -13.74 -13.96
CA ASN C 955 20.77 -14.46 -13.20
C ASN C 955 21.06 -14.46 -11.70
N ALA C 956 22.30 -14.71 -11.32
CA ALA C 956 22.56 -14.74 -9.88
C ALA C 956 22.24 -13.40 -9.24
N GLN C 957 22.60 -12.32 -9.87
CA GLN C 957 22.31 -11.03 -9.28
C GLN C 957 20.82 -10.78 -9.19
N ALA C 958 20.04 -11.19 -10.17
CA ALA C 958 18.62 -10.97 -10.05
C ALA C 958 18.08 -11.67 -8.82
N LEU C 959 18.44 -12.94 -8.62
CA LEU C 959 17.94 -13.59 -7.41
C LEU C 959 18.43 -12.90 -6.16
N ASN C 960 19.66 -12.44 -6.15
CA ASN C 960 20.15 -11.79 -4.96
C ASN C 960 19.33 -10.58 -4.62
N THR C 961 19.06 -9.73 -5.59
CA THR C 961 18.26 -8.56 -5.26
C THR C 961 16.86 -8.95 -4.88
N LEU C 962 16.31 -9.99 -5.46
CA LEU C 962 14.98 -10.36 -5.06
C LEU C 962 14.93 -10.77 -3.61
N VAL C 963 15.92 -11.52 -3.14
CA VAL C 963 15.90 -11.89 -1.73
C VAL C 963 16.24 -10.71 -0.84
N LYS C 964 17.11 -9.85 -1.29
CA LYS C 964 17.48 -8.76 -0.41
C LYS C 964 16.32 -7.82 -0.23
N GLN C 965 15.48 -7.70 -1.22
CA GLN C 965 14.38 -6.78 -1.02
C GLN C 965 13.41 -7.23 0.04
N LEU C 966 13.55 -8.39 0.66
CA LEU C 966 12.62 -8.63 1.75
C LEU C 966 12.92 -7.78 2.95
N SER C 967 14.16 -7.33 3.10
CA SER C 967 14.43 -6.56 4.28
C SER C 967 13.88 -5.15 4.22
N SER C 968 13.66 -4.59 3.04
CA SER C 968 13.15 -3.24 2.99
C SER C 968 11.77 -3.20 3.59
N LYS C 969 11.45 -2.09 4.24
CA LYS C 969 10.17 -1.92 4.90
C LYS C 969 9.02 -1.38 4.06
N PHE C 970 9.26 -0.68 2.98
CA PHE C 970 8.14 -0.20 2.19
C PHE C 970 7.20 0.70 2.96
N GLY C 971 7.63 1.32 4.04
CA GLY C 971 6.74 2.19 4.78
C GLY C 971 6.11 1.61 6.04
N ALA C 972 6.15 0.31 6.25
CA ALA C 972 5.60 -0.21 7.47
C ALA C 972 6.53 0.10 8.63
N ILE C 973 5.99 0.05 9.83
CA ILE C 973 6.81 0.37 10.99
C ILE C 973 7.91 -0.63 11.22
N SER C 974 7.86 -1.81 10.61
CA SER C 974 8.94 -2.76 10.78
C SER C 974 8.85 -3.79 9.68
N SER C 975 9.95 -4.47 9.43
CA SER C 975 9.97 -5.36 8.30
C SER C 975 9.54 -6.77 8.61
N VAL C 976 9.74 -7.26 9.81
CA VAL C 976 9.35 -8.64 10.11
C VAL C 976 7.87 -8.70 10.49
N LEU C 977 7.16 -9.71 9.99
CA LEU C 977 5.72 -9.77 10.23
C LEU C 977 5.38 -10.01 11.68
N ASN C 978 6.22 -10.74 12.42
CA ASN C 978 5.85 -11.09 13.79
C ASN C 978 5.74 -9.85 14.66
N ASP C 979 6.69 -8.93 14.57
CA ASP C 979 6.60 -7.73 15.38
C ASP C 979 5.36 -6.93 15.04
N ILE C 980 5.08 -6.75 13.76
CA ILE C 980 3.90 -6.00 13.40
C ILE C 980 2.68 -6.63 14.03
N LEU C 981 2.59 -7.95 13.99
CA LEU C 981 1.44 -8.61 14.57
C LEU C 981 1.50 -8.70 16.08
N SER C 982 2.64 -8.39 16.69
CA SER C 982 2.76 -8.46 18.13
C SER C 982 2.41 -7.14 18.81
N ARG C 983 3.07 -6.06 18.42
CA ARG C 983 2.93 -4.80 19.13
C ARG C 983 1.88 -3.86 18.54
N LEU C 984 0.79 -4.38 17.99
CA LEU C 984 -0.28 -3.53 17.48
C LEU C 984 -1.58 -4.33 17.43
N ASP C 985 -2.69 -3.62 17.61
CA ASP C 985 -3.99 -4.28 17.57
C ASP C 985 -4.34 -4.68 16.15
N PRO C 986 -5.24 -5.66 15.98
CA PRO C 986 -5.55 -6.15 14.63
C PRO C 986 -6.12 -5.11 13.69
N PRO C 987 -7.00 -4.22 14.14
CA PRO C 987 -7.52 -3.23 13.19
C PRO C 987 -6.44 -2.38 12.56
N GLU C 988 -5.44 -1.98 13.33
CA GLU C 988 -4.34 -1.20 12.75
C GLU C 988 -3.33 -2.10 12.06
N ALA C 989 -3.18 -3.34 12.52
CA ALA C 989 -2.29 -4.25 11.83
C ALA C 989 -2.73 -4.47 10.41
N GLU C 990 -4.02 -4.36 10.12
CA GLU C 990 -4.41 -4.51 8.72
C GLU C 990 -3.74 -3.48 7.84
N VAL C 991 -3.85 -2.19 8.18
CA VAL C 991 -3.23 -1.22 7.30
C VAL C 991 -1.73 -1.25 7.42
N GLN C 992 -1.18 -1.75 8.51
CA GLN C 992 0.26 -1.88 8.46
C GLN C 992 0.73 -3.10 7.69
N ILE C 993 -0.10 -4.10 7.48
CA ILE C 993 0.33 -5.26 6.72
C ILE C 993 0.02 -5.15 5.24
N ASP C 994 -0.98 -4.39 4.86
CA ASP C 994 -1.20 -4.11 3.46
C ASP C 994 0.04 -3.56 2.80
N ARG C 995 0.74 -2.65 3.45
CA ARG C 995 1.92 -2.11 2.79
C ARG C 995 2.95 -3.18 2.51
N LEU C 996 3.27 -4.02 3.47
CA LEU C 996 4.25 -5.03 3.16
C LEU C 996 3.79 -5.93 2.05
N ILE C 997 2.56 -6.40 2.10
CA ILE C 997 2.13 -7.25 1.01
C ILE C 997 2.26 -6.54 -0.32
N THR C 998 1.70 -5.36 -0.46
CA THR C 998 1.75 -4.74 -1.78
C THR C 998 3.17 -4.50 -2.21
N GLY C 999 4.05 -4.10 -1.31
CA GLY C 999 5.41 -3.83 -1.73
C GLY C 999 6.11 -5.10 -2.18
N ARG C 1000 5.96 -6.17 -1.43
CA ARG C 1000 6.64 -7.38 -1.84
C ARG C 1000 6.04 -7.97 -3.10
N LEU C 1001 4.74 -7.84 -3.28
CA LEU C 1001 4.15 -8.33 -4.50
C LEU C 1001 4.61 -7.54 -5.71
N GLN C 1002 4.72 -6.24 -5.58
CA GLN C 1002 5.22 -5.50 -6.70
C GLN C 1002 6.65 -5.89 -7.02
N SER C 1003 7.46 -6.13 -6.01
CA SER C 1003 8.83 -6.56 -6.30
C SER C 1003 8.87 -7.87 -7.07
N LEU C 1004 8.08 -8.82 -6.66
CA LEU C 1004 8.06 -10.08 -7.38
C LEU C 1004 7.60 -9.90 -8.80
N GLN C 1005 6.67 -8.98 -9.02
CA GLN C 1005 6.23 -8.76 -10.37
C GLN C 1005 7.33 -8.22 -11.25
N THR C 1006 8.11 -7.28 -10.73
CA THR C 1006 9.23 -6.80 -11.53
C THR C 1006 10.21 -7.90 -11.85
N TYR C 1007 10.50 -8.77 -10.90
CA TYR C 1007 11.42 -9.84 -11.26
C TYR C 1007 10.86 -10.66 -12.39
N VAL C 1008 9.60 -11.01 -12.37
CA VAL C 1008 9.13 -11.86 -13.46
C VAL C 1008 9.17 -11.14 -14.79
N THR C 1009 8.90 -9.85 -14.83
CA THR C 1009 9.00 -9.21 -16.14
C THR C 1009 10.43 -9.21 -16.64
N GLN C 1010 11.39 -8.92 -15.78
CA GLN C 1010 12.75 -9.01 -16.28
C GLN C 1010 13.05 -10.39 -16.80
N GLN C 1011 12.56 -11.44 -16.14
CA GLN C 1011 12.89 -12.72 -16.70
C GLN C 1011 12.23 -12.97 -18.04
N LEU C 1012 11.05 -12.46 -18.28
CA LEU C 1012 10.52 -12.67 -19.62
C LEU C 1012 11.34 -11.99 -20.67
N ILE C 1013 11.76 -10.76 -20.44
CA ILE C 1013 12.57 -10.13 -21.46
C ILE C 1013 13.87 -10.88 -21.68
N ARG C 1014 14.58 -11.24 -20.62
CA ARG C 1014 15.81 -11.96 -20.93
C ARG C 1014 15.57 -13.27 -21.62
N ALA C 1015 14.48 -13.96 -21.33
CA ALA C 1015 14.28 -15.21 -22.03
C ALA C 1015 14.00 -14.99 -23.49
N ALA C 1016 13.29 -13.94 -23.85
CA ALA C 1016 13.14 -13.68 -25.27
C ALA C 1016 14.49 -13.43 -25.91
N GLU C 1017 15.33 -12.67 -25.24
CA GLU C 1017 16.65 -12.44 -25.80
C GLU C 1017 17.42 -13.73 -26.03
N ILE C 1018 17.42 -14.62 -25.06
CA ILE C 1018 18.17 -15.84 -25.25
C ILE C 1018 17.54 -16.71 -26.30
N ARG C 1019 16.23 -16.68 -26.45
CA ARG C 1019 15.67 -17.49 -27.52
C ARG C 1019 16.11 -16.99 -28.87
N ALA C 1020 16.17 -15.69 -29.07
CA ALA C 1020 16.71 -15.27 -30.35
C ALA C 1020 18.09 -15.82 -30.54
N SER C 1021 18.94 -15.75 -29.51
CA SER C 1021 20.28 -16.30 -29.66
C SER C 1021 20.28 -17.79 -29.95
N ALA C 1022 19.39 -18.54 -29.35
CA ALA C 1022 19.42 -19.97 -29.61
C ALA C 1022 18.98 -20.27 -31.03
N ASN C 1023 18.02 -19.56 -31.57
CA ASN C 1023 17.71 -19.77 -32.98
C ASN C 1023 18.90 -19.46 -33.85
N LEU C 1024 19.60 -18.38 -33.56
CA LEU C 1024 20.79 -18.13 -34.35
C LEU C 1024 21.76 -19.29 -34.24
N ALA C 1025 21.94 -19.84 -33.05
CA ALA C 1025 22.87 -20.95 -32.96
C ALA C 1025 22.38 -22.13 -33.76
N ALA C 1026 21.10 -22.41 -33.75
CA ALA C 1026 20.66 -23.56 -34.52
C ALA C 1026 20.89 -23.35 -35.99
N THR C 1027 20.59 -22.16 -36.49
CA THR C 1027 20.88 -21.93 -37.89
C THR C 1027 22.35 -22.11 -38.16
N LYS C 1028 23.22 -21.61 -37.29
CA LYS C 1028 24.62 -21.79 -37.59
C LYS C 1028 24.97 -23.25 -37.58
N MET C 1029 24.49 -24.01 -36.62
CA MET C 1029 24.74 -25.45 -36.69
C MET C 1029 24.35 -26.03 -38.01
N SER C 1030 23.09 -25.94 -38.38
CA SER C 1030 22.67 -26.58 -39.63
C SER C 1030 23.49 -26.12 -40.80
N GLU C 1031 23.70 -24.83 -40.93
CA GLU C 1031 24.28 -24.36 -42.17
C GLU C 1031 25.77 -24.49 -42.18
N CYS C 1032 26.47 -24.27 -41.08
CA CYS C 1032 27.92 -24.36 -41.19
C CYS C 1032 28.45 -25.76 -40.90
N VAL C 1033 27.93 -26.50 -39.93
CA VAL C 1033 28.54 -27.80 -39.63
C VAL C 1033 28.12 -28.86 -40.59
N LEU C 1034 26.84 -29.02 -40.78
CA LEU C 1034 26.31 -30.08 -41.62
C LEU C 1034 26.43 -29.77 -43.08
N GLY C 1035 27.17 -28.74 -43.43
CA GLY C 1035 27.34 -28.39 -44.81
C GLY C 1035 28.38 -27.32 -44.96
N GLN C 1036 28.35 -26.63 -46.07
CA GLN C 1036 29.28 -25.57 -46.37
C GLN C 1036 28.47 -24.39 -46.83
N SER C 1037 28.71 -23.22 -46.29
CA SER C 1037 27.86 -22.11 -46.65
C SER C 1037 28.61 -21.17 -47.56
N LYS C 1038 27.96 -20.71 -48.60
CA LYS C 1038 28.53 -19.70 -49.45
C LYS C 1038 28.15 -18.31 -48.97
N ARG C 1039 27.38 -18.20 -47.89
CA ARG C 1039 27.03 -16.87 -47.42
C ARG C 1039 28.28 -16.23 -46.91
N VAL C 1040 28.53 -15.01 -47.33
CA VAL C 1040 29.79 -14.38 -46.99
C VAL C 1040 29.84 -13.93 -45.56
N ASP C 1041 30.87 -14.35 -44.86
CA ASP C 1041 31.13 -13.86 -43.52
C ASP C 1041 30.01 -14.17 -42.54
N PHE C 1042 29.45 -15.35 -42.67
CA PHE C 1042 28.52 -15.94 -41.73
C PHE C 1042 29.24 -16.96 -40.87
N CYS C 1043 29.86 -17.92 -41.52
CA CYS C 1043 30.67 -18.94 -40.87
C CYS C 1043 32.16 -18.59 -40.86
N GLY C 1044 32.51 -17.50 -40.21
CA GLY C 1044 33.88 -17.04 -40.07
C GLY C 1044 34.31 -16.08 -41.15
N LYS C 1045 35.40 -15.36 -40.88
CA LYS C 1045 35.91 -14.37 -41.82
C LYS C 1045 36.77 -15.06 -42.86
N GLY C 1046 36.40 -14.97 -44.12
CA GLY C 1046 37.12 -15.62 -45.18
C GLY C 1046 36.25 -16.65 -45.87
N TYR C 1047 36.82 -17.26 -46.87
CA TYR C 1047 36.13 -18.30 -47.60
C TYR C 1047 35.94 -19.53 -46.72
N HIS C 1048 34.71 -19.91 -46.41
CA HIS C 1048 34.48 -20.98 -45.45
C HIS C 1048 34.74 -22.39 -45.95
N LEU C 1049 35.48 -23.18 -45.17
CA LEU C 1049 35.71 -24.60 -45.41
C LEU C 1049 34.87 -25.55 -44.55
N MET C 1050 34.94 -25.50 -43.23
CA MET C 1050 34.10 -26.39 -42.41
C MET C 1050 34.06 -25.86 -40.98
N SER C 1051 33.28 -26.50 -40.12
CA SER C 1051 33.25 -26.00 -38.76
C SER C 1051 32.99 -27.13 -37.79
N PHE C 1052 33.56 -27.05 -36.60
CA PHE C 1052 33.41 -28.08 -35.59
C PHE C 1052 32.79 -27.49 -34.34
N PRO C 1053 31.76 -28.08 -33.77
CA PRO C 1053 31.17 -27.54 -32.56
C PRO C 1053 31.81 -28.10 -31.31
N GLN C 1054 31.85 -27.29 -30.25
CA GLN C 1054 32.37 -27.75 -28.97
C GLN C 1054 31.45 -27.26 -27.87
N SER C 1055 31.11 -28.12 -26.93
CA SER C 1055 30.19 -27.75 -25.87
C SER C 1055 30.81 -26.80 -24.86
N ALA C 1056 29.97 -26.00 -24.23
CA ALA C 1056 30.31 -25.05 -23.19
C ALA C 1056 29.23 -25.13 -22.13
N PRO C 1057 29.46 -24.61 -20.93
CA PRO C 1057 28.45 -24.76 -19.88
C PRO C 1057 27.06 -24.31 -20.25
N HIS C 1058 26.92 -23.26 -21.01
CA HIS C 1058 25.58 -22.81 -21.33
C HIS C 1058 25.49 -22.38 -22.77
N GLY C 1059 26.34 -22.89 -23.65
CA GLY C 1059 26.29 -22.45 -25.02
C GLY C 1059 27.16 -23.31 -25.87
N VAL C 1060 27.45 -22.85 -27.07
CA VAL C 1060 28.29 -23.59 -27.98
C VAL C 1060 29.46 -22.74 -28.39
N VAL C 1061 30.54 -23.40 -28.74
CA VAL C 1061 31.73 -22.75 -29.22
C VAL C 1061 32.12 -23.36 -30.54
N PHE C 1062 31.95 -22.63 -31.62
CA PHE C 1062 32.22 -23.10 -32.96
C PHE C 1062 33.64 -22.81 -33.40
N LEU C 1063 34.35 -23.81 -33.90
CA LEU C 1063 35.69 -23.61 -34.44
C LEU C 1063 35.66 -23.51 -35.96
N HIS C 1064 35.29 -22.37 -36.52
CA HIS C 1064 35.22 -22.25 -37.98
C HIS C 1064 36.56 -22.34 -38.66
N VAL C 1065 36.73 -23.19 -39.67
CA VAL C 1065 37.97 -23.23 -40.46
C VAL C 1065 37.84 -22.50 -41.77
N THR C 1066 38.61 -21.45 -41.98
CA THR C 1066 38.50 -20.60 -43.15
C THR C 1066 39.80 -20.55 -43.94
N TYR C 1067 39.70 -20.39 -45.25
CA TYR C 1067 40.82 -20.28 -46.19
C TYR C 1067 41.01 -18.85 -46.60
N VAL C 1068 42.20 -18.29 -46.40
CA VAL C 1068 42.48 -16.89 -46.67
C VAL C 1068 43.67 -16.73 -47.59
N PRO C 1069 43.57 -16.06 -48.73
CA PRO C 1069 44.72 -15.82 -49.59
C PRO C 1069 45.74 -14.84 -49.05
N ALA C 1070 46.92 -14.87 -49.64
CA ALA C 1070 47.99 -13.96 -49.23
C ALA C 1070 49.09 -13.99 -50.28
N GLN C 1071 50.04 -13.08 -50.16
CA GLN C 1071 51.17 -12.96 -51.09
C GLN C 1071 50.75 -12.72 -52.54
N GLU C 1072 50.01 -11.67 -52.80
CA GLU C 1072 49.52 -11.36 -54.13
C GLU C 1072 50.62 -10.82 -55.01
N LYS C 1073 50.34 -10.74 -56.31
CA LYS C 1073 51.29 -10.28 -57.28
C LYS C 1073 50.56 -9.54 -58.38
N ASN C 1074 51.20 -8.52 -58.96
CA ASN C 1074 50.62 -7.70 -60.02
C ASN C 1074 50.66 -8.33 -61.40
N PHE C 1075 49.67 -8.03 -62.22
CA PHE C 1075 49.66 -8.57 -63.56
C PHE C 1075 48.95 -7.60 -64.46
N THR C 1076 49.22 -7.68 -65.75
CA THR C 1076 48.53 -6.91 -66.76
C THR C 1076 47.54 -7.79 -67.48
N THR C 1077 46.32 -7.31 -67.74
CA THR C 1077 45.29 -8.18 -68.31
C THR C 1077 44.51 -7.51 -69.39
N ALA C 1078 43.77 -8.32 -70.14
CA ALA C 1078 42.89 -7.82 -71.17
C ALA C 1078 41.62 -8.65 -71.18
N PRO C 1079 40.50 -8.08 -71.55
CA PRO C 1079 39.26 -8.82 -71.49
C PRO C 1079 39.07 -9.86 -72.55
N ALA C 1080 39.75 -9.83 -73.67
CA ALA C 1080 39.45 -10.83 -74.67
C ALA C 1080 40.63 -10.93 -75.62
N ILE C 1081 40.74 -12.03 -76.34
CA ILE C 1081 41.82 -12.16 -77.31
C ILE C 1081 41.26 -12.19 -78.72
N CYS C 1082 41.92 -11.52 -79.64
CA CYS C 1082 41.49 -11.48 -81.03
C CYS C 1082 42.43 -12.31 -81.87
N HIS C 1083 41.90 -13.33 -82.50
CA HIS C 1083 42.62 -14.23 -83.38
C HIS C 1083 41.78 -14.55 -84.60
N ASP C 1084 42.36 -14.45 -85.79
CA ASP C 1084 41.63 -14.69 -87.04
C ASP C 1084 40.42 -13.83 -87.11
N GLY C 1085 40.44 -12.71 -86.44
CA GLY C 1085 39.30 -11.87 -86.54
C GLY C 1085 38.18 -12.23 -85.62
N LYS C 1086 38.27 -13.30 -84.84
CA LYS C 1086 37.17 -13.58 -83.94
C LYS C 1086 37.69 -13.47 -82.52
N ALA C 1087 36.85 -13.05 -81.60
CA ALA C 1087 37.27 -12.81 -80.23
C ALA C 1087 37.14 -14.06 -79.40
N HIS C 1088 38.11 -14.33 -78.55
CA HIS C 1088 38.06 -15.46 -77.66
C HIS C 1088 37.96 -14.97 -76.23
N PHE C 1089 37.17 -15.59 -75.42
CA PHE C 1089 36.99 -15.25 -74.02
C PHE C 1089 37.30 -16.49 -73.20
N PRO C 1090 37.71 -16.36 -71.96
CA PRO C 1090 38.09 -17.53 -71.19
C PRO C 1090 36.89 -18.23 -70.60
N ARG C 1091 36.88 -19.56 -70.63
CA ARG C 1091 35.79 -20.27 -70.00
C ARG C 1091 35.75 -20.04 -68.51
N GLU C 1092 36.90 -20.18 -67.86
CA GLU C 1092 37.03 -19.86 -66.45
C GLU C 1092 38.42 -19.30 -66.20
N GLY C 1093 38.46 -18.20 -65.51
CA GLY C 1093 39.69 -17.54 -65.19
C GLY C 1093 39.82 -16.22 -65.90
N VAL C 1094 41.03 -15.73 -65.95
CA VAL C 1094 41.25 -14.42 -66.51
C VAL C 1094 42.47 -14.46 -67.36
N PHE C 1095 42.48 -13.67 -68.42
CA PHE C 1095 43.68 -13.57 -69.20
C PHE C 1095 44.66 -12.71 -68.47
N VAL C 1096 45.75 -13.29 -68.05
CA VAL C 1096 46.75 -12.60 -67.27
C VAL C 1096 47.98 -12.61 -68.10
N SER C 1097 48.59 -11.47 -68.25
CA SER C 1097 49.83 -11.31 -68.98
C SER C 1097 50.96 -10.95 -68.07
N ASN C 1098 52.10 -11.54 -68.27
CA ASN C 1098 53.21 -11.28 -67.39
C ASN C 1098 54.25 -10.35 -68.00
N GLY C 1099 53.83 -9.49 -68.90
CA GLY C 1099 54.74 -8.53 -69.46
C GLY C 1099 55.02 -8.77 -70.94
N THR C 1100 55.20 -10.03 -71.32
CA THR C 1100 55.51 -10.39 -72.70
C THR C 1100 54.70 -11.54 -73.25
N HIS C 1101 54.11 -12.40 -72.44
CA HIS C 1101 53.37 -13.56 -72.90
C HIS C 1101 52.02 -13.57 -72.25
N TRP C 1102 51.04 -14.15 -72.92
CA TRP C 1102 49.69 -14.19 -72.39
C TRP C 1102 49.34 -15.57 -71.86
N PHE C 1103 48.59 -15.63 -70.77
CA PHE C 1103 48.22 -16.89 -70.19
C PHE C 1103 46.81 -16.84 -69.66
N VAL C 1104 46.25 -18.00 -69.36
CA VAL C 1104 44.97 -18.14 -68.68
C VAL C 1104 45.21 -18.68 -67.30
N THR C 1105 44.51 -18.18 -66.32
CA THR C 1105 44.72 -18.64 -64.95
C THR C 1105 43.45 -18.60 -64.16
N GLN C 1106 43.24 -19.60 -63.32
CA GLN C 1106 42.05 -19.58 -62.47
C GLN C 1106 42.11 -18.35 -61.58
N ARG C 1107 40.95 -17.88 -61.14
CA ARG C 1107 40.94 -16.58 -60.52
C ARG C 1107 41.65 -16.54 -59.18
N ASN C 1108 41.48 -17.52 -58.32
CA ASN C 1108 41.99 -17.47 -56.94
C ASN C 1108 43.34 -18.09 -56.67
N PHE C 1109 44.10 -18.51 -57.65
CA PHE C 1109 45.40 -19.02 -57.28
C PHE C 1109 46.16 -19.06 -58.58
N TYR C 1110 47.34 -18.51 -58.61
CA TYR C 1110 48.10 -18.38 -59.83
C TYR C 1110 48.61 -19.72 -60.34
N GLU C 1111 48.14 -20.17 -61.49
CA GLU C 1111 48.62 -21.40 -62.12
C GLU C 1111 48.49 -21.25 -63.61
N PRO C 1112 49.41 -20.57 -64.25
CA PRO C 1112 49.27 -20.22 -65.65
C PRO C 1112 49.31 -21.39 -66.58
N GLN C 1113 48.50 -21.34 -67.62
CA GLN C 1113 48.44 -22.35 -68.65
C GLN C 1113 48.44 -21.69 -70.02
N ILE C 1114 48.86 -22.44 -71.03
CA ILE C 1114 48.82 -21.95 -72.41
C ILE C 1114 47.39 -21.78 -72.89
N ILE C 1115 47.16 -20.69 -73.62
CA ILE C 1115 45.83 -20.39 -74.16
C ILE C 1115 45.52 -21.36 -75.28
N THR C 1116 44.49 -22.18 -75.14
CA THR C 1116 44.20 -23.12 -76.21
C THR C 1116 42.72 -23.09 -76.50
N THR C 1117 42.32 -23.75 -77.55
CA THR C 1117 40.90 -23.84 -77.87
C THR C 1117 40.13 -24.64 -76.84
N ASP C 1118 40.77 -25.34 -75.91
CA ASP C 1118 39.97 -26.10 -74.96
C ASP C 1118 39.38 -25.25 -73.85
N ASN C 1119 40.10 -24.23 -73.39
CA ASN C 1119 39.65 -23.40 -72.29
C ASN C 1119 39.14 -22.01 -72.71
N THR C 1120 38.73 -21.79 -73.96
CA THR C 1120 38.20 -20.50 -74.37
C THR C 1120 37.06 -20.70 -75.34
N PHE C 1121 36.14 -19.75 -75.43
CA PHE C 1121 35.06 -19.89 -76.38
C PHE C 1121 34.90 -18.61 -77.18
N VAL C 1122 34.38 -18.72 -78.37
CA VAL C 1122 34.36 -17.62 -79.33
C VAL C 1122 33.02 -16.95 -79.44
N SER C 1123 33.01 -15.67 -79.74
CA SER C 1123 31.75 -14.99 -79.99
C SER C 1123 31.96 -13.76 -80.89
N GLY C 1124 31.59 -13.89 -82.15
CA GLY C 1124 31.59 -12.76 -83.06
C GLY C 1124 32.95 -12.18 -83.38
N ASN C 1125 32.95 -11.22 -84.29
CA ASN C 1125 34.17 -10.56 -84.72
C ASN C 1125 34.73 -9.68 -83.62
N CYS C 1126 35.98 -9.28 -83.80
CA CYS C 1126 36.76 -8.68 -82.73
C CYS C 1126 36.83 -7.18 -82.82
N ASP C 1127 35.79 -6.52 -83.29
CA ASP C 1127 35.84 -5.06 -83.26
C ASP C 1127 34.88 -4.42 -82.26
N VAL C 1128 33.98 -5.16 -81.65
CA VAL C 1128 33.08 -4.56 -80.71
C VAL C 1128 33.59 -4.51 -79.27
N VAL C 1129 34.40 -5.47 -78.87
CA VAL C 1129 34.90 -5.54 -77.50
C VAL C 1129 35.98 -4.48 -77.31
N ILE C 1130 35.99 -3.85 -76.17
CA ILE C 1130 36.95 -2.81 -75.85
C ILE C 1130 38.14 -3.36 -75.10
N GLY C 1131 39.32 -2.92 -75.47
CA GLY C 1131 40.53 -3.39 -74.85
C GLY C 1131 41.04 -4.72 -75.30
N ILE C 1132 40.60 -5.21 -76.44
CA ILE C 1132 41.05 -6.50 -76.89
C ILE C 1132 42.49 -6.41 -77.32
N VAL C 1133 43.25 -7.50 -77.16
CA VAL C 1133 44.66 -7.57 -77.52
C VAL C 1133 44.86 -8.74 -78.46
N ASN C 1134 46.05 -8.89 -78.99
CA ASN C 1134 46.24 -9.94 -79.99
C ASN C 1134 47.19 -11.02 -79.54
N ASN C 1135 46.89 -12.26 -79.87
CA ASN C 1135 47.84 -13.32 -79.60
C ASN C 1135 47.40 -14.63 -80.22
N THR C 1136 48.32 -15.55 -80.36
CA THR C 1136 48.05 -16.82 -80.99
C THR C 1136 47.34 -17.71 -80.01
N VAL C 1137 46.24 -18.32 -80.42
CA VAL C 1137 45.52 -19.26 -79.60
C VAL C 1137 45.70 -20.65 -80.17
N TYR C 1138 46.64 -21.42 -79.64
CA TYR C 1138 46.95 -22.71 -80.23
C TYR C 1138 45.78 -23.67 -80.13
N ASP C 1139 45.62 -24.49 -81.16
CA ASP C 1139 44.62 -25.54 -81.25
C ASP C 1139 45.27 -26.90 -81.19
N PRO C 1140 44.97 -27.74 -80.22
CA PRO C 1140 45.69 -28.99 -80.08
C PRO C 1140 45.55 -29.95 -81.23
N LEU C 1141 44.57 -29.79 -82.11
CA LEU C 1141 44.44 -30.72 -83.22
C LEU C 1141 45.46 -30.50 -84.33
N GLN C 1142 45.97 -29.30 -84.51
CA GLN C 1142 46.91 -29.09 -85.61
C GLN C 1142 48.23 -29.81 -85.39
N PRO C 1143 48.95 -29.62 -84.28
CA PRO C 1143 50.22 -30.34 -84.11
C PRO C 1143 50.12 -31.86 -84.20
N GLU C 1144 49.01 -32.47 -83.80
CA GLU C 1144 48.95 -33.92 -83.93
C GLU C 1144 48.85 -34.29 -85.40
N LEU C 1145 48.02 -33.57 -86.14
CA LEU C 1145 47.88 -33.79 -87.58
C LEU C 1145 47.52 -35.23 -87.88
N ASP C 1146 46.45 -35.73 -87.25
CA ASP C 1146 46.04 -37.12 -87.49
C ASP C 1146 45.36 -37.31 -88.85
N SER D 2 -27.11 44.66 46.65
CA SER D 2 -26.11 45.01 45.65
C SER D 2 -26.24 46.49 45.27
N ALA D 3 -25.45 47.35 45.90
CA ALA D 3 -25.45 48.77 45.57
C ALA D 3 -24.03 49.31 45.58
N LEU D 4 -23.82 50.36 44.79
CA LEU D 4 -22.52 51.01 44.75
C LEU D 4 -22.37 51.99 45.91
N THR D 5 -21.13 52.14 46.38
CA THR D 5 -20.82 53.05 47.48
C THR D 5 -20.16 54.28 46.88
N GLN D 6 -20.86 55.40 46.93
CA GLN D 6 -20.35 56.61 46.32
C GLN D 6 -20.15 57.67 47.40
N PRO D 7 -19.08 58.46 47.34
CA PRO D 7 -18.74 59.29 48.49
C PRO D 7 -19.68 60.48 48.58
N ALA D 8 -19.49 61.32 49.60
CA ALA D 8 -20.51 62.31 49.90
C ALA D 8 -20.43 63.51 48.96
N SER D 9 -19.33 64.25 49.03
CA SER D 9 -19.25 65.55 48.38
C SER D 9 -17.80 66.01 48.34
N VAL D 10 -17.55 67.02 47.50
CA VAL D 10 -16.24 67.62 47.33
C VAL D 10 -16.46 69.12 47.15
N SER D 11 -15.36 69.87 47.20
CA SER D 11 -15.43 71.32 47.02
C SER D 11 -14.05 71.83 46.67
N GLY D 12 -13.99 72.73 45.69
CA GLY D 12 -12.70 73.27 45.30
C GLY D 12 -12.89 74.50 44.43
N SER D 13 -11.78 75.20 44.22
CA SER D 13 -11.80 76.42 43.46
C SER D 13 -11.25 76.19 42.05
N PRO D 14 -11.65 77.04 41.09
CA PRO D 14 -11.13 76.96 39.72
C PRO D 14 -9.63 76.74 39.57
N GLY D 15 -9.23 75.75 38.76
CA GLY D 15 -7.84 75.44 38.48
C GLY D 15 -7.36 74.14 39.10
N GLN D 16 -7.99 73.72 40.19
CA GLN D 16 -7.68 72.46 40.84
C GLN D 16 -8.32 71.31 40.07
N SER D 17 -8.08 70.09 40.53
CA SER D 17 -8.64 68.89 39.93
C SER D 17 -9.08 67.96 41.04
N ILE D 18 -10.14 67.21 40.78
CA ILE D 18 -10.84 66.45 41.81
C ILE D 18 -10.86 64.98 41.45
N THR D 19 -11.07 64.15 42.47
CA THR D 19 -11.39 62.75 42.24
C THR D 19 -12.59 62.32 43.09
N ILE D 20 -13.23 61.26 42.61
CA ILE D 20 -14.41 60.66 43.23
C ILE D 20 -14.29 59.15 43.07
N SER D 21 -14.42 58.43 44.17
CA SER D 21 -14.30 56.98 44.17
C SER D 21 -15.66 56.32 43.99
N CYS D 22 -15.68 55.18 43.30
CA CYS D 22 -16.93 54.45 43.06
C CYS D 22 -16.61 52.96 43.16
N THR D 23 -16.93 52.39 44.31
CA THR D 23 -16.70 50.98 44.65
C THR D 23 -17.85 50.12 44.13
N GLY D 24 -17.79 48.83 44.45
CA GLY D 24 -18.79 47.88 44.03
C GLY D 24 -18.50 46.52 44.63
N THR D 25 -19.21 45.51 44.14
CA THR D 25 -19.06 44.14 44.62
C THR D 25 -18.03 43.41 43.76
N SER D 26 -17.94 42.09 43.90
CA SER D 26 -16.98 41.32 43.12
C SER D 26 -17.66 40.65 41.93
N SER D 27 -18.72 41.26 41.46
CA SER D 27 -19.48 40.78 40.31
C SER D 27 -19.93 41.90 39.40
N ASP D 28 -20.02 43.14 39.90
CA ASP D 28 -20.46 44.28 39.10
C ASP D 28 -19.32 45.21 38.71
N VAL D 29 -18.58 45.74 39.69
CA VAL D 29 -17.50 46.64 39.36
C VAL D 29 -16.24 45.83 39.16
N GLY D 30 -15.85 45.03 40.15
CA GLY D 30 -14.70 44.18 40.00
C GLY D 30 -15.17 42.89 39.36
N GLY D 31 -14.55 42.53 38.23
CA GLY D 31 -14.91 41.35 37.47
C GLY D 31 -15.57 41.63 36.14
N TYR D 32 -15.97 42.87 35.88
CA TYR D 32 -16.63 43.26 34.63
C TYR D 32 -16.14 44.57 34.04
N ASN D 33 -15.56 45.47 34.83
CA ASN D 33 -15.09 46.78 34.38
C ASN D 33 -16.03 47.42 33.37
N TYR D 34 -17.32 47.48 33.74
CA TYR D 34 -18.35 48.06 32.90
C TYR D 34 -18.90 49.34 33.47
N VAL D 35 -18.28 49.83 34.54
CA VAL D 35 -18.82 51.00 35.22
C VAL D 35 -18.87 52.17 34.24
N SER D 36 -19.89 53.01 34.41
CA SER D 36 -20.07 54.19 33.60
C SER D 36 -20.44 55.32 34.55
N TRP D 37 -20.46 56.54 34.03
CA TRP D 37 -20.71 57.71 34.85
C TRP D 37 -21.64 58.67 34.12
N TYR D 38 -22.70 59.08 34.80
CA TYR D 38 -23.65 60.05 34.29
C TYR D 38 -23.68 61.25 35.23
N GLN D 39 -24.04 62.40 34.66
CA GLN D 39 -24.13 63.65 35.38
C GLN D 39 -25.54 64.21 35.30
N GLN D 40 -25.96 64.90 36.36
CA GLN D 40 -27.31 65.45 36.40
C GLN D 40 -27.28 66.82 37.07
N HIS D 41 -27.59 67.84 36.32
CA HIS D 41 -27.98 69.06 37.00
C HIS D 41 -29.40 68.90 37.53
N PRO D 42 -29.73 69.56 38.62
CA PRO D 42 -31.10 69.49 39.13
C PRO D 42 -32.09 69.98 38.10
N GLY D 43 -32.94 69.07 37.64
CA GLY D 43 -33.98 69.41 36.69
C GLY D 43 -33.74 68.94 35.27
N LYS D 44 -32.75 68.09 35.04
CA LYS D 44 -32.49 67.53 33.73
C LYS D 44 -32.27 66.03 33.85
N ALA D 45 -32.67 65.30 32.81
CA ALA D 45 -32.44 63.86 32.78
C ALA D 45 -30.94 63.59 32.88
N PRO D 46 -30.51 62.65 33.72
CA PRO D 46 -29.07 62.37 33.82
C PRO D 46 -28.43 62.08 32.47
N LYS D 47 -27.29 62.73 32.22
CA LYS D 47 -26.57 62.65 30.97
C LYS D 47 -25.28 61.89 31.17
N LEU D 48 -24.91 61.11 30.16
CA LEU D 48 -23.69 60.31 30.24
C LEU D 48 -22.49 61.23 30.32
N MET D 49 -21.59 60.98 31.27
CA MET D 49 -20.37 61.76 31.37
C MET D 49 -19.20 60.93 30.87
N ILE D 50 -18.97 59.74 31.42
CA ILE D 50 -18.00 58.85 30.83
C ILE D 50 -18.53 57.43 30.99
N TYR D 51 -18.03 56.56 30.14
CA TYR D 51 -18.35 55.15 30.12
C TYR D 51 -17.13 54.43 29.59
N ASP D 52 -17.08 53.12 29.81
CA ASP D 52 -15.93 52.36 29.30
C ASP D 52 -14.63 53.04 29.73
N VAL D 53 -14.69 53.68 30.90
CA VAL D 53 -13.60 54.43 31.53
C VAL D 53 -12.85 55.30 30.54
N SER D 54 -12.00 54.70 29.70
CA SER D 54 -11.24 55.52 28.77
C SER D 54 -12.05 56.02 27.57
N ASN D 55 -13.24 55.48 27.32
CA ASN D 55 -14.04 55.94 26.18
C ASN D 55 -14.84 57.16 26.59
N ARG D 56 -14.34 58.34 26.23
CA ARG D 56 -14.99 59.60 26.54
C ARG D 56 -15.98 59.95 25.43
N PRO D 57 -17.25 60.21 25.78
CA PRO D 57 -18.26 60.49 24.75
C PRO D 57 -18.40 61.95 24.33
N SER D 58 -19.41 62.19 23.49
CA SER D 58 -19.59 63.49 22.85
C SER D 58 -19.74 64.59 23.89
N GLY D 59 -19.24 65.77 23.55
CA GLY D 59 -19.48 67.00 24.28
C GLY D 59 -18.64 67.09 25.54
N VAL D 60 -18.33 65.95 26.15
CA VAL D 60 -17.60 65.94 27.42
C VAL D 60 -16.26 66.63 27.21
N SER D 61 -15.91 67.51 28.13
CA SER D 61 -14.61 68.18 28.09
C SER D 61 -13.50 67.20 28.45
N ASN D 62 -12.41 67.23 27.67
CA ASN D 62 -11.30 66.30 27.92
C ASN D 62 -10.80 66.37 29.36
N ARG D 63 -11.30 67.36 30.09
CA ARG D 63 -10.93 67.65 31.48
C ARG D 63 -11.28 66.51 32.42
N PHE D 64 -12.09 65.56 31.99
CA PHE D 64 -12.48 64.40 32.78
C PHE D 64 -11.60 63.20 32.44
N SER D 65 -11.26 62.44 33.47
CA SER D 65 -10.44 61.23 33.33
C SER D 65 -10.94 60.20 34.32
N GLY D 66 -11.54 59.14 33.82
CA GLY D 66 -12.03 58.07 34.67
C GLY D 66 -10.94 57.04 34.94
N SER D 67 -11.11 56.28 36.01
CA SER D 67 -10.14 55.23 36.28
C SER D 67 -10.78 54.17 37.18
N LYS D 68 -10.29 52.95 37.01
CA LYS D 68 -10.73 51.76 37.74
C LYS D 68 -9.51 51.02 38.25
N SER D 69 -9.49 50.72 39.54
CA SER D 69 -8.37 50.00 40.16
C SER D 69 -8.96 48.81 40.91
N GLY D 70 -8.65 47.61 40.43
CA GLY D 70 -9.15 46.41 41.06
C GLY D 70 -10.67 46.46 41.10
N ASN D 71 -11.20 46.51 42.31
CA ASN D 71 -12.65 46.69 42.47
C ASN D 71 -13.00 48.17 42.48
N THR D 72 -12.20 49.00 43.16
CA THR D 72 -12.52 50.42 43.23
C THR D 72 -12.50 51.00 41.83
N ALA D 73 -13.32 52.02 41.62
CA ALA D 73 -13.23 52.92 40.48
C ALA D 73 -13.06 54.35 40.98
N SER D 74 -12.50 55.18 40.12
CA SER D 74 -12.18 56.54 40.51
C SER D 74 -12.31 57.45 39.29
N LEU D 75 -13.04 58.55 39.49
CA LEU D 75 -13.20 59.58 38.48
C LEU D 75 -12.25 60.70 38.82
N THR D 76 -11.76 61.39 37.79
CA THR D 76 -10.90 62.55 37.99
C THR D 76 -11.28 63.65 37.01
N ILE D 77 -11.74 64.78 37.55
CA ILE D 77 -12.17 65.91 36.74
C ILE D 77 -11.11 67.01 36.87
N SER D 78 -10.72 67.58 35.74
CA SER D 78 -9.67 68.59 35.73
C SER D 78 -10.24 69.93 35.29
N GLY D 79 -9.51 70.99 35.62
CA GLY D 79 -9.93 72.33 35.27
C GLY D 79 -11.26 72.74 35.85
N LEU D 80 -11.34 72.88 37.17
CA LEU D 80 -12.59 73.27 37.82
C LEU D 80 -13.17 74.55 37.24
N GLN D 81 -14.38 74.43 36.69
CA GLN D 81 -15.11 75.54 36.09
C GLN D 81 -16.33 75.83 36.95
N ALA D 82 -17.46 76.16 36.32
CA ALA D 82 -18.68 76.46 37.08
C ALA D 82 -19.80 75.47 36.79
N GLU D 83 -20.01 75.08 35.52
CA GLU D 83 -21.07 74.11 35.23
C GLU D 83 -20.92 72.84 36.07
N ASP D 84 -19.73 72.60 36.62
CA ASP D 84 -19.47 71.42 37.46
C ASP D 84 -20.48 71.24 38.58
N GLU D 85 -21.17 72.32 39.01
CA GLU D 85 -22.19 72.20 40.03
C GLU D 85 -23.27 71.22 39.60
N ALA D 86 -23.16 69.95 40.01
CA ALA D 86 -24.13 68.93 39.61
C ALA D 86 -23.76 67.61 40.25
N ASP D 87 -24.72 66.70 40.23
CA ASP D 87 -24.56 65.36 40.77
C ASP D 87 -23.94 64.43 39.74
N TYR D 88 -23.19 63.45 40.21
CA TYR D 88 -22.52 62.48 39.36
C TYR D 88 -22.80 61.06 39.86
N TYR D 89 -23.27 60.19 38.97
CA TYR D 89 -23.64 58.82 39.33
C TYR D 89 -22.85 57.82 38.50
N CYS D 90 -22.18 56.91 39.17
CA CYS D 90 -21.49 55.79 38.54
C CYS D 90 -22.38 54.56 38.46
N SER D 91 -22.53 54.01 37.26
CA SER D 91 -23.40 52.86 37.00
C SER D 91 -22.56 51.72 36.44
N SER D 92 -23.09 50.50 36.56
CA SER D 92 -22.34 49.33 36.08
C SER D 92 -23.31 48.20 35.75
N TYR D 93 -22.85 47.33 34.85
CA TYR D 93 -23.57 46.13 34.42
C TYR D 93 -23.15 44.86 35.14
N THR D 94 -24.14 44.08 35.59
CA THR D 94 -23.89 42.88 36.38
C THR D 94 -24.39 41.73 35.48
N SER D 95 -24.49 40.52 36.02
CA SER D 95 -24.86 39.36 35.21
C SER D 95 -25.99 38.52 35.79
N SER D 96 -26.33 38.68 37.06
CA SER D 96 -27.48 38.01 37.64
C SER D 96 -28.70 38.91 37.38
N SER D 97 -29.78 38.75 38.14
CA SER D 97 -30.86 39.72 37.97
C SER D 97 -30.34 41.11 38.26
N THR D 98 -31.07 42.12 37.77
CA THR D 98 -30.65 43.50 37.91
C THR D 98 -29.46 43.67 36.98
N LEU D 99 -29.63 44.38 35.89
CA LEU D 99 -28.55 44.52 34.92
C LEU D 99 -27.82 45.86 35.05
N TYR D 100 -28.27 46.73 35.94
CA TYR D 100 -27.59 48.00 36.14
C TYR D 100 -27.89 48.53 37.54
N VAL D 101 -26.83 48.98 38.21
CA VAL D 101 -26.93 49.59 39.53
C VAL D 101 -26.35 51.00 39.37
N PHE D 102 -26.59 51.86 40.36
CA PHE D 102 -26.14 53.24 40.27
C PHE D 102 -25.56 53.66 41.62
N GLY D 103 -24.73 54.71 41.62
CA GLY D 103 -24.19 55.19 42.87
C GLY D 103 -25.13 56.12 43.61
N THR D 104 -24.87 56.28 44.91
CA THR D 104 -25.68 57.16 45.76
C THR D 104 -25.77 58.58 45.20
N GLY D 105 -24.72 59.04 44.54
CA GLY D 105 -24.63 60.38 43.99
C GLY D 105 -23.62 61.20 44.77
N THR D 106 -22.83 61.98 44.03
CA THR D 106 -21.82 62.86 44.60
C THR D 106 -22.23 64.29 44.30
N LYS D 107 -22.03 65.16 45.28
CA LYS D 107 -22.22 66.58 45.04
C LYS D 107 -20.87 67.25 44.87
N VAL D 108 -20.64 67.81 43.69
CA VAL D 108 -19.42 68.52 43.35
C VAL D 108 -19.83 69.98 43.31
N THR D 109 -19.32 70.77 44.24
CA THR D 109 -19.64 72.19 44.25
C THR D 109 -18.39 73.04 44.12
N VAL D 110 -18.50 74.14 43.39
CA VAL D 110 -17.40 75.04 43.13
C VAL D 110 -17.71 76.35 43.85
N LEU D 111 -16.69 76.98 44.41
CA LEU D 111 -16.90 78.13 45.29
C LEU D 111 -17.08 79.42 44.48
N GLN E 1 -30.46 65.71 19.01
CA GLN E 1 -30.38 64.89 17.82
C GLN E 1 -31.47 63.84 17.78
N VAL E 2 -31.27 62.79 18.58
CA VAL E 2 -32.26 61.74 18.75
C VAL E 2 -32.88 61.90 20.13
N GLN E 3 -34.19 62.08 20.16
CA GLN E 3 -34.92 62.27 21.39
C GLN E 3 -35.83 61.07 21.63
N LEU E 4 -36.09 60.81 22.90
CA LEU E 4 -37.06 59.80 23.32
C LEU E 4 -37.99 60.50 24.29
N VAL E 5 -39.08 61.00 23.76
CA VAL E 5 -40.04 61.86 24.45
C VAL E 5 -41.12 60.95 25.00
N GLU E 6 -41.66 61.33 26.15
CA GLU E 6 -42.64 60.51 26.83
C GLU E 6 -44.01 61.16 26.77
N SER E 7 -45.05 60.36 27.03
CA SER E 7 -46.41 60.88 27.00
C SER E 7 -47.37 59.87 27.61
N GLY E 8 -48.35 60.36 28.34
CA GLY E 8 -49.37 59.53 28.95
C GLY E 8 -49.44 59.58 30.46
N GLY E 9 -48.50 60.25 31.14
CA GLY E 9 -48.47 60.26 32.58
C GLY E 9 -49.17 61.48 33.17
N GLY E 10 -49.26 61.48 34.47
CA GLY E 10 -49.87 62.56 35.22
C GLY E 10 -50.44 62.00 36.51
N LEU E 11 -51.59 62.53 36.89
CA LEU E 11 -52.21 62.09 38.14
C LEU E 11 -53.16 60.92 37.91
N VAL E 12 -53.30 60.08 38.95
CA VAL E 12 -54.17 58.92 38.94
C VAL E 12 -54.54 58.60 40.39
N LYS E 13 -55.59 57.80 40.56
CA LYS E 13 -55.99 57.18 41.81
C LYS E 13 -55.45 55.76 41.91
N PRO E 14 -55.30 55.24 43.14
CA PRO E 14 -54.80 53.86 43.28
C PRO E 14 -55.83 52.87 42.77
N GLY E 15 -55.35 51.82 42.11
CA GLY E 15 -56.25 50.87 41.53
C GLY E 15 -56.45 51.12 40.05
N GLY E 16 -56.42 52.39 39.62
CA GLY E 16 -56.63 52.68 38.22
C GLY E 16 -55.48 52.24 37.34
N SER E 17 -55.41 52.77 36.12
CA SER E 17 -54.34 52.41 35.17
C SER E 17 -53.89 53.62 34.39
N LEU E 18 -52.86 53.41 33.57
CA LEU E 18 -52.28 54.47 32.75
C LEU E 18 -51.44 53.81 31.67
N ARG E 19 -51.03 54.60 30.67
CA ARG E 19 -50.26 54.09 29.54
C ARG E 19 -49.18 55.11 29.18
N LEU E 20 -47.93 54.66 29.05
CA LEU E 20 -46.85 55.54 28.60
C LEU E 20 -46.46 55.22 27.16
N SER E 21 -46.22 56.27 26.38
CA SER E 21 -45.79 56.14 24.99
C SER E 21 -44.45 56.84 24.82
N CYS E 22 -43.48 56.14 24.24
CA CYS E 22 -42.14 56.65 24.00
C CYS E 22 -41.99 56.80 22.50
N ALA E 23 -41.85 58.04 22.02
CA ALA E 23 -41.78 58.34 20.60
C ALA E 23 -40.33 58.65 20.22
N ALA E 24 -39.82 57.87 19.29
CA ALA E 24 -38.46 58.01 18.77
C ALA E 24 -38.41 58.84 17.49
N SER E 25 -37.48 59.79 17.45
CA SER E 25 -37.20 60.59 16.26
C SER E 25 -35.70 60.54 16.00
N GLY E 26 -35.32 60.65 14.73
CA GLY E 26 -33.92 60.53 14.38
C GLY E 26 -33.44 59.15 13.99
N PHE E 27 -34.26 58.11 14.14
CA PHE E 27 -33.85 56.76 13.76
C PHE E 27 -35.07 55.84 13.71
N MET E 28 -34.81 54.57 13.42
CA MET E 28 -35.86 53.59 13.16
C MET E 28 -36.06 52.72 14.39
N ILE E 29 -37.25 52.82 15.00
CA ILE E 29 -37.50 52.07 16.24
C ILE E 29 -37.81 50.60 16.01
N SER E 30 -37.95 50.16 14.76
CA SER E 30 -38.39 48.79 14.58
C SER E 30 -37.29 47.73 14.68
N ASP E 31 -36.02 48.11 14.92
CA ASP E 31 -34.96 47.09 14.99
C ASP E 31 -33.87 47.48 15.99
N SER E 32 -34.18 48.29 16.98
CA SER E 32 -33.22 48.74 17.99
C SER E 32 -33.71 48.38 19.38
N TYR E 33 -32.94 47.54 20.09
CA TYR E 33 -33.31 47.12 21.44
C TYR E 33 -33.56 48.33 22.31
N MET E 34 -34.70 48.32 23.00
CA MET E 34 -35.12 49.41 23.86
C MET E 34 -35.31 48.91 25.28
N ASN E 35 -35.37 49.85 26.22
CA ASN E 35 -35.61 49.48 27.61
C ASN E 35 -35.91 50.72 28.44
N TRP E 36 -36.81 50.55 29.40
CA TRP E 36 -37.34 51.58 30.27
C TRP E 36 -36.59 51.61 31.59
N ILE E 37 -36.44 52.80 32.15
CA ILE E 37 -35.76 53.00 33.42
C ILE E 37 -36.70 53.73 34.35
N ARG E 38 -36.94 53.15 35.52
CA ARG E 38 -37.82 53.76 36.51
C ARG E 38 -36.97 54.30 37.64
N GLN E 39 -37.39 55.43 38.18
CA GLN E 39 -36.67 56.07 39.26
C GLN E 39 -37.69 56.56 40.27
N PRO E 40 -37.74 55.95 41.45
CA PRO E 40 -38.63 56.46 42.49
C PRO E 40 -38.21 57.85 42.89
N PRO E 41 -39.05 58.60 43.59
CA PRO E 41 -38.69 59.98 43.95
C PRO E 41 -37.64 59.98 45.05
N GLY E 42 -36.51 60.62 44.77
CA GLY E 42 -35.42 60.70 45.72
C GLY E 42 -34.62 59.42 45.86
N LYS E 43 -34.64 58.56 44.83
CA LYS E 43 -33.82 57.36 44.85
C LYS E 43 -33.05 57.22 43.54
N GLY E 44 -32.43 56.07 43.38
CA GLY E 44 -31.66 55.77 42.19
C GLY E 44 -32.56 55.36 41.05
N LEU E 45 -31.97 54.66 40.09
CA LEU E 45 -32.74 54.22 38.94
C LEU E 45 -33.08 52.74 39.14
N GLU E 46 -34.11 52.28 38.43
CA GLU E 46 -34.54 50.88 38.53
C GLU E 46 -35.00 50.41 37.15
N TRP E 47 -34.73 49.14 36.87
CA TRP E 47 -35.09 48.56 35.59
C TRP E 47 -36.59 48.33 35.51
N VAL E 48 -37.15 48.54 34.32
CA VAL E 48 -38.58 48.36 34.14
C VAL E 48 -38.79 47.15 33.25
N SER E 49 -38.42 47.31 31.98
CA SER E 49 -38.54 46.25 30.99
C SER E 49 -37.50 46.51 29.91
N TYR E 50 -37.46 45.63 28.92
CA TYR E 50 -36.52 45.81 27.84
C TYR E 50 -37.11 45.06 26.66
N ILE E 51 -37.18 45.69 25.50
CA ILE E 51 -37.54 45.00 24.27
C ILE E 51 -36.30 44.86 23.40
N SER E 52 -36.24 43.77 22.64
CA SER E 52 -35.14 43.55 21.73
C SER E 52 -35.56 43.99 20.33
N SER E 53 -34.64 43.84 19.38
CA SER E 53 -34.98 44.12 17.99
C SER E 53 -35.79 43.00 17.35
N ASN E 54 -35.39 41.75 17.57
CA ASN E 54 -36.13 40.60 17.06
C ASN E 54 -37.61 40.73 17.36
N GLY E 55 -37.94 41.19 18.56
CA GLY E 55 -39.28 41.10 19.09
C GLY E 55 -39.60 39.76 19.73
N TYR E 56 -38.67 38.84 19.79
CA TYR E 56 -38.93 37.51 20.30
C TYR E 56 -38.20 37.23 21.61
N ALA E 57 -37.48 38.22 22.15
CA ALA E 57 -36.81 38.08 23.44
C ALA E 57 -37.31 39.23 24.31
N ILE E 58 -37.95 38.89 25.41
CA ILE E 58 -38.57 39.86 26.30
C ILE E 58 -38.24 39.53 27.74
N TYR E 59 -37.74 40.53 28.48
CA TYR E 59 -37.32 40.38 29.87
C TYR E 59 -38.00 41.47 30.68
N TYR E 60 -38.81 41.07 31.66
CA TYR E 60 -39.56 42.00 32.50
C TYR E 60 -38.77 42.27 33.77
N GLY E 61 -39.09 43.38 34.44
CA GLY E 61 -38.57 43.58 35.77
C GLY E 61 -39.13 42.62 36.80
N ASP E 62 -38.27 42.24 37.75
CA ASP E 62 -38.66 41.27 38.77
C ASP E 62 -39.76 41.80 39.69
N SER E 63 -39.81 43.11 39.94
CA SER E 63 -40.80 43.69 40.83
C SER E 63 -42.15 43.93 40.15
N VAL E 64 -42.12 44.30 38.88
CA VAL E 64 -43.28 44.61 38.05
C VAL E 64 -43.83 43.38 37.36
N LYS E 65 -43.35 42.20 37.75
CA LYS E 65 -43.79 40.95 37.14
C LYS E 65 -45.26 40.67 37.40
N GLY E 66 -45.92 40.11 36.37
CA GLY E 66 -47.32 39.78 36.38
C GLY E 66 -48.23 40.83 35.77
N ARG E 67 -47.76 42.06 35.60
CA ARG E 67 -48.55 43.13 35.02
C ARG E 67 -47.65 43.92 34.07
N PHE E 68 -48.10 45.13 33.68
CA PHE E 68 -47.26 46.10 32.97
C PHE E 68 -46.71 45.53 31.66
N THR E 69 -47.61 45.24 30.74
CA THR E 69 -47.21 44.64 29.46
C THR E 69 -46.52 45.67 28.54
N ILE E 70 -45.63 45.16 27.68
CA ILE E 70 -44.88 45.98 26.73
C ILE E 70 -45.00 45.36 25.34
N SER E 71 -44.92 46.22 24.33
CA SER E 71 -44.98 45.83 22.92
C SER E 71 -44.51 47.02 22.09
N ARG E 72 -44.45 46.84 20.78
CA ARG E 72 -44.03 47.91 19.89
C ARG E 72 -44.97 48.00 18.69
N ASP E 73 -45.30 49.24 18.34
CA ASP E 73 -46.09 49.59 17.16
C ASP E 73 -45.15 50.04 16.04
N ASN E 74 -44.67 49.08 15.25
CA ASN E 74 -43.83 49.37 14.09
C ASN E 74 -44.57 50.05 12.96
N ALA E 75 -45.90 50.10 13.01
CA ALA E 75 -46.63 50.90 12.04
C ALA E 75 -46.53 52.39 12.35
N LYS E 76 -46.90 52.78 13.58
CA LYS E 76 -46.75 54.16 14.02
C LYS E 76 -45.39 54.47 14.61
N ASN E 77 -44.47 53.50 14.68
CA ASN E 77 -43.07 53.79 15.03
C ASN E 77 -42.98 54.35 16.45
N PHE E 78 -43.82 53.82 17.34
CA PHE E 78 -43.81 54.23 18.72
C PHE E 78 -43.49 53.05 19.64
N LEU E 79 -43.31 53.37 20.91
CA LEU E 79 -43.26 52.37 21.97
C LEU E 79 -44.44 52.58 22.91
N TYR E 80 -45.05 51.48 23.34
CA TYR E 80 -46.18 51.58 24.25
C TYR E 80 -45.90 50.80 25.53
N LEU E 81 -46.22 51.42 26.67
CA LEU E 81 -46.13 50.76 27.96
C LEU E 81 -47.40 51.06 28.76
N GLN E 82 -48.26 50.05 28.97
CA GLN E 82 -49.49 50.26 29.73
C GLN E 82 -49.25 49.75 31.15
N MET E 83 -49.31 50.66 32.11
CA MET E 83 -49.23 50.28 33.51
C MET E 83 -50.65 50.00 33.95
N ASN E 84 -50.92 48.76 34.33
CA ASN E 84 -52.28 48.32 34.62
C ASN E 84 -52.38 47.81 36.05
N SER E 85 -53.42 48.27 36.75
CA SER E 85 -53.61 47.98 38.16
C SER E 85 -52.42 48.50 38.96
N LEU E 86 -52.25 49.81 38.93
CA LEU E 86 -51.11 50.43 39.58
C LEU E 86 -51.38 50.54 41.08
N ARG E 87 -50.30 50.65 41.86
CA ARG E 87 -50.45 50.80 43.29
C ARG E 87 -49.74 52.07 43.75
N VAL E 88 -49.82 52.34 45.05
CA VAL E 88 -49.34 53.61 45.56
C VAL E 88 -47.82 53.63 45.56
N GLU E 89 -47.18 52.46 45.60
CA GLU E 89 -45.73 52.40 45.73
C GLU E 89 -45.06 52.53 44.38
N ASP E 90 -45.83 52.71 43.32
CA ASP E 90 -45.30 52.74 41.97
C ASP E 90 -45.02 54.16 41.49
N THR E 91 -45.36 55.16 42.29
CA THR E 91 -45.10 56.54 41.93
C THR E 91 -43.61 56.77 41.72
N ALA E 92 -43.25 57.30 40.54
CA ALA E 92 -41.85 57.41 40.17
C ALA E 92 -41.75 58.14 38.83
N VAL E 93 -40.51 58.46 38.46
CA VAL E 93 -40.21 58.97 37.13
C VAL E 93 -39.72 57.80 36.30
N TYR E 94 -39.96 57.87 35.00
CA TYR E 94 -39.65 56.80 34.06
C TYR E 94 -38.83 57.36 32.92
N TYR E 95 -37.85 56.59 32.46
CA TYR E 95 -36.97 57.01 31.38
C TYR E 95 -37.00 55.94 30.31
N CYS E 96 -37.01 56.37 29.06
CA CYS E 96 -37.04 55.48 27.90
C CYS E 96 -35.70 55.58 27.18
N ALA E 97 -34.89 54.55 27.31
CA ALA E 97 -33.50 54.57 26.89
C ALA E 97 -33.22 53.40 25.94
N ARG E 98 -32.28 53.61 25.04
CA ARG E 98 -31.96 52.64 24.00
C ARG E 98 -30.57 52.09 24.22
N GLU E 99 -30.42 50.77 24.08
CA GLU E 99 -29.09 50.17 24.28
C GLU E 99 -28.21 50.52 23.08
N GLN E 100 -26.97 50.97 23.34
CA GLN E 100 -26.14 51.37 22.21
C GLN E 100 -25.74 50.17 21.36
N PRO E 101 -25.06 49.13 21.92
CA PRO E 101 -24.59 48.04 21.05
C PRO E 101 -25.73 47.11 20.65
N GLY E 102 -26.64 47.60 19.80
CA GLY E 102 -27.74 46.76 19.36
C GLY E 102 -27.44 46.21 17.98
N GLY E 103 -26.17 46.29 17.58
CA GLY E 103 -25.74 45.77 16.31
C GLY E 103 -25.26 44.33 16.40
N TYR E 104 -24.70 43.86 15.28
CA TYR E 104 -24.22 42.49 15.20
C TYR E 104 -22.71 42.35 15.22
N TYR E 105 -21.96 43.44 15.02
CA TYR E 105 -20.51 43.44 15.16
C TYR E 105 -20.22 44.66 16.01
N ASP E 106 -20.49 44.51 17.31
CA ASP E 106 -20.40 45.60 18.26
C ASP E 106 -19.13 45.61 19.09
N SER E 107 -18.67 44.44 19.51
CA SER E 107 -17.53 44.24 20.40
C SER E 107 -17.57 45.24 21.55
N SER E 108 -18.76 45.60 22.04
CA SER E 108 -18.86 46.56 23.14
C SER E 108 -19.97 46.22 24.12
N GLY E 109 -19.66 46.31 25.41
CA GLY E 109 -20.63 46.02 26.46
C GLY E 109 -21.85 46.91 26.37
N TYR E 110 -22.94 46.51 27.04
CA TYR E 110 -24.13 47.32 26.94
C TYR E 110 -23.99 48.60 27.76
N ARG E 111 -24.68 49.65 27.32
CA ARG E 111 -24.72 50.92 28.01
C ARG E 111 -25.89 51.73 27.48
N LEU E 112 -26.75 52.22 28.37
CA LEU E 112 -27.84 53.08 27.95
C LEU E 112 -27.32 54.46 27.61
N ASP E 113 -27.18 54.76 26.32
CA ASP E 113 -26.60 56.04 25.95
C ASP E 113 -27.74 57.03 25.76
N PRO E 114 -28.63 56.86 24.76
CA PRO E 114 -29.69 57.87 24.55
C PRO E 114 -30.72 57.77 25.66
N TRP E 115 -30.87 58.85 26.41
CA TRP E 115 -31.79 58.88 27.56
C TRP E 115 -33.10 59.54 27.16
N GLY E 116 -34.11 59.33 27.99
CA GLY E 116 -35.41 59.91 27.78
C GLY E 116 -35.53 61.16 28.62
N GLN E 117 -36.42 62.07 28.19
CA GLN E 117 -36.67 63.28 28.98
C GLN E 117 -37.19 62.91 30.37
N GLY E 118 -38.10 61.95 30.44
CA GLY E 118 -38.59 61.45 31.71
C GLY E 118 -39.83 62.18 32.16
N ILE E 119 -40.86 61.44 32.57
CA ILE E 119 -42.07 62.03 33.11
C ILE E 119 -42.45 61.25 34.37
N LEU E 120 -43.13 61.96 35.28
CA LEU E 120 -43.48 61.45 36.60
C LEU E 120 -44.91 60.92 36.55
N VAL E 121 -45.20 59.96 37.42
CA VAL E 121 -46.53 59.40 37.58
C VAL E 121 -46.80 59.38 39.07
N THR E 122 -48.01 59.79 39.46
CA THR E 122 -48.35 59.93 40.87
C THR E 122 -49.66 59.24 41.20
N VAL E 123 -49.62 58.31 42.16
CA VAL E 123 -50.73 57.46 42.53
C VAL E 123 -50.99 57.74 44.00
N SER E 124 -52.12 58.38 44.31
CA SER E 124 -52.47 58.68 45.70
C SER E 124 -53.91 59.17 45.77
N SER E 125 -54.33 59.61 46.96
CA SER E 125 -55.65 60.22 47.15
C SER E 125 -55.76 61.62 46.57
N SER F 2 -38.06 16.14 53.19
CA SER F 2 -38.66 15.93 51.87
C SER F 2 -39.86 14.99 51.95
N ALA F 3 -41.05 15.58 52.03
CA ALA F 3 -42.29 14.83 52.04
C ALA F 3 -43.29 15.61 51.20
N LEU F 4 -44.25 14.91 50.62
CA LEU F 4 -45.27 15.64 49.86
C LEU F 4 -46.30 16.21 50.83
N THR F 5 -46.84 17.38 50.47
CA THR F 5 -47.83 18.04 51.31
C THR F 5 -49.20 17.82 50.68
N GLN F 6 -50.02 17.04 51.36
CA GLN F 6 -51.32 16.72 50.84
C GLN F 6 -52.41 17.23 51.77
N PRO F 7 -53.50 17.78 51.23
CA PRO F 7 -54.45 18.49 52.08
C PRO F 7 -55.31 17.54 52.90
N ALA F 8 -56.21 18.10 53.70
CA ALA F 8 -56.90 17.31 54.72
C ALA F 8 -58.03 16.50 54.11
N SER F 9 -59.03 17.17 53.57
CA SER F 9 -60.27 16.51 53.19
C SER F 9 -61.08 17.45 52.30
N VAL F 10 -62.07 16.88 51.63
CA VAL F 10 -62.93 17.60 50.70
C VAL F 10 -64.35 17.05 50.88
N SER F 11 -65.31 17.72 50.25
CA SER F 11 -66.70 17.28 50.33
C SER F 11 -67.52 17.88 49.20
N GLY F 12 -68.37 17.05 48.61
CA GLY F 12 -69.25 17.47 47.53
C GLY F 12 -70.34 16.45 47.33
N SER F 13 -71.32 16.81 46.55
CA SER F 13 -72.46 15.93 46.35
C SER F 13 -72.40 15.23 45.00
N PRO F 14 -73.06 14.07 44.88
CA PRO F 14 -73.13 13.37 43.58
C PRO F 14 -73.40 14.31 42.41
N GLY F 15 -72.58 14.23 41.36
CA GLY F 15 -72.72 15.05 40.18
C GLY F 15 -71.63 16.09 40.04
N GLN F 16 -71.04 16.49 41.16
CA GLN F 16 -69.95 17.43 41.23
C GLN F 16 -68.63 16.74 40.87
N SER F 17 -67.55 17.53 40.82
CA SER F 17 -66.20 17.05 40.54
C SER F 17 -65.22 17.78 41.45
N ILE F 18 -64.15 17.09 41.83
CA ILE F 18 -63.25 17.57 42.87
C ILE F 18 -61.83 17.66 42.34
N THR F 19 -61.00 18.48 43.00
CA THR F 19 -59.56 18.48 42.78
C THR F 19 -58.81 18.46 44.12
N ILE F 20 -57.57 17.98 44.08
CA ILE F 20 -56.69 17.86 45.25
C ILE F 20 -55.27 18.19 44.83
N SER F 21 -54.62 19.09 45.55
CA SER F 21 -53.25 19.49 45.23
C SER F 21 -52.22 18.66 46.00
N CYS F 22 -51.09 18.39 45.35
CA CYS F 22 -50.00 17.62 45.95
C CYS F 22 -48.67 18.20 45.48
N THR F 23 -48.06 19.01 46.34
CA THR F 23 -46.79 19.63 46.03
C THR F 23 -45.63 18.71 46.37
N GLY F 24 -44.43 19.26 46.18
CA GLY F 24 -43.22 18.53 46.46
C GLY F 24 -42.04 19.45 46.19
N THR F 25 -40.87 18.87 46.20
CA THR F 25 -39.67 19.65 45.94
C THR F 25 -39.33 19.59 44.46
N SER F 26 -38.13 20.03 44.11
CA SER F 26 -37.65 20.02 42.73
C SER F 26 -36.71 18.85 42.46
N SER F 27 -36.93 17.75 43.18
CA SER F 27 -36.15 16.52 43.08
C SER F 27 -36.99 15.26 43.13
N ASP F 28 -38.20 15.30 43.66
CA ASP F 28 -39.06 14.12 43.73
C ASP F 28 -40.17 14.18 42.71
N VAL F 29 -40.97 15.23 42.75
CA VAL F 29 -42.08 15.39 41.83
C VAL F 29 -41.61 16.15 40.60
N GLY F 30 -41.02 17.33 40.79
CA GLY F 30 -40.53 18.08 39.67
C GLY F 30 -39.13 17.60 39.35
N GLY F 31 -38.93 17.22 38.10
CA GLY F 31 -37.67 16.68 37.62
C GLY F 31 -37.72 15.21 37.26
N TYR F 32 -38.78 14.49 37.61
CA TYR F 32 -38.87 13.07 37.31
C TYR F 32 -40.20 12.58 36.79
N ASN F 33 -41.29 13.29 37.04
CA ASN F 33 -42.62 12.89 36.59
C ASN F 33 -42.88 11.39 36.73
N TYR F 34 -42.59 10.88 37.91
CA TYR F 34 -42.79 9.47 38.21
C TYR F 34 -43.85 9.30 39.29
N VAL F 35 -44.49 10.42 39.69
CA VAL F 35 -45.45 10.48 40.80
C VAL F 35 -46.70 9.61 40.59
N SER F 36 -47.24 9.10 41.71
CA SER F 36 -48.45 8.27 41.70
C SER F 36 -49.43 8.66 42.80
N TRP F 37 -50.64 8.07 42.74
CA TRP F 37 -51.76 8.34 43.64
C TRP F 37 -52.44 7.03 44.02
N TYR F 38 -52.60 6.77 45.31
CA TYR F 38 -53.29 5.60 45.84
C TYR F 38 -54.50 5.92 46.70
N GLN F 39 -55.43 4.96 46.78
CA GLN F 39 -56.67 5.06 47.53
C GLN F 39 -56.74 3.97 48.60
N GLN F 40 -57.38 4.28 49.72
CA GLN F 40 -57.49 3.35 50.85
C GLN F 40 -58.87 3.40 51.48
N HIS F 41 -59.61 2.32 51.36
CA HIS F 41 -60.77 2.06 52.19
C HIS F 41 -60.28 1.57 53.56
N PRO F 42 -61.04 1.84 54.61
CA PRO F 42 -60.66 1.34 55.94
C PRO F 42 -60.53 -0.16 56.09
N GLY F 43 -59.31 -0.66 56.32
CA GLY F 43 -59.09 -2.07 56.57
C GLY F 43 -58.53 -2.86 55.42
N LYS F 44 -58.07 -2.18 54.37
CA LYS F 44 -57.47 -2.80 53.21
C LYS F 44 -56.21 -2.04 52.84
N ALA F 45 -55.27 -2.78 52.29
CA ALA F 45 -54.04 -2.17 51.82
C ALA F 45 -54.36 -1.09 50.80
N PRO F 46 -53.76 0.08 50.91
CA PRO F 46 -54.03 1.17 49.95
C PRO F 46 -53.86 0.74 48.51
N LYS F 47 -54.84 1.13 47.68
CA LYS F 47 -54.87 0.72 46.29
C LYS F 47 -54.54 1.90 45.37
N LEU F 48 -53.82 1.58 44.30
CA LEU F 48 -53.36 2.54 43.33
C LEU F 48 -54.51 3.20 42.59
N MET F 49 -54.47 4.53 42.49
CA MET F 49 -55.50 5.19 41.70
C MET F 49 -54.93 5.69 40.39
N ILE F 50 -53.88 6.52 40.42
CA ILE F 50 -53.15 6.88 39.21
C ILE F 50 -51.67 7.03 39.58
N TYR F 51 -50.83 6.92 38.56
CA TYR F 51 -49.38 7.03 38.54
C TYR F 51 -49.02 7.58 37.19
N ASP F 52 -47.78 8.07 37.01
CA ASP F 52 -47.47 8.57 35.67
C ASP F 52 -48.57 9.52 35.22
N VAL F 53 -49.05 10.27 36.19
CA VAL F 53 -50.15 11.20 36.08
C VAL F 53 -51.11 10.91 34.93
N SER F 54 -50.77 11.12 33.69
CA SER F 54 -51.83 10.85 32.73
C SER F 54 -52.07 9.35 32.54
N ASN F 55 -51.19 8.49 33.01
CA ASN F 55 -51.40 7.06 32.84
C ASN F 55 -52.32 6.51 33.90
N ARG F 56 -53.55 6.32 33.54
CA ARG F 56 -54.60 5.78 34.39
C ARG F 56 -54.54 4.27 34.29
N PRO F 57 -54.47 3.54 35.36
CA PRO F 57 -54.37 2.09 35.21
C PRO F 57 -55.69 1.38 35.12
N SER F 58 -55.61 0.05 35.09
CA SER F 58 -56.75 -0.79 34.80
C SER F 58 -57.88 -0.57 35.80
N GLY F 59 -59.10 -0.73 35.32
CA GLY F 59 -60.27 -0.76 36.18
C GLY F 59 -60.68 0.62 36.62
N VAL F 60 -59.70 1.52 36.75
CA VAL F 60 -59.97 2.85 37.27
C VAL F 60 -60.99 3.56 36.40
N SER F 61 -61.97 4.18 37.04
CA SER F 61 -62.94 4.97 36.30
C SER F 61 -62.25 6.24 35.81
N ASN F 62 -62.51 6.60 34.56
CA ASN F 62 -61.91 7.78 33.94
C ASN F 62 -62.12 9.04 34.74
N ARG F 63 -62.96 8.95 35.77
CA ARG F 63 -63.32 10.10 36.56
C ARG F 63 -62.14 10.75 37.27
N PHE F 64 -61.00 10.08 37.34
CA PHE F 64 -59.81 10.64 37.95
C PHE F 64 -58.92 11.20 36.86
N SER F 65 -58.30 12.33 37.14
CA SER F 65 -57.40 12.92 36.14
C SER F 65 -56.25 13.58 36.86
N GLY F 66 -55.09 13.00 36.73
CA GLY F 66 -53.92 13.57 37.33
C GLY F 66 -53.27 14.55 36.40
N SER F 67 -52.48 15.44 36.98
CA SER F 67 -51.72 16.36 36.15
C SER F 67 -50.57 16.86 36.98
N LYS F 68 -49.49 17.19 36.31
CA LYS F 68 -48.31 17.66 36.99
C LYS F 68 -47.83 18.92 36.30
N SER F 69 -47.66 19.98 37.06
CA SER F 69 -47.21 21.26 36.53
C SER F 69 -46.03 21.71 37.36
N GLY F 70 -44.87 21.76 36.74
CA GLY F 70 -43.66 22.17 37.44
C GLY F 70 -43.46 21.28 38.65
N ASN F 71 -43.51 21.85 39.84
CA ASN F 71 -43.44 21.02 41.05
C ASN F 71 -44.80 20.53 41.52
N THR F 72 -45.82 21.36 41.51
CA THR F 72 -47.11 20.90 42.02
C THR F 72 -47.62 19.74 41.18
N ALA F 73 -48.38 18.88 41.84
CA ALA F 73 -49.23 17.91 41.17
C ALA F 73 -50.68 18.11 41.60
N SER F 74 -51.61 17.67 40.75
CA SER F 74 -53.03 17.90 41.01
C SER F 74 -53.85 16.78 40.43
N LEU F 75 -54.74 16.22 41.25
CA LEU F 75 -55.69 15.20 40.85
C LEU F 75 -57.05 15.85 40.64
N THR F 76 -57.84 15.30 39.73
CA THR F 76 -59.20 15.81 39.53
C THR F 76 -60.15 14.64 39.33
N ILE F 77 -61.09 14.49 40.27
CA ILE F 77 -62.06 13.40 40.24
C ILE F 77 -63.42 13.95 39.85
N SER F 78 -64.08 13.26 38.91
CA SER F 78 -65.36 13.65 38.35
C SER F 78 -66.44 12.62 38.70
N GLY F 79 -67.70 13.04 38.61
CA GLY F 79 -68.80 12.14 38.89
C GLY F 79 -68.91 11.56 40.29
N LEU F 80 -69.17 12.38 41.30
CA LEU F 80 -69.29 11.89 42.67
C LEU F 80 -70.27 10.72 42.80
N GLN F 81 -69.74 9.58 43.24
CA GLN F 81 -70.42 8.31 43.47
C GLN F 81 -70.49 8.01 44.96
N ALA F 82 -70.33 6.74 45.35
CA ALA F 82 -70.40 6.36 46.76
C ALA F 82 -69.10 5.81 47.31
N GLU F 83 -68.43 4.93 46.57
CA GLU F 83 -67.17 4.33 46.98
C GLU F 83 -66.09 5.34 47.38
N ASP F 84 -66.25 6.61 46.99
CA ASP F 84 -65.27 7.66 47.29
C ASP F 84 -64.83 7.73 48.74
N GLU F 85 -65.63 7.26 49.68
CA GLU F 85 -65.22 7.25 51.07
C GLU F 85 -63.91 6.48 51.25
N ALA F 86 -62.77 7.17 51.24
CA ALA F 86 -61.46 6.57 51.37
C ALA F 86 -60.36 7.63 51.35
N ASP F 87 -59.15 7.23 51.79
CA ASP F 87 -57.96 8.08 51.83
C ASP F 87 -57.22 8.04 50.49
N TYR F 88 -56.54 9.14 50.16
CA TYR F 88 -55.78 9.22 48.92
C TYR F 88 -54.38 9.74 49.19
N TYR F 89 -53.36 9.02 48.72
CA TYR F 89 -51.96 9.33 48.96
C TYR F 89 -51.18 9.51 47.66
N CYS F 90 -50.52 10.66 47.51
CA CYS F 90 -49.63 10.89 46.38
C CYS F 90 -48.21 10.50 46.74
N SER F 91 -47.61 9.64 45.93
CA SER F 91 -46.28 9.08 46.13
C SER F 91 -45.40 9.43 44.95
N SER F 92 -44.10 9.37 45.17
CA SER F 92 -43.17 9.73 44.11
C SER F 92 -41.86 9.00 44.30
N TYR F 93 -41.18 8.84 43.19
CA TYR F 93 -39.87 8.21 43.14
C TYR F 93 -38.83 9.31 43.16
N THR F 94 -37.82 9.14 43.98
CA THR F 94 -36.85 10.20 44.13
C THR F 94 -35.51 9.74 43.60
N SER F 95 -34.47 10.51 43.88
CA SER F 95 -33.17 10.17 43.32
C SER F 95 -32.03 10.14 44.32
N SER F 96 -32.16 10.70 45.51
CA SER F 96 -31.13 10.54 46.52
C SER F 96 -31.45 9.27 47.30
N SER F 97 -30.91 9.11 48.50
CA SER F 97 -31.31 7.98 49.33
C SER F 97 -32.80 8.09 49.57
N THR F 98 -33.41 6.98 50.00
CA THR F 98 -34.86 6.99 50.18
C THR F 98 -35.48 7.05 48.78
N LEU F 99 -36.12 5.97 48.35
CA LEU F 99 -36.64 5.91 47.00
C LEU F 99 -38.12 6.23 46.90
N TYR F 100 -38.81 6.47 48.01
CA TYR F 100 -40.23 6.82 47.89
C TYR F 100 -40.63 7.62 49.12
N VAL F 101 -41.35 8.71 48.88
CA VAL F 101 -41.88 9.54 49.93
C VAL F 101 -43.37 9.56 49.77
N PHE F 102 -44.08 10.07 50.77
CA PHE F 102 -45.53 10.01 50.66
C PHE F 102 -46.18 11.31 51.10
N GLY F 103 -47.41 11.52 50.62
CA GLY F 103 -48.18 12.68 51.01
C GLY F 103 -48.93 12.46 52.32
N THR F 104 -49.33 13.57 52.93
CA THR F 104 -50.06 13.50 54.19
C THR F 104 -51.30 12.62 54.12
N GLY F 105 -52.00 12.60 52.99
CA GLY F 105 -53.21 11.81 52.86
C GLY F 105 -54.43 12.73 52.79
N THR F 106 -55.35 12.40 51.89
CA THR F 106 -56.59 13.15 51.72
C THR F 106 -57.79 12.29 52.07
N LYS F 107 -58.77 12.88 52.73
CA LYS F 107 -60.05 12.23 52.97
C LYS F 107 -61.10 12.78 52.00
N VAL F 108 -61.64 11.91 51.16
CA VAL F 108 -62.69 12.29 50.22
C VAL F 108 -64.00 11.72 50.72
N THR F 109 -64.91 12.60 51.14
CA THR F 109 -66.23 12.21 51.59
C THR F 109 -67.30 12.88 50.73
N VAL F 110 -68.37 12.14 50.47
CA VAL F 110 -69.46 12.60 49.63
C VAL F 110 -70.69 12.78 50.49
N LEU F 111 -71.49 13.81 50.21
CA LEU F 111 -72.58 14.13 51.11
C LEU F 111 -73.78 13.24 50.80
N GLN G 1 -56.24 -13.34 42.93
CA GLN G 1 -55.22 -13.70 41.95
C GLN G 1 -53.81 -13.72 42.53
N VAL G 2 -53.22 -12.53 42.74
CA VAL G 2 -51.92 -12.44 43.40
C VAL G 2 -52.16 -11.88 44.78
N GLN G 3 -51.80 -12.65 45.80
CA GLN G 3 -51.97 -12.25 47.18
C GLN G 3 -50.60 -12.08 47.79
N LEU G 4 -50.50 -11.22 48.80
CA LEU G 4 -49.27 -11.09 49.56
C LEU G 4 -49.59 -11.17 51.06
N VAL G 5 -49.53 -12.35 51.62
CA VAL G 5 -49.98 -12.52 52.99
C VAL G 5 -48.77 -12.41 53.90
N GLU G 6 -48.96 -11.84 55.08
CA GLU G 6 -47.90 -11.60 56.04
C GLU G 6 -48.08 -12.49 57.26
N SER G 7 -47.00 -12.60 58.04
CA SER G 7 -47.00 -13.42 59.24
C SER G 7 -45.75 -13.11 60.06
N GLY G 8 -45.91 -13.06 61.38
CA GLY G 8 -44.81 -12.84 62.31
C GLY G 8 -44.92 -11.61 63.19
N GLY G 9 -45.92 -10.75 63.00
CA GLY G 9 -46.03 -9.52 63.75
C GLY G 9 -46.96 -9.70 64.95
N GLY G 10 -47.03 -8.65 65.76
CA GLY G 10 -47.91 -8.67 66.92
C GLY G 10 -47.34 -7.76 68.00
N LEU G 11 -47.47 -8.20 69.25
CA LEU G 11 -47.00 -7.39 70.38
C LEU G 11 -45.55 -7.76 70.67
N VAL G 12 -44.80 -6.79 71.20
CA VAL G 12 -43.40 -7.00 71.55
C VAL G 12 -43.08 -5.99 72.64
N LYS G 13 -41.98 -6.24 73.35
CA LYS G 13 -41.36 -5.32 74.29
C LYS G 13 -40.22 -4.54 73.66
N PRO G 14 -39.90 -3.37 74.21
CA PRO G 14 -38.79 -2.58 73.69
C PRO G 14 -37.47 -3.25 73.98
N GLY G 15 -36.55 -3.15 73.02
CA GLY G 15 -35.26 -3.80 73.15
C GLY G 15 -35.16 -5.11 72.40
N GLY G 16 -36.25 -5.86 72.35
CA GLY G 16 -36.18 -7.15 71.68
C GLY G 16 -36.03 -7.05 70.17
N SER G 17 -36.35 -8.15 69.48
CA SER G 17 -36.24 -8.22 68.03
C SER G 17 -37.43 -9.02 67.51
N LEU G 18 -37.55 -9.11 66.20
CA LEU G 18 -38.68 -9.84 65.61
C LEU G 18 -38.34 -10.11 64.15
N ARG G 19 -39.16 -10.96 63.53
CA ARG G 19 -38.99 -11.39 62.16
C ARG G 19 -40.35 -11.36 61.51
N LEU G 20 -40.42 -10.72 60.34
CA LEU G 20 -41.62 -10.65 59.53
C LEU G 20 -41.48 -11.55 58.32
N SER G 21 -42.56 -12.22 57.97
CA SER G 21 -42.56 -13.09 56.80
C SER G 21 -43.62 -12.60 55.83
N CYS G 22 -43.21 -12.41 54.58
CA CYS G 22 -44.08 -11.96 53.50
C CYS G 22 -44.21 -13.12 52.54
N ALA G 23 -45.40 -13.67 52.40
CA ALA G 23 -45.61 -14.83 51.56
C ALA G 23 -46.29 -14.37 50.28
N ALA G 24 -45.64 -14.62 49.14
CA ALA G 24 -46.18 -14.26 47.85
C ALA G 24 -46.93 -15.39 47.19
N SER G 25 -48.12 -15.09 46.69
CA SER G 25 -48.92 -16.03 45.94
C SER G 25 -49.39 -15.35 44.66
N GLY G 26 -49.59 -16.15 43.62
CA GLY G 26 -49.98 -15.66 42.32
C GLY G 26 -48.86 -15.32 41.37
N PHE G 27 -47.62 -15.34 41.83
CA PHE G 27 -46.48 -15.08 40.97
C PHE G 27 -45.23 -15.49 41.73
N MET G 28 -44.08 -15.26 41.11
CA MET G 28 -42.81 -15.76 41.63
C MET G 28 -42.08 -14.62 42.33
N ILE G 29 -41.86 -14.77 43.63
CA ILE G 29 -41.21 -13.69 44.37
C ILE G 29 -39.71 -13.69 44.09
N SER G 30 -39.23 -14.68 43.36
CA SER G 30 -37.80 -14.77 43.18
C SER G 30 -37.28 -13.86 42.08
N ASP G 31 -38.14 -13.09 41.42
CA ASP G 31 -37.66 -12.23 40.34
C ASP G 31 -38.42 -10.93 40.27
N SER G 32 -39.01 -10.50 41.37
CA SER G 32 -39.79 -9.27 41.43
C SER G 32 -39.27 -8.38 42.54
N TYR G 33 -38.80 -7.22 42.18
CA TYR G 33 -38.28 -6.28 43.14
C TYR G 33 -39.32 -6.00 44.22
N MET G 34 -38.91 -6.04 45.48
CA MET G 34 -39.80 -5.82 46.60
C MET G 34 -39.34 -4.64 47.44
N ASN G 35 -40.26 -4.15 48.26
CA ASN G 35 -40.02 -3.09 49.22
C ASN G 35 -41.24 -3.02 50.12
N TRP G 36 -40.99 -2.74 51.39
CA TRP G 36 -41.97 -2.73 52.46
C TRP G 36 -42.47 -1.33 52.75
N ILE G 37 -43.75 -1.26 53.12
CA ILE G 37 -44.38 0.00 53.46
C ILE G 37 -45.00 -0.13 54.83
N ARG G 38 -44.60 0.74 55.73
CA ARG G 38 -45.09 0.78 57.09
C ARG G 38 -45.97 2.00 57.30
N GLN G 39 -46.98 1.85 58.12
CA GLN G 39 -47.87 2.98 58.33
C GLN G 39 -48.13 3.09 59.83
N PRO G 40 -47.61 4.14 60.45
CA PRO G 40 -47.89 4.38 61.85
C PRO G 40 -49.38 4.61 62.03
N PRO G 41 -49.88 4.56 63.27
CA PRO G 41 -51.32 4.73 63.47
C PRO G 41 -51.74 6.18 63.28
N GLY G 42 -52.69 6.39 62.38
CA GLY G 42 -53.20 7.71 62.10
C GLY G 42 -52.32 8.59 61.27
N LYS G 43 -51.41 8.03 60.49
CA LYS G 43 -50.57 8.83 59.61
C LYS G 43 -50.60 8.19 58.22
N GLY G 44 -49.77 8.67 57.33
CA GLY G 44 -49.67 8.16 55.98
C GLY G 44 -48.84 6.89 55.95
N LEU G 45 -48.32 6.60 54.78
CA LEU G 45 -47.47 5.45 54.54
C LEU G 45 -46.01 5.87 54.52
N GLU G 46 -45.14 4.90 54.75
CA GLU G 46 -43.71 5.18 54.76
C GLU G 46 -42.90 4.02 54.21
N TRP G 47 -41.82 4.37 53.53
CA TRP G 47 -40.93 3.39 52.94
C TRP G 47 -40.13 2.75 54.05
N VAL G 48 -39.88 1.46 53.90
CA VAL G 48 -39.13 0.67 54.85
C VAL G 48 -37.76 0.26 54.35
N SER G 49 -37.75 -0.60 53.34
CA SER G 49 -36.53 -1.11 52.75
C SER G 49 -36.85 -1.49 51.32
N TYR G 50 -35.84 -2.01 50.59
CA TYR G 50 -36.10 -2.43 49.21
C TYR G 50 -35.07 -3.47 48.84
N ILE G 51 -35.54 -4.56 48.29
CA ILE G 51 -34.69 -5.58 47.70
C ILE G 51 -34.87 -5.51 46.19
N SER G 52 -33.81 -5.87 45.47
CA SER G 52 -33.91 -5.90 44.04
C SER G 52 -34.21 -7.31 43.60
N SER G 53 -34.34 -7.48 42.29
CA SER G 53 -34.48 -8.81 41.75
C SER G 53 -33.12 -9.48 41.75
N ASN G 54 -32.11 -8.73 41.34
CA ASN G 54 -30.75 -9.24 41.40
C ASN G 54 -30.46 -9.89 42.74
N GLY G 55 -30.95 -9.28 43.82
CA GLY G 55 -30.47 -9.63 45.13
C GLY G 55 -29.20 -8.93 45.54
N TYR G 56 -28.68 -8.01 44.73
CA TYR G 56 -27.42 -7.37 45.05
C TYR G 56 -27.60 -5.88 45.33
N ALA G 57 -28.83 -5.38 45.31
CA ALA G 57 -29.11 -3.99 45.64
C ALA G 57 -30.15 -3.97 46.74
N ILE G 58 -29.80 -3.37 47.87
CA ILE G 58 -30.67 -3.33 49.03
C ILE G 58 -30.67 -1.92 49.56
N TYR G 59 -31.85 -1.34 49.72
CA TYR G 59 -31.97 0.03 50.17
C TYR G 59 -32.96 0.05 51.33
N TYR G 60 -32.49 0.48 52.51
CA TYR G 60 -33.26 0.54 53.75
C TYR G 60 -33.86 1.92 53.98
N GLY G 61 -34.87 1.98 54.84
CA GLY G 61 -35.34 3.27 55.30
C GLY G 61 -34.30 3.93 56.18
N ASP G 62 -34.24 5.26 56.07
CA ASP G 62 -33.24 6.07 56.76
C ASP G 62 -33.34 6.02 58.28
N SER G 63 -34.55 5.84 58.83
CA SER G 63 -34.67 5.80 60.29
C SER G 63 -34.33 4.44 60.86
N VAL G 64 -34.66 3.39 60.13
CA VAL G 64 -34.46 2.01 60.54
C VAL G 64 -33.08 1.57 60.08
N LYS G 65 -32.29 2.53 59.62
CA LYS G 65 -30.96 2.20 59.14
C LYS G 65 -30.15 1.67 60.29
N GLY G 66 -29.34 0.66 60.02
CA GLY G 66 -28.55 0.05 61.04
C GLY G 66 -29.22 -1.19 61.59
N ARG G 67 -30.52 -1.34 61.35
CA ARG G 67 -31.26 -2.48 61.82
C ARG G 67 -32.19 -2.93 60.70
N PHE G 68 -33.18 -3.76 61.03
CA PHE G 68 -34.28 -4.13 60.14
C PHE G 68 -33.74 -4.77 58.86
N THR G 69 -33.10 -5.92 59.07
CA THR G 69 -32.48 -6.65 57.97
C THR G 69 -33.55 -7.32 57.10
N ILE G 70 -33.23 -7.49 55.82
CA ILE G 70 -34.12 -8.08 54.83
C ILE G 70 -33.43 -9.19 54.06
N SER G 71 -34.22 -10.15 53.59
CA SER G 71 -33.71 -11.25 52.77
C SER G 71 -34.89 -11.96 52.11
N ARG G 72 -34.57 -12.94 51.27
CA ARG G 72 -35.57 -13.73 50.58
C ARG G 72 -35.18 -15.20 50.63
N ASP G 73 -36.18 -16.03 50.85
CA ASP G 73 -36.05 -17.49 50.83
C ASP G 73 -36.54 -17.99 49.47
N ASN G 74 -35.63 -18.04 48.50
CA ASN G 74 -35.99 -18.59 47.22
C ASN G 74 -36.27 -20.08 47.26
N ALA G 75 -35.90 -20.75 48.35
CA ALA G 75 -36.29 -22.14 48.55
C ALA G 75 -37.75 -22.25 48.98
N LYS G 76 -38.12 -21.56 50.05
CA LYS G 76 -39.50 -21.51 50.50
C LYS G 76 -40.31 -20.42 49.81
N ASN G 77 -39.67 -19.65 48.92
CA ASN G 77 -40.36 -18.73 48.01
C ASN G 77 -41.13 -17.65 48.78
N PHE G 78 -40.55 -17.20 49.89
CA PHE G 78 -41.10 -16.13 50.70
C PHE G 78 -40.14 -14.96 50.79
N LEU G 79 -40.65 -13.91 51.41
CA LEU G 79 -39.84 -12.79 51.86
C LEU G 79 -39.85 -12.72 53.38
N TYR G 80 -38.70 -12.44 53.95
CA TYR G 80 -38.49 -12.31 55.38
C TYR G 80 -37.94 -10.93 55.69
N LEU G 81 -38.48 -10.32 56.74
CA LEU G 81 -38.03 -9.04 57.25
C LEU G 81 -37.90 -9.19 58.75
N GLN G 82 -36.66 -9.17 59.25
CA GLN G 82 -36.44 -9.33 60.68
C GLN G 82 -36.22 -7.94 61.27
N MET G 83 -37.12 -7.54 62.18
CA MET G 83 -36.98 -6.28 62.91
C MET G 83 -36.17 -6.52 64.17
N ASN G 84 -35.02 -5.86 64.26
CA ASN G 84 -34.05 -6.10 65.33
C ASN G 84 -33.73 -4.84 66.13
N SER G 85 -33.73 -4.99 67.46
CA SER G 85 -33.54 -3.88 68.41
C SER G 85 -34.62 -2.81 68.25
N LEU G 86 -35.85 -3.18 68.53
CA LEU G 86 -36.94 -2.23 68.33
C LEU G 86 -37.00 -1.18 69.43
N ARG G 87 -37.59 -0.05 69.11
CA ARG G 87 -37.80 1.02 70.07
C ARG G 87 -39.28 1.35 70.14
N VAL G 88 -39.65 2.29 71.02
CA VAL G 88 -41.06 2.52 71.29
C VAL G 88 -41.77 3.25 70.16
N GLU G 89 -41.01 4.01 69.36
CA GLU G 89 -41.59 4.86 68.33
C GLU G 89 -41.84 4.11 67.05
N ASP G 90 -41.60 2.81 67.05
CA ASP G 90 -41.68 2.00 65.86
C ASP G 90 -43.04 1.32 65.73
N THR G 91 -43.93 1.51 66.69
CA THR G 91 -45.25 0.92 66.62
C THR G 91 -45.97 1.39 65.37
N ALA G 92 -46.44 0.45 64.56
CA ALA G 92 -47.00 0.77 63.26
C ALA G 92 -47.50 -0.52 62.63
N VAL G 93 -48.19 -0.36 61.51
CA VAL G 93 -48.57 -1.47 60.64
C VAL G 93 -47.55 -1.54 59.51
N TYR G 94 -47.33 -2.74 59.00
CA TYR G 94 -46.31 -2.97 57.96
C TYR G 94 -46.92 -3.67 56.76
N TYR G 95 -46.51 -3.23 55.58
CA TYR G 95 -47.00 -3.74 54.30
C TYR G 95 -45.82 -4.16 53.42
N CYS G 96 -46.02 -5.27 52.70
CA CYS G 96 -45.05 -5.88 51.78
C CYS G 96 -45.52 -5.73 50.35
N ALA G 97 -44.87 -4.87 49.57
CA ALA G 97 -45.41 -4.47 48.27
C ALA G 97 -44.42 -4.73 47.15
N ARG G 98 -44.95 -5.04 45.96
CA ARG G 98 -44.16 -5.43 44.81
C ARG G 98 -44.23 -4.41 43.70
N GLU G 99 -43.07 -4.10 43.13
CA GLU G 99 -42.98 -3.15 42.04
C GLU G 99 -43.50 -3.72 40.73
N GLN G 100 -44.32 -2.95 40.02
CA GLN G 100 -44.93 -3.45 38.80
C GLN G 100 -43.96 -3.70 37.65
N PRO G 101 -43.15 -2.73 37.21
CA PRO G 101 -42.35 -2.95 36.00
C PRO G 101 -41.19 -3.88 36.20
N GLY G 102 -41.51 -5.16 36.37
CA GLY G 102 -40.47 -6.14 36.55
C GLY G 102 -40.12 -6.89 35.28
N GLY G 103 -40.55 -6.40 34.13
CA GLY G 103 -40.16 -7.02 32.89
C GLY G 103 -38.89 -6.35 32.45
N TYR G 104 -38.46 -6.70 31.25
CA TYR G 104 -37.24 -6.09 30.76
C TYR G 104 -37.45 -5.07 29.67
N TYR G 105 -38.63 -5.00 29.03
CA TYR G 105 -38.87 -3.91 28.07
C TYR G 105 -40.25 -3.31 28.35
N ASP G 106 -40.35 -2.50 29.39
CA ASP G 106 -41.63 -1.97 29.81
C ASP G 106 -41.92 -0.54 29.37
N SER G 107 -40.92 0.32 29.32
CA SER G 107 -41.10 1.74 29.01
C SER G 107 -42.23 2.41 29.79
N SER G 108 -42.37 2.03 31.05
CA SER G 108 -43.41 2.57 31.91
C SER G 108 -42.83 2.79 33.31
N GLY G 109 -43.12 3.96 33.89
CA GLY G 109 -42.63 4.31 35.20
C GLY G 109 -43.01 3.30 36.26
N TYR G 110 -42.31 3.35 37.40
CA TYR G 110 -42.60 2.38 38.43
C TYR G 110 -43.93 2.67 39.12
N ARG G 111 -44.55 1.62 39.64
CA ARG G 111 -45.79 1.77 40.37
C ARG G 111 -46.00 0.52 41.21
N LEU G 112 -46.23 0.70 42.51
CA LEU G 112 -46.52 -0.43 43.41
C LEU G 112 -47.93 -0.96 43.23
N ASP G 113 -48.10 -2.07 42.53
CA ASP G 113 -49.49 -2.49 42.35
C ASP G 113 -49.89 -3.52 43.42
N PRO G 114 -49.31 -4.73 43.42
CA PRO G 114 -49.75 -5.76 44.39
C PRO G 114 -49.24 -5.43 45.79
N TRP G 115 -50.17 -5.24 46.71
CA TRP G 115 -49.83 -4.83 48.06
C TRP G 115 -49.86 -6.07 48.95
N GLY G 116 -49.31 -5.96 50.15
CA GLY G 116 -49.34 -7.05 51.09
C GLY G 116 -50.53 -6.83 51.99
N GLN G 117 -51.04 -7.92 52.59
CA GLN G 117 -52.15 -7.76 53.52
C GLN G 117 -51.78 -6.88 54.69
N GLY G 118 -50.59 -7.03 55.22
CA GLY G 118 -50.22 -6.10 56.26
C GLY G 118 -50.49 -6.54 57.68
N ILE G 119 -49.49 -6.35 58.52
CA ILE G 119 -49.63 -6.65 59.93
C ILE G 119 -49.06 -5.51 60.76
N LEU G 120 -49.62 -5.37 61.95
CA LEU G 120 -49.34 -4.29 62.88
C LEU G 120 -48.31 -4.76 63.91
N VAL G 121 -47.53 -3.82 64.44
CA VAL G 121 -46.56 -4.16 65.47
C VAL G 121 -46.62 -3.15 66.60
N THR G 122 -46.59 -3.65 67.85
CA THR G 122 -46.71 -2.81 69.03
C THR G 122 -45.59 -3.16 69.99
N VAL G 123 -44.79 -2.16 70.31
CA VAL G 123 -43.58 -2.30 71.10
C VAL G 123 -43.71 -1.39 72.32
N SER G 124 -43.89 -1.97 73.50
CA SER G 124 -44.00 -1.16 74.71
C SER G 124 -43.93 -2.09 75.91
N SER G 125 -44.15 -1.54 77.09
CA SER G 125 -44.24 -2.31 78.33
C SER G 125 -45.55 -3.08 78.42
N SER H 2 9.98 -13.03 85.06
CA SER H 2 10.30 -13.44 83.70
C SER H 2 11.83 -13.33 83.47
N ALA H 3 12.53 -14.44 83.66
CA ALA H 3 13.96 -14.53 83.43
C ALA H 3 14.28 -15.87 82.77
N LEU H 4 15.38 -15.90 82.03
CA LEU H 4 15.81 -17.15 81.41
C LEU H 4 16.55 -18.01 82.41
N THR H 5 16.42 -19.31 82.25
CA THR H 5 17.05 -20.27 83.13
C THR H 5 18.27 -20.84 82.41
N GLN H 6 19.45 -20.49 82.93
CA GLN H 6 20.71 -20.88 82.34
C GLN H 6 21.50 -21.75 83.32
N PRO H 7 22.18 -22.81 82.86
CA PRO H 7 22.73 -23.78 83.81
C PRO H 7 23.95 -23.27 84.54
N ALA H 8 24.51 -24.09 85.43
CA ALA H 8 25.51 -23.60 86.36
C ALA H 8 26.90 -23.49 85.74
N SER H 9 27.49 -24.63 85.36
CA SER H 9 28.91 -24.60 85.03
C SER H 9 29.30 -25.89 84.32
N VAL H 10 30.47 -25.85 83.67
CA VAL H 10 31.01 -26.98 82.93
C VAL H 10 32.53 -26.99 83.14
N SER H 11 33.15 -28.08 82.67
CA SER H 11 34.60 -28.29 82.73
C SER H 11 34.97 -29.35 81.71
N GLY H 12 36.06 -29.11 80.97
CA GLY H 12 36.52 -30.05 79.97
C GLY H 12 37.93 -29.74 79.52
N SER H 13 38.51 -30.67 78.74
CA SER H 13 39.89 -30.45 78.32
C SER H 13 39.96 -29.99 76.87
N PRO H 14 41.06 -29.29 76.49
CA PRO H 14 41.24 -28.86 75.09
C PRO H 14 40.94 -29.90 74.02
N GLY H 15 40.12 -29.54 73.03
CA GLY H 15 39.77 -30.40 71.92
C GLY H 15 38.34 -30.92 71.96
N GLN H 16 37.76 -31.02 73.15
CA GLN H 16 36.37 -31.44 73.29
C GLN H 16 35.46 -30.26 72.97
N SER H 17 34.15 -30.51 73.03
CA SER H 17 33.17 -29.48 72.76
C SER H 17 32.03 -29.58 73.75
N ILE H 18 31.43 -28.44 74.05
CA ILE H 18 30.49 -28.28 75.14
C ILE H 18 29.18 -27.76 74.55
N THR H 19 28.10 -28.00 75.29
CA THR H 19 26.82 -27.37 74.99
C THR H 19 26.22 -26.79 76.26
N ILE H 20 25.34 -25.83 76.08
CA ILE H 20 24.67 -25.14 77.17
C ILE H 20 23.23 -24.90 76.74
N SER H 21 22.29 -25.34 77.56
CA SER H 21 20.87 -25.21 77.27
C SER H 21 20.32 -23.94 77.90
N CYS H 22 19.37 -23.32 77.21
CA CYS H 22 18.76 -22.09 77.71
C CYS H 22 17.28 -22.14 77.36
N THR H 23 16.48 -22.55 78.34
CA THR H 23 15.03 -22.67 78.19
C THR H 23 14.36 -21.33 78.45
N GLY H 24 13.03 -21.36 78.41
CA GLY H 24 12.26 -20.16 78.65
C GLY H 24 10.77 -20.47 78.58
N THR H 25 9.99 -19.42 78.60
CA THR H 25 8.54 -19.53 78.52
C THR H 25 8.11 -19.44 77.07
N SER H 26 6.80 -19.29 76.86
CA SER H 26 6.22 -19.17 75.52
C SER H 26 5.93 -17.72 75.18
N SER H 27 6.71 -16.81 75.74
CA SER H 27 6.56 -15.38 75.51
C SER H 27 7.88 -14.66 75.35
N ASP H 28 8.99 -15.22 75.86
CA ASP H 28 10.29 -14.59 75.75
C ASP H 28 11.16 -15.30 74.71
N VAL H 29 11.38 -16.59 74.89
CA VAL H 29 12.21 -17.37 73.98
C VAL H 29 11.34 -17.98 72.89
N GLY H 30 10.30 -18.72 73.30
CA GLY H 30 9.40 -19.32 72.35
C GLY H 30 8.35 -18.31 71.97
N GLY H 31 8.22 -18.10 70.67
CA GLY H 31 7.32 -17.11 70.12
C GLY H 31 8.05 -15.95 69.48
N TYR H 32 9.37 -15.87 69.66
CA TYR H 32 10.13 -14.75 69.10
C TYR H 32 11.46 -15.13 68.46
N ASN H 33 12.07 -16.26 68.81
CA ASN H 33 13.35 -16.69 68.26
C ASN H 33 14.32 -15.51 68.11
N TYR H 34 14.44 -14.76 69.20
CA TYR H 34 15.30 -13.59 69.28
C TYR H 34 16.43 -13.82 70.25
N VAL H 35 16.60 -15.05 70.72
CA VAL H 35 17.58 -15.35 71.76
C VAL H 35 18.98 -15.00 71.27
N SER H 36 19.81 -14.55 72.22
CA SER H 36 21.18 -14.20 71.93
C SER H 36 22.04 -14.78 73.05
N TRP H 37 23.35 -14.73 72.85
CA TRP H 37 24.27 -15.30 73.83
C TRP H 37 25.42 -14.32 73.99
N TYR H 38 25.71 -13.95 75.22
CA TYR H 38 26.84 -13.08 75.51
C TYR H 38 27.82 -13.76 76.46
N GLN H 39 29.08 -13.31 76.39
CA GLN H 39 30.15 -13.83 77.22
C GLN H 39 30.75 -12.69 78.03
N GLN H 40 31.20 -13.00 79.24
CA GLN H 40 31.77 -12.00 80.13
C GLN H 40 32.96 -12.59 80.87
N HIS H 41 34.13 -12.04 80.59
CA HIS H 41 35.29 -12.23 81.44
C HIS H 41 35.14 -11.35 82.68
N PRO H 42 35.72 -11.76 83.79
CA PRO H 42 35.65 -10.95 85.02
C PRO H 42 36.23 -9.56 84.90
N GLY H 43 35.37 -8.54 85.03
CA GLY H 43 35.76 -7.15 85.03
C GLY H 43 35.48 -6.38 83.76
N LYS H 44 34.70 -6.93 82.84
CA LYS H 44 34.30 -6.26 81.61
C LYS H 44 32.81 -6.48 81.38
N ALA H 45 32.17 -5.48 80.78
CA ALA H 45 30.76 -5.60 80.41
C ALA H 45 30.57 -6.78 79.46
N PRO H 46 29.56 -7.62 79.69
CA PRO H 46 29.30 -8.76 78.79
C PRO H 46 29.21 -8.33 77.33
N LYS H 47 29.89 -9.06 76.46
CA LYS H 47 29.99 -8.76 75.04
C LYS H 47 29.18 -9.74 74.20
N LEU H 48 28.59 -9.24 73.13
CA LEU H 48 27.77 -10.07 72.27
C LEU H 48 28.60 -11.15 71.61
N MET H 49 28.12 -12.38 71.69
CA MET H 49 28.77 -13.52 71.03
C MET H 49 27.98 -13.99 69.82
N ILE H 50 26.70 -14.30 70.00
CA ILE H 50 25.80 -14.59 68.88
C ILE H 50 24.42 -14.04 69.23
N TYR H 51 23.62 -13.84 68.20
CA TYR H 51 22.26 -13.35 68.36
C TYR H 51 21.43 -13.95 67.25
N ASP H 52 20.10 -13.88 67.40
CA ASP H 52 19.25 -14.47 66.38
C ASP H 52 19.72 -15.88 66.09
N VAL H 53 20.24 -16.51 67.15
CA VAL H 53 20.81 -17.84 67.18
C VAL H 53 21.77 -18.10 66.02
N SER H 54 21.25 -18.33 64.83
CA SER H 54 22.18 -18.61 63.76
C SER H 54 22.92 -17.38 63.25
N ASN H 55 22.48 -16.18 63.59
CA ASN H 55 23.16 -14.98 63.10
C ASN H 55 24.35 -14.64 63.97
N ARG H 56 25.51 -15.04 63.53
CA ARG H 56 26.74 -14.77 64.25
C ARG H 56 27.28 -13.42 63.79
N PRO H 57 27.58 -12.49 64.70
CA PRO H 57 28.04 -11.18 64.24
C PRO H 57 29.54 -11.14 64.05
N SER H 58 30.06 -9.95 63.73
CA SER H 58 31.46 -9.82 63.33
C SER H 58 32.42 -10.34 64.40
N GLY H 59 33.53 -10.90 63.93
CA GLY H 59 34.67 -11.25 64.77
C GLY H 59 34.53 -12.51 65.59
N VAL H 60 33.30 -12.84 66.00
CA VAL H 60 33.08 -13.98 66.88
C VAL H 60 33.61 -15.23 66.20
N SER H 61 34.34 -16.04 66.96
CA SER H 61 34.84 -17.29 66.40
C SER H 61 33.71 -18.29 66.18
N ASN H 62 33.74 -18.91 65.00
CA ASN H 62 32.76 -19.90 64.61
C ASN H 62 32.67 -21.04 65.61
N ARG H 63 33.59 -21.07 66.59
CA ARG H 63 33.63 -22.18 67.52
C ARG H 63 32.36 -22.30 68.34
N PHE H 64 31.51 -21.28 68.32
CA PHE H 64 30.23 -21.28 68.98
C PHE H 64 29.18 -21.66 67.96
N SER H 65 28.19 -22.43 68.38
CA SER H 65 27.13 -22.82 67.46
C SER H 65 25.83 -22.84 68.24
N GLY H 66 24.96 -21.88 67.91
CA GLY H 66 23.66 -21.78 68.53
C GLY H 66 22.61 -22.59 67.80
N SER H 67 21.55 -22.90 68.53
CA SER H 67 20.41 -23.58 67.95
C SER H 67 19.21 -23.30 68.85
N LYS H 68 18.02 -23.28 68.26
CA LYS H 68 16.81 -23.02 69.02
C LYS H 68 15.76 -24.04 68.67
N SER H 69 15.22 -24.71 69.69
CA SER H 69 14.18 -25.72 69.50
C SER H 69 13.01 -25.42 70.42
N GLY H 70 11.88 -25.07 69.85
CA GLY H 70 10.68 -24.76 70.62
C GLY H 70 10.94 -23.65 71.63
N ASN H 71 10.82 -23.99 72.91
CA ASN H 71 11.18 -23.03 73.95
C ASN H 71 12.65 -23.09 74.32
N THR H 72 13.23 -24.27 74.47
CA THR H 72 14.64 -24.31 74.86
C THR H 72 15.49 -23.66 73.78
N ALA H 73 16.60 -23.05 74.20
CA ALA H 73 17.70 -22.68 73.32
C ALA H 73 18.98 -23.34 73.80
N SER H 74 19.92 -23.51 72.87
CA SER H 74 21.15 -24.22 73.19
C SER H 74 22.32 -23.69 72.38
N LEU H 75 23.42 -23.41 73.08
CA LEU H 75 24.70 -22.98 72.53
C LEU H 75 25.62 -24.18 72.48
N THR H 76 26.54 -24.20 71.51
CA THR H 76 27.53 -25.27 71.41
C THR H 76 28.87 -24.67 71.06
N ILE H 77 29.85 -24.78 71.96
CA ILE H 77 31.18 -24.22 71.75
C ILE H 77 32.16 -25.36 71.43
N SER H 78 32.97 -25.16 70.40
CA SER H 78 33.91 -26.17 69.92
C SER H 78 35.35 -25.71 70.12
N GLY H 79 36.27 -26.67 70.11
CA GLY H 79 37.68 -26.36 70.27
C GLY H 79 38.00 -25.71 71.60
N LEU H 80 37.87 -26.44 72.70
CA LEU H 80 38.14 -25.89 74.03
C LEU H 80 39.51 -25.23 74.13
N GLN H 81 39.50 -23.94 74.41
CA GLN H 81 40.70 -23.13 74.57
C GLN H 81 40.80 -22.72 76.03
N ALA H 82 41.28 -21.51 76.29
CA ALA H 82 41.43 -20.96 77.63
C ALA H 82 40.60 -19.72 77.85
N GLU H 83 40.58 -18.80 76.88
CA GLU H 83 39.78 -17.57 77.02
C GLU H 83 38.32 -17.89 77.31
N ASP H 84 37.89 -19.12 77.02
CA ASP H 84 36.53 -19.55 77.27
C ASP H 84 36.15 -19.27 78.72
N GLU H 85 37.14 -19.20 79.59
CA GLU H 85 37.00 -18.87 81.01
C GLU H 85 36.35 -17.50 81.11
N ALA H 86 35.03 -17.50 81.30
CA ALA H 86 34.28 -16.26 81.34
C ALA H 86 32.83 -16.61 81.62
N ASP H 87 32.06 -15.61 82.01
CA ASP H 87 30.66 -15.83 82.30
C ASP H 87 29.88 -15.75 81.00
N TYR H 88 28.79 -16.51 80.92
CA TYR H 88 27.96 -16.52 79.72
C TYR H 88 26.50 -16.36 80.11
N TYR H 89 25.83 -15.40 79.50
CA TYR H 89 24.45 -15.06 79.80
C TYR H 89 23.62 -15.19 78.54
N CYS H 90 22.55 -15.96 78.62
CA CYS H 90 21.58 -16.10 77.54
C CYS H 90 20.47 -15.08 77.68
N SER H 91 20.26 -14.30 76.62
CA SER H 91 19.28 -13.23 76.60
C SER H 91 18.27 -13.45 75.48
N SER H 92 17.11 -12.81 75.63
CA SER H 92 16.03 -12.94 74.67
C SER H 92 15.16 -11.69 74.75
N TYR H 93 14.48 -11.40 73.65
CA TYR H 93 13.54 -10.29 73.56
C TYR H 93 12.14 -10.81 73.83
N THR H 94 11.38 -10.11 74.65
CA THR H 94 10.08 -10.60 75.05
C THR H 94 8.99 -9.69 74.50
N SER H 95 7.75 -9.86 74.97
CA SER H 95 6.63 -9.12 74.42
C SER H 95 5.76 -8.44 75.46
N SER H 96 5.84 -8.82 76.72
CA SER H 96 5.15 -8.13 77.80
C SER H 96 6.04 -7.00 78.28
N SER H 97 5.81 -6.49 79.48
CA SER H 97 6.74 -5.53 80.05
C SER H 97 8.12 -6.20 80.13
N THR H 98 9.17 -5.38 80.29
CA THR H 98 10.52 -5.94 80.29
C THR H 98 10.81 -6.35 78.85
N LEU H 99 11.72 -5.65 78.19
CA LEU H 99 12.01 -5.89 76.79
C LEU H 99 13.21 -6.78 76.60
N TYR H 100 13.89 -7.16 77.70
CA TYR H 100 15.00 -8.08 77.62
C TYR H 100 15.13 -8.77 78.97
N VAL H 101 15.28 -10.09 78.94
CA VAL H 101 15.49 -10.92 80.11
C VAL H 101 16.81 -11.63 79.92
N PHE H 102 17.32 -12.23 80.99
CA PHE H 102 18.62 -12.86 80.90
C PHE H 102 18.65 -14.21 81.60
N GLY H 103 19.63 -15.03 81.21
CA GLY H 103 19.81 -16.31 81.86
C GLY H 103 20.62 -16.17 83.13
N THR H 104 20.52 -17.20 83.99
CA THR H 104 21.24 -17.18 85.25
C THR H 104 22.74 -16.94 85.05
N GLY H 105 23.30 -17.43 83.96
CA GLY H 105 24.72 -17.30 83.67
C GLY H 105 25.39 -18.65 83.77
N THR H 106 26.27 -18.94 82.82
CA THR H 106 27.05 -20.18 82.77
C THR H 106 28.53 -19.91 82.94
N LYS H 107 29.19 -20.79 83.69
CA LYS H 107 30.64 -20.80 83.80
C LYS H 107 31.18 -21.94 82.94
N VAL H 108 32.00 -21.58 81.95
CA VAL H 108 32.63 -22.54 81.06
C VAL H 108 34.09 -22.60 81.47
N THR H 109 34.50 -23.75 81.99
CA THR H 109 35.87 -23.95 82.41
C THR H 109 36.57 -25.06 81.66
N VAL H 110 37.86 -24.86 81.40
CA VAL H 110 38.69 -25.80 80.65
C VAL H 110 39.72 -26.36 81.63
N LEU H 111 40.03 -27.64 81.49
CA LEU H 111 40.85 -28.31 82.49
C LEU H 111 42.33 -28.03 82.26
N GLN I 1 35.64 2.47 69.69
CA GLN I 1 35.13 3.35 68.65
C GLN I 1 34.12 4.34 69.21
N VAL I 2 32.93 3.83 69.49
CA VAL I 2 31.87 4.59 70.14
C VAL I 2 31.75 4.07 71.57
N GLN I 3 31.92 4.98 72.52
CA GLN I 3 31.86 4.64 73.93
C GLN I 3 30.63 5.26 74.56
N LEU I 4 30.14 4.62 75.61
CA LEU I 4 29.04 5.12 76.44
C LEU I 4 29.47 5.10 77.90
N VAL I 5 30.01 6.22 78.37
CA VAL I 5 30.62 6.34 79.68
C VAL I 5 29.59 6.89 80.65
N GLU I 6 29.67 6.45 81.90
CA GLU I 6 28.73 6.85 82.92
C GLU I 6 29.43 7.74 83.94
N SER I 7 28.63 8.46 84.72
CA SER I 7 29.15 9.35 85.74
C SER I 7 28.02 9.80 86.64
N GLY I 8 28.29 9.88 87.93
CA GLY I 8 27.32 10.35 88.90
C GLY I 8 26.93 9.36 89.98
N GLY I 9 27.37 8.10 89.91
CA GLY I 9 26.95 7.10 90.86
C GLY I 9 27.95 6.94 92.00
N GLY I 10 27.57 6.11 92.95
CA GLY I 10 28.42 5.83 94.08
C GLY I 10 27.56 5.49 95.29
N LEU I 11 27.99 5.96 96.46
CA LEU I 11 27.28 5.68 97.69
C LEU I 11 26.25 6.77 97.93
N VAL I 12 25.17 6.41 98.62
CA VAL I 12 24.09 7.31 98.96
C VAL I 12 23.42 6.77 100.22
N LYS I 13 22.63 7.61 100.87
CA LYS I 13 21.79 7.11 101.95
C LYS I 13 20.40 6.78 101.42
N PRO I 14 19.68 5.89 102.10
CA PRO I 14 18.31 5.56 101.65
C PRO I 14 17.39 6.75 101.86
N GLY I 15 16.50 6.96 100.91
CA GLY I 15 15.62 8.11 101.00
C GLY I 15 16.12 9.27 100.17
N GLY I 16 17.45 9.42 100.10
CA GLY I 16 18.04 10.51 99.35
C GLY I 16 17.84 10.35 97.85
N SER I 17 18.63 11.06 97.05
CA SER I 17 18.49 10.95 95.60
C SER I 17 19.87 10.98 94.96
N LEU I 18 19.88 10.80 93.64
CA LEU I 18 21.12 10.77 92.88
C LEU I 18 20.75 10.95 91.40
N ARG I 19 21.76 11.20 90.58
CA ARG I 19 21.56 11.43 89.15
C ARG I 19 22.66 10.71 88.40
N LEU I 20 22.29 9.92 87.40
CA LEU I 20 23.26 9.27 86.55
C LEU I 20 23.30 9.98 85.20
N SER I 21 24.50 10.15 84.66
CA SER I 21 24.73 10.79 83.38
C SER I 21 25.40 9.86 82.39
N CYS I 22 24.85 9.76 81.19
CA CYS I 22 25.38 8.90 80.14
C CYS I 22 25.95 9.77 79.02
N ALA I 23 27.27 9.70 78.83
CA ALA I 23 27.97 10.51 77.84
C ALA I 23 28.36 9.65 76.63
N ALA I 24 27.87 10.04 75.45
CA ALA I 24 28.18 9.32 74.22
C ALA I 24 29.34 9.99 73.49
N SER I 25 30.32 9.19 73.06
CA SER I 25 31.41 9.69 72.25
C SER I 25 31.61 8.81 71.03
N GLY I 26 32.10 9.41 69.94
CA GLY I 26 32.28 8.72 68.68
C GLY I 26 31.14 8.78 67.69
N PHE I 27 29.98 9.32 68.05
CA PHE I 27 28.87 9.43 67.12
C PHE I 27 27.84 10.36 67.73
N MET I 28 26.71 10.55 67.04
CA MET I 28 25.74 11.55 67.44
C MET I 28 24.62 10.84 68.20
N ILE I 29 24.50 11.16 69.48
CA ILE I 29 23.55 10.53 70.38
C ILE I 29 22.13 11.04 70.23
N SER I 30 21.90 12.05 69.40
CA SER I 30 20.59 12.69 69.32
C SER I 30 19.59 11.94 68.48
N ASP I 31 19.94 10.78 67.91
CA ASP I 31 19.01 10.08 67.05
C ASP I 31 19.12 8.57 67.19
N SER I 32 19.59 8.05 68.31
CA SER I 32 19.75 6.62 68.54
C SER I 32 18.98 6.24 69.80
N TYR I 33 17.98 5.37 69.64
CA TYR I 33 17.17 4.94 70.78
C TYR I 33 18.06 4.35 71.85
N MET I 34 17.86 4.78 73.09
CA MET I 34 18.66 4.32 74.21
C MET I 34 17.76 3.66 75.24
N ASN I 35 18.38 2.91 76.14
CA ASN I 35 17.68 2.26 77.24
C ASN I 35 18.72 1.73 78.21
N TRP I 36 18.39 1.80 79.50
CA TRP I 36 19.31 1.46 80.58
C TRP I 36 19.14 0.05 81.11
N ILE I 37 20.26 -0.55 81.49
CA ILE I 37 20.29 -1.91 82.03
C ILE I 37 21.03 -1.82 83.36
N ARG I 38 20.39 -2.29 84.42
CA ARG I 38 20.98 -2.28 85.75
C ARG I 38 21.36 -3.71 86.10
N GLN I 39 22.45 -3.85 86.83
CA GLN I 39 22.90 -5.18 87.20
C GLN I 39 23.30 -5.12 88.67
N PRO I 40 22.54 -5.77 89.54
CA PRO I 40 22.90 -5.83 90.95
C PRO I 40 24.23 -6.53 91.12
N PRO I 41 24.86 -6.42 92.29
CA PRO I 41 26.17 -7.04 92.47
C PRO I 41 26.04 -8.56 92.57
N GLY I 42 26.75 -9.24 91.68
CA GLY I 42 26.75 -10.68 91.62
C GLY I 42 25.51 -11.28 91.01
N LYS I 43 24.76 -10.53 90.20
CA LYS I 43 23.61 -11.09 89.52
C LYS I 43 23.67 -10.71 88.04
N GLY I 44 22.61 -10.99 87.30
CA GLY I 44 22.57 -10.67 85.89
C GLY I 44 22.25 -9.20 85.70
N LEU I 45 21.76 -8.89 84.52
CA LEU I 45 21.37 -7.54 84.15
C LEU I 45 19.86 -7.42 84.22
N GLU I 46 19.39 -6.16 84.36
CA GLU I 46 17.96 -5.88 84.42
C GLU I 46 17.69 -4.54 83.74
N TRP I 47 16.54 -4.45 83.08
CA TRP I 47 16.16 -3.25 82.37
C TRP I 47 15.73 -2.17 83.34
N VAL I 48 16.07 -0.94 83.00
CA VAL I 48 15.79 0.25 83.80
C VAL I 48 14.75 1.14 83.16
N SER I 49 15.11 1.76 82.05
CA SER I 49 14.23 2.68 81.35
C SER I 49 14.60 2.71 79.89
N TYR I 50 13.87 3.53 79.13
CA TYR I 50 14.12 3.65 77.70
C TYR I 50 13.67 5.00 77.18
N ILE I 51 14.55 5.65 76.44
CA ILE I 51 14.26 6.85 75.67
C ILE I 51 14.28 6.45 74.20
N SER I 52 13.48 7.12 73.39
CA SER I 52 13.53 6.83 71.98
C SER I 52 14.43 7.85 71.29
N SER I 53 14.58 7.72 69.97
CA SER I 53 15.30 8.75 69.25
C SER I 53 14.40 9.96 69.12
N ASN I 54 13.15 9.69 68.74
CA ASN I 54 12.11 10.71 68.65
C ASN I 54 12.09 11.57 69.91
N GLY I 55 12.27 10.95 71.07
CA GLY I 55 11.98 11.55 72.35
C GLY I 55 10.53 11.44 72.79
N TYR I 56 9.69 10.75 72.02
CA TYR I 56 8.27 10.65 72.32
C TYR I 56 7.83 9.25 72.70
N ALA I 57 8.74 8.29 72.79
CA ALA I 57 8.39 6.95 73.25
C ALA I 57 9.31 6.61 74.41
N ILE I 58 8.72 6.39 75.58
CA ILE I 58 9.48 6.13 76.79
C ILE I 58 8.86 4.96 77.55
N TYR I 59 9.67 3.95 77.86
CA TYR I 59 9.19 2.76 78.55
C TYR I 59 10.10 2.52 79.74
N TYR I 60 9.53 2.58 80.93
CA TYR I 60 10.25 2.41 82.19
C TYR I 60 10.14 0.97 82.70
N GLY I 61 11.07 0.61 83.59
CA GLY I 61 10.90 -0.61 84.34
C GLY I 61 9.77 -0.49 85.33
N ASP I 62 9.06 -1.60 85.55
CA ASP I 62 7.89 -1.58 86.44
C ASP I 62 8.26 -1.25 87.89
N SER I 63 9.47 -1.59 88.33
CA SER I 63 9.84 -1.32 89.72
C SER I 63 10.30 0.12 89.94
N VAL I 64 10.98 0.72 88.98
CA VAL I 64 11.48 2.08 89.11
C VAL I 64 10.41 3.03 88.61
N LYS I 65 9.22 2.49 88.33
CA LYS I 65 8.14 3.32 87.81
C LYS I 65 7.69 4.32 88.86
N GLY I 66 7.40 5.52 88.39
CA GLY I 66 6.95 6.62 89.20
C GLY I 66 8.07 7.53 89.65
N ARG I 67 9.30 7.02 89.59
CA ARG I 67 10.48 7.78 89.98
C ARG I 67 11.56 7.47 88.96
N PHE I 68 12.82 7.80 89.27
CA PHE I 68 13.95 7.37 88.47
C PHE I 68 13.74 7.82 87.02
N THR I 69 13.70 9.14 86.86
CA THR I 69 13.45 9.74 85.56
C THR I 69 14.65 9.62 84.64
N ILE I 70 14.37 9.61 83.34
CA ILE I 70 15.39 9.49 82.31
C ILE I 70 15.14 10.63 81.34
N SER I 71 16.22 11.07 80.71
CA SER I 71 16.14 12.14 79.73
C SER I 71 17.46 12.16 78.97
N ARG I 72 17.53 13.04 77.98
CA ARG I 72 18.71 13.19 77.18
C ARG I 72 18.99 14.68 77.03
N ASP I 73 20.25 15.03 77.12
CA ASP I 73 20.71 16.39 76.90
C ASP I 73 21.27 16.41 75.48
N ASN I 74 20.39 16.66 74.52
CA ASN I 74 20.81 16.79 73.13
C ASN I 74 21.65 18.04 72.89
N ALA I 75 21.68 18.94 73.85
CA ALA I 75 22.61 20.07 73.80
C ALA I 75 24.02 19.61 74.16
N LYS I 76 24.17 18.98 75.32
CA LYS I 76 25.41 18.38 75.79
C LYS I 76 25.63 16.96 75.28
N ASN I 77 24.68 16.43 74.50
CA ASN I 77 24.88 15.16 73.79
C ASN I 77 25.07 14.01 74.78
N PHE I 78 24.34 14.08 75.88
CA PHE I 78 24.35 13.05 76.91
C PHE I 78 22.97 12.46 77.09
N LEU I 79 22.91 11.43 77.94
CA LEU I 79 21.68 10.90 78.48
C LEU I 79 21.72 11.15 79.99
N TYR I 80 20.59 11.57 80.54
CA TYR I 80 20.49 11.84 81.97
C TYR I 80 19.43 10.97 82.62
N LEU I 81 19.78 10.43 83.79
CA LEU I 81 18.88 9.64 84.63
C LEU I 81 19.00 10.11 86.07
N GLN I 82 17.95 10.72 86.61
CA GLN I 82 17.97 11.21 87.99
C GLN I 82 17.26 10.15 88.85
N MET I 83 18.01 9.54 89.76
CA MET I 83 17.47 8.60 90.73
C MET I 83 16.99 9.32 91.97
N ASN I 84 15.68 9.26 92.24
CA ASN I 84 15.06 10.02 93.30
C ASN I 84 14.35 9.12 94.30
N SER I 85 14.58 9.38 95.59
CA SER I 85 14.04 8.56 96.68
C SER I 85 14.52 7.11 96.60
N LEU I 86 15.82 6.91 96.76
CA LEU I 86 16.29 5.55 96.60
C LEU I 86 15.99 4.75 97.85
N ARG I 87 15.94 3.43 97.68
CA ARG I 87 15.73 2.48 98.75
C ARG I 87 16.88 1.49 98.74
N VAL I 88 16.86 0.53 99.67
CA VAL I 88 18.00 -0.35 99.89
C VAL I 88 18.17 -1.37 98.76
N GLU I 89 17.10 -1.67 98.04
CA GLU I 89 17.10 -2.73 97.04
C GLU I 89 17.63 -2.30 95.67
N ASP I 90 18.09 -1.06 95.52
CA ASP I 90 18.53 -0.53 94.24
C ASP I 90 20.03 -0.65 94.02
N THR I 91 20.78 -1.15 95.00
CA THR I 91 22.22 -1.30 94.82
C THR I 91 22.52 -2.18 93.62
N ALA I 92 23.33 -1.65 92.70
CA ALA I 92 23.58 -2.31 91.43
C ALA I 92 24.62 -1.50 90.66
N VAL I 93 25.07 -2.08 89.54
CA VAL I 93 25.88 -1.39 88.55
C VAL I 93 24.93 -0.96 87.45
N TYR I 94 25.25 0.13 86.77
CA TYR I 94 24.36 0.67 85.75
C TYR I 94 25.12 0.85 84.44
N TYR I 95 24.44 0.50 83.35
CA TYR I 95 24.99 0.55 82.01
C TYR I 95 24.06 1.36 81.12
N CYS I 96 24.64 2.18 80.26
CA CYS I 96 23.90 3.02 79.33
C CYS I 96 24.14 2.49 77.92
N ALA I 97 23.14 1.87 77.32
CA ALA I 97 23.35 1.14 76.08
C ALA I 97 22.41 1.66 75.01
N ARG I 98 22.86 1.59 73.77
CA ARG I 98 22.17 2.14 72.62
C ARG I 98 21.73 1.01 71.69
N GLU I 99 20.50 1.11 71.20
CA GLU I 99 19.97 0.08 70.32
C GLU I 99 20.61 0.10 68.93
N GLN I 100 20.98 -1.11 68.46
CA GLN I 100 21.68 -1.25 67.18
C GLN I 100 20.81 -0.92 65.96
N PRO I 101 19.65 -1.56 65.74
CA PRO I 101 18.90 -1.34 64.50
C PRO I 101 18.19 -0.01 64.45
N GLY I 102 18.92 1.09 64.29
CA GLY I 102 18.25 2.37 64.25
C GLY I 102 17.94 2.97 62.89
N GLY I 103 18.01 2.16 61.83
CA GLY I 103 17.67 2.62 60.50
C GLY I 103 16.21 2.38 60.21
N TYR I 104 15.83 2.63 58.94
CA TYR I 104 14.44 2.46 58.52
C TYR I 104 14.20 1.24 57.65
N TYR I 105 15.24 0.63 57.11
CA TYR I 105 15.08 -0.61 56.37
C TYR I 105 16.18 -1.50 56.92
N ASP I 106 15.95 -2.04 58.12
CA ASP I 106 16.98 -2.80 58.79
C ASP I 106 16.79 -4.31 58.65
N SER I 107 15.55 -4.79 58.69
CA SER I 107 15.29 -6.21 58.63
C SER I 107 16.19 -7.05 59.52
N SER I 108 16.54 -6.55 60.70
CA SER I 108 17.42 -7.28 61.61
C SER I 108 16.92 -7.13 63.04
N GLY I 109 16.90 -8.24 63.77
CA GLY I 109 16.41 -8.22 65.14
C GLY I 109 17.17 -7.25 66.02
N TYR I 110 16.54 -6.90 67.14
CA TYR I 110 17.16 -5.94 68.03
C TYR I 110 18.31 -6.54 68.83
N ARG I 111 19.27 -5.68 69.15
CA ARG I 111 20.41 -6.03 70.00
C ARG I 111 21.09 -4.77 70.50
N LEU I 112 21.30 -4.65 71.80
CA LEU I 112 22.06 -3.52 72.34
C LEU I 112 23.54 -3.73 72.04
N ASP I 113 24.06 -3.00 71.07
CA ASP I 113 25.44 -3.27 70.68
C ASP I 113 26.34 -2.38 71.53
N PRO I 114 26.32 -1.05 71.42
CA PRO I 114 27.28 -0.31 72.23
C PRO I 114 26.83 -0.41 73.69
N TRP I 115 27.68 -1.03 74.50
CA TRP I 115 27.42 -1.32 75.89
C TRP I 115 28.12 -0.28 76.74
N GLY I 116 27.72 -0.19 78.01
CA GLY I 116 28.36 0.76 78.91
C GLY I 116 29.44 0.10 79.75
N GLN I 117 30.41 0.90 80.18
CA GLN I 117 31.43 0.38 81.09
C GLN I 117 30.82 -0.10 82.40
N GLY I 118 29.89 0.68 82.94
CA GLY I 118 29.18 0.34 84.15
C GLY I 118 29.83 0.90 85.40
N ILE I 119 29.01 1.50 86.26
CA ILE I 119 29.47 2.02 87.54
C ILE I 119 28.49 1.58 88.62
N LEU I 120 29.00 1.44 89.84
CA LEU I 120 28.24 0.89 90.95
C LEU I 120 27.59 1.98 91.79
N VAL I 121 26.47 1.60 92.42
CA VAL I 121 25.74 2.45 93.35
C VAL I 121 25.42 1.57 94.55
N THR I 122 25.59 2.14 95.74
CA THR I 122 25.41 1.38 96.97
C THR I 122 24.50 2.17 97.89
N VAL I 123 23.40 1.54 98.31
CA VAL I 123 22.34 2.18 99.05
C VAL I 123 22.21 1.45 100.39
N SER I 124 22.62 2.11 101.47
CA SER I 124 22.54 1.56 102.82
C SER I 124 22.85 2.68 103.82
N SER I 125 22.98 2.31 105.08
CA SER I 125 23.40 3.23 106.13
C SER I 125 24.89 3.53 106.04
#